data_7CYN
#
_entry.id   7CYN
#
_cell.length_a   1.00
_cell.length_b   1.00
_cell.length_c   1.00
_cell.angle_alpha   90.00
_cell.angle_beta   90.00
_cell.angle_gamma   90.00
#
_symmetry.space_group_name_H-M   'P 1'
#
loop_
_entity.id
_entity.type
_entity.pdbx_description
1 polymer 'Toll-like receptor 7'
2 polymer 'Protein unc-93 homolog B1'
3 branched 2-acetamido-2-deoxy-beta-D-glucopyranose-(1-4)-2-acetamido-2-deoxy-beta-D-glucopyranose
4 non-polymer 2-acetamido-2-deoxy-beta-D-glucopyranose
#
loop_
_entity_poly.entity_id
_entity_poly.type
_entity_poly.pdbx_seq_one_letter_code
_entity_poly.pdbx_strand_id
1 'polypeptide(L)'
;MVFPMWTLKRQILILFNIILISKLLGARWFPKTLPCDVTLDVPKNHVIVDCTDKHLTEIPGGIPTNTTNLTLTINHIPDI
SPASFHRLDHLVEIDFRCNCVPIPLGSKNNMCIKRLQIKPRSFSGLTYLKSLYLDGNQLLEIPQGLPPSLQLLSLEANNI
FSIRKENLTELANIEILYLGQNCYYRNPCYVSYSIEKDAFLNLTKLKVLSLKDNNVTAVPTVLPSTLTELYLYNNMIAKI
QEDDFNNLNQLQILDLSGNCPRCYNAPFPCAPCKNNSPLQIPVNAFDALTELKVLRLHSNSLQHVPPRWFKNINKLQELD
LSQNFLAKEIGDAKFLHFLPSLIQLDLSFNFELQVYRASMNLSQAFSSLKSLKILRIRGYVFKELKSFNLSPLHNLQNLE
VLDLGTNFIKIANLSMFKQFKRLKVIDLSVNKISPSGDSSEVGFCSNARTSVESYEPQVLEQLHYFRYDKYARSCRFKNK
EASFMSVNESCYKYGQTLDLSKNSIFFVKSSDFQHLSFLKCLNLSGNLISQTLNGSEFQPLAELRYLDFSNNRLDLLHST
AFEELHKLEVLDISSNSHYFQSEGITHMLNFTKNLKVLQKLMMNDNDISSSTSRTMESESLRTLEFRGNHLDVLWREGDN
RYLQLFKNLLKLEELDISKNSLSFLPSGVFDGMPPNLKNLSLAKNGLKSFSWKKLQCLKNLETLDLSHNQLTTVPERLSN
CSRSLKNLILKNNQIRSLTKYFLQDAFQLRYLDLSSNKIQMIQKTSFPENVLNNLKMLLLHHNRFLCTCDAVWFVWWVNH
TEVTIPYLATDVTCVGPGAHKGQSVISLDLYTCELDLTNLILFSLSISVSLFLMVMMTASHLYFWDVWYIYHFCKAKIKG
YQRLISPDCCYDAFIVYDTKDPAVTEWVLAELVAKLEDPREKHFNLCLEERDWLPGQPVLENLSQSIQLSKKTVFVMTDK
YAKTENFKIAFYLSHQRLMDEKVDVIILIFLEKPFQKSKFLQLRKRLCGSSVLEWPTNPQAHPYFWQCLKNALATDNHVA
YSQVFKETV
;
A,B
2 'polypeptide(L)'
;MEAEPPLYPMAGAAGPQGDEDLLGVPDGPEAPLDELVGAYPNYNEEEEERRYYRRKRLGVLKNVLAASAGGMLTYGVYLG
LLQMQLILHYDETYREVKYGNMGLPDIDSKMLMGINVTPIAALLYTPVLIRFFGTKWMMFLAVGIYALFVSTNYWERYYT
LVPSAVALGMAIVPLWASMGNYITRMAQKYHEYSHYKEQDGQGMKQRPPRGSHAPYLLVFQAIFYSFFHLSFACAQLPMI
YFLNHYLYDLNHTLYNVQSCGTNSHGILSGFNKTVLRTLPRSGNLIVVESVLMAVAFLAMLLVLGLCGAAYRPTEEIDLR
SVGWGNIFQLPFKHVRDYRLRHLVPFFIYSGFEVLFACTGIALGYGVCSVGLERLAYLLVAYSLGASAASLLGLLGLWLP
RPVPLVAGAGVHLLLTFILFFWAPVPRVLQHSWILYVAAALWGVGSALNKTGLSTLLGILYEDKERQDFIFTIYHWWQAV
AIFTVYLGSSLHMKAKLAVLLVTLVAAAVSYLRMEQKLRRGVAPRQPRIPRPQHKVRGYRYLEEDNSDESDAEGEHGDGA
EEEAPPAGPRPGPEPAGLGRRPCPYEQAQGGDGPEEQ
;
C,D
#
loop_
_chem_comp.id
_chem_comp.type
_chem_comp.name
_chem_comp.formula
NAG D-saccharide, beta linking 2-acetamido-2-deoxy-beta-D-glucopyranose 'C8 H15 N O6'
#
# COMPACT_ATOMS: atom_id res chain seq x y z
N PRO A 31 -26.12 -33.18 -0.07
CA PRO A 31 -24.69 -33.09 0.27
C PRO A 31 -23.80 -32.95 -0.96
N LYS A 32 -23.61 -31.73 -1.43
CA LYS A 32 -22.80 -31.47 -2.60
C LYS A 32 -22.03 -30.17 -2.39
N THR A 33 -21.32 -29.74 -3.44
CA THR A 33 -20.53 -28.51 -3.41
C THR A 33 -21.38 -27.27 -3.66
N LEU A 34 -22.70 -27.39 -3.70
CA LEU A 34 -23.54 -26.24 -3.98
C LEU A 34 -23.64 -25.35 -2.75
N PRO A 35 -23.69 -24.02 -2.92
CA PRO A 35 -23.85 -23.12 -1.77
C PRO A 35 -25.27 -23.05 -1.23
N CYS A 36 -26.24 -23.63 -1.93
CA CYS A 36 -27.63 -23.58 -1.49
C CYS A 36 -27.81 -24.42 -0.24
N ASP A 37 -28.46 -23.85 0.78
CA ASP A 37 -28.73 -24.55 2.02
C ASP A 37 -29.77 -25.63 1.78
N VAL A 38 -29.55 -26.81 2.36
CA VAL A 38 -30.44 -27.95 2.21
C VAL A 38 -31.12 -28.24 3.54
N THR A 39 -32.41 -28.59 3.47
CA THR A 39 -33.18 -28.94 4.65
C THR A 39 -34.06 -30.13 4.32
N LEU A 40 -33.99 -31.18 5.15
CA LEU A 40 -34.68 -32.44 4.89
C LEU A 40 -35.74 -32.67 5.95
N ASP A 41 -36.96 -32.96 5.53
CA ASP A 41 -38.06 -33.28 6.43
C ASP A 41 -38.80 -34.49 5.86
N VAL A 42 -38.66 -35.64 6.51
CA VAL A 42 -39.30 -36.88 6.06
C VAL A 42 -40.81 -36.84 6.30
N PRO A 43 -41.31 -36.45 7.49
CA PRO A 43 -42.76 -36.43 7.68
C PRO A 43 -43.49 -35.48 6.74
N LYS A 44 -42.83 -34.42 6.28
CA LYS A 44 -43.42 -33.49 5.32
C LYS A 44 -43.00 -33.78 3.88
N ASN A 45 -42.11 -34.74 3.66
CA ASN A 45 -41.57 -35.04 2.33
C ASN A 45 -40.97 -33.79 1.67
N HIS A 46 -40.38 -32.91 2.48
CA HIS A 46 -39.92 -31.60 2.01
C HIS A 46 -38.40 -31.59 2.02
N VAL A 47 -37.81 -31.50 0.83
CA VAL A 47 -36.37 -31.29 0.67
C VAL A 47 -36.21 -29.89 0.09
N ILE A 48 -35.92 -28.92 0.96
CA ILE A 48 -35.84 -27.52 0.60
C ILE A 48 -34.39 -27.20 0.25
N VAL A 49 -34.19 -26.65 -0.95
CA VAL A 49 -32.91 -26.12 -1.38
C VAL A 49 -33.06 -24.62 -1.56
N ASP A 50 -32.17 -23.84 -0.94
CA ASP A 50 -32.28 -22.39 -0.93
C ASP A 50 -30.97 -21.78 -1.40
N CYS A 51 -31.00 -21.19 -2.60
CA CYS A 51 -29.86 -20.46 -3.15
C CYS A 51 -30.08 -18.95 -3.04
N THR A 52 -30.37 -18.48 -1.83
CA THR A 52 -30.74 -17.09 -1.62
C THR A 52 -29.51 -16.19 -1.64
N ASP A 53 -29.46 -15.27 -2.60
CA ASP A 53 -28.40 -14.25 -2.68
C ASP A 53 -27.02 -14.89 -2.74
N LYS A 54 -26.81 -15.73 -3.75
CA LYS A 54 -25.53 -16.38 -3.96
C LYS A 54 -24.89 -16.02 -5.29
N HIS A 55 -25.49 -15.09 -6.04
CA HIS A 55 -24.94 -14.60 -7.31
C HIS A 55 -24.76 -15.74 -8.32
N LEU A 56 -25.86 -16.44 -8.61
CA LEU A 56 -25.84 -17.50 -9.60
C LEU A 56 -25.90 -16.94 -11.01
N THR A 57 -25.20 -17.60 -11.92
CA THR A 57 -25.30 -17.32 -13.35
C THR A 57 -26.25 -18.26 -14.07
N GLU A 58 -26.14 -19.57 -13.81
CA GLU A 58 -27.06 -20.55 -14.36
C GLU A 58 -27.45 -21.52 -13.24
N ILE A 59 -28.57 -22.21 -13.45
CA ILE A 59 -29.01 -23.18 -12.44
C ILE A 59 -27.99 -24.32 -12.37
N PRO A 60 -27.41 -24.60 -11.21
CA PRO A 60 -26.36 -25.62 -11.14
C PRO A 60 -26.92 -27.02 -11.32
N GLY A 61 -26.12 -27.88 -11.95
CA GLY A 61 -26.52 -29.25 -12.14
C GLY A 61 -26.28 -30.12 -10.92
N GLY A 62 -26.98 -31.24 -10.88
CA GLY A 62 -26.88 -32.16 -9.76
C GLY A 62 -27.91 -31.97 -8.67
N ILE A 63 -28.94 -31.16 -8.91
CA ILE A 63 -30.01 -30.97 -7.94
C ILE A 63 -30.75 -32.29 -7.76
N PRO A 64 -30.90 -32.79 -6.53
CA PRO A 64 -31.56 -34.08 -6.34
C PRO A 64 -33.02 -34.04 -6.78
N THR A 65 -33.54 -35.21 -7.14
CA THR A 65 -34.94 -35.32 -7.57
C THR A 65 -35.92 -35.31 -6.40
N ASN A 66 -35.43 -35.41 -5.17
CA ASN A 66 -36.29 -35.43 -4.00
C ASN A 66 -36.69 -34.04 -3.53
N THR A 67 -36.15 -32.98 -4.13
CA THR A 67 -36.44 -31.64 -3.67
C THR A 67 -37.86 -31.22 -4.03
N THR A 68 -38.45 -30.41 -3.15
CA THR A 68 -39.79 -29.87 -3.35
C THR A 68 -39.83 -28.35 -3.35
N ASN A 69 -39.05 -27.70 -2.49
CA ASN A 69 -38.96 -26.25 -2.45
C ASN A 69 -37.64 -25.82 -3.10
N LEU A 70 -37.73 -24.85 -4.01
CA LEU A 70 -36.56 -24.38 -4.74
C LEU A 70 -36.55 -22.86 -4.70
N THR A 71 -35.39 -22.28 -4.41
CA THR A 71 -35.26 -20.84 -4.24
C THR A 71 -34.12 -20.33 -5.13
N LEU A 72 -34.44 -19.38 -6.00
CA LEU A 72 -33.48 -18.67 -6.84
C LEU A 72 -33.80 -17.18 -6.84
N THR A 73 -33.32 -16.46 -5.83
CA THR A 73 -33.68 -15.07 -5.65
C THR A 73 -32.70 -14.19 -6.46
N ILE A 74 -32.18 -13.16 -5.79
CA ILE A 74 -31.31 -12.18 -6.44
C ILE A 74 -30.04 -12.87 -6.95
N ASN A 75 -29.96 -13.08 -8.25
CA ASN A 75 -28.81 -13.70 -8.87
C ASN A 75 -28.56 -13.00 -10.21
N HIS A 76 -28.06 -13.76 -11.19
CA HIS A 76 -27.81 -13.25 -12.53
C HIS A 76 -28.24 -14.27 -13.57
N ILE A 77 -29.38 -14.92 -13.34
CA ILE A 77 -29.91 -15.91 -14.28
C ILE A 77 -30.45 -15.18 -15.51
N PRO A 78 -29.97 -15.51 -16.71
CA PRO A 78 -30.45 -14.80 -17.91
C PRO A 78 -31.87 -15.19 -18.29
N ASP A 79 -32.13 -16.49 -18.46
CA ASP A 79 -33.42 -16.96 -18.93
C ASP A 79 -33.70 -18.32 -18.29
N ILE A 80 -34.90 -18.83 -18.55
CA ILE A 80 -35.31 -20.16 -18.10
C ILE A 80 -35.54 -21.02 -19.34
N SER A 81 -35.07 -22.26 -19.26
CA SER A 81 -35.15 -23.21 -20.36
C SER A 81 -35.92 -24.44 -19.89
N PRO A 82 -36.58 -25.14 -20.81
CA PRO A 82 -37.24 -26.41 -20.43
C PRO A 82 -36.30 -27.43 -19.82
N ALA A 83 -34.99 -27.32 -20.06
CA ALA A 83 -34.02 -28.22 -19.47
C ALA A 83 -33.63 -27.83 -18.04
N SER A 84 -34.12 -26.69 -17.55
CA SER A 84 -33.82 -26.29 -16.18
C SER A 84 -34.49 -27.22 -15.17
N PHE A 85 -35.77 -27.50 -15.36
CA PHE A 85 -36.53 -28.43 -14.53
C PHE A 85 -36.88 -29.69 -15.31
N HIS A 86 -35.87 -30.32 -15.91
CA HIS A 86 -36.08 -31.48 -16.77
C HIS A 86 -36.40 -32.73 -15.97
N ARG A 87 -35.40 -33.29 -15.31
CA ARG A 87 -35.55 -34.54 -14.57
C ARG A 87 -36.18 -34.36 -13.20
N LEU A 88 -36.51 -33.12 -12.82
CA LEU A 88 -37.12 -32.82 -11.53
C LEU A 88 -38.64 -32.84 -11.71
N ASP A 89 -39.31 -33.76 -11.01
CA ASP A 89 -40.76 -33.87 -11.09
C ASP A 89 -41.45 -33.74 -9.73
N HIS A 90 -40.71 -33.81 -8.63
CA HIS A 90 -41.28 -33.70 -7.30
C HIS A 90 -41.25 -32.27 -6.76
N LEU A 91 -41.06 -31.29 -7.63
CA LEU A 91 -41.01 -29.90 -7.20
C LEU A 91 -42.41 -29.37 -6.90
N VAL A 92 -42.55 -28.67 -5.77
CA VAL A 92 -43.82 -28.08 -5.39
C VAL A 92 -43.73 -26.58 -5.16
N GLU A 93 -42.55 -26.03 -4.87
CA GLU A 93 -42.38 -24.61 -4.66
C GLU A 93 -41.12 -24.13 -5.35
N ILE A 94 -41.25 -23.12 -6.20
CA ILE A 94 -40.13 -22.56 -6.96
C ILE A 94 -40.11 -21.06 -6.74
N ASP A 95 -38.99 -20.56 -6.23
CA ASP A 95 -38.80 -19.13 -5.97
C ASP A 95 -37.83 -18.58 -7.01
N PHE A 96 -38.33 -17.69 -7.88
CA PHE A 96 -37.50 -17.05 -8.89
C PHE A 96 -37.68 -15.54 -8.81
N ARG A 97 -37.59 -15.00 -7.59
CA ARG A 97 -37.96 -13.62 -7.33
C ARG A 97 -36.77 -12.68 -7.49
N CYS A 98 -36.95 -11.64 -8.31
CA CYS A 98 -36.02 -10.52 -8.41
C CYS A 98 -34.63 -10.98 -8.85
N ASN A 99 -34.56 -11.55 -10.06
CA ASN A 99 -33.28 -11.86 -10.64
C ASN A 99 -32.52 -10.60 -11.08
N CYS A 100 -33.23 -9.63 -11.65
CA CYS A 100 -32.68 -8.28 -11.83
C CYS A 100 -33.83 -7.31 -11.71
N VAL A 101 -33.89 -6.59 -10.61
CA VAL A 101 -35.00 -5.70 -10.27
C VAL A 101 -35.12 -4.57 -11.29
N PRO A 102 -36.24 -3.86 -11.35
CA PRO A 102 -36.32 -2.67 -12.22
C PRO A 102 -35.30 -1.61 -11.83
N ILE A 103 -35.33 -0.47 -12.53
CA ILE A 103 -34.30 0.55 -12.38
C ILE A 103 -34.25 1.11 -10.96
N PRO A 104 -35.35 1.61 -10.39
CA PRO A 104 -35.28 2.17 -9.03
C PRO A 104 -35.83 1.27 -7.93
N LEU A 105 -36.15 0.01 -8.22
CA LEU A 105 -36.77 -0.87 -7.22
C LEU A 105 -35.77 -1.62 -6.36
N GLY A 106 -34.48 -1.50 -6.64
CA GLY A 106 -33.50 -2.23 -5.86
C GLY A 106 -32.10 -1.70 -6.06
N SER A 107 -31.13 -2.59 -5.86
CA SER A 107 -29.73 -2.21 -5.94
C SER A 107 -29.31 -1.97 -7.38
N LYS A 108 -28.50 -0.92 -7.58
CA LYS A 108 -28.01 -0.54 -8.90
C LYS A 108 -26.67 -1.20 -9.25
N ASN A 109 -26.12 -2.02 -8.35
CA ASN A 109 -24.82 -2.63 -8.58
C ASN A 109 -24.88 -3.93 -9.38
N ASN A 110 -26.04 -4.55 -9.49
CA ASN A 110 -26.23 -5.76 -10.28
C ASN A 110 -27.20 -5.45 -11.41
N MET A 111 -26.74 -5.61 -12.65
CA MET A 111 -27.52 -5.24 -13.83
C MET A 111 -27.60 -6.42 -14.80
N CYS A 112 -28.77 -6.59 -15.40
CA CYS A 112 -28.97 -7.56 -16.47
C CYS A 112 -29.10 -6.84 -17.80
N ILE A 113 -28.55 -7.46 -18.85
CA ILE A 113 -28.52 -6.81 -20.16
C ILE A 113 -29.93 -6.67 -20.73
N LYS A 114 -30.86 -7.52 -20.32
CA LYS A 114 -32.22 -7.48 -20.84
C LYS A 114 -33.14 -8.17 -19.85
N ARG A 115 -34.44 -7.98 -20.05
CA ARG A 115 -35.44 -8.58 -19.19
C ARG A 115 -35.41 -10.11 -19.33
N LEU A 116 -36.15 -10.78 -18.45
CA LEU A 116 -36.24 -12.23 -18.47
C LEU A 116 -37.13 -12.70 -19.62
N GLN A 117 -36.72 -13.80 -20.25
CA GLN A 117 -37.48 -14.41 -21.34
C GLN A 117 -37.81 -15.85 -20.95
N ILE A 118 -39.07 -16.22 -21.10
CA ILE A 118 -39.56 -17.55 -20.75
C ILE A 118 -39.72 -18.35 -22.03
N LYS A 119 -39.00 -19.47 -22.12
CA LYS A 119 -39.13 -20.34 -23.28
C LYS A 119 -40.41 -21.16 -23.18
N PRO A 120 -41.01 -21.50 -24.32
CA PRO A 120 -42.24 -22.29 -24.30
C PRO A 120 -42.02 -23.67 -23.68
N ARG A 121 -43.05 -24.14 -22.97
CA ARG A 121 -43.02 -25.43 -22.28
C ARG A 121 -41.86 -25.50 -21.28
N SER A 122 -41.84 -24.54 -20.36
CA SER A 122 -40.81 -24.46 -19.35
C SER A 122 -41.29 -24.89 -17.96
N PHE A 123 -42.60 -25.04 -17.77
CA PHE A 123 -43.14 -25.42 -16.48
C PHE A 123 -44.19 -26.53 -16.55
N SER A 124 -44.65 -26.90 -17.75
CA SER A 124 -45.67 -27.94 -17.85
C SER A 124 -45.14 -29.31 -17.43
N GLY A 125 -43.84 -29.55 -17.51
CA GLY A 125 -43.26 -30.80 -17.06
C GLY A 125 -43.27 -31.00 -15.57
N LEU A 126 -43.72 -30.02 -14.80
CA LEU A 126 -43.79 -30.11 -13.34
C LEU A 126 -45.25 -30.37 -12.96
N THR A 127 -45.62 -31.66 -12.96
CA THR A 127 -46.99 -32.04 -12.66
C THR A 127 -47.35 -31.86 -11.19
N TYR A 128 -46.35 -31.79 -10.31
CA TYR A 128 -46.57 -31.62 -8.88
C TYR A 128 -46.34 -30.17 -8.44
N LEU A 129 -46.22 -29.24 -9.38
CA LEU A 129 -46.04 -27.84 -9.03
C LEU A 129 -47.30 -27.27 -8.40
N LYS A 130 -47.11 -26.46 -7.36
CA LYS A 130 -48.22 -25.77 -6.71
C LYS A 130 -47.96 -24.31 -6.41
N SER A 131 -46.74 -23.82 -6.66
CA SER A 131 -46.43 -22.41 -6.40
C SER A 131 -45.33 -21.97 -7.36
N LEU A 132 -45.39 -20.69 -7.75
CA LEU A 132 -44.38 -20.11 -8.62
C LEU A 132 -44.27 -18.62 -8.30
N TYR A 133 -43.05 -18.17 -8.02
CA TYR A 133 -42.78 -16.79 -7.65
C TYR A 133 -41.87 -16.17 -8.70
N LEU A 134 -42.43 -15.25 -9.49
CA LEU A 134 -41.65 -14.59 -10.54
C LEU A 134 -41.68 -13.07 -10.35
N ASP A 135 -41.49 -12.62 -9.11
CA ASP A 135 -41.56 -11.20 -8.80
C ASP A 135 -40.24 -10.51 -9.13
N GLY A 136 -40.32 -9.39 -9.84
CA GLY A 136 -39.14 -8.60 -10.13
C GLY A 136 -38.28 -9.13 -11.26
N ASN A 137 -38.90 -9.63 -12.32
CA ASN A 137 -38.17 -10.14 -13.47
C ASN A 137 -38.39 -9.33 -14.74
N GLN A 138 -39.11 -8.20 -14.65
CA GLN A 138 -39.36 -7.32 -15.79
C GLN A 138 -40.04 -8.05 -16.94
N LEU A 139 -40.93 -8.98 -16.63
CA LEU A 139 -41.64 -9.71 -17.68
C LEU A 139 -42.70 -8.82 -18.32
N LEU A 140 -42.97 -9.07 -19.60
CA LEU A 140 -43.95 -8.29 -20.34
C LEU A 140 -45.32 -8.95 -20.41
N GLU A 141 -45.36 -10.28 -20.38
CA GLU A 141 -46.62 -11.01 -20.44
C GLU A 141 -46.56 -12.19 -19.48
N ILE A 142 -47.74 -12.68 -19.11
CA ILE A 142 -47.81 -13.84 -18.21
C ILE A 142 -47.22 -15.07 -18.92
N PRO A 143 -46.30 -15.78 -18.29
CA PRO A 143 -45.71 -16.96 -18.96
C PRO A 143 -46.76 -18.04 -19.20
N GLN A 144 -46.74 -18.58 -20.41
CA GLN A 144 -47.67 -19.62 -20.82
C GLN A 144 -47.04 -21.00 -20.65
N GLY A 145 -47.90 -22.02 -20.58
CA GLY A 145 -47.46 -23.37 -20.38
C GLY A 145 -47.39 -23.82 -18.95
N LEU A 146 -47.98 -23.08 -18.02
CA LEU A 146 -47.96 -23.46 -16.62
C LEU A 146 -48.83 -24.70 -16.39
N PRO A 147 -48.44 -25.56 -15.47
CA PRO A 147 -49.22 -26.78 -15.21
C PRO A 147 -50.55 -26.46 -14.56
N PRO A 148 -51.56 -27.31 -14.75
CA PRO A 148 -52.87 -27.03 -14.13
C PRO A 148 -52.88 -27.20 -12.63
N SER A 149 -51.89 -27.89 -12.05
CA SER A 149 -51.81 -28.05 -10.60
C SER A 149 -51.26 -26.82 -9.89
N LEU A 150 -50.94 -25.75 -10.64
CA LEU A 150 -50.41 -24.54 -10.03
C LEU A 150 -51.46 -23.89 -9.14
N GLN A 151 -51.13 -23.72 -7.86
CA GLN A 151 -52.05 -23.12 -6.90
C GLN A 151 -51.66 -21.72 -6.48
N LEU A 152 -50.36 -21.41 -6.44
CA LEU A 152 -49.89 -20.09 -6.02
C LEU A 152 -49.10 -19.48 -7.17
N LEU A 153 -49.34 -18.19 -7.44
CA LEU A 153 -48.65 -17.49 -8.52
C LEU A 153 -48.49 -16.04 -8.13
N SER A 154 -47.29 -15.50 -8.30
CA SER A 154 -46.99 -14.11 -8.02
C SER A 154 -46.17 -13.53 -9.17
N LEU A 155 -46.61 -12.39 -9.70
CA LEU A 155 -45.94 -11.71 -10.80
C LEU A 155 -45.76 -10.23 -10.47
N GLU A 156 -45.28 -9.96 -9.26
CA GLU A 156 -45.12 -8.59 -8.80
C GLU A 156 -43.86 -7.97 -9.38
N ALA A 157 -43.79 -6.63 -9.28
CA ALA A 157 -42.63 -5.86 -9.71
C ALA A 157 -42.24 -6.15 -11.16
N ASN A 158 -43.23 -6.37 -12.01
CA ASN A 158 -43.01 -6.70 -13.41
C ASN A 158 -43.63 -5.63 -14.30
N ASN A 159 -43.63 -5.88 -15.61
CA ASN A 159 -44.11 -4.92 -16.59
C ASN A 159 -45.36 -5.43 -17.33
N ILE A 160 -46.22 -6.16 -16.63
CA ILE A 160 -47.47 -6.64 -17.21
C ILE A 160 -48.55 -5.60 -16.88
N PHE A 161 -48.97 -4.84 -17.90
CA PHE A 161 -50.03 -3.85 -17.73
C PHE A 161 -51.23 -4.17 -18.60
N SER A 162 -51.33 -5.40 -19.10
CA SER A 162 -52.46 -5.82 -19.92
C SER A 162 -52.70 -7.30 -19.70
N ILE A 163 -53.92 -7.66 -19.31
CA ILE A 163 -54.29 -9.04 -19.02
C ILE A 163 -55.47 -9.43 -19.92
N ARG A 164 -55.44 -10.67 -20.40
CA ARG A 164 -56.48 -11.19 -21.27
C ARG A 164 -56.96 -12.54 -20.75
N LYS A 165 -58.08 -13.01 -21.29
CA LYS A 165 -58.62 -14.31 -20.91
C LYS A 165 -57.91 -15.46 -21.61
N GLU A 166 -57.37 -15.21 -22.81
CA GLU A 166 -56.65 -16.25 -23.53
C GLU A 166 -55.35 -16.64 -22.83
N ASN A 167 -54.80 -15.76 -22.00
CA ASN A 167 -53.62 -16.07 -21.22
C ASN A 167 -53.96 -16.52 -19.80
N LEU A 168 -55.23 -16.42 -19.40
CA LEU A 168 -55.67 -16.87 -18.09
C LEU A 168 -56.46 -18.17 -18.14
N THR A 169 -56.83 -18.66 -19.33
CA THR A 169 -57.56 -19.92 -19.42
C THR A 169 -56.73 -21.09 -18.90
N GLU A 170 -55.39 -20.97 -18.95
CA GLU A 170 -54.53 -22.01 -18.39
C GLU A 170 -54.45 -21.96 -16.88
N LEU A 171 -54.92 -20.88 -16.26
CA LEU A 171 -54.87 -20.71 -14.81
C LEU A 171 -56.24 -20.91 -14.17
N ALA A 172 -57.04 -21.84 -14.69
CA ALA A 172 -58.38 -22.08 -14.18
C ALA A 172 -58.40 -22.79 -12.83
N ASN A 173 -57.25 -23.18 -12.30
CA ASN A 173 -57.18 -23.88 -11.02
C ASN A 173 -56.35 -23.15 -9.98
N ILE A 174 -55.79 -21.98 -10.29
CA ILE A 174 -54.99 -21.26 -9.33
C ILE A 174 -55.87 -20.70 -8.22
N GLU A 175 -55.26 -20.46 -7.07
CA GLU A 175 -55.96 -19.91 -5.91
C GLU A 175 -55.39 -18.57 -5.46
N ILE A 176 -54.07 -18.43 -5.43
CA ILE A 176 -53.39 -17.21 -5.02
C ILE A 176 -52.77 -16.57 -6.24
N LEU A 177 -53.11 -15.31 -6.49
CA LEU A 177 -52.62 -14.58 -7.66
C LEU A 177 -52.17 -13.20 -7.22
N TYR A 178 -50.87 -12.95 -7.30
CA TYR A 178 -50.28 -11.66 -6.93
C TYR A 178 -49.81 -10.97 -8.21
N LEU A 179 -50.64 -10.07 -8.71
CA LEU A 179 -50.34 -9.29 -9.91
C LEU A 179 -50.19 -7.81 -9.59
N GLY A 180 -49.39 -7.49 -8.57
CA GLY A 180 -49.23 -6.12 -8.13
C GLY A 180 -47.90 -5.52 -8.52
N GLN A 181 -47.72 -4.25 -8.15
CA GLN A 181 -46.47 -3.52 -8.36
C GLN A 181 -46.06 -3.50 -9.83
N ASN A 182 -47.05 -3.43 -10.72
CA ASN A 182 -46.79 -3.50 -12.15
C ASN A 182 -46.66 -2.13 -12.80
N CYS A 183 -47.35 -1.11 -12.31
CA CYS A 183 -47.30 0.21 -12.92
C CYS A 183 -47.60 1.25 -11.83
N TYR A 184 -46.56 1.94 -11.38
CA TYR A 184 -46.69 2.99 -10.38
C TYR A 184 -45.43 3.85 -10.43
N TYR A 185 -45.23 4.68 -9.40
CA TYR A 185 -44.20 5.72 -9.49
C TYR A 185 -42.79 5.14 -9.47
N ARG A 186 -42.61 3.93 -8.92
CA ARG A 186 -41.28 3.32 -8.95
C ARG A 186 -41.08 2.47 -10.20
N ASN A 187 -42.09 1.73 -10.62
CA ASN A 187 -42.03 0.91 -11.83
C ASN A 187 -43.06 1.45 -12.82
N PRO A 188 -42.72 2.51 -13.55
CA PRO A 188 -43.70 3.14 -14.44
C PRO A 188 -43.87 2.39 -15.74
N CYS A 189 -45.09 2.47 -16.28
CA CYS A 189 -45.40 1.91 -17.59
C CYS A 189 -46.15 2.87 -18.50
N TYR A 190 -46.56 4.04 -17.99
CA TYR A 190 -47.15 5.13 -18.76
C TYR A 190 -48.49 4.77 -19.40
N VAL A 191 -49.05 3.61 -19.08
CA VAL A 191 -50.34 3.19 -19.62
C VAL A 191 -51.22 2.72 -18.47
N SER A 192 -52.50 3.07 -18.52
CA SER A 192 -53.43 2.61 -17.52
C SER A 192 -53.60 1.10 -17.61
N TYR A 193 -53.88 0.48 -16.46
CA TYR A 193 -54.05 -0.97 -16.39
C TYR A 193 -55.29 -1.37 -17.19
N SER A 194 -55.07 -1.99 -18.34
CA SER A 194 -56.18 -2.39 -19.22
C SER A 194 -56.61 -3.81 -18.86
N ILE A 195 -57.93 -4.00 -18.72
CA ILE A 195 -58.51 -5.30 -18.41
C ILE A 195 -59.66 -5.53 -19.38
N GLU A 196 -59.65 -6.68 -20.05
CA GLU A 196 -60.76 -7.03 -20.90
C GLU A 196 -61.88 -7.66 -20.07
N LYS A 197 -63.07 -7.70 -20.65
CA LYS A 197 -64.27 -8.06 -19.90
C LYS A 197 -64.21 -9.51 -19.44
N ASP A 198 -64.45 -9.71 -18.14
CA ASP A 198 -64.55 -11.05 -17.54
C ASP A 198 -63.26 -11.85 -17.72
N ALA A 199 -62.13 -11.24 -17.38
CA ALA A 199 -60.85 -11.94 -17.48
C ALA A 199 -60.67 -12.94 -16.35
N PHE A 200 -61.14 -12.62 -15.15
CA PHE A 200 -61.02 -13.48 -14.00
C PHE A 200 -62.28 -14.30 -13.72
N LEU A 201 -63.23 -14.34 -14.67
CA LEU A 201 -64.50 -15.01 -14.42
C LEU A 201 -64.31 -16.52 -14.28
N ASN A 202 -63.69 -17.15 -15.27
CA ASN A 202 -63.56 -18.60 -15.29
C ASN A 202 -62.51 -19.14 -14.33
N LEU A 203 -62.01 -18.31 -13.40
CA LEU A 203 -61.06 -18.75 -12.39
C LEU A 203 -61.84 -19.01 -11.10
N THR A 204 -62.57 -20.13 -11.10
CA THR A 204 -63.46 -20.45 -9.98
C THR A 204 -62.70 -20.84 -8.72
N LYS A 205 -61.44 -21.21 -8.83
CA LYS A 205 -60.64 -21.61 -7.69
C LYS A 205 -59.81 -20.46 -7.11
N LEU A 206 -59.84 -19.29 -7.73
CA LEU A 206 -59.06 -18.17 -7.26
C LEU A 206 -59.67 -17.60 -5.98
N LYS A 207 -58.82 -17.35 -4.98
CA LYS A 207 -59.28 -16.91 -3.67
C LYS A 207 -58.87 -15.49 -3.32
N VAL A 208 -57.62 -15.12 -3.56
CA VAL A 208 -57.14 -13.76 -3.28
C VAL A 208 -56.61 -13.15 -4.56
N LEU A 209 -56.68 -11.82 -4.65
CA LEU A 209 -56.21 -11.10 -5.83
C LEU A 209 -55.62 -9.78 -5.35
N SER A 210 -54.39 -9.49 -5.77
CA SER A 210 -53.68 -8.26 -5.39
C SER A 210 -53.28 -7.53 -6.66
N LEU A 211 -53.99 -6.44 -6.96
CA LEU A 211 -53.70 -5.58 -8.10
C LEU A 211 -53.16 -4.23 -7.64
N LYS A 212 -52.32 -4.26 -6.60
CA LYS A 212 -51.79 -3.03 -6.01
C LYS A 212 -50.69 -2.44 -6.88
N ASP A 213 -50.65 -1.11 -6.92
CA ASP A 213 -49.59 -0.37 -7.61
C ASP A 213 -49.49 -0.76 -9.08
N ASN A 214 -50.65 -0.86 -9.73
CA ASN A 214 -50.72 -1.23 -11.14
C ASN A 214 -51.35 -0.14 -12.00
N ASN A 215 -51.55 1.06 -11.46
CA ASN A 215 -52.19 2.16 -12.18
C ASN A 215 -53.57 1.74 -12.70
N VAL A 216 -54.35 1.09 -11.82
CA VAL A 216 -55.66 0.60 -12.22
C VAL A 216 -56.66 1.75 -12.22
N THR A 217 -57.45 1.85 -13.29
CA THR A 217 -58.47 2.87 -13.42
C THR A 217 -59.84 2.41 -12.95
N ALA A 218 -60.21 1.17 -13.27
CA ALA A 218 -61.50 0.62 -12.84
C ALA A 218 -61.30 -0.82 -12.39
N VAL A 219 -62.10 -1.23 -11.42
CA VAL A 219 -61.99 -2.59 -10.87
C VAL A 219 -62.37 -3.59 -11.95
N PRO A 220 -61.57 -4.64 -12.19
CA PRO A 220 -61.88 -5.60 -13.26
C PRO A 220 -63.17 -6.37 -13.02
N THR A 221 -64.26 -5.92 -13.63
CA THR A 221 -65.51 -6.66 -13.56
C THR A 221 -65.58 -7.68 -14.69
N VAL A 222 -66.00 -8.90 -14.36
CA VAL A 222 -66.39 -9.26 -13.00
C VAL A 222 -65.40 -10.26 -12.41
N LEU A 223 -65.22 -10.22 -11.08
CA LEU A 223 -64.33 -11.08 -10.32
C LEU A 223 -65.04 -12.37 -9.91
N PRO A 224 -64.30 -13.45 -9.66
CA PRO A 224 -64.95 -14.71 -9.30
C PRO A 224 -65.61 -14.63 -7.94
N SER A 225 -66.69 -15.40 -7.78
CA SER A 225 -67.47 -15.37 -6.55
C SER A 225 -66.77 -16.08 -5.39
N THR A 226 -65.69 -16.82 -5.66
CA THR A 226 -64.95 -17.51 -4.61
C THR A 226 -63.82 -16.68 -4.03
N LEU A 227 -63.95 -15.35 -4.06
CA LEU A 227 -62.91 -14.49 -3.53
C LEU A 227 -62.89 -14.53 -2.01
N THR A 228 -61.70 -14.29 -1.45
CA THR A 228 -61.53 -14.16 0.00
C THR A 228 -60.74 -12.91 0.39
N GLU A 229 -59.84 -12.43 -0.46
CA GLU A 229 -59.10 -11.20 -0.20
C GLU A 229 -58.97 -10.44 -1.51
N LEU A 230 -59.28 -9.14 -1.48
CA LEU A 230 -59.21 -8.29 -2.66
C LEU A 230 -58.31 -7.10 -2.34
N TYR A 231 -57.14 -7.06 -2.97
CA TYR A 231 -56.16 -6.01 -2.74
C TYR A 231 -56.06 -5.15 -3.99
N LEU A 232 -56.86 -4.08 -4.04
CA LEU A 232 -56.81 -3.10 -5.11
C LEU A 232 -56.29 -1.76 -4.60
N TYR A 233 -55.47 -1.80 -3.56
CA TYR A 233 -55.04 -0.59 -2.88
C TYR A 233 -53.84 0.05 -3.59
N ASN A 234 -53.67 1.34 -3.35
CA ASN A 234 -52.60 2.13 -3.96
C ASN A 234 -52.69 2.13 -5.49
N ASN A 235 -53.88 2.49 -5.99
CA ASN A 235 -54.12 2.58 -7.42
C ASN A 235 -54.84 3.88 -7.76
N MET A 236 -55.30 4.02 -9.00
CA MET A 236 -55.91 5.27 -9.47
C MET A 236 -57.40 5.10 -9.79
N ILE A 237 -58.09 4.21 -9.07
CA ILE A 237 -59.54 4.11 -9.21
C ILE A 237 -60.18 5.35 -8.59
N ALA A 238 -61.04 6.01 -9.37
CA ALA A 238 -61.71 7.23 -8.90
C ALA A 238 -63.17 7.01 -8.54
N LYS A 239 -63.83 6.02 -9.15
CA LYS A 239 -65.24 5.77 -8.89
C LYS A 239 -65.46 4.28 -8.68
N ILE A 240 -66.39 3.95 -7.79
CA ILE A 240 -66.79 2.57 -7.52
C ILE A 240 -68.21 2.37 -8.03
N GLN A 241 -68.45 1.25 -8.70
CA GLN A 241 -69.75 0.95 -9.27
C GLN A 241 -70.59 0.13 -8.29
N GLU A 242 -71.91 0.25 -8.43
CA GLU A 242 -72.82 -0.53 -7.58
C GLU A 242 -72.85 -2.00 -7.98
N ASP A 243 -72.48 -2.32 -9.21
CA ASP A 243 -72.38 -3.70 -9.67
C ASP A 243 -70.95 -4.22 -9.63
N ASP A 244 -70.11 -3.64 -8.78
CA ASP A 244 -68.71 -4.05 -8.68
C ASP A 244 -68.55 -5.27 -7.78
N PHE A 245 -68.92 -5.15 -6.52
CA PHE A 245 -68.86 -6.25 -5.55
C PHE A 245 -70.21 -6.95 -5.40
N ASN A 246 -70.93 -7.15 -6.50
CA ASN A 246 -72.27 -7.73 -6.44
C ASN A 246 -72.23 -9.24 -6.25
N ASN A 247 -71.19 -9.92 -6.78
CA ASN A 247 -71.10 -11.37 -6.69
C ASN A 247 -70.12 -11.84 -5.63
N LEU A 248 -69.32 -10.95 -5.04
CA LEU A 248 -68.35 -11.33 -4.02
C LEU A 248 -69.08 -11.49 -2.70
N ASN A 249 -69.49 -12.73 -2.40
CA ASN A 249 -70.18 -13.04 -1.17
C ASN A 249 -69.30 -13.76 -0.15
N GLN A 250 -68.14 -14.25 -0.55
CA GLN A 250 -67.22 -14.94 0.35
C GLN A 250 -65.99 -14.10 0.67
N LEU A 251 -65.94 -12.85 0.22
CA LEU A 251 -64.79 -12.00 0.46
C LEU A 251 -64.67 -11.68 1.95
N GLN A 252 -63.44 -11.67 2.45
CA GLN A 252 -63.17 -11.39 3.86
C GLN A 252 -62.30 -10.16 4.08
N ILE A 253 -61.40 -9.84 3.17
CA ILE A 253 -60.53 -8.67 3.27
C ILE A 253 -60.61 -7.89 1.97
N LEU A 254 -60.84 -6.59 2.08
CA LEU A 254 -60.94 -5.71 0.92
C LEU A 254 -60.08 -4.49 1.17
N ASP A 255 -59.08 -4.27 0.33
CA ASP A 255 -58.15 -3.16 0.45
C ASP A 255 -58.35 -2.18 -0.70
N LEU A 256 -58.80 -0.98 -0.38
CA LEU A 256 -58.97 0.11 -1.35
C LEU A 256 -58.25 1.35 -0.88
N SER A 257 -57.06 1.18 -0.33
CA SER A 257 -56.30 2.28 0.27
C SER A 257 -55.37 2.91 -0.75
N GLY A 258 -55.39 4.23 -0.84
CA GLY A 258 -54.54 4.95 -1.76
C GLY A 258 -55.23 5.50 -2.99
N ASN A 259 -56.44 5.06 -3.28
CA ASN A 259 -57.19 5.60 -4.41
C ASN A 259 -57.71 6.99 -4.07
N CYS A 260 -57.38 7.96 -4.92
CA CYS A 260 -57.61 9.38 -4.66
C CYS A 260 -57.01 9.74 -3.31
N PRO A 261 -55.68 9.69 -3.17
CA PRO A 261 -55.06 9.80 -1.85
C PRO A 261 -54.88 11.25 -1.40
N ARG A 262 -54.73 11.40 -0.09
CA ARG A 262 -54.40 12.69 0.52
C ARG A 262 -52.89 12.70 0.73
N CYS A 263 -52.15 13.29 -0.20
CA CYS A 263 -50.70 13.24 -0.22
C CYS A 263 -50.07 14.61 0.00
N TYR A 264 -50.63 15.41 0.92
CA TYR A 264 -50.00 16.68 1.28
C TYR A 264 -48.72 16.42 2.07
N ASN A 265 -47.62 17.02 1.61
CA ASN A 265 -46.30 16.82 2.21
C ASN A 265 -45.93 15.33 2.21
N ALA A 266 -46.18 14.66 1.10
CA ALA A 266 -45.89 13.23 0.98
C ALA A 266 -44.48 13.03 0.45
N PRO A 267 -43.70 12.12 1.04
CA PRO A 267 -42.33 11.87 0.55
C PRO A 267 -42.25 11.08 -0.74
N PHE A 268 -43.40 10.72 -1.34
CA PHE A 268 -43.42 9.95 -2.57
C PHE A 268 -44.27 10.65 -3.62
N PRO A 269 -43.94 10.49 -4.90
CA PRO A 269 -44.76 11.09 -5.95
C PRO A 269 -46.17 10.53 -5.93
N CYS A 270 -47.16 11.42 -6.04
CA CYS A 270 -48.56 11.06 -5.96
C CYS A 270 -49.35 11.74 -7.08
N ALA A 271 -50.52 11.18 -7.36
CA ALA A 271 -51.45 11.73 -8.37
C ALA A 271 -52.81 11.85 -7.73
N PRO A 272 -53.15 13.00 -7.15
CA PRO A 272 -54.45 13.15 -6.49
C PRO A 272 -55.58 13.18 -7.51
N CYS A 273 -56.80 13.07 -6.99
CA CYS A 273 -57.99 13.08 -7.83
C CYS A 273 -58.28 14.50 -8.31
N LYS A 274 -59.34 14.62 -9.11
CA LYS A 274 -59.74 15.91 -9.66
C LYS A 274 -60.57 16.67 -8.64
N ASN A 275 -60.26 17.96 -8.48
CA ASN A 275 -60.99 18.86 -7.58
C ASN A 275 -60.92 18.39 -6.12
N ASN A 276 -59.85 17.65 -5.79
CA ASN A 276 -59.64 17.13 -4.43
C ASN A 276 -60.84 16.32 -3.96
N SER A 277 -61.36 15.47 -4.85
CA SER A 277 -62.53 14.67 -4.50
C SER A 277 -62.10 13.31 -3.94
N PRO A 278 -62.81 12.80 -2.95
CA PRO A 278 -62.49 11.49 -2.37
C PRO A 278 -62.92 10.37 -3.32
N LEU A 279 -62.63 9.14 -2.90
CA LEU A 279 -63.06 7.97 -3.65
C LEU A 279 -64.58 7.87 -3.59
N GLN A 280 -65.21 7.76 -4.77
CA GLN A 280 -66.67 7.78 -4.88
C GLN A 280 -67.19 6.35 -4.74
N ILE A 281 -67.56 5.99 -3.52
CA ILE A 281 -68.16 4.69 -3.23
C ILE A 281 -69.66 4.91 -3.03
N PRO A 282 -70.52 4.18 -3.73
CA PRO A 282 -71.97 4.34 -3.52
C PRO A 282 -72.39 3.82 -2.15
N VAL A 283 -73.58 4.23 -1.74
CA VAL A 283 -74.11 3.81 -0.44
C VAL A 283 -74.45 2.33 -0.47
N ASN A 284 -74.85 1.80 -1.63
CA ASN A 284 -75.22 0.40 -1.77
C ASN A 284 -74.15 -0.39 -2.50
N ALA A 285 -72.88 -0.18 -2.13
CA ALA A 285 -71.76 -0.88 -2.72
C ALA A 285 -71.33 -2.10 -1.93
N PHE A 286 -71.25 -1.99 -0.61
CA PHE A 286 -70.89 -3.12 0.25
C PHE A 286 -72.13 -3.89 0.72
N ASP A 287 -72.96 -4.30 -0.24
CA ASP A 287 -74.20 -5.01 0.08
C ASP A 287 -73.98 -6.52 0.09
N ALA A 288 -73.42 -7.07 -0.98
CA ALA A 288 -73.18 -8.51 -1.05
C ALA A 288 -72.04 -8.97 -0.17
N LEU A 289 -71.27 -8.06 0.41
CA LEU A 289 -70.14 -8.42 1.27
C LEU A 289 -70.67 -8.67 2.68
N THR A 290 -70.82 -9.94 3.04
CA THR A 290 -71.30 -10.35 4.35
C THR A 290 -70.19 -10.90 5.23
N GLU A 291 -69.33 -11.77 4.70
CA GLU A 291 -68.24 -12.37 5.43
C GLU A 291 -66.99 -11.49 5.45
N LEU A 292 -67.11 -10.22 5.05
CA LEU A 292 -65.97 -9.31 5.06
C LEU A 292 -65.58 -9.00 6.50
N LYS A 293 -64.29 -9.09 6.80
CA LYS A 293 -63.78 -8.85 8.14
C LYS A 293 -62.82 -7.68 8.24
N VAL A 294 -62.05 -7.42 7.19
CA VAL A 294 -61.07 -6.32 7.18
C VAL A 294 -61.39 -5.42 6.00
N LEU A 295 -61.50 -4.12 6.26
CA LEU A 295 -61.78 -3.12 5.23
C LEU A 295 -60.90 -1.91 5.52
N ARG A 296 -59.87 -1.73 4.69
CA ARG A 296 -58.92 -0.64 4.86
C ARG A 296 -59.20 0.45 3.83
N LEU A 297 -59.40 1.68 4.31
CA LEU A 297 -59.61 2.82 3.43
C LEU A 297 -58.59 3.92 3.72
N HIS A 298 -57.33 3.52 3.87
CA HIS A 298 -56.28 4.48 4.20
C HIS A 298 -55.94 5.37 3.01
N SER A 299 -55.82 6.67 3.27
CA SER A 299 -55.44 7.66 2.27
C SER A 299 -56.39 7.61 1.06
N ASN A 300 -57.65 7.99 1.33
CA ASN A 300 -58.67 8.10 0.29
C ASN A 300 -59.29 9.49 0.23
N SER A 301 -58.74 10.45 0.97
CA SER A 301 -59.25 11.81 1.02
C SER A 301 -60.72 11.86 1.44
N LEU A 302 -61.15 10.85 2.19
CA LEU A 302 -62.56 10.72 2.55
C LEU A 302 -62.96 11.81 3.54
N GLN A 303 -63.99 12.57 3.18
CA GLN A 303 -64.58 13.57 4.07
C GLN A 303 -65.82 13.07 4.78
N HIS A 304 -66.54 12.12 4.18
CA HIS A 304 -67.74 11.55 4.77
C HIS A 304 -67.73 10.04 4.58
N VAL A 305 -68.25 9.33 5.57
CA VAL A 305 -68.42 7.88 5.50
C VAL A 305 -69.81 7.51 6.00
N PRO A 306 -70.75 7.23 5.10
CA PRO A 306 -72.13 7.00 5.53
C PRO A 306 -72.25 5.67 6.26
N PRO A 307 -73.16 5.58 7.24
CA PRO A 307 -73.39 4.28 7.89
C PRO A 307 -74.00 3.24 6.97
N ARG A 308 -74.51 3.64 5.81
CA ARG A 308 -75.09 2.68 4.87
C ARG A 308 -74.05 1.71 4.34
N TRP A 309 -72.78 2.12 4.33
CA TRP A 309 -71.72 1.22 3.87
C TRP A 309 -71.58 0.01 4.78
N PHE A 310 -71.85 0.18 6.07
CA PHE A 310 -71.73 -0.89 7.05
C PHE A 310 -73.09 -1.48 7.43
N LYS A 311 -74.03 -1.56 6.48
CA LYS A 311 -75.34 -2.08 6.78
C LYS A 311 -75.39 -3.60 6.73
N ASN A 312 -74.83 -4.20 5.67
CA ASN A 312 -74.90 -5.64 5.48
C ASN A 312 -73.72 -6.39 6.08
N ILE A 313 -72.61 -5.72 6.35
CA ILE A 313 -71.42 -6.37 6.91
C ILE A 313 -71.57 -6.37 8.43
N ASN A 314 -71.69 -7.57 9.02
CA ASN A 314 -71.89 -7.70 10.45
C ASN A 314 -70.67 -8.24 11.18
N LYS A 315 -69.69 -8.78 10.47
CA LYS A 315 -68.51 -9.40 11.08
C LYS A 315 -67.23 -8.65 10.71
N LEU A 316 -67.28 -7.32 10.72
CA LEU A 316 -66.10 -6.51 10.48
C LEU A 316 -65.22 -6.52 11.74
N GLN A 317 -63.94 -6.78 11.54
CA GLN A 317 -62.97 -6.81 12.65
C GLN A 317 -61.94 -5.70 12.57
N GLU A 318 -61.44 -5.38 11.37
CA GLU A 318 -60.44 -4.33 11.21
C GLU A 318 -60.96 -3.30 10.22
N LEU A 319 -60.89 -2.02 10.61
CA LEU A 319 -61.36 -0.91 9.79
C LEU A 319 -60.30 0.18 9.83
N ASP A 320 -59.65 0.43 8.69
CA ASP A 320 -58.63 1.46 8.59
C ASP A 320 -59.18 2.66 7.84
N LEU A 321 -59.03 3.85 8.43
CA LEU A 321 -59.50 5.08 7.82
C LEU A 321 -58.45 6.18 7.95
N SER A 322 -57.17 5.83 7.80
CA SER A 322 -56.09 6.79 8.01
C SER A 322 -55.91 7.69 6.80
N GLN A 323 -55.29 8.85 7.05
CA GLN A 323 -54.97 9.82 6.01
C GLN A 323 -56.21 10.26 5.25
N ASN A 324 -57.23 10.68 5.99
CA ASN A 324 -58.49 11.13 5.42
C ASN A 324 -58.83 12.51 5.99
N PHE A 325 -59.97 13.05 5.55
CA PHE A 325 -60.47 14.33 6.04
C PHE A 325 -61.60 14.13 7.06
N LEU A 326 -61.50 13.06 7.84
CA LEU A 326 -62.53 12.70 8.80
C LEU A 326 -62.41 13.43 10.13
N ALA A 327 -61.83 14.64 10.12
CA ALA A 327 -61.75 15.44 11.34
C ALA A 327 -63.13 15.90 11.79
N LYS A 328 -64.05 16.10 10.85
CA LYS A 328 -65.42 16.46 11.19
C LYS A 328 -66.32 15.24 11.38
N GLU A 329 -65.95 14.10 10.79
CA GLU A 329 -66.73 12.89 10.95
C GLU A 329 -66.47 12.19 12.27
N ILE A 330 -65.25 12.32 12.81
CA ILE A 330 -64.94 11.71 14.09
C ILE A 330 -65.77 12.34 15.21
N GLY A 331 -66.19 13.59 15.03
CA GLY A 331 -67.07 14.21 16.01
C GLY A 331 -68.48 13.66 15.95
N ASP A 332 -68.91 13.17 14.79
CA ASP A 332 -70.23 12.56 14.62
C ASP A 332 -70.14 11.05 14.75
N ALA A 333 -69.50 10.39 13.79
CA ALA A 333 -69.22 8.96 13.83
C ALA A 333 -70.48 8.13 14.08
N LYS A 334 -71.47 8.32 13.21
CA LYS A 334 -72.72 7.55 13.34
C LYS A 334 -72.53 6.12 12.83
N PHE A 335 -71.65 5.92 11.86
CA PHE A 335 -71.43 4.62 11.23
C PHE A 335 -70.99 3.57 12.26
N LEU A 336 -70.31 4.01 13.32
CA LEU A 336 -69.87 3.09 14.36
C LEU A 336 -71.02 2.43 15.10
N HIS A 337 -72.25 2.92 14.92
CA HIS A 337 -73.41 2.24 15.48
C HIS A 337 -73.72 0.93 14.76
N PHE A 338 -73.05 0.67 13.62
CA PHE A 338 -73.22 -0.58 12.89
C PHE A 338 -72.00 -1.48 12.99
N LEU A 339 -71.10 -1.22 13.95
CA LEU A 339 -69.87 -1.97 14.12
C LEU A 339 -69.84 -2.59 15.52
N PRO A 340 -70.54 -3.71 15.71
CA PRO A 340 -70.56 -4.34 17.04
C PRO A 340 -69.41 -5.30 17.29
N SER A 341 -68.78 -5.85 16.24
CA SER A 341 -67.71 -6.83 16.39
C SER A 341 -66.37 -6.30 15.91
N LEU A 342 -66.19 -4.98 15.92
CA LEU A 342 -64.94 -4.38 15.45
C LEU A 342 -63.84 -4.60 16.47
N ILE A 343 -62.65 -4.94 15.98
CA ILE A 343 -61.48 -5.15 16.82
C ILE A 343 -60.50 -3.99 16.73
N GLN A 344 -60.12 -3.61 15.52
CA GLN A 344 -59.18 -2.53 15.28
C GLN A 344 -59.86 -1.38 14.56
N LEU A 345 -59.46 -0.16 14.92
CA LEU A 345 -60.02 1.05 14.30
C LEU A 345 -58.89 2.06 14.17
N ASP A 346 -58.35 2.18 12.96
CA ASP A 346 -57.24 3.10 12.67
C ASP A 346 -57.80 4.39 12.10
N LEU A 347 -57.71 5.47 12.87
CA LEU A 347 -58.16 6.79 12.46
C LEU A 347 -57.01 7.79 12.56
N SER A 348 -55.83 7.39 12.08
CA SER A 348 -54.63 8.19 12.24
C SER A 348 -54.49 9.21 11.11
N PHE A 349 -53.92 10.36 11.44
CA PHE A 349 -53.60 11.41 10.48
C PHE A 349 -54.85 11.89 9.72
N ASN A 350 -55.83 12.34 10.50
CA ASN A 350 -57.05 12.90 9.95
C ASN A 350 -57.16 14.41 10.21
N PHE A 351 -56.06 15.06 10.57
CA PHE A 351 -56.08 16.48 10.86
C PHE A 351 -56.28 17.30 9.58
N GLU A 352 -56.84 18.49 9.75
CA GLU A 352 -56.97 19.45 8.67
C GLU A 352 -55.84 20.47 8.75
N LEU A 353 -55.47 21.01 7.59
CA LEU A 353 -54.27 21.84 7.50
C LEU A 353 -54.47 23.19 8.18
N GLN A 354 -53.44 23.64 8.89
CA GLN A 354 -53.39 24.97 9.50
C GLN A 354 -54.53 25.19 10.49
N VAL A 355 -54.85 24.16 11.27
CA VAL A 355 -55.85 24.24 12.33
C VAL A 355 -55.30 23.51 13.54
N TYR A 356 -55.03 24.25 14.61
CA TYR A 356 -54.54 23.68 15.87
C TYR A 356 -55.70 23.75 16.88
N ARG A 357 -56.44 22.65 16.96
CA ARG A 357 -57.60 22.60 17.85
C ARG A 357 -57.17 22.67 19.31
N ALA A 358 -58.06 23.20 20.15
CA ALA A 358 -57.79 23.29 21.57
C ALA A 358 -58.14 22.01 22.33
N SER A 359 -58.96 21.14 21.75
CA SER A 359 -59.33 19.89 22.38
C SER A 359 -59.74 18.89 21.31
N MET A 360 -59.74 17.61 21.69
CA MET A 360 -60.13 16.52 20.81
C MET A 360 -61.59 16.18 21.03
N ASN A 361 -62.35 16.11 19.94
CA ASN A 361 -63.80 15.90 19.98
C ASN A 361 -64.11 14.46 19.60
N LEU A 362 -64.51 13.66 20.58
CA LEU A 362 -64.94 12.30 20.35
C LEU A 362 -66.45 12.19 20.52
N SER A 363 -67.08 11.36 19.70
CA SER A 363 -68.51 11.17 19.78
C SER A 363 -68.87 10.10 20.81
N GLN A 364 -70.12 10.15 21.26
CA GLN A 364 -70.60 9.15 22.22
C GLN A 364 -70.73 7.77 21.59
N ALA A 365 -70.91 7.70 20.27
CA ALA A 365 -70.98 6.42 19.58
C ALA A 365 -69.73 5.58 19.75
N PHE A 366 -68.64 6.18 20.22
CA PHE A 366 -67.43 5.43 20.57
C PHE A 366 -67.68 4.38 21.65
N SER A 367 -68.80 4.46 22.36
CA SER A 367 -69.18 3.47 23.35
C SER A 367 -69.97 2.31 22.75
N SER A 368 -70.15 2.28 21.43
CA SER A 368 -70.92 1.24 20.77
C SER A 368 -70.04 0.14 20.18
N LEU A 369 -68.72 0.28 20.25
CA LEU A 369 -67.80 -0.73 19.72
C LEU A 369 -67.39 -1.68 20.84
N LYS A 370 -68.33 -2.57 21.19
CA LYS A 370 -68.22 -3.45 22.35
C LYS A 370 -66.90 -4.22 22.39
N SER A 371 -66.48 -4.78 21.25
CA SER A 371 -65.28 -5.61 21.20
C SER A 371 -64.05 -4.85 20.71
N LEU A 372 -64.02 -3.53 20.89
CA LEU A 372 -62.87 -2.74 20.45
C LEU A 372 -61.65 -3.06 21.30
N LYS A 373 -60.54 -3.35 20.64
CA LYS A 373 -59.28 -3.66 21.33
C LYS A 373 -58.19 -2.64 21.04
N ILE A 374 -57.92 -2.36 19.77
CA ILE A 374 -56.87 -1.43 19.37
C ILE A 374 -57.51 -0.19 18.77
N LEU A 375 -57.17 0.97 19.31
CA LEU A 375 -57.71 2.25 18.84
C LEU A 375 -56.56 3.25 18.80
N ARG A 376 -56.16 3.63 17.59
CA ARG A 376 -55.07 4.58 17.39
C ARG A 376 -55.63 5.86 16.77
N ILE A 377 -55.56 6.96 17.52
CA ILE A 377 -56.00 8.26 17.03
C ILE A 377 -54.78 9.15 16.86
N ARG A 378 -53.83 8.71 16.03
CA ARG A 378 -52.66 9.52 15.75
C ARG A 378 -52.99 10.61 14.73
N GLY A 379 -52.06 11.54 14.57
CA GLY A 379 -52.23 12.62 13.62
C GLY A 379 -53.45 13.49 13.87
N TYR A 380 -54.07 13.36 15.03
CA TYR A 380 -55.20 14.20 15.43
C TYR A 380 -54.69 15.37 16.27
N VAL A 381 -54.05 16.34 15.63
CA VAL A 381 -53.36 17.42 16.32
C VAL A 381 -54.34 18.28 17.11
N PHE A 382 -54.10 18.38 18.42
CA PHE A 382 -54.89 19.26 19.28
C PHE A 382 -54.01 19.67 20.45
N LYS A 383 -54.55 20.54 21.31
CA LYS A 383 -53.76 21.16 22.37
C LYS A 383 -53.90 20.42 23.70
N GLU A 384 -55.08 20.48 24.32
CA GLU A 384 -55.29 19.97 25.66
C GLU A 384 -56.14 18.72 25.62
N LEU A 385 -55.70 17.68 26.33
CA LEU A 385 -56.45 16.43 26.47
C LEU A 385 -57.03 16.42 27.88
N LYS A 386 -58.32 16.68 27.99
CA LYS A 386 -59.00 16.71 29.29
C LYS A 386 -59.43 15.31 29.71
N SER A 387 -59.79 15.19 30.99
CA SER A 387 -60.21 13.90 31.53
C SER A 387 -61.53 13.44 30.91
N PHE A 388 -62.51 14.34 30.82
CA PHE A 388 -63.81 13.99 30.27
C PHE A 388 -63.80 13.86 28.75
N ASN A 389 -62.68 14.15 28.09
CA ASN A 389 -62.59 13.95 26.65
C ASN A 389 -62.57 12.47 26.28
N LEU A 390 -62.12 11.60 27.19
CA LEU A 390 -62.12 10.16 26.98
C LEU A 390 -63.29 9.48 27.70
N SER A 391 -64.39 10.21 27.89
CA SER A 391 -65.54 9.63 28.59
C SER A 391 -66.17 8.45 27.84
N PRO A 392 -66.38 8.48 26.53
CA PRO A 392 -66.95 7.29 25.86
C PRO A 392 -66.06 6.06 25.95
N LEU A 393 -64.77 6.24 26.24
CA LEU A 393 -63.83 5.12 26.36
C LEU A 393 -63.72 4.60 27.78
N HIS A 394 -64.58 5.04 28.70
CA HIS A 394 -64.49 4.64 30.10
C HIS A 394 -65.22 3.33 30.39
N ASN A 395 -65.90 2.74 29.41
CA ASN A 395 -66.63 1.50 29.62
C ASN A 395 -66.20 0.40 28.66
N LEU A 396 -65.14 0.60 27.89
CA LEU A 396 -64.66 -0.39 26.94
C LEU A 396 -63.87 -1.45 27.71
N GLN A 397 -64.52 -2.60 27.95
CA GLN A 397 -63.86 -3.65 28.74
C GLN A 397 -62.75 -4.33 27.95
N ASN A 398 -62.91 -4.50 26.65
CA ASN A 398 -61.93 -5.18 25.82
C ASN A 398 -60.87 -4.25 25.26
N LEU A 399 -60.90 -2.96 25.62
CA LEU A 399 -59.92 -2.01 25.10
C LEU A 399 -58.56 -2.25 25.76
N GLU A 400 -57.55 -2.49 24.93
CA GLU A 400 -56.19 -2.73 25.41
C GLU A 400 -55.18 -1.73 24.88
N VAL A 401 -55.40 -1.18 23.69
CA VAL A 401 -54.47 -0.26 23.06
C VAL A 401 -55.14 1.11 22.94
N LEU A 402 -54.46 2.15 23.42
CA LEU A 402 -54.92 3.53 23.33
C LEU A 402 -53.74 4.38 22.86
N ASP A 403 -53.62 4.53 21.54
CA ASP A 403 -52.54 5.30 20.93
C ASP A 403 -53.03 6.71 20.66
N LEU A 404 -52.36 7.69 21.25
CA LEU A 404 -52.70 9.10 21.10
C LEU A 404 -51.45 9.93 20.82
N GLY A 405 -50.54 9.38 20.02
CA GLY A 405 -49.30 10.07 19.71
C GLY A 405 -49.39 10.92 18.46
N THR A 406 -48.32 11.69 18.22
CA THR A 406 -48.23 12.59 17.08
C THR A 406 -49.42 13.54 17.01
N ASN A 407 -49.82 14.07 18.16
CA ASN A 407 -50.93 15.00 18.26
C ASN A 407 -50.53 16.36 18.82
N PHE A 408 -49.27 16.54 19.21
CA PHE A 408 -48.77 17.81 19.74
C PHE A 408 -49.57 18.26 20.95
N ILE A 409 -49.94 17.30 21.80
CA ILE A 409 -50.66 17.63 23.04
C ILE A 409 -49.72 18.35 23.99
N LYS A 410 -50.19 19.45 24.56
CA LYS A 410 -49.38 20.28 25.44
C LYS A 410 -49.71 20.06 26.92
N ILE A 411 -50.97 20.19 27.30
CA ILE A 411 -51.39 20.03 28.70
C ILE A 411 -52.20 18.74 28.80
N ALA A 412 -51.77 17.83 29.67
CA ALA A 412 -52.45 16.56 29.87
C ALA A 412 -52.22 16.10 31.29
N ASN A 413 -53.26 16.13 32.11
CA ASN A 413 -53.19 15.66 33.49
C ASN A 413 -53.04 14.14 33.46
N LEU A 414 -51.93 13.63 33.99
CA LEU A 414 -51.70 12.18 33.96
C LEU A 414 -52.66 11.44 34.88
N SER A 415 -53.08 12.08 35.98
CA SER A 415 -53.93 11.41 36.96
C SER A 415 -55.23 10.90 36.36
N MET A 416 -55.73 11.53 35.30
CA MET A 416 -56.96 11.06 34.66
C MET A 416 -56.84 9.63 34.17
N PHE A 417 -55.63 9.13 33.99
CA PHE A 417 -55.42 7.74 33.56
C PHE A 417 -55.62 6.74 34.69
N LYS A 418 -56.09 7.20 35.86
CA LYS A 418 -56.40 6.26 36.94
C LYS A 418 -57.66 5.45 36.65
N GLN A 419 -58.42 5.81 35.62
CA GLN A 419 -59.60 5.05 35.22
C GLN A 419 -59.30 3.97 34.19
N PHE A 420 -58.21 4.12 33.43
CA PHE A 420 -57.83 3.14 32.42
C PHE A 420 -56.85 2.12 33.02
N LYS A 421 -57.32 1.44 34.07
CA LYS A 421 -56.48 0.46 34.74
C LYS A 421 -56.53 -0.89 34.03
N ARG A 422 -57.65 -1.20 33.37
CA ARG A 422 -57.77 -2.45 32.63
C ARG A 422 -57.03 -2.41 31.30
N LEU A 423 -56.53 -1.24 30.90
CA LEU A 423 -55.84 -1.11 29.62
C LEU A 423 -54.50 -1.86 29.66
N LYS A 424 -53.90 -2.00 28.49
CA LYS A 424 -52.59 -2.65 28.36
C LYS A 424 -51.47 -1.68 28.04
N VAL A 425 -51.68 -0.76 27.10
CA VAL A 425 -50.68 0.24 26.73
C VAL A 425 -51.35 1.61 26.73
N ILE A 426 -50.61 2.62 27.14
CA ILE A 426 -51.06 4.01 27.15
C ILE A 426 -49.99 4.82 26.42
N ASP A 427 -50.21 5.05 25.13
CA ASP A 427 -49.19 5.65 24.27
C ASP A 427 -49.39 7.17 24.24
N LEU A 428 -48.45 7.90 24.85
CA LEU A 428 -48.36 9.35 24.80
C LEU A 428 -46.96 9.75 24.34
N SER A 429 -46.71 9.68 23.04
CA SER A 429 -45.35 9.75 22.53
C SER A 429 -44.88 11.18 22.27
N VAL A 430 -44.68 11.53 21.01
CA VAL A 430 -43.93 12.73 20.63
C VAL A 430 -44.73 14.00 20.85
N ASN A 431 -45.81 13.91 21.63
CA ASN A 431 -46.56 15.10 22.00
C ASN A 431 -45.78 15.90 23.04
N LYS A 432 -45.98 17.22 23.08
CA LYS A 432 -45.22 18.10 23.95
C LYS A 432 -45.87 18.24 25.33
N ILE A 433 -46.03 17.12 26.04
CA ILE A 433 -46.61 17.17 27.37
C ILE A 433 -45.60 17.75 28.35
N SER A 434 -46.07 18.68 29.17
CA SER A 434 -45.22 19.36 30.14
C SER A 434 -45.82 19.24 31.54
N PRO A 435 -44.97 19.09 32.57
CA PRO A 435 -45.43 19.00 33.97
C PRO A 435 -46.21 20.23 34.42
N LYS A 470 -50.69 -10.39 3.12
CA LYS A 470 -49.88 -10.33 1.90
C LYS A 470 -48.43 -10.70 2.19
N TYR A 471 -48.14 -12.00 2.23
CA TYR A 471 -46.78 -12.48 2.46
C TYR A 471 -45.93 -12.19 1.24
N ALA A 472 -44.98 -11.26 1.39
CA ALA A 472 -44.07 -10.91 0.29
C ALA A 472 -42.80 -10.35 0.92
N ARG A 473 -41.76 -11.17 0.99
CA ARG A 473 -40.47 -10.74 1.52
C ARG A 473 -39.77 -9.85 0.51
N SER A 474 -39.20 -8.75 0.98
CA SER A 474 -38.52 -7.81 0.10
C SER A 474 -37.32 -8.46 -0.57
N CYS A 475 -37.06 -8.06 -1.81
CA CYS A 475 -35.96 -8.62 -2.59
C CYS A 475 -34.61 -8.13 -2.06
N SER A 490 -39.20 -4.47 24.79
CA SER A 490 -40.19 -3.52 25.32
C SER A 490 -40.78 -4.03 26.62
N CYS A 491 -41.72 -3.26 27.18
CA CYS A 491 -42.37 -3.64 28.43
C CYS A 491 -43.83 -4.06 28.25
N TYR A 492 -44.23 -4.40 27.03
CA TYR A 492 -45.59 -4.91 26.81
C TYR A 492 -45.79 -6.26 27.46
N LYS A 493 -44.71 -6.98 27.77
CA LYS A 493 -44.79 -8.27 28.45
C LYS A 493 -44.89 -8.15 29.96
N TYR A 494 -44.78 -6.93 30.50
CA TYR A 494 -44.82 -6.72 31.95
C TYR A 494 -46.19 -6.28 32.45
N GLY A 495 -47.03 -5.72 31.58
CA GLY A 495 -48.35 -5.28 31.99
C GLY A 495 -48.70 -3.89 31.51
N GLN A 496 -49.33 -3.10 32.38
CA GLN A 496 -49.70 -1.74 32.04
C GLN A 496 -48.46 -0.88 31.86
N THR A 497 -48.44 -0.07 30.80
CA THR A 497 -47.32 0.80 30.49
C THR A 497 -47.82 2.19 30.16
N LEU A 498 -47.00 3.20 30.47
CA LEU A 498 -47.30 4.59 30.15
C LEU A 498 -46.12 5.12 29.33
N ASP A 499 -46.25 5.09 28.01
CA ASP A 499 -45.17 5.49 27.12
C ASP A 499 -45.18 7.01 27.00
N LEU A 500 -44.33 7.66 27.81
CA LEU A 500 -44.16 9.11 27.76
C LEU A 500 -42.86 9.50 27.08
N SER A 501 -42.52 8.83 25.98
CA SER A 501 -41.25 9.07 25.30
C SER A 501 -41.33 10.31 24.42
N LYS A 502 -40.23 11.07 24.40
CA LYS A 502 -40.06 12.23 23.51
C LYS A 502 -41.12 13.31 23.75
N ASN A 503 -41.41 13.59 25.02
CA ASN A 503 -42.30 14.70 25.36
C ASN A 503 -41.46 15.92 25.75
N SER A 504 -42.03 16.77 26.61
CA SER A 504 -41.37 18.00 27.04
C SER A 504 -41.27 18.11 28.56
N ILE A 505 -41.10 16.97 29.23
CA ILE A 505 -40.88 16.96 30.67
C ILE A 505 -39.40 17.23 30.94
N PHE A 506 -39.12 18.29 31.69
CA PHE A 506 -37.75 18.64 32.06
C PHE A 506 -37.48 18.45 33.54
N PHE A 507 -38.48 18.07 34.33
CA PHE A 507 -38.31 17.78 35.75
C PHE A 507 -39.46 16.90 36.22
N VAL A 508 -39.14 15.99 37.13
CA VAL A 508 -40.08 14.98 37.60
C VAL A 508 -40.55 15.34 39.00
N LYS A 509 -41.85 15.31 39.22
CA LYS A 509 -42.45 15.53 40.52
C LYS A 509 -43.23 14.29 40.97
N SER A 510 -43.44 14.20 42.28
CA SER A 510 -44.18 13.06 42.83
C SER A 510 -45.68 13.21 42.65
N SER A 511 -46.20 14.44 42.65
CA SER A 511 -47.63 14.66 42.48
C SER A 511 -48.09 14.42 41.04
N ASP A 512 -47.16 14.44 40.08
CA ASP A 512 -47.55 14.23 38.68
C ASP A 512 -47.93 12.78 38.42
N PHE A 513 -47.19 11.83 39.01
CA PHE A 513 -47.45 10.42 38.83
C PHE A 513 -48.35 9.84 39.91
N GLN A 514 -49.17 10.67 40.56
CA GLN A 514 -50.09 10.18 41.56
C GLN A 514 -51.22 9.39 40.90
N HIS A 515 -51.84 8.51 41.69
CA HIS A 515 -52.91 7.61 41.23
C HIS A 515 -52.46 6.72 40.09
N LEU A 516 -51.15 6.44 39.99
CA LEU A 516 -50.62 5.62 38.93
C LEU A 516 -49.83 4.44 39.50
N SER A 517 -50.38 3.80 40.52
CA SER A 517 -49.69 2.67 41.15
C SER A 517 -49.77 1.40 40.32
N PHE A 518 -50.82 1.26 39.50
CA PHE A 518 -51.00 0.06 38.69
C PHE A 518 -50.06 0.00 37.50
N LEU A 519 -49.22 1.01 37.29
CA LEU A 519 -48.33 1.03 36.13
C LEU A 519 -47.17 0.07 36.35
N LYS A 520 -47.03 -0.89 35.43
CA LYS A 520 -45.91 -1.83 35.46
C LYS A 520 -44.72 -1.36 34.64
N CYS A 521 -44.90 -0.35 33.79
CA CYS A 521 -43.82 0.18 32.97
C CYS A 521 -44.00 1.69 32.83
N LEU A 522 -42.89 2.37 32.50
CA LEU A 522 -42.90 3.82 32.38
C LEU A 522 -41.74 4.23 31.49
N ASN A 523 -42.06 4.88 30.36
CA ASN A 523 -41.06 5.25 29.36
C ASN A 523 -40.83 6.76 29.43
N LEU A 524 -39.62 7.15 29.81
CA LEU A 524 -39.21 8.55 29.85
C LEU A 524 -38.07 8.83 28.87
N SER A 525 -38.00 8.07 27.78
CA SER A 525 -36.90 8.19 26.84
C SER A 525 -37.08 9.40 25.94
N GLY A 526 -35.99 10.16 25.75
CA GLY A 526 -36.00 11.30 24.86
C GLY A 526 -36.59 12.57 25.44
N ASN A 527 -36.84 12.62 26.74
CA ASN A 527 -37.42 13.81 27.35
C ASN A 527 -36.39 14.82 27.83
N LEU A 528 -35.12 14.42 27.94
CA LEU A 528 -34.03 15.31 28.32
C LEU A 528 -34.30 15.97 29.68
N ILE A 529 -34.44 15.13 30.70
CA ILE A 529 -34.72 15.57 32.06
C ILE A 529 -33.40 15.78 32.78
N SER A 530 -33.14 17.02 33.20
CA SER A 530 -31.94 17.36 33.96
C SER A 530 -32.33 17.47 35.43
N GLN A 531 -32.07 16.41 36.19
CA GLN A 531 -32.46 16.36 37.59
C GLN A 531 -31.64 15.29 38.30
N THR A 532 -31.27 15.58 39.54
CA THR A 532 -30.58 14.62 40.40
C THR A 532 -31.61 13.99 41.34
N LEU A 533 -31.74 12.66 41.24
CA LEU A 533 -32.75 11.94 42.02
C LEU A 533 -32.21 11.63 43.41
N ASN A 534 -33.01 11.93 44.43
CA ASN A 534 -32.65 11.67 45.82
C ASN A 534 -33.53 10.61 46.46
N GLY A 535 -34.40 9.97 45.69
CA GLY A 535 -35.27 8.94 46.19
C GLY A 535 -36.66 9.39 46.59
N SER A 536 -37.19 10.45 45.96
CA SER A 536 -38.53 10.93 46.30
C SER A 536 -39.33 11.35 45.07
N GLU A 537 -38.86 11.05 43.86
CA GLU A 537 -39.56 11.48 42.65
C GLU A 537 -40.66 10.49 42.27
N PHE A 538 -40.28 9.23 42.05
CA PHE A 538 -41.24 8.19 41.65
C PHE A 538 -41.83 7.48 42.86
N GLN A 539 -42.38 8.25 43.80
CA GLN A 539 -42.91 7.66 45.03
C GLN A 539 -44.22 6.91 44.80
N PRO A 540 -45.24 7.46 44.12
CA PRO A 540 -46.49 6.71 43.95
C PRO A 540 -46.34 5.46 43.09
N LEU A 541 -45.21 5.27 42.41
CA LEU A 541 -44.99 4.09 41.57
C LEU A 541 -44.50 2.95 42.45
N ALA A 542 -45.45 2.27 43.08
CA ALA A 542 -45.11 1.16 43.97
C ALA A 542 -44.95 -0.15 43.21
N GLU A 543 -45.82 -0.39 42.23
CA GLU A 543 -45.80 -1.63 41.47
C GLU A 543 -45.05 -1.51 40.15
N LEU A 544 -44.19 -0.51 40.00
CA LEU A 544 -43.45 -0.34 38.77
C LEU A 544 -42.38 -1.42 38.64
N ARG A 545 -42.28 -2.01 37.45
CA ARG A 545 -41.30 -3.06 37.19
C ARG A 545 -40.35 -2.72 36.05
N TYR A 546 -40.66 -1.75 35.20
CA TYR A 546 -39.82 -1.39 34.07
C TYR A 546 -39.73 0.12 34.00
N LEU A 547 -38.51 0.65 33.87
CA LEU A 547 -38.28 2.08 33.82
C LEU A 547 -37.35 2.40 32.66
N ASP A 548 -37.81 3.23 31.74
CA ASP A 548 -37.02 3.69 30.60
C ASP A 548 -36.66 5.15 30.83
N PHE A 549 -35.37 5.43 30.98
CA PHE A 549 -34.86 6.77 31.20
C PHE A 549 -33.73 7.08 30.23
N SER A 550 -33.92 6.72 28.97
CA SER A 550 -32.90 6.96 27.96
C SER A 550 -32.97 8.40 27.44
N ASN A 551 -31.86 8.85 26.86
CA ASN A 551 -31.75 10.16 26.24
C ASN A 551 -32.18 11.27 27.20
N ASN A 552 -31.59 11.26 28.39
CA ASN A 552 -31.86 12.25 29.41
C ASN A 552 -30.53 12.68 30.02
N ARG A 553 -30.60 13.52 31.06
CA ARG A 553 -29.41 14.02 31.76
C ARG A 553 -29.61 13.79 33.25
N LEU A 554 -29.26 12.60 33.72
CA LEU A 554 -29.35 12.29 35.14
C LEU A 554 -28.03 12.56 35.83
N ASP A 555 -28.10 13.19 37.00
CA ASP A 555 -26.92 13.55 37.78
C ASP A 555 -26.89 12.63 38.99
N LEU A 556 -25.96 11.68 38.99
CA LEU A 556 -25.89 10.65 40.04
C LEU A 556 -25.09 11.18 41.21
N LEU A 557 -25.80 11.81 42.16
CA LEU A 557 -25.19 12.36 43.36
C LEU A 557 -25.43 11.52 44.60
N HIS A 558 -26.58 10.83 44.69
CA HIS A 558 -26.95 10.08 45.87
C HIS A 558 -27.11 8.60 45.52
N SER A 559 -26.68 7.74 46.44
CA SER A 559 -26.88 6.30 46.26
C SER A 559 -28.33 5.87 46.46
N THR A 560 -29.17 6.75 46.99
CA THR A 560 -30.58 6.47 47.21
C THR A 560 -31.44 6.75 45.98
N ALA A 561 -30.84 6.80 44.80
CA ALA A 561 -31.60 6.99 43.58
C ALA A 561 -32.41 5.73 43.26
N PHE A 562 -33.67 5.93 42.88
CA PHE A 562 -34.60 4.84 42.59
C PHE A 562 -34.77 3.90 43.80
N GLU A 563 -34.58 4.44 45.01
CA GLU A 563 -34.69 3.62 46.20
C GLU A 563 -36.14 3.23 46.48
N GLU A 564 -37.07 4.17 46.26
CA GLU A 564 -38.48 3.90 46.49
C GLU A 564 -39.07 2.93 45.47
N LEU A 565 -38.30 2.51 44.46
CA LEU A 565 -38.75 1.51 43.49
C LEU A 565 -38.43 0.12 44.03
N HIS A 566 -39.26 -0.31 44.98
CA HIS A 566 -39.01 -1.58 45.66
C HIS A 566 -39.27 -2.76 44.74
N LYS A 567 -40.28 -2.65 43.86
CA LYS A 567 -40.66 -3.72 42.96
C LYS A 567 -40.09 -3.54 41.56
N LEU A 568 -39.08 -2.70 41.39
CA LEU A 568 -38.52 -2.46 40.07
C LEU A 568 -37.56 -3.59 39.69
N GLU A 569 -37.78 -4.18 38.52
CA GLU A 569 -36.98 -5.29 38.02
C GLU A 569 -35.99 -4.88 36.95
N VAL A 570 -36.38 -3.98 36.05
CA VAL A 570 -35.52 -3.54 34.95
C VAL A 570 -35.43 -2.02 34.99
N LEU A 571 -34.22 -1.50 34.85
CA LEU A 571 -33.96 -0.06 34.83
C LEU A 571 -33.11 0.28 33.62
N ASP A 572 -33.52 1.30 32.88
CA ASP A 572 -32.79 1.78 31.70
C ASP A 572 -32.31 3.19 31.99
N ILE A 573 -31.00 3.36 32.14
CA ILE A 573 -30.41 4.66 32.42
C ILE A 573 -29.40 4.97 31.32
N SER A 574 -29.60 4.36 30.16
CA SER A 574 -28.67 4.51 29.05
C SER A 574 -28.79 5.89 28.41
N SER A 575 -27.79 6.24 27.61
CA SER A 575 -27.76 7.47 26.81
C SER A 575 -27.96 8.70 27.69
N ASN A 576 -27.20 8.78 28.78
CA ASN A 576 -27.19 9.94 29.67
C ASN A 576 -25.77 10.44 29.89
N SER A 577 -25.02 10.59 28.79
CA SER A 577 -23.59 10.90 28.86
C SER A 577 -23.31 12.32 29.34
N HIS A 578 -24.32 13.18 29.44
CA HIS A 578 -24.07 14.58 29.75
C HIS A 578 -23.38 14.74 31.10
N TYR A 579 -24.07 14.39 32.19
CA TYR A 579 -23.51 14.57 33.52
C TYR A 579 -22.41 13.56 33.84
N PHE A 580 -22.40 12.40 33.19
CA PHE A 580 -21.34 11.43 33.42
C PHE A 580 -20.05 11.79 32.71
N GLN A 581 -20.12 12.67 31.70
CA GLN A 581 -18.90 13.11 31.03
C GLN A 581 -18.14 14.12 31.85
N SER A 582 -18.84 14.89 32.70
CA SER A 582 -18.17 15.89 33.52
C SER A 582 -17.25 15.22 34.54
N GLU A 583 -16.13 15.88 34.82
CA GLU A 583 -15.13 15.38 35.75
C GLU A 583 -15.09 16.25 36.98
N GLY A 584 -14.99 15.63 38.16
CA GLY A 584 -14.96 16.32 39.43
C GLY A 584 -16.18 16.06 40.29
N ILE A 585 -17.35 15.89 39.68
CA ILE A 585 -18.56 15.64 40.43
C ILE A 585 -18.63 14.16 40.82
N THR A 586 -19.42 13.88 41.85
CA THR A 586 -19.55 12.52 42.37
C THR A 586 -20.45 11.68 41.46
N HIS A 587 -20.18 10.37 41.44
CA HIS A 587 -20.99 9.41 40.69
C HIS A 587 -21.13 8.17 41.58
N MET A 588 -22.20 8.13 42.37
CA MET A 588 -22.44 7.02 43.30
C MET A 588 -23.01 5.84 42.52
N LEU A 589 -22.10 5.08 41.90
CA LEU A 589 -22.49 3.93 41.09
C LEU A 589 -23.09 2.79 41.91
N ASN A 590 -22.95 2.81 43.24
CA ASN A 590 -23.50 1.78 44.10
C ASN A 590 -24.97 2.02 44.45
N PHE A 591 -25.70 2.70 43.57
CA PHE A 591 -27.11 2.98 43.82
C PHE A 591 -28.01 1.75 43.66
N THR A 592 -27.47 0.62 43.23
CA THR A 592 -28.25 -0.59 43.05
C THR A 592 -28.37 -1.43 44.32
N LYS A 593 -27.76 -0.98 45.42
CA LYS A 593 -27.84 -1.75 46.66
C LYS A 593 -29.24 -1.74 47.25
N ASN A 594 -29.95 -0.62 47.12
CA ASN A 594 -31.29 -0.51 47.66
C ASN A 594 -32.34 -1.18 46.78
N LEU A 595 -31.95 -1.68 45.61
CA LEU A 595 -32.87 -2.39 44.71
C LEU A 595 -32.76 -3.88 45.00
N LYS A 596 -33.80 -4.43 45.63
CA LYS A 596 -33.75 -5.82 46.10
C LYS A 596 -34.23 -6.80 45.03
N VAL A 597 -35.02 -6.35 44.06
CA VAL A 597 -35.61 -7.24 43.06
C VAL A 597 -35.17 -6.86 41.65
N LEU A 598 -34.24 -5.92 41.51
CA LEU A 598 -33.76 -5.53 40.19
C LEU A 598 -33.07 -6.70 39.50
N GLN A 599 -33.47 -6.96 38.27
CA GLN A 599 -32.92 -8.08 37.50
C GLN A 599 -32.15 -7.66 36.26
N LYS A 600 -32.43 -6.48 35.71
CA LYS A 600 -31.77 -6.00 34.50
C LYS A 600 -31.47 -4.52 34.64
N LEU A 601 -30.36 -4.09 34.04
CA LEU A 601 -29.95 -2.69 34.12
C LEU A 601 -29.25 -2.33 32.81
N MET A 602 -29.78 -1.34 32.10
CA MET A 602 -29.18 -0.82 30.88
C MET A 602 -28.57 0.54 31.15
N MET A 603 -27.25 0.65 31.02
CA MET A 603 -26.53 1.90 31.23
C MET A 603 -25.53 2.13 30.11
N ASN A 604 -26.01 1.95 28.87
CA ASN A 604 -25.15 2.05 27.70
C ASN A 604 -25.03 3.50 27.22
N ASP A 605 -23.90 3.80 26.58
CA ASP A 605 -23.65 5.12 25.99
C ASP A 605 -23.75 6.23 27.04
N ASN A 606 -22.97 6.09 28.11
CA ASN A 606 -22.92 7.07 29.17
C ASN A 606 -21.56 7.74 29.33
N ASP A 607 -20.51 7.17 28.73
CA ASP A 607 -19.16 7.74 28.80
C ASP A 607 -18.71 7.94 30.24
N ILE A 608 -19.04 6.99 31.10
CA ILE A 608 -18.69 7.07 32.51
C ILE A 608 -17.18 6.87 32.65
N SER A 609 -16.48 7.92 33.05
CA SER A 609 -15.03 7.88 33.22
C SER A 609 -14.59 7.98 34.68
N SER A 610 -15.51 8.26 35.60
CA SER A 610 -15.17 8.38 37.02
C SER A 610 -16.37 7.99 37.86
N SER A 611 -16.08 7.57 39.08
CA SER A 611 -17.13 7.16 40.01
C SER A 611 -16.56 7.20 41.42
N THR A 612 -17.22 7.93 42.33
CA THR A 612 -16.75 8.01 43.70
C THR A 612 -16.92 6.69 44.43
N SER A 613 -17.96 5.92 44.10
CA SER A 613 -18.16 4.62 44.73
C SER A 613 -17.16 3.62 44.17
N ARG A 614 -16.48 2.91 45.07
CA ARG A 614 -15.45 1.96 44.66
C ARG A 614 -16.03 0.66 44.12
N THR A 615 -17.21 0.26 44.58
CA THR A 615 -17.82 -1.00 44.17
C THR A 615 -19.30 -0.77 43.90
N MET A 616 -19.93 -1.78 43.31
CA MET A 616 -21.37 -1.81 43.08
C MET A 616 -21.98 -3.02 43.77
N GLU A 617 -23.10 -2.81 44.45
CA GLU A 617 -23.73 -3.85 45.25
C GLU A 617 -25.13 -4.14 44.72
N SER A 618 -25.45 -5.41 44.55
CA SER A 618 -26.78 -5.85 44.13
C SER A 618 -26.93 -7.35 44.34
N GLU A 619 -27.91 -7.76 45.13
CA GLU A 619 -28.12 -9.16 45.47
C GLU A 619 -29.09 -9.87 44.53
N SER A 620 -29.58 -9.19 43.49
CA SER A 620 -30.53 -9.80 42.56
C SER A 620 -30.25 -9.48 41.10
N LEU A 621 -29.36 -8.54 40.80
CA LEU A 621 -29.07 -8.20 39.42
C LEU A 621 -28.37 -9.35 38.71
N ARG A 622 -28.96 -9.83 37.62
CA ARG A 622 -28.41 -10.93 36.85
C ARG A 622 -27.79 -10.50 35.53
N THR A 623 -28.36 -9.51 34.87
CA THR A 623 -27.83 -9.00 33.60
C THR A 623 -27.48 -7.53 33.75
N LEU A 624 -26.34 -7.14 33.18
CA LEU A 624 -25.86 -5.77 33.28
C LEU A 624 -25.23 -5.37 31.95
N GLU A 625 -25.87 -4.44 31.24
CA GLU A 625 -25.35 -3.90 30.00
C GLU A 625 -24.53 -2.66 30.30
N PHE A 626 -23.21 -2.77 30.13
CA PHE A 626 -22.27 -1.74 30.53
C PHE A 626 -21.38 -1.35 29.36
N ARG A 627 -21.99 -1.13 28.20
CA ARG A 627 -21.26 -0.83 26.98
C ARG A 627 -21.29 0.66 26.66
N GLY A 628 -20.36 1.09 25.83
CA GLY A 628 -20.33 2.47 25.39
C GLY A 628 -19.85 3.47 26.42
N ASN A 629 -18.91 3.09 27.27
CA ASN A 629 -18.39 3.96 28.31
C ASN A 629 -16.88 4.13 28.14
N HIS A 630 -16.22 4.47 29.24
CA HIS A 630 -14.76 4.67 29.26
C HIS A 630 -14.19 3.90 30.45
N LEU A 631 -13.67 2.71 30.18
CA LEU A 631 -13.06 1.88 31.22
C LEU A 631 -11.55 1.90 31.19
N ASP A 632 -10.94 2.42 30.12
CA ASP A 632 -9.49 2.53 30.09
C ASP A 632 -8.96 3.52 31.12
N VAL A 633 -9.82 4.41 31.63
CA VAL A 633 -9.44 5.35 32.67
C VAL A 633 -9.82 4.83 34.05
N LEU A 634 -10.91 4.06 34.16
CA LEU A 634 -11.25 3.45 35.42
C LEU A 634 -10.36 2.25 35.73
N TRP A 635 -9.93 1.53 34.70
CA TRP A 635 -8.98 0.43 34.84
C TRP A 635 -7.59 0.84 34.34
N ARG A 636 -7.22 2.09 34.57
CA ARG A 636 -5.94 2.61 34.12
C ARG A 636 -4.78 1.92 34.84
N GLU A 637 -3.61 1.95 34.20
CA GLU A 637 -2.42 1.33 34.77
C GLU A 637 -2.09 1.96 36.12
N GLY A 638 -1.96 1.11 37.14
CA GLY A 638 -1.68 1.56 38.49
C GLY A 638 -2.88 1.97 39.31
N ASP A 639 -4.07 2.02 38.71
CA ASP A 639 -5.29 2.40 39.41
C ASP A 639 -6.03 1.12 39.80
N ASN A 640 -5.73 0.61 40.99
CA ASN A 640 -6.35 -0.61 41.50
C ASN A 640 -7.63 -0.33 42.29
N ARG A 641 -8.17 0.88 42.20
CA ARG A 641 -9.38 1.21 42.96
C ARG A 641 -10.61 0.57 42.34
N TYR A 642 -10.76 0.67 41.02
CA TYR A 642 -11.94 0.17 40.32
C TYR A 642 -11.71 -1.19 39.68
N LEU A 643 -10.83 -2.02 40.26
CA LEU A 643 -10.60 -3.35 39.72
C LEU A 643 -11.75 -4.29 40.07
N GLN A 644 -12.29 -4.17 41.28
CA GLN A 644 -13.38 -5.04 41.74
C GLN A 644 -14.71 -4.31 41.68
N LEU A 645 -15.06 -3.84 40.48
CA LEU A 645 -16.31 -3.12 40.30
C LEU A 645 -17.50 -4.07 40.32
N PHE A 646 -17.42 -5.16 39.56
CA PHE A 646 -18.50 -6.13 39.46
C PHE A 646 -18.34 -7.31 40.40
N LYS A 647 -17.46 -7.21 41.40
CA LYS A 647 -17.20 -8.34 42.29
C LYS A 647 -18.40 -8.60 43.20
N ASN A 648 -18.94 -7.56 43.82
CA ASN A 648 -20.07 -7.72 44.74
C ASN A 648 -21.37 -8.08 44.02
N LEU A 649 -21.38 -8.10 42.69
CA LEU A 649 -22.54 -8.55 41.92
C LEU A 649 -22.59 -10.07 42.02
N LEU A 650 -23.23 -10.55 43.09
CA LEU A 650 -23.20 -11.98 43.40
C LEU A 650 -23.96 -12.80 42.36
N LYS A 651 -25.15 -12.35 41.98
CA LYS A 651 -26.00 -13.10 41.06
C LYS A 651 -25.91 -12.61 39.62
N LEU A 652 -24.89 -11.83 39.30
CA LEU A 652 -24.72 -11.36 37.93
C LEU A 652 -24.33 -12.51 37.02
N GLU A 653 -25.09 -12.69 35.94
CA GLU A 653 -24.85 -13.77 35.00
C GLU A 653 -24.64 -13.30 33.56
N GLU A 654 -24.85 -12.03 33.25
CA GLU A 654 -24.68 -11.51 31.90
C GLU A 654 -24.09 -10.11 32.00
N LEU A 655 -22.81 -9.98 31.66
CA LEU A 655 -22.12 -8.70 31.67
C LEU A 655 -21.83 -8.26 30.24
N ASP A 656 -22.35 -7.08 29.87
CA ASP A 656 -22.17 -6.57 28.52
C ASP A 656 -21.29 -5.32 28.52
N ILE A 657 -20.05 -5.46 28.98
CA ILE A 657 -19.11 -4.35 29.01
C ILE A 657 -18.32 -4.34 27.71
N SER A 658 -18.73 -3.51 26.76
CA SER A 658 -18.12 -3.47 25.45
C SER A 658 -18.07 -2.03 24.95
N LYS A 659 -17.47 -1.85 23.77
CA LYS A 659 -17.37 -0.53 23.12
C LYS A 659 -16.83 0.54 24.06
N ASN A 660 -15.96 0.15 24.99
CA ASN A 660 -15.41 1.05 26.00
C ASN A 660 -13.96 1.43 25.71
N SER A 661 -13.49 1.19 24.49
CA SER A 661 -12.12 1.52 24.08
C SER A 661 -11.07 0.87 24.97
N LEU A 662 -11.36 -0.33 25.46
CA LEU A 662 -10.42 -1.07 26.30
C LEU A 662 -9.27 -1.59 25.44
N SER A 663 -8.08 -1.03 25.62
CA SER A 663 -6.92 -1.42 24.83
C SER A 663 -6.18 -2.62 25.42
N PHE A 664 -6.16 -2.75 26.75
CA PHE A 664 -5.48 -3.86 27.39
C PHE A 664 -6.20 -4.20 28.69
N LEU A 665 -6.16 -5.47 29.08
CA LEU A 665 -6.83 -5.93 30.28
C LEU A 665 -5.89 -5.86 31.46
N PRO A 666 -6.20 -5.10 32.51
CA PRO A 666 -5.35 -5.08 33.71
C PRO A 666 -5.48 -6.39 34.47
N SER A 667 -4.34 -7.01 34.76
CA SER A 667 -4.34 -8.29 35.47
C SER A 667 -4.84 -8.11 36.90
N GLY A 668 -5.99 -8.69 37.20
CA GLY A 668 -6.56 -8.58 38.52
C GLY A 668 -8.06 -8.34 38.51
N VAL A 669 -8.57 -7.87 37.37
CA VAL A 669 -10.00 -7.59 37.27
C VAL A 669 -10.80 -8.90 37.20
N PHE A 670 -10.24 -9.94 36.60
CA PHE A 670 -10.93 -11.23 36.56
C PHE A 670 -11.06 -11.84 37.95
N ASP A 671 -10.15 -11.49 38.87
CA ASP A 671 -10.30 -11.89 40.25
C ASP A 671 -11.42 -11.13 40.95
N GLY A 672 -11.80 -9.97 40.43
CA GLY A 672 -12.89 -9.19 40.98
C GLY A 672 -14.12 -9.26 40.11
N MET A 673 -14.34 -10.41 39.47
CA MET A 673 -15.48 -10.66 38.61
C MET A 673 -16.56 -11.42 39.37
N PRO A 674 -17.82 -11.32 38.95
CA PRO A 674 -18.89 -12.06 39.60
C PRO A 674 -18.66 -13.55 39.54
N PRO A 675 -18.95 -14.29 40.62
CA PRO A 675 -18.71 -15.74 40.59
C PRO A 675 -19.68 -16.48 39.69
N ASN A 676 -20.94 -16.05 39.64
CA ASN A 676 -21.96 -16.66 38.79
C ASN A 676 -22.02 -16.06 37.39
N LEU A 677 -20.94 -15.43 36.94
CA LEU A 677 -20.92 -14.83 35.61
C LEU A 677 -21.00 -15.90 34.54
N LYS A 678 -21.93 -15.73 33.61
CA LYS A 678 -22.12 -16.68 32.52
C LYS A 678 -21.99 -16.05 31.13
N ASN A 679 -22.33 -14.78 30.97
CA ASN A 679 -22.29 -14.10 29.68
C ASN A 679 -21.39 -12.88 29.79
N LEU A 680 -20.20 -12.98 29.21
CA LEU A 680 -19.25 -11.86 29.14
C LEU A 680 -19.01 -11.49 27.69
N SER A 681 -19.20 -10.22 27.36
CA SER A 681 -19.03 -9.73 26.00
C SER A 681 -18.03 -8.58 26.01
N LEU A 682 -17.07 -8.63 25.10
CA LEU A 682 -16.02 -7.63 24.97
C LEU A 682 -15.89 -7.18 23.52
N ALA A 683 -17.03 -6.87 22.90
CA ALA A 683 -17.08 -6.57 21.47
C ALA A 683 -16.73 -5.12 21.19
N LYS A 684 -16.04 -4.90 20.07
CA LYS A 684 -15.74 -3.55 19.57
C LYS A 684 -14.98 -2.72 20.60
N ASN A 685 -14.04 -3.36 21.30
CA ASN A 685 -13.24 -2.67 22.31
C ASN A 685 -11.92 -2.18 21.74
N GLY A 686 -11.03 -3.10 21.40
CA GLY A 686 -9.71 -2.76 20.92
C GLY A 686 -8.62 -3.47 21.69
N LEU A 687 -8.92 -4.68 22.16
CA LEU A 687 -7.96 -5.46 22.93
C LEU A 687 -6.77 -5.83 22.06
N LYS A 688 -5.59 -5.34 22.44
CA LYS A 688 -4.36 -5.67 21.74
C LYS A 688 -3.77 -7.01 22.18
N SER A 689 -4.00 -7.40 23.44
CA SER A 689 -3.51 -8.68 23.95
C SER A 689 -4.43 -9.10 25.09
N PHE A 690 -5.30 -10.06 24.82
CA PHE A 690 -6.25 -10.56 25.81
C PHE A 690 -5.66 -11.79 26.48
N SER A 691 -5.50 -11.73 27.80
CA SER A 691 -4.98 -12.86 28.55
C SER A 691 -6.00 -13.99 28.57
N TRP A 692 -5.50 -15.23 28.48
CA TRP A 692 -6.33 -16.41 28.47
C TRP A 692 -6.17 -17.30 29.69
N LYS A 693 -4.98 -17.30 30.31
CA LYS A 693 -4.77 -18.11 31.51
C LYS A 693 -5.56 -17.58 32.70
N LYS A 694 -6.01 -16.33 32.66
CA LYS A 694 -6.82 -15.75 33.72
C LYS A 694 -8.27 -16.19 33.65
N LEU A 695 -8.66 -16.96 32.63
CA LEU A 695 -10.04 -17.41 32.50
C LEU A 695 -10.39 -18.52 33.49
N GLN A 696 -9.41 -19.10 34.17
CA GLN A 696 -9.70 -20.14 35.15
C GLN A 696 -10.43 -19.57 36.36
N CYS A 697 -10.30 -18.27 36.62
CA CYS A 697 -11.00 -17.65 37.73
C CYS A 697 -12.50 -17.56 37.49
N LEU A 698 -12.94 -17.66 36.24
CA LEU A 698 -14.36 -17.63 35.89
C LEU A 698 -14.79 -19.07 35.62
N LYS A 699 -15.21 -19.77 36.67
CA LYS A 699 -15.61 -21.16 36.57
C LYS A 699 -17.07 -21.32 36.15
N ASN A 700 -17.69 -20.28 35.61
CA ASN A 700 -19.07 -20.38 35.14
C ASN A 700 -19.29 -19.68 33.80
N LEU A 701 -18.23 -19.19 33.16
CA LEU A 701 -18.39 -18.49 31.89
C LEU A 701 -18.66 -19.50 30.77
N GLU A 702 -19.65 -19.19 29.93
CA GLU A 702 -20.04 -20.08 28.84
C GLU A 702 -20.20 -19.38 27.50
N THR A 703 -20.34 -18.06 27.45
CA THR A 703 -20.63 -17.33 26.21
C THR A 703 -19.70 -16.13 26.07
N LEU A 704 -18.41 -16.36 26.24
CA LEU A 704 -17.42 -15.29 26.07
C LEU A 704 -17.47 -14.75 24.65
N ASP A 705 -17.73 -13.45 24.52
CA ASP A 705 -17.88 -12.79 23.23
C ASP A 705 -16.72 -11.82 23.04
N LEU A 706 -15.88 -12.09 22.05
CA LEU A 706 -14.74 -11.24 21.70
C LEU A 706 -14.78 -10.87 20.23
N SER A 707 -15.89 -10.29 19.78
CA SER A 707 -16.09 -9.96 18.38
C SER A 707 -15.58 -8.54 18.10
N HIS A 708 -15.10 -8.34 16.87
CA HIS A 708 -14.64 -7.04 16.41
C HIS A 708 -13.54 -6.46 17.31
N ASN A 709 -12.53 -7.28 17.58
CA ASN A 709 -11.41 -6.90 18.42
C ASN A 709 -10.14 -6.85 17.59
N GLN A 710 -9.00 -6.60 18.25
CA GLN A 710 -7.71 -6.47 17.58
C GLN A 710 -6.68 -7.41 18.18
N LEU A 711 -7.12 -8.43 18.91
CA LEU A 711 -6.19 -9.39 19.49
C LEU A 711 -5.59 -10.26 18.38
N THR A 712 -4.40 -10.80 18.66
CA THR A 712 -3.62 -11.50 17.65
C THR A 712 -3.50 -13.00 17.90
N THR A 713 -3.03 -13.40 19.07
CA THR A 713 -2.70 -14.79 19.35
C THR A 713 -3.83 -15.49 20.07
N VAL A 714 -4.10 -16.72 19.66
CA VAL A 714 -5.10 -17.58 20.31
C VAL A 714 -4.44 -18.26 21.51
N PRO A 715 -5.21 -18.75 22.49
CA PRO A 715 -4.59 -19.41 23.64
C PRO A 715 -3.87 -20.69 23.24
N GLU A 716 -2.92 -21.10 24.08
CA GLU A 716 -2.15 -22.30 23.82
C GLU A 716 -3.03 -23.54 23.93
N ARG A 717 -3.73 -23.69 25.06
CA ARG A 717 -4.61 -24.84 25.29
C ARG A 717 -5.90 -24.33 25.90
N LEU A 718 -7.01 -24.48 25.17
CA LEU A 718 -8.30 -24.05 25.69
C LEU A 718 -8.78 -24.90 26.85
N SER A 719 -8.22 -26.10 27.02
CA SER A 719 -8.61 -26.93 28.16
C SER A 719 -8.07 -26.37 29.46
N ASN A 720 -6.82 -25.91 29.45
CA ASN A 720 -6.23 -25.34 30.66
C ASN A 720 -6.76 -23.94 30.95
N CYS A 721 -7.43 -23.30 29.99
CA CYS A 721 -7.98 -21.97 30.21
C CYS A 721 -9.37 -22.00 30.82
N SER A 722 -10.24 -22.88 30.32
CA SER A 722 -11.60 -23.00 30.85
C SER A 722 -12.14 -24.37 30.53
N ARG A 723 -13.01 -24.87 31.42
CA ARG A 723 -13.69 -26.14 31.22
C ARG A 723 -15.21 -25.99 31.19
N SER A 724 -15.71 -24.76 31.09
CA SER A 724 -17.15 -24.52 30.97
C SER A 724 -17.48 -23.55 29.83
N LEU A 725 -16.49 -23.05 29.10
CA LEU A 725 -16.74 -22.13 28.00
C LEU A 725 -17.20 -22.92 26.79
N LYS A 726 -18.30 -22.47 26.17
CA LYS A 726 -18.88 -23.20 25.05
C LYS A 726 -19.28 -22.33 23.87
N ASN A 727 -19.29 -21.01 24.00
CA ASN A 727 -19.75 -20.11 22.94
C ASN A 727 -18.68 -19.05 22.64
N LEU A 728 -17.45 -19.50 22.45
CA LEU A 728 -16.38 -18.58 22.07
C LEU A 728 -16.68 -17.92 20.73
N ILE A 729 -16.64 -16.60 20.71
CA ILE A 729 -16.94 -15.82 19.52
C ILE A 729 -15.73 -14.93 19.24
N LEU A 730 -15.05 -15.17 18.13
CA LEU A 730 -13.89 -14.39 17.72
C LEU A 730 -14.09 -13.80 16.32
N LYS A 731 -15.14 -12.99 16.17
CA LYS A 731 -15.45 -12.43 14.86
C LYS A 731 -14.75 -11.09 14.65
N ASN A 732 -14.25 -10.89 13.43
CA ASN A 732 -13.66 -9.63 13.00
C ASN A 732 -12.44 -9.23 13.83
N ASN A 733 -11.57 -10.19 14.13
CA ASN A 733 -10.29 -9.90 14.77
C ASN A 733 -9.16 -10.33 13.84
N GLN A 734 -7.92 -10.06 14.25
CA GLN A 734 -6.74 -10.29 13.43
C GLN A 734 -5.96 -11.48 13.99
N ILE A 735 -6.33 -12.68 13.55
CA ILE A 735 -5.65 -13.91 13.92
C ILE A 735 -5.01 -14.50 12.68
N ARG A 736 -3.72 -14.87 12.79
CA ARG A 736 -2.98 -15.38 11.66
C ARG A 736 -2.93 -16.91 11.60
N SER A 737 -2.78 -17.57 12.74
CA SER A 737 -2.70 -19.03 12.78
C SER A 737 -3.03 -19.49 14.19
N LEU A 738 -3.62 -20.68 14.29
CA LEU A 738 -4.00 -21.25 15.57
C LEU A 738 -2.82 -22.00 16.18
N THR A 739 -3.02 -22.46 17.42
CA THR A 739 -2.02 -23.24 18.12
C THR A 739 -2.08 -24.70 17.63
N LYS A 740 -0.98 -25.43 17.84
CA LYS A 740 -0.93 -26.83 17.44
C LYS A 740 -1.89 -27.69 18.25
N TYR A 741 -2.28 -27.26 19.45
CA TYR A 741 -3.18 -28.01 20.32
C TYR A 741 -4.27 -27.09 20.86
N PHE A 742 -4.93 -26.37 19.94
CA PHE A 742 -5.95 -25.39 20.32
C PHE A 742 -7.11 -26.07 21.06
N LEU A 743 -7.79 -26.99 20.38
CA LEU A 743 -8.94 -27.68 20.95
C LEU A 743 -8.57 -29.03 21.56
N GLN A 744 -7.36 -29.18 22.09
CA GLN A 744 -6.93 -30.43 22.68
C GLN A 744 -7.68 -30.67 24.00
N ASP A 745 -8.40 -31.79 24.06
CA ASP A 745 -9.13 -32.21 25.26
C ASP A 745 -10.22 -31.22 25.65
N ALA A 746 -10.58 -30.32 24.73
CA ALA A 746 -11.64 -29.34 24.96
C ALA A 746 -12.96 -29.94 24.47
N PHE A 747 -13.68 -30.56 25.39
CA PHE A 747 -14.92 -31.25 25.06
C PHE A 747 -16.16 -30.41 25.32
N GLN A 748 -16.11 -29.50 26.29
CA GLN A 748 -17.32 -28.80 26.73
C GLN A 748 -17.81 -27.76 25.74
N LEU A 749 -16.99 -27.33 24.79
CA LEU A 749 -17.37 -26.26 23.88
C LEU A 749 -18.26 -26.80 22.77
N ARG A 750 -19.30 -26.03 22.44
CA ARG A 750 -20.27 -26.42 21.42
C ARG A 750 -20.51 -25.32 20.38
N TYR A 751 -19.77 -24.22 20.43
CA TYR A 751 -20.01 -23.10 19.54
C TYR A 751 -18.73 -22.29 19.42
N LEU A 752 -18.37 -21.96 18.18
CA LEU A 752 -17.12 -21.25 17.92
C LEU A 752 -17.26 -20.47 16.61
N ASP A 753 -16.65 -19.29 16.57
CA ASP A 753 -16.69 -18.42 15.39
C ASP A 753 -15.30 -17.88 15.12
N LEU A 754 -14.83 -18.07 13.89
CA LEU A 754 -13.54 -17.54 13.44
C LEU A 754 -13.66 -16.95 12.04
N SER A 755 -14.71 -16.19 11.80
CA SER A 755 -14.94 -15.59 10.49
C SER A 755 -14.31 -14.20 10.41
N SER A 756 -14.11 -13.75 9.17
CA SER A 756 -13.55 -12.42 8.87
C SER A 756 -12.20 -12.23 9.57
N ASN A 757 -11.37 -13.26 9.52
CA ASN A 757 -10.04 -13.24 10.09
C ASN A 757 -8.99 -13.34 8.98
N LYS A 758 -7.73 -13.45 9.37
CA LYS A 758 -6.63 -13.67 8.44
C LYS A 758 -5.97 -15.03 8.68
N ILE A 759 -6.72 -15.97 9.26
CA ILE A 759 -6.20 -17.30 9.50
C ILE A 759 -5.90 -17.98 8.17
N GLN A 760 -4.80 -18.73 8.12
CA GLN A 760 -4.32 -19.30 6.87
C GLN A 760 -4.33 -20.83 6.85
N MET A 761 -4.11 -21.49 7.99
CA MET A 761 -4.08 -22.94 8.03
C MET A 761 -4.70 -23.43 9.33
N ILE A 762 -5.36 -24.59 9.25
CA ILE A 762 -5.93 -25.28 10.40
C ILE A 762 -5.52 -26.74 10.32
N GLN A 763 -4.93 -27.24 11.40
CA GLN A 763 -4.38 -28.60 11.44
C GLN A 763 -5.34 -29.54 12.18
N LYS A 764 -5.03 -30.84 12.08
CA LYS A 764 -5.85 -31.85 12.73
C LYS A 764 -5.54 -31.97 14.21
N THR A 765 -4.28 -31.80 14.60
CA THR A 765 -3.91 -31.89 16.01
C THR A 765 -4.61 -30.82 16.85
N SER A 766 -4.95 -29.69 16.24
CA SER A 766 -5.69 -28.64 16.91
C SER A 766 -7.20 -28.76 16.74
N PHE A 767 -7.66 -29.49 15.73
CA PHE A 767 -9.08 -29.69 15.47
C PHE A 767 -9.35 -31.19 15.31
N PRO A 768 -9.23 -31.95 16.40
CA PRO A 768 -9.49 -33.39 16.29
C PRO A 768 -10.99 -33.68 16.22
N GLU A 769 -11.32 -34.77 15.53
CA GLU A 769 -12.72 -35.10 15.28
C GLU A 769 -13.44 -35.48 16.57
N ASN A 770 -12.71 -36.00 17.57
CA ASN A 770 -13.35 -36.43 18.80
C ASN A 770 -14.02 -35.27 19.53
N VAL A 771 -13.52 -34.04 19.32
CA VAL A 771 -14.14 -32.87 19.93
C VAL A 771 -15.02 -32.16 18.89
N LEU A 772 -14.67 -32.29 17.61
CA LEU A 772 -15.45 -31.66 16.55
C LEU A 772 -16.79 -32.36 16.32
N ASN A 773 -16.98 -33.55 16.86
CA ASN A 773 -18.23 -34.29 16.62
C ASN A 773 -19.42 -33.65 17.31
N ASN A 774 -19.21 -32.76 18.29
CA ASN A 774 -20.31 -32.19 19.06
C ASN A 774 -20.55 -30.71 18.81
N LEU A 775 -19.73 -30.04 18.00
CA LEU A 775 -19.90 -28.62 17.77
C LEU A 775 -21.20 -28.33 17.03
N LYS A 776 -22.04 -27.49 17.63
CA LYS A 776 -23.32 -27.16 17.02
C LYS A 776 -23.15 -26.20 15.84
N MET A 777 -22.17 -25.30 15.91
CA MET A 777 -21.99 -24.30 14.86
C MET A 777 -20.53 -23.87 14.84
N LEU A 778 -20.03 -23.65 13.62
CA LEU A 778 -18.66 -23.21 13.42
C LEU A 778 -18.58 -22.39 12.15
N LEU A 779 -17.92 -21.24 12.22
CA LEU A 779 -17.84 -20.30 11.11
C LEU A 779 -16.38 -20.00 10.78
N LEU A 780 -16.02 -20.15 9.50
CA LEU A 780 -14.66 -19.89 9.04
C LEU A 780 -14.67 -19.15 7.70
N HIS A 781 -15.64 -18.27 7.50
CA HIS A 781 -15.79 -17.58 6.23
C HIS A 781 -15.13 -16.21 6.26
N HIS A 782 -14.96 -15.64 5.06
CA HIS A 782 -14.41 -14.29 4.88
C HIS A 782 -12.99 -14.17 5.42
N ASN A 783 -12.22 -15.26 5.35
CA ASN A 783 -10.84 -15.26 5.81
C ASN A 783 -9.90 -15.44 4.62
N ARG A 784 -8.59 -15.37 4.90
CA ARG A 784 -7.57 -15.44 3.87
C ARG A 784 -6.90 -16.82 3.82
N PHE A 785 -7.69 -17.86 3.59
CA PHE A 785 -7.15 -19.19 3.43
C PHE A 785 -6.39 -19.32 2.12
N LEU A 786 -5.10 -19.61 2.19
CA LEU A 786 -4.33 -20.00 1.00
C LEU A 786 -4.42 -21.52 0.90
N CYS A 787 -5.20 -22.01 -0.05
CA CYS A 787 -5.51 -23.44 -0.15
C CYS A 787 -4.43 -24.17 -0.96
N THR A 788 -3.22 -24.14 -0.41
CA THR A 788 -2.12 -24.90 -0.97
C THR A 788 -2.14 -26.33 -0.45
N CYS A 789 -1.24 -27.15 -0.99
CA CYS A 789 -1.16 -28.56 -0.62
C CYS A 789 -0.42 -28.78 0.70
N ASP A 790 0.20 -27.72 1.26
CA ASP A 790 1.01 -27.87 2.47
C ASP A 790 0.24 -28.53 3.60
N ALA A 791 -1.08 -28.34 3.66
CA ALA A 791 -1.95 -29.03 4.61
C ALA A 791 -3.01 -29.76 3.79
N VAL A 792 -2.57 -30.77 3.04
CA VAL A 792 -3.45 -31.47 2.10
C VAL A 792 -4.65 -32.06 2.82
N TRP A 793 -4.44 -32.66 3.99
CA TRP A 793 -5.55 -33.25 4.73
C TRP A 793 -6.59 -32.21 5.12
N PHE A 794 -6.16 -30.96 5.33
CA PHE A 794 -7.13 -29.88 5.53
C PHE A 794 -8.08 -29.79 4.35
N VAL A 795 -7.53 -29.77 3.13
CA VAL A 795 -8.35 -29.79 1.92
C VAL A 795 -9.24 -31.02 1.91
N TRP A 796 -8.77 -32.13 2.49
CA TRP A 796 -9.60 -33.33 2.59
C TRP A 796 -10.60 -33.22 3.74
N TRP A 797 -10.22 -32.52 4.81
CA TRP A 797 -11.09 -32.48 5.99
C TRP A 797 -12.41 -31.80 5.70
N VAL A 798 -12.42 -30.80 4.82
CA VAL A 798 -13.66 -30.13 4.48
C VAL A 798 -14.52 -31.00 3.57
N ASN A 799 -13.90 -31.97 2.88
CA ASN A 799 -14.65 -32.79 1.94
C ASN A 799 -15.48 -33.86 2.63
N HIS A 800 -14.88 -34.62 3.54
CA HIS A 800 -15.56 -35.72 4.22
C HIS A 800 -15.53 -35.46 5.72
N THR A 801 -16.50 -34.69 6.21
CA THR A 801 -16.68 -34.39 7.61
C THR A 801 -18.01 -33.65 7.78
N GLU A 802 -18.80 -34.07 8.76
CA GLU A 802 -20.11 -33.50 9.03
C GLU A 802 -19.99 -32.53 10.20
N VAL A 803 -19.62 -31.30 9.89
CA VAL A 803 -19.57 -30.20 10.86
C VAL A 803 -20.24 -28.99 10.24
N THR A 804 -21.21 -28.42 10.96
CA THR A 804 -21.99 -27.31 10.45
C THR A 804 -21.12 -26.08 10.18
N ILE A 805 -20.73 -25.88 8.93
CA ILE A 805 -19.96 -24.71 8.52
C ILE A 805 -20.75 -23.97 7.45
N PRO A 806 -21.49 -22.92 7.81
CA PRO A 806 -22.28 -22.19 6.80
C PRO A 806 -21.38 -21.39 5.86
N TYR A 807 -21.96 -21.03 4.72
CA TYR A 807 -21.26 -20.25 3.69
C TYR A 807 -20.00 -20.95 3.22
N LEU A 808 -20.07 -22.27 3.00
CA LEU A 808 -18.90 -23.07 2.69
C LEU A 808 -18.50 -23.00 1.22
N ALA A 809 -19.32 -22.41 0.35
CA ALA A 809 -19.03 -22.42 -1.08
C ALA A 809 -19.01 -21.05 -1.75
N THR A 810 -19.34 -19.98 -1.04
CA THR A 810 -19.39 -18.67 -1.69
C THR A 810 -18.63 -17.61 -0.90
N ASP A 811 -18.49 -17.80 0.40
CA ASP A 811 -17.85 -16.81 1.25
C ASP A 811 -16.43 -17.18 1.67
N VAL A 812 -16.23 -18.39 2.20
CA VAL A 812 -14.89 -18.84 2.57
C VAL A 812 -14.18 -19.24 1.27
N THR A 813 -13.31 -18.37 0.78
CA THR A 813 -12.66 -18.54 -0.50
C THR A 813 -11.15 -18.69 -0.31
N CYS A 814 -10.43 -18.78 -1.42
CA CYS A 814 -8.98 -18.92 -1.42
C CYS A 814 -8.32 -17.60 -1.80
N VAL A 815 -7.24 -17.25 -1.10
CA VAL A 815 -6.47 -16.08 -1.45
C VAL A 815 -5.40 -16.39 -2.49
N GLY A 816 -5.06 -17.66 -2.68
CA GLY A 816 -4.09 -18.07 -3.66
C GLY A 816 -3.87 -19.56 -3.65
N PRO A 817 -2.77 -20.02 -4.27
CA PRO A 817 -1.83 -19.17 -5.01
C PRO A 817 -2.05 -19.18 -6.52
N GLY A 818 -2.09 -18.00 -7.13
CA GLY A 818 -2.19 -17.87 -8.56
C GLY A 818 -3.51 -18.33 -9.16
N ALA A 819 -3.48 -19.46 -9.87
CA ALA A 819 -4.67 -19.94 -10.57
C ALA A 819 -5.75 -20.43 -9.60
N HIS A 820 -5.41 -20.68 -8.35
CA HIS A 820 -6.36 -21.18 -7.36
C HIS A 820 -6.96 -20.05 -6.51
N LYS A 821 -7.05 -18.85 -7.07
CA LYS A 821 -7.67 -17.73 -6.37
C LYS A 821 -9.17 -17.72 -6.63
N GLY A 822 -9.93 -17.37 -5.60
CA GLY A 822 -11.37 -17.37 -5.71
C GLY A 822 -12.02 -18.74 -5.65
N GLN A 823 -11.25 -19.78 -5.32
CA GLN A 823 -11.79 -21.13 -5.28
C GLN A 823 -12.50 -21.39 -3.95
N SER A 824 -13.57 -22.18 -4.02
CA SER A 824 -14.29 -22.58 -2.82
C SER A 824 -13.59 -23.77 -2.17
N VAL A 825 -13.67 -23.84 -0.83
CA VAL A 825 -12.94 -24.87 -0.10
C VAL A 825 -13.60 -26.23 -0.29
N ILE A 826 -14.92 -26.28 -0.47
CA ILE A 826 -15.59 -27.56 -0.62
C ILE A 826 -15.32 -28.18 -1.98
N SER A 827 -15.08 -27.36 -3.01
CA SER A 827 -14.78 -27.84 -4.34
C SER A 827 -13.28 -27.96 -4.60
N LEU A 828 -12.50 -28.34 -3.60
CA LEU A 828 -11.06 -28.45 -3.71
C LEU A 828 -10.62 -29.90 -3.58
N ASP A 829 -9.65 -30.30 -4.39
CA ASP A 829 -9.09 -31.65 -4.35
C ASP A 829 -7.67 -31.56 -4.90
N LEU A 830 -6.68 -31.66 -4.01
CA LEU A 830 -5.28 -31.45 -4.38
C LEU A 830 -4.52 -32.75 -4.24
N TYR A 831 -4.24 -33.40 -5.38
CA TYR A 831 -3.36 -34.56 -5.42
C TYR A 831 -1.91 -34.18 -5.69
N THR A 832 -1.53 -32.93 -5.39
CA THR A 832 -0.19 -32.47 -5.74
C THR A 832 0.88 -33.17 -4.91
N CYS A 833 0.77 -33.07 -3.59
CA CYS A 833 1.74 -33.71 -2.72
C CYS A 833 1.71 -35.22 -2.92
N GLU A 834 2.89 -35.82 -3.00
CA GLU A 834 2.99 -37.27 -3.03
C GLU A 834 2.33 -37.84 -1.78
N LEU A 835 1.75 -39.03 -1.91
CA LEU A 835 1.01 -39.63 -0.81
C LEU A 835 1.97 -40.35 0.12
N ASP A 836 1.59 -41.53 0.59
CA ASP A 836 2.53 -42.39 1.31
C ASP A 836 3.80 -42.57 0.48
N LEU A 837 4.95 -42.50 1.14
CA LEU A 837 6.22 -42.35 0.45
C LEU A 837 6.56 -43.57 -0.39
N THR A 838 5.90 -43.71 -1.55
CA THR A 838 6.25 -44.72 -2.52
C THR A 838 7.11 -44.16 -3.65
N ASN A 839 7.09 -42.84 -3.84
CA ASN A 839 7.96 -42.21 -4.84
C ASN A 839 9.42 -42.40 -4.48
N LEU A 840 9.77 -42.23 -3.21
CA LEU A 840 11.14 -42.44 -2.78
C LEU A 840 11.54 -43.91 -2.94
N ILE A 841 10.61 -44.83 -2.66
CA ILE A 841 10.90 -46.25 -2.84
C ILE A 841 11.18 -46.55 -4.31
N LEU A 842 10.34 -46.01 -5.20
CA LEU A 842 10.51 -46.26 -6.63
C LEU A 842 11.81 -45.65 -7.14
N PHE A 843 12.13 -44.43 -6.72
CA PHE A 843 13.38 -43.81 -7.13
C PHE A 843 14.59 -44.57 -6.64
N SER A 844 14.57 -44.99 -5.36
CA SER A 844 15.65 -45.78 -4.81
C SER A 844 15.82 -47.10 -5.56
N LEU A 845 14.71 -47.75 -5.88
CA LEU A 845 14.76 -49.00 -6.63
C LEU A 845 15.32 -48.79 -8.03
N SER A 846 14.92 -47.70 -8.69
CA SER A 846 15.40 -47.45 -10.04
C SER A 846 16.90 -47.19 -10.05
N ILE A 847 17.38 -46.33 -9.15
CA ILE A 847 18.81 -46.04 -9.13
C ILE A 847 19.61 -47.28 -8.72
N SER A 848 19.05 -48.11 -7.84
CA SER A 848 19.74 -49.33 -7.45
C SER A 848 19.83 -50.31 -8.62
N VAL A 849 18.74 -50.46 -9.38
CA VAL A 849 18.76 -51.34 -10.54
C VAL A 849 19.75 -50.83 -11.57
N SER A 850 19.79 -49.51 -11.80
CA SER A 850 20.71 -48.95 -12.78
C SER A 850 22.17 -49.19 -12.38
N LEU A 851 22.51 -48.86 -11.12
CA LEU A 851 23.88 -49.06 -10.66
C LEU A 851 24.24 -50.54 -10.62
N PHE A 852 23.29 -51.41 -10.29
CA PHE A 852 23.56 -52.84 -10.26
C PHE A 852 23.84 -53.37 -11.65
N LEU A 853 23.05 -52.95 -12.64
CA LEU A 853 23.31 -53.36 -14.02
C LEU A 853 24.67 -52.84 -14.49
N MET A 854 24.99 -51.59 -14.15
CA MET A 854 26.29 -51.03 -14.52
C MET A 854 27.43 -51.85 -13.93
N VAL A 855 27.36 -52.13 -12.63
CA VAL A 855 28.43 -52.86 -11.96
C VAL A 855 28.53 -54.28 -12.52
N MET A 856 27.39 -54.93 -12.75
CA MET A 856 27.41 -56.29 -13.28
C MET A 856 28.02 -56.34 -14.67
N MET A 857 27.67 -55.39 -15.54
CA MET A 857 28.21 -55.40 -16.89
C MET A 857 29.70 -55.06 -16.90
N THR A 858 30.12 -54.14 -16.03
CA THR A 858 31.55 -53.84 -15.94
C THR A 858 32.33 -55.03 -15.43
N ALA A 859 31.78 -55.76 -14.45
CA ALA A 859 32.46 -56.95 -13.94
C ALA A 859 32.50 -58.05 -14.98
N SER A 860 31.43 -58.17 -15.78
CA SER A 860 31.42 -59.18 -16.83
C SER A 860 32.43 -58.85 -17.92
N HIS A 861 32.59 -57.55 -18.23
CA HIS A 861 33.61 -57.16 -19.20
C HIS A 861 35.01 -57.37 -18.66
N LEU A 862 35.21 -57.13 -17.36
CA LEU A 862 36.52 -57.33 -16.76
C LEU A 862 36.87 -58.82 -16.68
N TYR A 863 35.88 -59.67 -16.40
CA TYR A 863 36.10 -61.10 -16.28
C TYR A 863 36.02 -61.83 -17.61
N PHE A 864 35.59 -61.16 -18.67
CA PHE A 864 35.46 -61.77 -20.00
C PHE A 864 34.55 -62.99 -19.97
N PRO B 31 17.94 37.67 4.12
CA PRO B 31 17.97 36.71 3.01
C PRO B 31 18.87 35.52 3.31
N LYS B 32 18.32 34.51 3.99
CA LYS B 32 19.09 33.32 4.35
C LYS B 32 18.18 32.10 4.22
N THR B 33 18.70 30.95 4.63
CA THR B 33 17.97 29.69 4.58
C THR B 33 17.02 29.50 5.77
N LEU B 34 16.84 30.54 6.60
CA LEU B 34 16.00 30.40 7.76
C LEU B 34 14.52 30.44 7.36
N PRO B 35 13.66 29.66 8.02
CA PRO B 35 12.23 29.70 7.70
C PRO B 35 11.50 30.90 8.28
N CYS B 36 12.15 31.68 9.14
CA CYS B 36 11.50 32.84 9.75
C CYS B 36 11.27 33.92 8.70
N ASP B 37 10.05 34.45 8.67
CA ASP B 37 9.70 35.51 7.74
C ASP B 37 10.41 36.80 8.15
N VAL B 38 10.93 37.52 7.15
CA VAL B 38 11.67 38.76 7.38
C VAL B 38 10.87 39.93 6.82
N THR B 39 10.87 41.04 7.54
CA THR B 39 10.18 42.26 7.12
C THR B 39 11.06 43.45 7.44
N LEU B 40 11.31 44.30 6.44
CA LEU B 40 12.24 45.42 6.56
C LEU B 40 11.47 46.73 6.43
N ASP B 41 11.68 47.63 7.39
CA ASP B 41 11.08 48.96 7.37
C ASP B 41 12.15 49.97 7.75
N VAL B 42 12.61 50.75 6.78
CA VAL B 42 13.65 51.77 7.00
C VAL B 42 13.11 52.93 7.82
N PRO B 43 11.95 53.53 7.50
CA PRO B 43 11.48 54.66 8.32
C PRO B 43 11.24 54.31 9.77
N LYS B 44 10.91 53.05 10.06
CA LYS B 44 10.72 52.60 11.44
C LYS B 44 11.95 51.92 12.02
N ASN B 45 13.00 51.71 11.22
CA ASN B 45 14.20 50.99 11.65
C ASN B 45 13.85 49.60 12.18
N HIS B 46 12.82 48.98 11.62
CA HIS B 46 12.28 47.72 12.14
C HIS B 46 12.61 46.60 11.18
N VAL B 47 13.44 45.66 11.63
CA VAL B 47 13.73 44.43 10.90
C VAL B 47 13.12 43.30 11.72
N ILE B 48 11.92 42.88 11.33
CA ILE B 48 11.15 41.88 12.07
C ILE B 48 11.48 40.51 11.51
N VAL B 49 11.89 39.60 12.38
CA VAL B 49 12.08 38.19 12.05
C VAL B 49 11.07 37.39 12.86
N ASP B 50 10.30 36.54 12.18
CA ASP B 50 9.21 35.80 12.80
C ASP B 50 9.37 34.32 12.52
N CYS B 51 9.71 33.55 13.55
CA CYS B 51 9.79 32.10 13.49
C CYS B 51 8.57 31.45 14.14
N THR B 52 7.38 31.85 13.71
CA THR B 52 6.14 31.42 14.35
C THR B 52 5.79 30.00 13.91
N ASP B 53 5.75 29.08 14.89
CA ASP B 53 5.30 27.70 14.66
C ASP B 53 6.12 27.02 13.57
N LYS B 54 7.43 26.96 13.77
CA LYS B 54 8.34 26.31 12.84
C LYS B 54 9.08 25.13 13.47
N HIS B 55 8.76 24.77 14.71
CA HIS B 55 9.34 23.61 15.40
C HIS B 55 10.87 23.75 15.51
N LEU B 56 11.31 24.84 16.13
CA LEU B 56 12.72 25.05 16.36
C LEU B 56 13.21 24.25 17.56
N THR B 57 14.44 23.75 17.46
CA THR B 57 15.13 23.14 18.59
C THR B 57 16.07 24.10 19.30
N GLU B 58 16.87 24.85 18.55
CA GLU B 58 17.73 25.89 19.12
C GLU B 58 17.63 27.13 18.26
N ILE B 59 18.01 28.26 18.83
CA ILE B 59 17.98 29.52 18.06
C ILE B 59 18.99 29.44 16.93
N PRO B 60 18.57 29.60 15.68
CA PRO B 60 19.52 29.44 14.57
C PRO B 60 20.53 30.58 14.50
N GLY B 61 21.74 30.23 14.07
CA GLY B 61 22.78 31.23 13.93
C GLY B 61 22.66 32.00 12.62
N GLY B 62 23.30 33.16 12.60
CA GLY B 62 23.27 34.02 11.43
C GLY B 62 22.19 35.08 11.44
N ILE B 63 21.53 35.30 12.57
CA ILE B 63 20.50 36.34 12.69
C ILE B 63 21.18 37.69 12.53
N PRO B 64 20.72 38.55 11.62
CA PRO B 64 21.39 39.84 11.41
C PRO B 64 21.30 40.71 12.65
N THR B 65 22.27 41.62 12.76
CA THR B 65 22.31 42.54 13.89
C THR B 65 21.34 43.71 13.75
N ASN B 66 20.71 43.86 12.57
CA ASN B 66 19.78 44.95 12.35
C ASN B 66 18.36 44.64 12.81
N THR B 67 18.12 43.43 13.30
CA THR B 67 16.76 43.05 13.69
C THR B 67 16.36 43.73 14.99
N THR B 68 15.07 44.03 15.11
CA THR B 68 14.50 44.64 16.30
C THR B 68 13.39 43.80 16.92
N ASN B 69 12.53 43.19 16.10
CA ASN B 69 11.48 42.32 16.57
C ASN B 69 11.88 40.87 16.34
N LEU B 70 11.75 40.04 17.36
CA LEU B 70 12.14 38.64 17.30
C LEU B 70 11.01 37.79 17.85
N THR B 71 10.66 36.71 17.14
CA THR B 71 9.54 35.87 17.50
C THR B 71 10.00 34.41 17.58
N LEU B 72 9.79 33.79 18.73
CA LEU B 72 10.04 32.37 18.94
C LEU B 72 8.89 31.76 19.73
N THR B 73 7.82 31.39 19.04
CA THR B 73 6.61 30.92 19.68
C THR B 73 6.70 29.42 19.94
N ILE B 74 5.65 28.69 19.56
CA ILE B 74 5.55 27.25 19.81
C ILE B 74 6.67 26.52 19.07
N ASN B 75 7.68 26.09 19.81
CA ASN B 75 8.81 25.36 19.25
C ASN B 75 9.21 24.29 20.25
N HIS B 76 10.51 23.97 20.28
CA HIS B 76 11.07 23.00 21.22
C HIS B 76 12.38 23.50 21.79
N ILE B 77 12.44 24.78 22.12
CA ILE B 77 13.65 25.39 22.70
C ILE B 77 13.79 24.92 24.14
N PRO B 78 14.91 24.29 24.50
CA PRO B 78 15.06 23.80 25.88
C PRO B 78 15.26 24.91 26.89
N ASP B 79 16.26 25.77 26.66
CA ASP B 79 16.61 26.82 27.61
C ASP B 79 17.12 28.03 26.84
N ILE B 80 17.38 29.11 27.58
CA ILE B 80 17.97 30.32 27.03
C ILE B 80 19.35 30.52 27.66
N SER B 81 20.31 30.90 26.83
CA SER B 81 21.69 31.07 27.25
C SER B 81 22.10 32.50 26.94
N PRO B 82 23.06 33.05 27.70
CA PRO B 82 23.58 34.39 27.38
C PRO B 82 24.15 34.50 25.98
N ALA B 83 24.53 33.39 25.35
CA ALA B 83 25.03 33.40 23.98
C ALA B 83 23.91 33.43 22.94
N SER B 84 22.65 33.35 23.37
CA SER B 84 21.54 33.40 22.41
C SER B 84 21.42 34.79 21.81
N PHE B 85 21.45 35.83 22.64
CA PHE B 85 21.42 37.22 22.21
C PHE B 85 22.76 37.89 22.47
N HIS B 86 23.84 37.29 21.98
CA HIS B 86 25.19 37.77 22.25
C HIS B 86 25.51 39.02 21.42
N ARG B 87 25.72 38.84 20.12
CA ARG B 87 26.12 39.93 19.25
C ARG B 87 24.95 40.81 18.81
N LEU B 88 23.73 40.50 19.24
CA LEU B 88 22.55 41.27 18.90
C LEU B 88 22.33 42.32 19.98
N ASP B 89 22.39 43.59 19.59
CA ASP B 89 22.18 44.70 20.51
C ASP B 89 21.06 45.64 20.10
N HIS B 90 20.57 45.55 18.86
CA HIS B 90 19.49 46.41 18.38
C HIS B 90 18.12 45.78 18.57
N LEU B 91 18.00 44.76 19.41
CA LEU B 91 16.72 44.10 19.63
C LEU B 91 15.83 44.94 20.53
N VAL B 92 14.56 45.07 20.14
CA VAL B 92 13.59 45.81 20.92
C VAL B 92 12.37 44.99 21.29
N GLU B 93 12.06 43.92 20.56
CA GLU B 93 10.91 43.08 20.86
C GLU B 93 11.31 41.62 20.70
N ILE B 94 11.09 40.83 21.75
CA ILE B 94 11.43 39.41 21.76
C ILE B 94 10.20 38.62 22.18
N ASP B 95 9.75 37.71 21.32
CA ASP B 95 8.60 36.86 21.59
C ASP B 95 9.09 35.45 21.87
N PHE B 96 8.88 34.99 23.10
CA PHE B 96 9.26 33.64 23.50
C PHE B 96 8.07 32.94 24.15
N ARG B 97 6.91 33.03 23.49
CA ARG B 97 5.65 32.63 24.08
C ARG B 97 5.34 31.16 23.80
N CYS B 98 5.06 30.40 24.86
CA CYS B 98 4.53 29.04 24.78
C CYS B 98 5.47 28.12 24.00
N ASN B 99 6.67 27.93 24.55
CA ASN B 99 7.58 26.94 23.99
C ASN B 99 7.12 25.52 24.28
N CYS B 100 6.61 25.26 25.49
CA CYS B 100 5.88 24.04 25.77
C CYS B 100 4.83 24.39 26.83
N VAL B 101 3.58 24.44 26.40
CA VAL B 101 2.45 24.88 27.23
C VAL B 101 2.27 23.95 28.42
N PRO B 102 1.53 24.35 29.46
CA PRO B 102 1.20 23.41 30.54
C PRO B 102 0.40 22.20 30.05
N ILE B 103 0.02 21.32 30.97
CA ILE B 103 -0.58 20.04 30.61
C ILE B 103 -1.89 20.23 29.86
N PRO B 104 -2.88 20.96 30.38
CA PRO B 104 -4.15 21.11 29.64
C PRO B 104 -4.33 22.43 28.90
N LEU B 105 -3.29 23.28 28.81
CA LEU B 105 -3.44 24.60 28.21
C LEU B 105 -3.22 24.60 26.71
N GLY B 106 -2.83 23.49 26.12
CA GLY B 106 -2.58 23.46 24.69
C GLY B 106 -2.51 22.07 24.14
N SER B 107 -1.77 21.94 23.04
CA SER B 107 -1.68 20.66 22.33
C SER B 107 -0.83 19.67 23.13
N LYS B 108 -1.27 18.42 23.16
CA LYS B 108 -0.59 17.34 23.86
C LYS B 108 0.43 16.60 22.99
N ASN B 109 0.58 16.99 21.71
CA ASN B 109 1.47 16.29 20.80
C ASN B 109 2.91 16.76 20.88
N ASN B 110 3.16 17.94 21.45
CA ASN B 110 4.52 18.46 21.62
C ASN B 110 4.80 18.57 23.11
N MET B 111 5.81 17.86 23.58
CA MET B 111 6.13 17.79 25.00
C MET B 111 7.59 18.14 25.25
N CYS B 112 7.84 18.86 26.33
CA CYS B 112 9.19 19.17 26.78
C CYS B 112 9.50 18.35 28.03
N ILE B 113 10.75 17.91 28.15
CA ILE B 113 11.12 17.03 29.25
C ILE B 113 11.08 17.76 30.59
N LYS B 114 11.22 19.08 30.57
CA LYS B 114 11.21 19.86 31.80
C LYS B 114 10.86 21.30 31.46
N ARG B 115 10.55 22.08 32.49
CA ARG B 115 10.21 23.48 32.33
C ARG B 115 11.42 24.27 31.81
N LEU B 116 11.17 25.52 31.43
CA LEU B 116 12.23 26.39 30.94
C LEU B 116 13.10 26.88 32.09
N GLN B 117 14.40 26.96 31.82
CA GLN B 117 15.37 27.46 32.79
C GLN B 117 16.09 28.65 32.19
N ILE B 118 16.17 29.74 32.95
CA ILE B 118 16.81 30.97 32.51
C ILE B 118 18.18 31.06 33.15
N LYS B 119 19.22 31.14 32.32
CA LYS B 119 20.57 31.29 32.83
C LYS B 119 20.80 32.72 33.28
N PRO B 120 21.66 32.93 34.29
CA PRO B 120 21.93 34.29 34.75
C PRO B 120 22.58 35.14 33.65
N ARG B 121 22.23 36.43 33.66
CA ARG B 121 22.74 37.39 32.68
C ARG B 121 22.41 36.95 31.25
N SER B 122 21.13 36.74 31.00
CA SER B 122 20.64 36.32 29.69
C SER B 122 19.96 37.43 28.91
N PHE B 123 19.64 38.55 29.56
CA PHE B 123 18.96 39.66 28.89
C PHE B 123 19.57 41.03 29.18
N SER B 124 20.51 41.13 30.12
CA SER B 124 21.11 42.42 30.44
C SER B 124 21.95 42.97 29.29
N GLY B 125 22.47 42.10 28.43
CA GLY B 125 23.23 42.55 27.27
C GLY B 125 22.41 43.24 26.21
N LEU B 126 21.10 43.31 26.36
CA LEU B 126 20.21 43.95 25.40
C LEU B 126 19.82 45.31 25.97
N THR B 127 20.66 46.32 25.72
CA THR B 127 20.43 47.65 26.24
C THR B 127 19.28 48.37 25.55
N TYR B 128 18.90 47.93 24.36
CA TYR B 128 17.79 48.52 23.63
C TYR B 128 16.51 47.71 23.74
N LEU B 129 16.46 46.75 24.66
CA LEU B 129 15.26 45.95 24.85
C LEU B 129 14.15 46.79 25.45
N LYS B 130 12.93 46.59 24.95
CA LYS B 130 11.75 47.26 25.50
C LYS B 130 10.55 46.35 25.70
N SER B 131 10.62 45.08 25.28
CA SER B 131 9.52 44.16 25.47
C SER B 131 10.06 42.75 25.57
N LEU B 132 9.36 41.92 26.36
CA LEU B 132 9.73 40.52 26.53
C LEU B 132 8.47 39.72 26.82
N TYR B 133 8.24 38.67 26.02
CA TYR B 133 7.05 37.84 26.15
C TYR B 133 7.49 36.43 26.51
N LEU B 134 7.21 36.02 27.74
CA LEU B 134 7.57 34.67 28.20
C LEU B 134 6.34 33.92 28.68
N ASP B 135 5.26 33.99 27.92
CA ASP B 135 4.01 33.35 28.30
C ASP B 135 4.02 31.88 27.95
N GLY B 136 3.65 31.04 28.91
CA GLY B 136 3.52 29.61 28.65
C GLY B 136 4.84 28.85 28.66
N ASN B 137 5.75 29.19 29.56
CA ASN B 137 7.03 28.51 29.66
C ASN B 137 7.21 27.73 30.95
N GLN B 138 6.17 27.67 31.79
CA GLN B 138 6.19 26.93 33.05
C GLN B 138 7.31 27.40 33.98
N LEU B 139 7.58 28.70 33.98
CA LEU B 139 8.63 29.24 34.85
C LEU B 139 8.16 29.28 36.29
N LEU B 140 9.11 29.13 37.21
CA LEU B 140 8.79 29.14 38.64
C LEU B 140 9.00 30.49 39.29
N GLU B 141 9.94 31.28 38.79
CA GLU B 141 10.22 32.60 39.35
C GLU B 141 10.47 33.58 38.21
N ILE B 142 10.32 34.86 38.53
CA ILE B 142 10.57 35.91 37.53
C ILE B 142 12.04 35.90 37.14
N PRO B 143 12.39 35.86 35.85
CA PRO B 143 13.81 35.84 35.47
C PRO B 143 14.52 37.13 35.89
N GLN B 144 15.69 36.96 36.47
CA GLN B 144 16.50 38.08 36.93
C GLN B 144 17.54 38.46 35.88
N GLY B 145 18.04 39.69 35.99
CA GLY B 145 19.00 40.21 35.05
C GLY B 145 18.41 40.95 33.87
N LEU B 146 17.13 41.31 33.92
CA LEU B 146 16.52 42.04 32.83
C LEU B 146 17.07 43.46 32.75
N PRO B 147 17.20 44.02 31.54
CA PRO B 147 17.74 45.37 31.40
C PRO B 147 16.78 46.40 31.95
N PRO B 148 17.29 47.56 32.39
CA PRO B 148 16.39 48.60 32.92
C PRO B 148 15.54 49.27 31.86
N SER B 149 15.89 49.14 30.57
CA SER B 149 15.10 49.71 29.50
C SER B 149 13.87 48.88 29.16
N LEU B 150 13.64 47.78 29.86
CA LEU B 150 12.49 46.93 29.59
C LEU B 150 11.20 47.67 29.92
N GLN B 151 10.33 47.81 28.92
CA GLN B 151 9.06 48.51 29.09
C GLN B 151 7.85 47.58 29.12
N LEU B 152 7.90 46.47 28.39
CA LEU B 152 6.78 45.53 28.31
C LEU B 152 7.27 44.18 28.81
N LEU B 153 6.44 43.53 29.65
CA LEU B 153 6.79 42.23 30.19
C LEU B 153 5.52 41.43 30.41
N SER B 154 5.51 40.18 29.96
CA SER B 154 4.37 39.28 30.12
C SER B 154 4.89 37.92 30.58
N LEU B 155 4.31 37.41 31.66
CA LEU B 155 4.66 36.11 32.23
C LEU B 155 3.42 35.27 32.46
N GLU B 156 2.55 35.22 31.46
CA GLU B 156 1.29 34.50 31.59
C GLU B 156 1.49 33.00 31.42
N ALA B 157 0.48 32.24 31.82
CA ALA B 157 0.45 30.78 31.65
C ALA B 157 1.68 30.12 32.27
N ASN B 158 2.19 30.65 33.38
CA ASN B 158 3.37 30.15 34.04
C ASN B 158 3.01 29.67 35.45
N ASN B 159 4.05 29.32 36.22
CA ASN B 159 3.87 28.76 37.56
C ASN B 159 4.43 29.69 38.64
N ILE B 160 4.33 30.99 38.44
CA ILE B 160 4.75 31.97 39.45
C ILE B 160 3.54 32.29 40.31
N PHE B 161 3.54 31.80 41.54
CA PHE B 161 2.47 32.07 42.50
C PHE B 161 2.99 32.81 43.73
N SER B 162 4.18 33.40 43.64
CA SER B 162 4.76 34.16 44.75
C SER B 162 5.64 35.25 44.17
N ILE B 163 5.37 36.49 44.55
CA ILE B 163 6.11 37.65 44.06
C ILE B 163 6.70 38.40 45.25
N ARG B 164 7.91 38.91 45.08
CA ARG B 164 8.62 39.63 46.12
C ARG B 164 9.16 40.95 45.55
N LYS B 165 9.59 41.83 46.45
CA LYS B 165 10.16 43.10 46.03
C LYS B 165 11.62 42.96 45.60
N GLU B 166 12.34 41.98 46.15
CA GLU B 166 13.73 41.77 45.77
C GLU B 166 13.86 41.29 44.33
N ASN B 167 12.81 40.70 43.76
CA ASN B 167 12.80 40.30 42.36
C ASN B 167 12.14 41.34 41.46
N LEU B 168 11.52 42.36 42.04
CA LEU B 168 10.90 43.44 41.28
C LEU B 168 11.70 44.74 41.31
N THR B 169 12.73 44.83 42.14
CA THR B 169 13.54 46.04 42.18
C THR B 169 14.25 46.29 40.86
N GLU B 170 14.49 45.22 40.08
CA GLU B 170 15.10 45.38 38.76
C GLU B 170 14.11 45.87 37.72
N LEU B 171 12.81 45.84 38.03
CA LEU B 171 11.77 46.25 37.10
C LEU B 171 11.18 47.61 37.46
N ALA B 172 12.01 48.53 37.95
CA ALA B 172 11.55 49.84 38.38
C ALA B 172 11.19 50.76 37.22
N ASN B 173 11.39 50.34 35.98
CA ASN B 173 11.10 51.16 34.82
C ASN B 173 10.08 50.53 33.88
N ILE B 174 9.56 49.34 34.19
CA ILE B 174 8.59 48.70 33.31
C ILE B 174 7.28 49.45 33.36
N GLU B 175 6.49 49.30 32.29
CA GLU B 175 5.18 49.94 32.19
C GLU B 175 4.05 48.94 32.03
N ILE B 176 4.24 47.89 31.23
CA ILE B 176 3.23 46.87 31.00
C ILE B 176 3.70 45.58 31.65
N LEU B 177 2.86 45.04 32.54
CA LEU B 177 3.20 43.84 33.29
C LEU B 177 2.01 42.88 33.24
N TYR B 178 2.18 41.75 32.56
CA TYR B 178 1.14 40.73 32.43
C TYR B 178 1.57 39.52 33.26
N LEU B 179 1.04 39.42 34.48
CA LEU B 179 1.32 38.32 35.38
C LEU B 179 0.06 37.49 35.65
N GLY B 180 -0.64 37.10 34.58
CA GLY B 180 -1.89 36.38 34.71
C GLY B 180 -1.76 34.91 34.37
N GLN B 181 -2.89 34.21 34.49
CA GLN B 181 -3.01 32.80 34.12
C GLN B 181 -1.97 31.93 34.84
N ASN B 182 -1.68 32.28 36.09
CA ASN B 182 -0.64 31.60 36.85
C ASN B 182 -1.18 30.48 37.73
N CYS B 183 -2.41 30.61 38.25
CA CYS B 183 -2.97 29.59 39.13
C CYS B 183 -4.50 29.63 39.00
N TYR B 184 -5.05 28.65 38.30
CA TYR B 184 -6.49 28.53 38.13
C TYR B 184 -6.80 27.10 37.71
N TYR B 185 -8.02 26.87 37.21
CA TYR B 185 -8.48 25.50 37.02
C TYR B 185 -7.75 24.79 35.88
N ARG B 186 -7.18 25.54 34.93
CA ARG B 186 -6.41 24.90 33.86
C ARG B 186 -4.94 24.76 34.22
N ASN B 187 -4.36 25.77 34.88
CA ASN B 187 -2.96 25.73 35.33
C ASN B 187 -2.95 25.81 36.85
N PRO B 188 -3.19 24.69 37.52
CA PRO B 188 -3.30 24.73 38.98
C PRO B 188 -1.94 24.78 39.66
N CYS B 189 -1.93 25.42 40.83
CA CYS B 189 -0.75 25.47 41.68
C CYS B 189 -1.04 25.16 43.14
N TYR B 190 -2.32 24.99 43.52
CA TYR B 190 -2.75 24.51 44.83
C TYR B 190 -2.38 25.45 45.98
N VAL B 191 -1.87 26.64 45.67
CA VAL B 191 -1.51 27.63 46.68
C VAL B 191 -2.12 28.97 46.29
N SER B 192 -2.63 29.70 47.29
CA SER B 192 -3.15 31.02 47.04
C SER B 192 -2.03 31.96 46.61
N TYR B 193 -2.38 32.95 45.78
CA TYR B 193 -1.41 33.91 45.29
C TYR B 193 -0.90 34.75 46.46
N SER B 194 0.36 34.52 46.84
CA SER B 194 0.96 35.23 47.97
C SER B 194 1.66 36.48 47.47
N ILE B 195 1.40 37.60 48.13
CA ILE B 195 2.01 38.87 47.80
C ILE B 195 2.54 39.50 49.08
N GLU B 196 3.81 39.87 49.07
CA GLU B 196 4.38 40.58 50.22
C GLU B 196 4.04 42.06 50.14
N LYS B 197 4.16 42.74 51.27
CA LYS B 197 3.67 44.11 51.39
C LYS B 197 4.44 45.06 50.48
N ASP B 198 3.71 45.83 49.69
CA ASP B 198 4.26 46.89 48.84
C ASP B 198 5.26 46.33 47.82
N ALA B 199 4.85 45.27 47.10
CA ALA B 199 5.71 44.69 46.09
C ALA B 199 5.77 45.56 44.85
N PHE B 200 4.64 46.17 44.47
CA PHE B 200 4.56 47.00 43.28
C PHE B 200 4.69 48.49 43.58
N LEU B 201 5.11 48.85 44.80
CA LEU B 201 5.15 50.26 45.20
C LEU B 201 6.20 51.02 44.39
N ASN B 202 7.44 50.56 44.41
CA ASN B 202 8.54 51.27 43.78
C ASN B 202 8.55 51.15 42.26
N LEU B 203 7.47 50.67 41.66
CA LEU B 203 7.35 50.60 40.19
C LEU B 203 6.53 51.81 39.74
N THR B 204 7.18 52.98 39.77
CA THR B 204 6.49 54.23 39.47
C THR B 204 6.13 54.37 37.99
N LYS B 205 6.76 53.60 37.11
CA LYS B 205 6.49 53.67 35.69
C LYS B 205 5.48 52.64 35.23
N LEU B 206 5.03 51.76 36.11
CA LEU B 206 4.07 50.73 35.73
C LEU B 206 2.70 51.34 35.49
N LYS B 207 2.07 50.95 34.39
CA LYS B 207 0.80 51.53 33.96
C LYS B 207 -0.37 50.56 34.04
N VAL B 208 -0.20 49.34 33.54
CA VAL B 208 -1.27 48.33 33.57
C VAL B 208 -0.76 47.11 34.32
N LEU B 209 -1.68 46.38 34.95
CA LEU B 209 -1.35 45.19 35.70
C LEU B 209 -2.48 44.18 35.53
N SER B 210 -2.14 42.96 35.13
CA SER B 210 -3.11 41.89 34.91
C SER B 210 -2.74 40.71 35.79
N LEU B 211 -3.50 40.51 36.86
CA LEU B 211 -3.33 39.37 37.76
C LEU B 211 -4.48 38.39 37.63
N LYS B 212 -4.95 38.18 36.40
CA LYS B 212 -6.09 37.32 36.14
C LYS B 212 -5.71 35.85 36.25
N ASP B 213 -6.64 35.05 36.77
CA ASP B 213 -6.49 33.60 36.84
C ASP B 213 -5.23 33.20 37.60
N ASN B 214 -5.01 33.85 38.74
CA ASN B 214 -3.85 33.58 39.57
C ASN B 214 -4.23 33.12 40.97
N ASN B 215 -5.50 32.78 41.21
CA ASN B 215 -5.98 32.37 42.52
C ASN B 215 -5.67 33.42 43.58
N VAL B 216 -5.93 34.69 43.24
CA VAL B 216 -5.62 35.78 44.15
C VAL B 216 -6.68 35.87 45.23
N THR B 217 -6.25 36.00 46.48
CA THR B 217 -7.15 36.11 47.62
C THR B 217 -7.43 37.56 48.01
N ALA B 218 -6.41 38.42 47.97
CA ALA B 218 -6.57 39.83 48.30
C ALA B 218 -5.77 40.66 47.31
N VAL B 219 -6.29 41.85 47.01
CA VAL B 219 -5.62 42.74 46.05
C VAL B 219 -4.28 43.18 46.63
N PRO B 220 -3.18 43.10 45.86
CA PRO B 220 -1.86 43.46 46.41
C PRO B 220 -1.74 44.93 46.76
N THR B 221 -1.93 45.25 48.04
CA THR B 221 -1.73 46.61 48.51
C THR B 221 -0.27 46.82 48.90
N VAL B 222 0.31 47.94 48.48
CA VAL B 222 -0.40 48.94 47.69
C VAL B 222 0.19 48.99 46.27
N LEU B 223 -0.66 49.35 45.29
CA LEU B 223 -0.33 49.46 43.88
C LEU B 223 0.18 50.87 43.57
N PRO B 224 0.98 51.02 42.51
CA PRO B 224 1.52 52.34 42.19
C PRO B 224 0.42 53.29 41.73
N SER B 225 0.64 54.59 42.02
CA SER B 225 -0.35 55.61 41.71
C SER B 225 -0.42 55.93 40.23
N THR B 226 0.53 55.45 39.42
CA THR B 226 0.54 55.69 37.98
C THR B 226 -0.19 54.60 37.20
N LEU B 227 -1.16 53.94 37.82
CA LEU B 227 -1.90 52.88 37.14
C LEU B 227 -2.85 53.46 36.09
N THR B 228 -3.11 52.66 35.05
CA THR B 228 -4.09 53.00 34.03
C THR B 228 -5.07 51.88 33.75
N GLU B 229 -4.67 50.62 33.94
CA GLU B 229 -5.56 49.48 33.76
C GLU B 229 -5.24 48.46 34.86
N LEU B 230 -6.29 47.97 35.53
CA LEU B 230 -6.12 46.99 36.60
C LEU B 230 -6.99 45.79 36.28
N TYR B 231 -6.35 44.67 35.97
CA TYR B 231 -7.04 43.44 35.60
C TYR B 231 -6.83 42.41 36.71
N LEU B 232 -7.77 42.38 37.65
CA LEU B 232 -7.78 41.39 38.73
C LEU B 232 -8.97 40.44 38.57
N TYR B 233 -9.42 40.25 37.33
CA TYR B 233 -10.64 39.51 37.08
C TYR B 233 -10.37 38.00 37.03
N ASN B 234 -11.43 37.23 37.27
CA ASN B 234 -11.36 35.77 37.30
C ASN B 234 -10.40 35.27 38.37
N ASN B 235 -10.61 35.74 39.60
CA ASN B 235 -9.80 35.33 40.75
C ASN B 235 -10.70 35.01 41.93
N MET B 236 -10.11 34.80 43.10
CA MET B 236 -10.84 34.37 44.29
C MET B 236 -10.87 35.43 45.39
N ILE B 237 -10.84 36.71 45.00
CA ILE B 237 -11.01 37.78 45.99
C ILE B 237 -12.45 37.78 46.46
N ALA B 238 -12.64 37.76 47.78
CA ALA B 238 -13.97 37.74 48.37
C ALA B 238 -14.39 39.07 48.97
N LYS B 239 -13.43 39.89 49.42
CA LYS B 239 -13.73 41.16 50.05
C LYS B 239 -12.83 42.24 49.47
N ILE B 240 -13.38 43.45 49.35
CA ILE B 240 -12.65 44.62 48.89
C ILE B 240 -12.50 45.59 50.07
N GLN B 241 -11.30 46.14 50.22
CA GLN B 241 -11.02 47.06 51.31
C GLN B 241 -11.24 48.50 50.87
N GLU B 242 -11.54 49.35 51.86
CA GLU B 242 -11.73 50.78 51.57
C GLU B 242 -10.41 51.48 51.29
N ASP B 243 -9.29 50.92 51.74
CA ASP B 243 -7.97 51.45 51.45
C ASP B 243 -7.28 50.71 50.32
N ASP B 244 -8.06 50.09 49.43
CA ASP B 244 -7.51 49.33 48.31
C ASP B 244 -7.16 50.24 47.13
N PHE B 245 -8.15 50.92 46.58
CA PHE B 245 -7.95 51.85 45.47
C PHE B 245 -7.85 53.30 45.96
N ASN B 246 -7.17 53.53 47.08
CA ASN B 246 -7.09 54.86 47.66
C ASN B 246 -6.09 55.75 46.92
N ASN B 247 -5.03 55.18 46.36
CA ASN B 247 -4.00 55.95 45.68
C ASN B 247 -4.12 55.91 44.16
N LEU B 248 -4.97 55.05 43.61
CA LEU B 248 -5.13 54.92 42.16
C LEU B 248 -6.03 56.05 41.68
N ASN B 249 -5.41 57.15 41.26
CA ASN B 249 -6.13 58.31 40.76
C ASN B 249 -6.07 58.45 39.25
N GLN B 250 -5.18 57.72 38.58
CA GLN B 250 -5.06 57.77 37.13
C GLN B 250 -5.61 56.51 36.46
N LEU B 251 -6.20 55.60 37.22
CA LEU B 251 -6.71 54.36 36.64
C LEU B 251 -7.88 54.66 35.70
N GLN B 252 -7.93 53.93 34.58
CA GLN B 252 -8.98 54.10 33.59
C GLN B 252 -9.83 52.86 33.37
N ILE B 253 -9.26 51.66 33.52
CA ILE B 253 -9.98 50.42 33.34
C ILE B 253 -9.72 49.54 34.57
N LEU B 254 -10.80 49.02 35.16
CA LEU B 254 -10.71 48.16 36.34
C LEU B 254 -11.57 46.93 36.08
N ASP B 255 -10.94 45.75 36.09
CA ASP B 255 -11.63 44.50 35.85
C ASP B 255 -11.63 43.66 37.12
N LEU B 256 -12.83 43.43 37.66
CA LEU B 256 -13.03 42.58 38.83
C LEU B 256 -14.08 41.52 38.55
N SER B 257 -14.03 40.94 37.36
CA SER B 257 -15.04 40.00 36.89
C SER B 257 -14.63 38.57 37.23
N GLY B 258 -15.55 37.81 37.81
CA GLY B 258 -15.28 36.43 38.16
C GLY B 258 -15.05 36.17 39.64
N ASN B 259 -14.82 37.20 40.44
CA ASN B 259 -14.65 37.02 41.87
C ASN B 259 -16.00 36.74 42.52
N CYS B 260 -16.09 35.63 43.26
CA CYS B 260 -17.35 35.11 43.77
C CYS B 260 -18.34 34.96 42.62
N PRO B 261 -18.09 34.07 41.68
CA PRO B 261 -18.88 34.05 40.45
C PRO B 261 -20.17 33.26 40.59
N ARG B 262 -21.10 33.55 39.68
CA ARG B 262 -22.36 32.82 39.56
C ARG B 262 -22.17 31.79 38.46
N CYS B 263 -21.82 30.56 38.85
CA CYS B 263 -21.44 29.51 37.91
C CYS B 263 -22.44 28.36 37.89
N TYR B 264 -23.73 28.67 37.94
CA TYR B 264 -24.74 27.62 37.81
C TYR B 264 -24.78 27.13 36.36
N ASN B 265 -24.66 25.81 36.20
CA ASN B 265 -24.60 25.17 34.88
C ASN B 265 -23.44 25.73 34.06
N ALA B 266 -22.28 25.89 34.70
CA ALA B 266 -21.10 26.44 34.03
C ALA B 266 -20.29 25.31 33.41
N PRO B 267 -19.82 25.47 32.17
CA PRO B 267 -19.02 24.42 31.53
C PRO B 267 -17.59 24.33 32.03
N PHE B 268 -17.20 25.14 33.02
CA PHE B 268 -15.85 25.13 33.55
C PHE B 268 -15.89 24.97 35.06
N PRO B 269 -14.87 24.33 35.65
CA PRO B 269 -14.81 24.20 37.11
C PRO B 269 -14.74 25.57 37.77
N CYS B 270 -15.55 25.74 38.82
CA CYS B 270 -15.65 27.01 39.52
C CYS B 270 -15.61 26.78 41.03
N ALA B 271 -15.28 27.86 41.75
CA ALA B 271 -15.25 27.85 43.21
C ALA B 271 -16.06 29.03 43.71
N PRO B 272 -17.35 28.85 43.98
CA PRO B 272 -18.19 29.96 44.44
C PRO B 272 -17.82 30.40 45.85
N CYS B 273 -18.35 31.55 46.24
CA CYS B 273 -18.08 32.10 47.55
C CYS B 273 -18.87 31.34 48.62
N LYS B 274 -18.69 31.74 49.88
CA LYS B 274 -19.36 31.10 50.99
C LYS B 274 -20.77 31.67 51.14
N ASN B 275 -21.75 30.77 51.34
CA ASN B 275 -23.15 31.14 51.55
C ASN B 275 -23.72 31.90 50.36
N ASN B 276 -23.17 31.66 49.16
CA ASN B 276 -23.61 32.31 47.93
C ASN B 276 -23.59 33.83 48.06
N SER B 277 -22.52 34.35 48.65
CA SER B 277 -22.43 35.80 48.86
C SER B 277 -21.70 36.45 47.69
N PRO B 278 -22.14 37.64 47.28
CA PRO B 278 -21.48 38.36 46.19
C PRO B 278 -20.15 38.95 46.64
N LEU B 279 -19.46 39.58 45.70
CA LEU B 279 -18.22 40.29 46.03
C LEU B 279 -18.52 41.49 46.92
N GLN B 280 -17.84 41.56 48.07
CA GLN B 280 -18.11 42.58 49.07
C GLN B 280 -17.29 43.82 48.75
N ILE B 281 -17.89 44.76 48.04
CA ILE B 281 -17.27 46.05 47.74
C ILE B 281 -17.91 47.10 48.64
N PRO B 282 -17.11 47.88 49.37
CA PRO B 282 -17.70 48.93 50.21
C PRO B 282 -18.30 50.04 49.37
N VAL B 283 -19.14 50.85 50.02
CA VAL B 283 -19.79 51.96 49.33
C VAL B 283 -18.77 53.05 48.98
N ASN B 284 -17.74 53.19 49.82
CA ASN B 284 -16.71 54.20 49.59
C ASN B 284 -15.40 53.59 49.09
N ALA B 285 -15.52 52.68 48.12
CA ALA B 285 -14.37 52.03 47.52
C ALA B 285 -13.88 52.69 46.25
N PHE B 286 -14.80 53.07 45.36
CA PHE B 286 -14.45 53.76 44.11
C PHE B 286 -14.47 55.27 44.31
N ASP B 287 -13.75 55.76 45.30
CA ASP B 287 -13.72 57.19 45.61
C ASP B 287 -12.58 57.90 44.89
N ALA B 288 -11.35 57.38 45.01
CA ALA B 288 -10.21 58.00 44.37
C ALA B 288 -10.18 57.75 42.87
N LEU B 289 -11.04 56.89 42.34
CA LEU B 289 -11.07 56.58 40.91
C LEU B 289 -11.92 57.63 40.21
N THR B 290 -11.26 58.61 39.58
CA THR B 290 -11.93 59.68 38.85
C THR B 290 -11.84 59.50 37.34
N GLU B 291 -10.65 59.17 36.82
CA GLU B 291 -10.45 58.98 35.39
C GLU B 291 -10.81 57.57 34.94
N LEU B 292 -11.50 56.79 35.77
CA LEU B 292 -11.92 55.45 35.38
C LEU B 292 -12.99 55.53 34.30
N LYS B 293 -12.81 54.74 33.24
CA LYS B 293 -13.73 54.74 32.12
C LYS B 293 -14.43 53.41 31.89
N VAL B 294 -13.77 52.29 32.20
CA VAL B 294 -14.33 50.96 32.01
C VAL B 294 -14.30 50.23 33.35
N LEU B 295 -15.45 49.68 33.74
CA LEU B 295 -15.57 48.94 35.00
C LEU B 295 -16.44 47.71 34.72
N ARG B 296 -15.80 46.54 34.68
CA ARG B 296 -16.49 45.29 34.37
C ARG B 296 -16.68 44.49 35.67
N LEU B 297 -17.92 44.12 35.95
CA LEU B 297 -18.24 43.32 37.12
C LEU B 297 -18.99 42.06 36.71
N HIS B 298 -18.51 41.40 35.65
CA HIS B 298 -19.19 40.22 35.13
C HIS B 298 -18.98 39.02 36.04
N SER B 299 -20.07 38.29 36.30
CA SER B 299 -20.06 37.08 37.12
C SER B 299 -19.47 37.35 38.50
N ASN B 300 -20.21 38.16 39.27
CA ASN B 300 -19.84 38.46 40.66
C ASN B 300 -20.96 38.11 41.63
N SER B 301 -22.01 37.45 41.17
CA SER B 301 -23.16 37.07 41.99
C SER B 301 -23.80 38.28 42.65
N LEU B 302 -23.66 39.46 42.04
CA LEU B 302 -24.11 40.69 42.65
C LEU B 302 -25.63 40.76 42.67
N GLN B 303 -26.19 40.94 43.87
CA GLN B 303 -27.63 41.13 44.03
C GLN B 303 -28.00 42.61 44.16
N HIS B 304 -27.09 43.45 44.65
CA HIS B 304 -27.33 44.87 44.81
C HIS B 304 -26.11 45.64 44.34
N VAL B 305 -26.34 46.80 43.73
CA VAL B 305 -25.28 47.71 43.32
C VAL B 305 -25.67 49.12 43.74
N PRO B 306 -25.10 49.64 44.83
CA PRO B 306 -25.52 50.95 45.33
C PRO B 306 -25.05 52.06 44.41
N PRO B 307 -25.82 53.15 44.30
CA PRO B 307 -25.35 54.30 43.51
C PRO B 307 -24.13 54.99 44.11
N ARG B 308 -23.79 54.70 45.37
CA ARG B 308 -22.62 55.32 45.98
C ARG B 308 -21.33 54.90 45.30
N TRP B 309 -21.33 53.72 44.65
CA TRP B 309 -20.14 53.28 43.93
C TRP B 309 -19.81 54.21 42.77
N PHE B 310 -20.83 54.79 42.14
CA PHE B 310 -20.67 55.68 41.00
C PHE B 310 -20.78 57.15 41.39
N LYS B 311 -20.32 57.52 42.58
CA LYS B 311 -20.44 58.91 43.03
C LYS B 311 -19.32 59.78 42.50
N ASN B 312 -18.07 59.31 42.60
CA ASN B 312 -16.91 60.09 42.22
C ASN B 312 -16.48 59.88 40.78
N ILE B 313 -16.89 58.79 40.14
CA ILE B 313 -16.50 58.49 38.77
C ILE B 313 -17.52 59.16 37.85
N ASN B 314 -17.05 60.14 37.08
CA ASN B 314 -17.93 60.91 36.20
C ASN B 314 -17.73 60.60 34.72
N LYS B 315 -16.64 59.91 34.36
CA LYS B 315 -16.31 59.62 32.97
C LYS B 315 -16.33 58.12 32.68
N LEU B 316 -17.31 57.42 33.23
CA LEU B 316 -17.49 55.99 32.94
C LEU B 316 -18.08 55.83 31.54
N GLN B 317 -17.48 54.96 30.75
CA GLN B 317 -17.94 54.68 29.40
C GLN B 317 -18.47 53.26 29.22
N GLU B 318 -17.82 52.27 29.82
CA GLU B 318 -18.24 50.88 29.70
C GLU B 318 -18.48 50.31 31.10
N LEU B 319 -19.64 49.69 31.28
CA LEU B 319 -20.03 49.09 32.56
C LEU B 319 -20.60 47.71 32.27
N ASP B 320 -19.91 46.67 32.72
CA ASP B 320 -20.35 45.29 32.53
C ASP B 320 -20.87 44.74 33.85
N LEU B 321 -22.08 44.19 33.82
CA LEU B 321 -22.70 43.59 35.00
C LEU B 321 -23.34 42.25 34.68
N SER B 322 -22.70 41.46 33.83
CA SER B 322 -23.28 40.21 33.37
C SER B 322 -23.12 39.11 34.41
N GLN B 323 -23.97 38.09 34.30
CA GLN B 323 -23.94 36.91 35.16
C GLN B 323 -24.06 37.30 36.64
N ASN B 324 -25.07 38.10 36.96
CA ASN B 324 -25.33 38.55 38.31
C ASN B 324 -26.78 38.23 38.68
N PHE B 325 -27.15 38.61 39.91
CA PHE B 325 -28.51 38.43 40.40
C PHE B 325 -29.27 39.76 40.37
N LEU B 326 -28.98 40.59 39.37
CA LEU B 326 -29.57 41.91 39.25
C LEU B 326 -30.94 41.89 38.56
N ALA B 327 -31.68 40.79 38.68
CA ALA B 327 -33.02 40.74 38.12
C ALA B 327 -33.97 41.67 38.87
N LYS B 328 -33.72 41.88 40.17
CA LYS B 328 -34.52 42.81 40.95
C LYS B 328 -33.96 44.22 40.92
N GLU B 329 -32.66 44.37 40.65
CA GLU B 329 -32.07 45.70 40.58
C GLU B 329 -32.36 46.39 39.25
N ILE B 330 -32.51 45.62 38.17
CA ILE B 330 -32.82 46.22 36.87
C ILE B 330 -34.18 46.89 36.91
N GLY B 331 -35.08 46.43 37.78
CA GLY B 331 -36.36 47.11 37.93
C GLY B 331 -36.26 48.42 38.66
N ASP B 332 -35.24 48.57 39.52
CA ASP B 332 -35.00 49.83 40.22
C ASP B 332 -33.96 50.68 39.50
N ALA B 333 -32.71 50.21 39.48
CA ALA B 333 -31.62 50.82 38.71
C ALA B 333 -31.48 52.31 39.03
N LYS B 334 -31.27 52.61 40.32
CA LYS B 334 -31.08 53.99 40.72
C LYS B 334 -29.68 54.48 40.39
N PHE B 335 -28.70 53.57 40.39
CA PHE B 335 -27.30 53.92 40.16
C PHE B 335 -27.10 54.57 38.80
N LEU B 336 -27.95 54.22 37.83
CA LEU B 336 -27.85 54.81 36.49
C LEU B 336 -28.10 56.31 36.49
N HIS B 337 -28.63 56.86 37.57
CA HIS B 337 -28.76 58.31 37.68
C HIS B 337 -27.41 59.00 37.85
N PHE B 338 -26.33 58.25 38.07
CA PHE B 338 -25.00 58.80 38.18
C PHE B 338 -24.13 58.44 36.99
N LEU B 339 -24.72 57.98 35.88
CA LEU B 339 -24.00 57.57 34.69
C LEU B 339 -24.45 58.43 33.51
N PRO B 340 -23.91 59.65 33.39
CA PRO B 340 -24.32 60.52 32.27
C PRO B 340 -23.52 60.30 30.99
N SER B 341 -22.30 59.76 31.08
CA SER B 341 -21.43 59.58 29.92
C SER B 341 -21.19 58.12 29.58
N LEU B 342 -22.13 57.24 29.98
CA LEU B 342 -21.97 55.82 29.74
C LEU B 342 -22.22 55.51 28.26
N ILE B 343 -21.38 54.63 27.70
CA ILE B 343 -21.51 54.22 26.30
C ILE B 343 -22.07 52.81 26.19
N GLN B 344 -21.47 51.86 26.91
CA GLN B 344 -21.89 50.46 26.88
C GLN B 344 -22.42 50.04 28.25
N LEU B 345 -23.45 49.20 28.23
CA LEU B 345 -24.06 48.70 29.46
C LEU B 345 -24.44 47.24 29.22
N ASP B 346 -23.64 46.32 29.73
CA ASP B 346 -23.86 44.89 29.57
C ASP B 346 -24.56 44.35 30.81
N LEU B 347 -25.83 43.97 30.67
CA LEU B 347 -26.63 43.40 31.73
C LEU B 347 -27.16 42.02 31.32
N SER B 348 -26.28 41.21 30.72
CA SER B 348 -26.70 39.93 30.17
C SER B 348 -26.67 38.83 31.23
N PHE B 349 -27.60 37.88 31.09
CA PHE B 349 -27.67 36.68 31.93
C PHE B 349 -27.81 37.06 33.41
N ASN B 350 -28.87 37.82 33.70
CA ASN B 350 -29.22 38.19 35.07
C ASN B 350 -30.50 37.52 35.55
N PHE B 351 -30.95 36.48 34.85
CA PHE B 351 -32.18 35.80 35.22
C PHE B 351 -32.00 35.02 36.52
N GLU B 352 -33.10 34.80 37.23
CA GLU B 352 -33.13 33.95 38.40
C GLU B 352 -33.68 32.58 38.03
N LEU B 353 -33.23 31.57 38.77
CA LEU B 353 -33.50 30.19 38.39
C LEU B 353 -34.98 29.83 38.59
N GLN B 354 -35.52 29.09 37.63
CA GLN B 354 -36.87 28.52 37.71
C GLN B 354 -37.93 29.61 37.86
N VAL B 355 -37.76 30.71 37.15
CA VAL B 355 -38.74 31.80 37.12
C VAL B 355 -38.85 32.27 35.67
N TYR B 356 -40.02 32.06 35.08
CA TYR B 356 -40.31 32.49 33.71
C TYR B 356 -41.27 33.68 33.80
N ARG B 357 -40.70 34.88 33.79
CA ARG B 357 -41.50 36.09 33.93
C ARG B 357 -42.39 36.28 32.71
N ALA B 358 -43.52 36.96 32.91
CA ALA B 358 -44.45 37.25 31.83
C ALA B 358 -44.08 38.50 31.06
N SER B 359 -43.26 39.38 31.63
CA SER B 359 -42.84 40.60 30.96
C SER B 359 -41.51 41.06 31.54
N MET B 360 -40.84 41.93 30.80
CA MET B 360 -39.56 42.48 31.21
C MET B 360 -39.79 43.84 31.86
N ASN B 361 -39.21 44.03 33.04
CA ASN B 361 -39.42 45.23 33.86
C ASN B 361 -38.19 46.12 33.75
N LEU B 362 -38.33 47.24 33.05
CA LEU B 362 -37.28 48.24 32.94
C LEU B 362 -37.67 49.48 33.74
N SER B 363 -36.67 50.10 34.36
CA SER B 363 -36.92 51.29 35.17
C SER B 363 -36.89 52.54 34.29
N GLN B 364 -37.51 53.61 34.80
CA GLN B 364 -37.50 54.88 34.09
C GLN B 364 -36.12 55.51 34.05
N ALA B 365 -35.26 55.20 35.02
CA ALA B 365 -33.90 55.71 35.03
C ALA B 365 -33.11 55.33 33.78
N PHE B 366 -33.59 54.36 33.00
CA PHE B 366 -32.99 54.03 31.72
C PHE B 366 -32.98 55.21 30.75
N SER B 367 -33.76 56.26 31.03
CA SER B 367 -33.76 57.47 30.22
C SER B 367 -32.71 58.48 30.68
N SER B 368 -31.88 58.13 31.66
CA SER B 368 -30.87 59.04 32.18
C SER B 368 -29.49 58.78 31.58
N LEU B 369 -29.34 57.77 30.74
CA LEU B 369 -28.04 57.45 30.13
C LEU B 369 -27.98 58.12 28.75
N LYS B 370 -27.78 59.43 28.77
CA LYS B 370 -27.84 60.28 27.59
C LYS B 370 -27.02 59.76 26.42
N SER B 371 -25.78 59.34 26.68
CA SER B 371 -24.86 58.91 25.64
C SER B 371 -24.82 57.39 25.48
N LEU B 372 -25.89 56.69 25.85
CA LEU B 372 -25.92 55.24 25.73
C LEU B 372 -25.96 54.84 24.26
N LYS B 373 -25.07 53.93 23.86
CA LYS B 373 -24.99 53.45 22.49
C LYS B 373 -25.30 51.97 22.38
N ILE B 374 -24.62 51.13 23.16
CA ILE B 374 -24.80 49.68 23.12
C ILE B 374 -25.46 49.23 24.41
N LEU B 375 -26.58 48.53 24.28
CA LEU B 375 -27.33 48.03 25.43
C LEU B 375 -27.77 46.60 25.12
N ARG B 376 -27.18 45.63 25.81
CA ARG B 376 -27.49 44.22 25.62
C ARG B 376 -28.15 43.68 26.88
N ILE B 377 -29.42 43.30 26.77
CA ILE B 377 -30.14 42.70 27.88
C ILE B 377 -30.41 41.23 27.56
N ARG B 378 -29.34 40.48 27.35
CA ARG B 378 -29.47 39.05 27.09
C ARG B 378 -29.69 38.30 28.40
N GLY B 379 -30.06 37.03 28.27
CA GLY B 379 -30.27 36.19 29.44
C GLY B 379 -31.34 36.68 30.38
N TYR B 380 -32.14 37.66 29.96
CA TYR B 380 -33.27 38.16 30.73
C TYR B 380 -34.55 37.45 30.31
N VAL B 381 -34.69 36.18 30.70
CA VAL B 381 -35.76 35.32 30.22
C VAL B 381 -37.12 35.86 30.66
N PHE B 382 -37.98 36.11 29.68
CA PHE B 382 -39.37 36.52 29.94
C PHE B 382 -40.22 36.08 28.76
N LYS B 383 -41.53 36.30 28.88
CA LYS B 383 -42.48 35.78 27.91
C LYS B 383 -42.83 36.80 26.83
N GLU B 384 -43.55 37.86 27.19
CA GLU B 384 -44.09 38.81 26.22
C GLU B 384 -43.34 40.13 26.31
N LEU B 385 -42.95 40.66 25.16
CA LEU B 385 -42.30 41.97 25.06
C LEU B 385 -43.33 42.93 24.49
N LYS B 386 -43.89 43.78 25.34
CA LYS B 386 -44.91 44.73 24.92
C LYS B 386 -44.27 46.00 24.37
N SER B 387 -45.09 46.82 23.71
CA SER B 387 -44.58 48.05 23.11
C SER B 387 -44.15 49.04 24.19
N PHE B 388 -44.97 49.24 25.21
CA PHE B 388 -44.66 50.18 26.28
C PHE B 388 -43.59 49.68 27.23
N ASN B 389 -43.11 48.44 27.06
CA ASN B 389 -42.02 47.94 27.89
C ASN B 389 -40.70 48.62 27.55
N LEU B 390 -40.55 49.12 26.32
CA LEU B 390 -39.36 49.86 25.91
C LEU B 390 -39.59 51.37 25.91
N SER B 391 -40.51 51.85 26.76
CA SER B 391 -40.78 53.28 26.81
C SER B 391 -39.60 54.13 27.25
N PRO B 392 -38.81 53.77 28.27
CA PRO B 392 -37.66 54.60 28.61
C PRO B 392 -36.62 54.68 27.51
N LEU B 393 -36.64 53.74 26.55
CA LEU B 393 -35.70 53.73 25.45
C LEU B 393 -36.19 54.48 24.22
N HIS B 394 -37.30 55.20 24.34
CA HIS B 394 -37.89 55.90 23.20
C HIS B 394 -37.30 57.28 22.96
N ASN B 395 -36.39 57.74 23.82
CA ASN B 395 -35.78 59.06 23.66
C ASN B 395 -34.27 59.01 23.61
N LEU B 396 -33.67 57.82 23.51
CA LEU B 396 -32.23 57.67 23.45
C LEU B 396 -31.76 57.98 22.03
N GLN B 397 -31.25 59.18 21.83
CA GLN B 397 -30.83 59.60 20.49
C GLN B 397 -29.58 58.86 20.02
N ASN B 398 -28.65 58.59 20.94
CA ASN B 398 -27.39 57.94 20.60
C ASN B 398 -27.46 56.41 20.66
N LEU B 399 -28.64 55.85 20.94
CA LEU B 399 -28.78 54.40 21.03
C LEU B 399 -28.71 53.79 19.63
N GLU B 400 -27.77 52.87 19.44
CA GLU B 400 -27.59 52.19 18.16
C GLU B 400 -27.74 50.68 18.25
N VAL B 401 -27.43 50.08 19.40
CA VAL B 401 -27.49 48.64 19.59
C VAL B 401 -28.56 48.32 20.62
N LEU B 402 -29.47 47.41 20.27
CA LEU B 402 -30.53 46.94 21.17
C LEU B 402 -30.57 45.42 21.06
N ASP B 403 -29.80 44.75 21.92
CA ASP B 403 -29.72 43.29 21.93
C ASP B 403 -30.68 42.75 22.96
N LEU B 404 -31.63 41.92 22.53
CA LEU B 404 -32.63 41.32 23.40
C LEU B 404 -32.77 39.84 23.10
N GLY B 405 -31.65 39.17 22.84
CA GLY B 405 -31.66 37.75 22.53
C GLY B 405 -31.50 36.87 23.76
N THR B 406 -31.66 35.57 23.53
CA THR B 406 -31.55 34.56 24.58
C THR B 406 -32.48 34.88 25.75
N ASN B 407 -33.69 35.30 25.44
CA ASN B 407 -34.69 35.63 26.45
C ASN B 407 -35.95 34.79 26.35
N PHE B 408 -36.04 33.90 25.35
CA PHE B 408 -37.20 33.01 25.17
C PHE B 408 -38.50 33.80 25.05
N ILE B 409 -38.44 34.94 24.35
CA ILE B 409 -39.62 35.74 24.12
C ILE B 409 -40.55 35.00 23.16
N LYS B 410 -41.83 34.94 23.51
CA LYS B 410 -42.83 34.21 22.73
C LYS B 410 -43.69 35.12 21.86
N ILE B 411 -44.32 36.13 22.47
CA ILE B 411 -45.19 37.05 21.75
C ILE B 411 -44.51 38.41 21.71
N ALA B 412 -44.32 38.93 20.50
CA ALA B 412 -43.67 40.23 20.31
C ALA B 412 -44.20 40.84 19.03
N ASN B 413 -44.99 41.90 19.16
CA ASN B 413 -45.52 42.64 18.01
C ASN B 413 -44.36 43.38 17.35
N LEU B 414 -44.07 43.05 16.09
CA LEU B 414 -42.95 43.68 15.40
C LEU B 414 -43.22 45.15 15.10
N SER B 415 -44.49 45.52 14.90
CA SER B 415 -44.84 46.88 14.52
C SER B 415 -44.37 47.90 15.55
N MET B 416 -44.25 47.51 16.83
CA MET B 416 -43.79 48.44 17.85
C MET B 416 -42.40 48.99 17.55
N PHE B 417 -41.64 48.30 16.69
CA PHE B 417 -40.31 48.77 16.32
C PHE B 417 -40.35 49.91 15.30
N LYS B 418 -41.54 50.44 15.00
CA LYS B 418 -41.64 51.60 14.12
C LYS B 418 -41.14 52.87 14.79
N GLN B 419 -40.91 52.84 16.11
CA GLN B 419 -40.37 53.99 16.82
C GLN B 419 -38.85 53.99 16.91
N PHE B 420 -38.22 52.82 16.78
CA PHE B 420 -36.77 52.71 16.83
C PHE B 420 -36.19 52.80 15.40
N LYS B 421 -36.49 53.91 14.74
CA LYS B 421 -36.00 54.12 13.38
C LYS B 421 -34.58 54.63 13.36
N ARG B 422 -34.19 55.39 14.39
CA ARG B 422 -32.82 55.90 14.48
C ARG B 422 -31.82 54.84 14.91
N LEU B 423 -32.29 53.66 15.31
CA LEU B 423 -31.41 52.60 15.76
C LEU B 423 -30.59 52.05 14.59
N LYS B 424 -29.58 51.24 14.93
CA LYS B 424 -28.73 50.61 13.94
C LYS B 424 -28.97 49.10 13.82
N VAL B 425 -29.08 48.39 14.93
CA VAL B 425 -29.34 46.97 14.92
C VAL B 425 -30.49 46.67 15.89
N ILE B 426 -31.34 45.71 15.52
CA ILE B 426 -32.45 45.27 16.34
C ILE B 426 -32.33 43.75 16.46
N ASP B 427 -31.71 43.29 17.55
CA ASP B 427 -31.37 41.88 17.71
C ASP B 427 -32.49 41.15 18.43
N LEU B 428 -33.20 40.29 17.71
CA LEU B 428 -34.20 39.38 18.27
C LEU B 428 -33.89 37.95 17.83
N SER B 429 -32.93 37.32 18.51
CA SER B 429 -32.34 36.09 18.01
C SER B 429 -33.12 34.84 18.43
N VAL B 430 -32.50 34.02 19.29
CA VAL B 430 -32.96 32.65 19.52
C VAL B 430 -34.21 32.61 20.38
N ASN B 431 -34.90 33.74 20.52
CA ASN B 431 -36.18 33.77 21.21
C ASN B 431 -37.25 33.13 20.33
N LYS B 432 -38.28 32.55 20.95
CA LYS B 432 -39.32 31.82 20.23
C LYS B 432 -40.46 32.73 19.78
N ILE B 433 -40.13 33.75 18.97
CA ILE B 433 -41.16 34.66 18.48
C ILE B 433 -41.99 33.96 17.41
N SER B 434 -43.30 34.08 17.50
CA SER B 434 -44.23 33.44 16.59
C SER B 434 -45.17 34.47 16.00
N PRO B 435 -45.55 34.31 14.71
CA PRO B 435 -46.48 35.22 14.04
C PRO B 435 -47.85 35.27 14.72
N LYS B 470 -6.37 44.09 26.51
CA LYS B 470 -5.44 43.00 26.81
C LYS B 470 -5.02 42.25 25.56
N TYR B 471 -4.04 42.79 24.86
CA TYR B 471 -3.53 42.15 23.64
C TYR B 471 -2.76 40.89 24.01
N ALA B 472 -3.31 39.72 23.68
CA ALA B 472 -2.65 38.45 23.97
C ALA B 472 -3.17 37.43 22.96
N ARG B 473 -2.37 37.16 21.93
CA ARG B 473 -2.74 36.17 20.92
C ARG B 473 -2.57 34.77 21.49
N SER B 474 -3.55 33.91 21.24
CA SER B 474 -3.50 32.55 21.77
C SER B 474 -2.32 31.78 21.18
N CYS B 475 -1.75 30.90 22.00
CA CYS B 475 -0.59 30.12 21.59
C CYS B 475 -0.98 29.05 20.58
N SER B 490 -22.04 40.44 7.06
CA SER B 490 -23.28 40.83 7.71
C SER B 490 -23.89 42.05 7.02
N CYS B 491 -25.03 42.51 7.54
CA CYS B 491 -25.70 43.67 6.99
C CYS B 491 -25.62 44.90 7.87
N TYR B 492 -24.67 44.95 8.82
CA TYR B 492 -24.47 46.14 9.62
C TYR B 492 -23.95 47.31 8.80
N LYS B 493 -23.39 47.04 7.62
CA LYS B 493 -22.90 48.07 6.72
C LYS B 493 -23.99 48.64 5.82
N TYR B 494 -25.20 48.08 5.86
CA TYR B 494 -26.29 48.54 5.01
C TYR B 494 -27.25 49.47 5.72
N GLY B 495 -27.29 49.45 7.05
CA GLY B 495 -28.18 50.33 7.80
C GLY B 495 -28.97 49.62 8.87
N GLN B 496 -30.25 49.97 9.00
CA GLN B 496 -31.10 49.34 10.00
C GLN B 496 -31.33 47.87 9.67
N THR B 497 -31.22 47.02 10.67
CA THR B 497 -31.41 45.58 10.50
C THR B 497 -32.32 45.04 11.58
N LEU B 498 -33.08 43.99 11.24
CA LEU B 498 -33.94 43.29 12.18
C LEU B 498 -33.53 41.83 12.18
N ASP B 499 -32.69 41.44 13.13
CA ASP B 499 -32.15 40.09 13.19
C ASP B 499 -33.20 39.19 13.86
N LEU B 500 -33.99 38.51 13.04
CA LEU B 500 -34.98 37.54 13.52
C LEU B 500 -34.52 36.10 13.30
N SER B 501 -33.24 35.83 13.55
CA SER B 501 -32.70 34.50 13.29
C SER B 501 -33.05 33.53 14.41
N LYS B 502 -33.34 32.29 14.01
CA LYS B 502 -33.56 31.18 14.95
C LYS B 502 -34.76 31.44 15.88
N ASN B 503 -35.85 31.96 15.33
CA ASN B 503 -37.08 32.13 16.10
C ASN B 503 -38.03 30.97 15.78
N SER B 504 -39.33 31.22 15.91
CA SER B 504 -40.35 30.20 15.67
C SER B 504 -41.39 30.65 14.64
N ILE B 505 -40.95 31.41 13.64
CA ILE B 505 -41.83 31.80 12.54
C ILE B 505 -41.85 30.66 11.53
N PHE B 506 -43.05 30.13 11.26
CA PHE B 506 -43.22 29.07 10.27
C PHE B 506 -43.99 29.53 9.04
N PHE B 507 -44.44 30.78 9.01
CA PHE B 507 -45.11 31.34 7.84
C PHE B 507 -45.04 32.86 7.92
N VAL B 508 -44.89 33.50 6.76
CA VAL B 508 -44.67 34.93 6.66
C VAL B 508 -45.95 35.59 6.16
N LYS B 509 -46.36 36.66 6.84
CA LYS B 509 -47.50 37.46 6.44
C LYS B 509 -47.06 38.89 6.15
N SER B 510 -47.90 39.60 5.39
CA SER B 510 -47.59 40.99 5.04
C SER B 510 -47.92 41.94 6.19
N SER B 511 -48.94 41.63 7.00
CA SER B 511 -49.31 42.50 8.10
C SER B 511 -48.32 42.42 9.25
N ASP B 512 -47.50 41.37 9.30
CA ASP B 512 -46.54 41.24 10.40
C ASP B 512 -45.40 42.25 10.25
N PHE B 513 -44.92 42.46 9.03
CA PHE B 513 -43.83 43.38 8.75
C PHE B 513 -44.31 44.78 8.39
N GLN B 514 -45.52 45.15 8.80
CA GLN B 514 -46.02 46.49 8.55
C GLN B 514 -45.28 47.52 9.39
N HIS B 515 -45.29 48.76 8.92
CA HIS B 515 -44.59 49.88 9.56
C HIS B 515 -43.10 49.62 9.69
N LEU B 516 -42.54 48.78 8.81
CA LEU B 516 -41.12 48.45 8.86
C LEU B 516 -40.45 48.75 7.53
N SER B 517 -40.77 49.91 6.93
CA SER B 517 -40.20 50.27 5.64
C SER B 517 -38.76 50.74 5.76
N PHE B 518 -38.36 51.28 6.91
CA PHE B 518 -37.01 51.78 7.10
C PHE B 518 -35.97 50.68 7.27
N LEU B 519 -36.39 49.41 7.27
CA LEU B 519 -35.45 48.31 7.47
C LEU B 519 -34.61 48.08 6.23
N LYS B 520 -33.30 48.17 6.37
CA LYS B 520 -32.38 47.90 5.28
C LYS B 520 -31.92 46.44 5.24
N CYS B 521 -32.15 45.69 6.30
CA CYS B 521 -31.75 44.29 6.37
C CYS B 521 -32.80 43.52 7.16
N LEU B 522 -32.83 42.21 6.94
CA LEU B 522 -33.81 41.34 7.59
C LEU B 522 -33.27 39.92 7.61
N ASN B 523 -33.09 39.36 8.80
CA ASN B 523 -32.49 38.05 8.98
C ASN B 523 -33.58 37.05 9.37
N LEU B 524 -33.84 36.08 8.50
CA LEU B 524 -34.79 35.00 8.76
C LEU B 524 -34.10 33.64 8.79
N SER B 525 -32.81 33.61 9.18
CA SER B 525 -32.05 32.37 9.15
C SER B 525 -32.39 31.48 10.33
N GLY B 526 -32.57 30.19 10.05
CA GLY B 526 -32.83 29.22 11.10
C GLY B 526 -34.26 29.15 11.58
N ASN B 527 -35.20 29.79 10.89
CA ASN B 527 -36.59 29.79 11.32
C ASN B 527 -37.40 28.64 10.74
N LEU B 528 -36.89 27.97 9.70
CA LEU B 528 -37.54 26.81 9.09
C LEU B 528 -38.95 27.15 8.62
N ILE B 529 -39.03 28.10 7.70
CA ILE B 529 -40.29 28.57 7.15
C ILE B 529 -40.61 27.75 5.91
N SER B 530 -41.72 27.02 5.94
CA SER B 530 -42.19 26.23 4.80
C SER B 530 -43.30 27.01 4.11
N GLN B 531 -42.96 27.70 3.04
CA GLN B 531 -43.91 28.55 2.34
C GLN B 531 -43.41 28.82 0.92
N THR B 532 -44.34 28.85 -0.03
CA THR B 532 -44.04 29.19 -1.41
C THR B 532 -44.41 30.67 -1.62
N LEU B 533 -43.42 31.47 -1.99
CA LEU B 533 -43.63 32.91 -2.15
C LEU B 533 -44.17 33.22 -3.53
N ASN B 534 -45.23 34.01 -3.58
CA ASN B 534 -45.85 34.42 -4.84
C ASN B 534 -45.70 35.91 -5.11
N GLY B 535 -44.94 36.62 -4.29
CA GLY B 535 -44.71 38.03 -4.47
C GLY B 535 -45.61 38.95 -3.68
N SER B 536 -46.10 38.50 -2.51
CA SER B 536 -46.97 39.35 -1.70
C SER B 536 -46.66 39.23 -0.21
N GLU B 537 -45.56 38.60 0.18
CA GLU B 537 -45.25 38.42 1.60
C GLU B 537 -44.54 39.64 2.17
N PHE B 538 -43.40 40.00 1.59
CA PHE B 538 -42.60 41.13 2.06
C PHE B 538 -42.99 42.43 1.36
N GLN B 539 -44.30 42.74 1.38
CA GLN B 539 -44.77 43.93 0.67
C GLN B 539 -44.38 45.23 1.37
N PRO B 540 -44.58 45.41 2.68
CA PRO B 540 -44.21 46.69 3.31
C PRO B 540 -42.70 46.97 3.29
N LEU B 541 -41.88 45.99 2.95
CA LEU B 541 -40.42 46.16 2.91
C LEU B 541 -40.05 46.78 1.57
N ALA B 542 -40.17 48.11 1.49
CA ALA B 542 -39.87 48.82 0.26
C ALA B 542 -38.39 49.16 0.15
N GLU B 543 -37.77 49.56 1.26
CA GLU B 543 -36.37 49.96 1.28
C GLU B 543 -35.43 48.84 1.72
N LEU B 544 -35.88 47.59 1.67
CA LEU B 544 -35.03 46.48 2.08
C LEU B 544 -33.92 46.26 1.07
N ARG B 545 -32.69 46.07 1.56
CA ARG B 545 -31.54 45.85 0.71
C ARG B 545 -30.82 44.53 0.98
N TYR B 546 -31.06 43.90 2.13
CA TYR B 546 -30.40 42.65 2.48
C TYR B 546 -31.44 41.70 3.06
N LEU B 547 -31.45 40.46 2.58
CA LEU B 547 -32.41 39.46 3.01
C LEU B 547 -31.68 38.16 3.32
N ASP B 548 -31.80 37.69 4.55
CA ASP B 548 -31.22 36.42 4.97
C ASP B 548 -32.36 35.41 5.16
N PHE B 549 -32.36 34.37 4.34
CA PHE B 549 -33.37 33.32 4.40
C PHE B 549 -32.70 31.95 4.45
N SER B 550 -31.66 31.81 5.26
CA SER B 550 -30.96 30.55 5.37
C SER B 550 -31.69 29.60 6.32
N ASN B 551 -31.39 28.31 6.17
CA ASN B 551 -31.92 27.25 7.03
C ASN B 551 -33.44 27.31 7.10
N ASN B 552 -34.06 27.32 5.92
CA ASN B 552 -35.51 27.34 5.80
C ASN B 552 -35.92 26.35 4.72
N ARG B 553 -37.21 26.33 4.39
CA ARG B 553 -37.75 25.43 3.36
C ARG B 553 -38.60 26.27 2.40
N LEU B 554 -37.95 26.86 1.41
CA LEU B 554 -38.65 27.64 0.40
C LEU B 554 -39.00 26.77 -0.80
N ASP B 555 -40.22 26.90 -1.28
CA ASP B 555 -40.72 26.12 -2.42
C ASP B 555 -40.84 27.07 -3.60
N LEU B 556 -39.92 26.93 -4.57
CA LEU B 556 -39.82 27.85 -5.70
C LEU B 556 -40.80 27.41 -6.79
N LEU B 557 -42.02 27.92 -6.72
CA LEU B 557 -43.05 27.62 -7.69
C LEU B 557 -43.30 28.74 -8.69
N HIS B 558 -43.13 30.00 -8.29
CA HIS B 558 -43.41 31.15 -9.13
C HIS B 558 -42.16 31.97 -9.36
N SER B 559 -42.02 32.49 -10.58
CA SER B 559 -40.91 33.37 -10.90
C SER B 559 -41.05 34.75 -10.28
N THR B 560 -42.23 35.07 -9.74
CA THR B 560 -42.48 36.36 -9.10
C THR B 560 -42.10 36.37 -7.63
N ALA B 561 -41.23 35.45 -7.20
CA ALA B 561 -40.76 35.45 -5.83
C ALA B 561 -39.82 36.63 -5.60
N PHE B 562 -40.01 37.31 -4.46
CA PHE B 562 -39.23 38.50 -4.11
C PHE B 562 -39.38 39.60 -5.16
N GLU B 563 -40.50 39.61 -5.88
CA GLU B 563 -40.70 40.61 -6.92
C GLU B 563 -40.94 41.99 -6.32
N GLU B 564 -41.68 42.06 -5.23
CA GLU B 564 -41.96 43.34 -4.57
C GLU B 564 -40.72 43.95 -3.91
N LEU B 565 -39.60 43.23 -3.89
CA LEU B 565 -38.35 43.76 -3.34
C LEU B 565 -37.61 44.52 -4.45
N HIS B 566 -38.10 45.72 -4.72
CA HIS B 566 -37.56 46.50 -5.82
C HIS B 566 -36.17 47.03 -5.50
N LYS B 567 -35.92 47.37 -4.23
CA LYS B 567 -34.63 47.92 -3.80
C LYS B 567 -33.72 46.87 -3.16
N LEU B 568 -34.01 45.59 -3.37
CA LEU B 568 -33.19 44.55 -2.76
C LEU B 568 -31.91 44.33 -3.56
N GLU B 569 -30.78 44.40 -2.87
CA GLU B 569 -29.46 44.24 -3.49
C GLU B 569 -28.83 42.88 -3.24
N VAL B 570 -28.99 42.32 -2.04
CA VAL B 570 -28.42 41.03 -1.69
C VAL B 570 -29.53 40.12 -1.18
N LEU B 571 -29.53 38.88 -1.65
CA LEU B 571 -30.52 37.88 -1.24
C LEU B 571 -29.79 36.60 -0.85
N ASP B 572 -30.14 36.05 0.30
CA ASP B 572 -29.57 34.80 0.79
C ASP B 572 -30.67 33.76 0.86
N ILE B 573 -30.60 32.76 -0.02
CA ILE B 573 -31.59 31.70 -0.08
C ILE B 573 -30.87 30.36 0.14
N SER B 574 -29.72 30.42 0.80
CA SER B 574 -28.90 29.23 1.00
C SER B 574 -29.52 28.31 2.04
N SER B 575 -29.03 27.07 2.06
CA SER B 575 -29.41 26.05 3.06
C SER B 575 -30.92 25.84 3.09
N ASN B 576 -31.51 25.64 1.91
CA ASN B 576 -32.92 25.32 1.75
C ASN B 576 -33.10 24.07 0.90
N SER B 577 -32.33 23.02 1.21
CA SER B 577 -32.28 21.83 0.37
C SER B 577 -33.55 20.99 0.42
N HIS B 578 -34.47 21.29 1.33
CA HIS B 578 -35.65 20.43 1.52
C HIS B 578 -36.47 20.33 0.23
N TYR B 579 -37.08 21.45 -0.18
CA TYR B 579 -37.94 21.44 -1.36
C TYR B 579 -37.15 21.32 -2.66
N PHE B 580 -35.88 21.73 -2.68
CA PHE B 580 -35.09 21.59 -3.89
C PHE B 580 -34.60 20.16 -4.10
N GLN B 581 -34.59 19.34 -3.05
CA GLN B 581 -34.20 17.94 -3.20
C GLN B 581 -35.31 17.12 -3.85
N SER B 582 -36.56 17.51 -3.67
CA SER B 582 -37.68 16.78 -4.25
C SER B 582 -37.63 16.86 -5.77
N GLU B 583 -38.04 15.76 -6.42
CA GLU B 583 -38.03 15.66 -7.88
C GLU B 583 -39.48 15.60 -8.38
N GLY B 584 -39.74 16.32 -9.47
CA GLY B 584 -41.06 16.39 -10.07
C GLY B 584 -41.70 17.75 -9.96
N ILE B 585 -41.44 18.48 -8.87
CA ILE B 585 -42.03 19.80 -8.70
C ILE B 585 -41.23 20.82 -9.49
N THR B 586 -41.87 21.95 -9.78
CA THR B 586 -41.24 23.01 -10.56
C THR B 586 -40.25 23.80 -9.71
N HIS B 587 -39.23 24.34 -10.38
CA HIS B 587 -38.22 25.20 -9.75
C HIS B 587 -37.93 26.33 -10.72
N MET B 588 -38.66 27.43 -10.59
CA MET B 588 -38.51 28.59 -11.48
C MET B 588 -37.27 29.38 -11.05
N LEU B 589 -36.11 28.91 -11.51
CA LEU B 589 -34.84 29.54 -11.17
C LEU B 589 -34.67 30.92 -11.78
N ASN B 590 -35.51 31.31 -12.74
CA ASN B 590 -35.44 32.63 -13.37
C ASN B 590 -36.17 33.70 -12.57
N PHE B 591 -36.27 33.53 -11.26
CA PHE B 591 -36.96 34.50 -10.41
C PHE B 591 -36.17 35.79 -10.20
N THR B 592 -34.95 35.87 -10.71
CA THR B 592 -34.12 37.06 -10.56
C THR B 592 -34.36 38.09 -11.65
N LYS B 593 -35.26 37.81 -12.59
CA LYS B 593 -35.51 38.77 -13.68
C LYS B 593 -36.22 40.01 -13.17
N ASN B 594 -37.12 39.86 -12.20
CA ASN B 594 -37.85 40.99 -11.65
C ASN B 594 -37.03 41.80 -10.66
N LEU B 595 -35.83 41.36 -10.32
CA LEU B 595 -34.95 42.09 -9.42
C LEU B 595 -34.03 42.98 -10.26
N LYS B 596 -34.27 44.29 -10.22
CA LYS B 596 -33.54 45.20 -11.11
C LYS B 596 -32.24 45.71 -10.48
N VAL B 597 -32.13 45.68 -9.15
CA VAL B 597 -30.98 46.22 -8.46
C VAL B 597 -30.24 45.16 -7.65
N LEU B 598 -30.62 43.89 -7.79
CA LEU B 598 -29.95 42.82 -7.06
C LEU B 598 -28.49 42.71 -7.51
N GLN B 599 -27.59 42.69 -6.53
CA GLN B 599 -26.15 42.63 -6.79
C GLN B 599 -25.48 41.37 -6.30
N LYS B 600 -26.06 40.70 -5.30
CA LYS B 600 -25.47 39.48 -4.73
C LYS B 600 -26.57 38.49 -4.44
N LEU B 601 -26.25 37.20 -4.59
CA LEU B 601 -27.22 36.14 -4.34
C LEU B 601 -26.48 34.94 -3.78
N MET B 602 -26.87 34.49 -2.60
CA MET B 602 -26.30 33.31 -1.97
C MET B 602 -27.35 32.19 -2.00
N MET B 603 -27.03 31.12 -2.71
CA MET B 603 -27.92 29.95 -2.83
C MET B 603 -27.13 28.67 -2.62
N ASN B 604 -26.31 28.64 -1.58
CA ASN B 604 -25.44 27.52 -1.29
C ASN B 604 -26.16 26.44 -0.51
N ASP B 605 -25.70 25.20 -0.67
CA ASP B 605 -26.22 24.05 0.07
C ASP B 605 -27.73 23.88 -0.13
N ASN B 606 -28.14 23.80 -1.40
CA ASN B 606 -29.54 23.61 -1.75
C ASN B 606 -29.80 22.29 -2.47
N ASP B 607 -28.77 21.61 -2.96
CA ASP B 607 -28.92 20.32 -3.64
C ASP B 607 -29.88 20.42 -4.82
N ILE B 608 -29.82 21.53 -5.55
CA ILE B 608 -30.72 21.76 -6.68
C ILE B 608 -30.31 20.80 -7.80
N SER B 609 -31.18 19.84 -8.12
CA SER B 609 -30.92 18.87 -9.17
C SER B 609 -31.84 19.04 -10.37
N SER B 610 -32.84 19.90 -10.29
CA SER B 610 -33.76 20.11 -11.40
C SER B 610 -34.30 21.53 -11.35
N SER B 611 -34.72 22.03 -12.52
CA SER B 611 -35.26 23.38 -12.62
C SER B 611 -36.07 23.46 -13.91
N THR B 612 -37.34 23.88 -13.80
CA THR B 612 -38.17 23.99 -14.99
C THR B 612 -37.72 25.14 -15.88
N SER B 613 -37.19 26.21 -15.29
CA SER B 613 -36.69 27.33 -16.10
C SER B 613 -35.37 26.96 -16.75
N ARG B 614 -35.28 27.19 -18.05
CA ARG B 614 -34.08 26.82 -18.80
C ARG B 614 -32.92 27.77 -18.58
N THR B 615 -33.20 29.04 -18.30
CA THR B 615 -32.15 30.04 -18.11
C THR B 615 -32.48 30.91 -16.90
N MET B 616 -31.51 31.72 -16.50
CA MET B 616 -31.68 32.70 -15.44
C MET B 616 -31.38 34.09 -15.99
N GLU B 617 -32.22 35.05 -15.64
CA GLU B 617 -32.13 36.40 -16.17
C GLU B 617 -31.90 37.39 -15.04
N SER B 618 -30.93 38.28 -15.22
CA SER B 618 -30.66 39.35 -14.26
C SER B 618 -29.73 40.39 -14.90
N GLU B 619 -30.16 41.64 -14.94
CA GLU B 619 -29.41 42.70 -15.58
C GLU B 619 -28.51 43.46 -14.61
N SER B 620 -28.45 43.06 -13.34
CA SER B 620 -27.62 43.74 -12.36
C SER B 620 -26.85 42.82 -11.44
N LEU B 621 -27.13 41.51 -11.45
CA LEU B 621 -26.42 40.59 -10.57
C LEU B 621 -24.97 40.47 -11.01
N ARG B 622 -24.06 40.76 -10.08
CA ARG B 622 -22.62 40.68 -10.35
C ARG B 622 -21.94 39.49 -9.71
N THR B 623 -22.37 39.09 -8.52
CA THR B 623 -21.79 37.95 -7.81
C THR B 623 -22.88 36.92 -7.56
N LEU B 624 -22.54 35.65 -7.76
CA LEU B 624 -23.50 34.55 -7.60
C LEU B 624 -22.78 33.37 -6.96
N GLU B 625 -23.15 33.05 -5.72
CA GLU B 625 -22.62 31.90 -5.01
C GLU B 625 -23.53 30.70 -5.26
N PHE B 626 -23.04 29.73 -6.02
CA PHE B 626 -23.85 28.60 -6.49
C PHE B 626 -23.16 27.29 -6.13
N ARG B 627 -22.71 27.18 -4.89
CA ARG B 627 -21.97 26.01 -4.42
C ARG B 627 -22.87 25.08 -3.61
N GLY B 628 -22.43 23.84 -3.49
CA GLY B 628 -23.14 22.87 -2.67
C GLY B 628 -24.43 22.35 -3.27
N ASN B 629 -24.48 22.18 -4.59
CA ASN B 629 -25.67 21.70 -5.28
C ASN B 629 -25.34 20.43 -6.06
N HIS B 630 -26.14 20.17 -7.08
CA HIS B 630 -25.96 19.00 -7.94
C HIS B 630 -26.04 19.46 -9.40
N LEU B 631 -24.87 19.65 -10.02
CA LEU B 631 -24.80 20.06 -11.41
C LEU B 631 -24.45 18.93 -12.35
N ASP B 632 -24.00 17.78 -11.84
CA ASP B 632 -23.72 16.63 -12.69
C ASP B 632 -24.99 16.08 -13.33
N VAL B 633 -26.17 16.40 -12.77
CA VAL B 633 -27.44 15.98 -13.34
C VAL B 633 -28.04 17.07 -14.23
N LEU B 634 -27.80 18.34 -13.89
CA LEU B 634 -28.25 19.42 -14.76
C LEU B 634 -27.37 19.55 -16.00
N TRP B 635 -26.07 19.26 -15.87
CA TRP B 635 -25.15 19.22 -16.99
C TRP B 635 -24.80 17.80 -17.39
N ARG B 636 -25.78 16.89 -17.29
CA ARG B 636 -25.57 15.49 -17.60
C ARG B 636 -25.26 15.31 -19.09
N GLU B 637 -24.61 14.19 -19.41
CA GLU B 637 -24.26 13.87 -20.78
C GLU B 637 -25.50 13.78 -21.64
N GLY B 638 -25.52 14.55 -22.74
CA GLY B 638 -26.65 14.59 -23.64
C GLY B 638 -27.75 15.55 -23.26
N ASP B 639 -27.67 16.17 -22.08
CA ASP B 639 -28.69 17.13 -21.62
C ASP B 639 -28.17 18.54 -21.90
N ASN B 640 -28.50 19.05 -23.09
CA ASN B 640 -28.09 20.38 -23.50
C ASN B 640 -29.09 21.46 -23.11
N ARG B 641 -30.03 21.15 -22.22
CA ARG B 641 -31.04 22.12 -21.84
C ARG B 641 -30.46 23.18 -20.89
N TYR B 642 -29.71 22.73 -19.88
CA TYR B 642 -29.17 23.61 -18.85
C TYR B 642 -27.71 23.98 -19.11
N LEU B 643 -27.30 24.02 -20.37
CA LEU B 643 -25.92 24.39 -20.67
C LEU B 643 -25.71 25.90 -20.54
N GLN B 644 -26.71 26.68 -20.95
CA GLN B 644 -26.62 28.14 -20.90
C GLN B 644 -27.43 28.69 -19.73
N LEU B 645 -27.07 28.23 -18.52
CA LEU B 645 -27.77 28.68 -17.33
C LEU B 645 -27.36 30.10 -16.95
N PHE B 646 -26.06 30.37 -16.92
CA PHE B 646 -25.53 31.68 -16.54
C PHE B 646 -25.24 32.57 -17.74
N LYS B 647 -25.75 32.23 -18.92
CA LYS B 647 -25.46 33.02 -20.11
C LYS B 647 -26.11 34.39 -20.05
N ASN B 648 -27.41 34.44 -19.71
CA ASN B 648 -28.13 35.70 -19.67
C ASN B 648 -27.72 36.59 -18.51
N LEU B 649 -26.84 36.10 -17.62
CA LEU B 649 -26.28 36.93 -16.55
C LEU B 649 -25.25 37.86 -17.16
N LEU B 650 -25.74 39.00 -17.66
CA LEU B 650 -24.89 39.89 -18.44
C LEU B 650 -23.80 40.52 -17.58
N LYS B 651 -24.15 41.01 -16.39
CA LYS B 651 -23.20 41.72 -15.53
C LYS B 651 -22.62 40.83 -14.44
N LEU B 652 -22.74 39.51 -14.58
CA LEU B 652 -22.17 38.61 -13.58
C LEU B 652 -20.64 38.63 -13.67
N GLU B 653 -19.99 38.90 -12.53
CA GLU B 653 -18.54 38.97 -12.49
C GLU B 653 -17.91 38.01 -11.49
N GLU B 654 -18.69 37.33 -10.64
CA GLU B 654 -18.14 36.40 -9.67
C GLU B 654 -19.10 35.22 -9.56
N LEU B 655 -18.69 34.07 -10.10
CA LEU B 655 -19.46 32.85 -10.05
C LEU B 655 -18.79 31.86 -9.11
N ASP B 656 -19.53 31.44 -8.08
CA ASP B 656 -19.00 30.51 -7.10
C ASP B 656 -19.71 29.16 -7.17
N ILE B 657 -19.62 28.50 -8.32
CA ILE B 657 -20.24 27.19 -8.51
C ILE B 657 -19.22 26.11 -8.15
N SER B 658 -19.30 25.59 -6.92
CA SER B 658 -18.34 24.62 -6.42
C SER B 658 -19.06 23.59 -5.57
N LYS B 659 -18.30 22.60 -5.10
CA LYS B 659 -18.81 21.55 -4.22
C LYS B 659 -20.08 20.89 -4.78
N ASN B 660 -20.19 20.83 -6.11
CA ASN B 660 -21.36 20.29 -6.77
C ASN B 660 -21.13 18.91 -7.35
N SER B 661 -20.05 18.23 -6.94
CA SER B 661 -19.72 16.88 -7.40
C SER B 661 -19.58 16.82 -8.92
N LEU B 662 -19.08 17.89 -9.53
CA LEU B 662 -18.87 17.93 -10.98
C LEU B 662 -17.68 17.06 -11.34
N SER B 663 -17.94 15.94 -12.00
CA SER B 663 -16.87 15.01 -12.38
C SER B 663 -16.21 15.36 -13.69
N PHE B 664 -16.96 15.91 -14.65
CA PHE B 664 -16.41 16.29 -15.94
C PHE B 664 -17.17 17.49 -16.47
N LEU B 665 -16.48 18.32 -17.25
CA LEU B 665 -17.08 19.53 -17.79
C LEU B 665 -17.68 19.25 -19.16
N PRO B 666 -18.98 19.43 -19.36
CA PRO B 666 -19.57 19.25 -20.69
C PRO B 666 -19.14 20.37 -21.62
N SER B 667 -18.61 19.99 -22.79
CA SER B 667 -18.14 20.97 -23.75
C SER B 667 -19.30 21.77 -24.32
N GLY B 668 -19.34 23.06 -24.02
CA GLY B 668 -20.40 23.92 -24.48
C GLY B 668 -20.92 24.87 -23.42
N VAL B 669 -20.64 24.56 -22.16
CA VAL B 669 -21.11 25.42 -21.07
C VAL B 669 -20.29 26.72 -21.02
N PHE B 670 -19.01 26.67 -21.40
CA PHE B 670 -18.21 27.89 -21.42
C PHE B 670 -18.69 28.85 -22.50
N ASP B 671 -19.33 28.33 -23.55
CA ASP B 671 -19.97 29.19 -24.54
C ASP B 671 -21.23 29.84 -23.99
N GLY B 672 -21.83 29.26 -22.95
CA GLY B 672 -22.99 29.85 -22.31
C GLY B 672 -22.67 30.47 -20.97
N MET B 673 -21.47 31.02 -20.86
CA MET B 673 -20.99 31.69 -19.66
C MET B 673 -21.18 33.19 -19.77
N PRO B 674 -21.26 33.89 -18.64
CA PRO B 674 -21.40 35.36 -18.70
C PRO B 674 -20.21 36.00 -19.38
N PRO B 675 -20.44 37.04 -20.20
CA PRO B 675 -19.31 37.67 -20.89
C PRO B 675 -18.41 38.47 -19.95
N ASN B 676 -18.98 39.13 -18.94
CA ASN B 676 -18.21 39.90 -17.98
C ASN B 676 -17.78 39.08 -16.77
N LEU B 677 -17.68 37.76 -16.92
CA LEU B 677 -17.27 36.91 -15.82
C LEU B 677 -15.81 37.16 -15.46
N LYS B 678 -15.54 37.41 -14.18
CA LYS B 678 -14.20 37.67 -13.71
C LYS B 678 -13.73 36.70 -12.63
N ASN B 679 -14.64 36.18 -11.80
CA ASN B 679 -14.28 35.28 -10.71
C ASN B 679 -15.04 33.97 -10.89
N LEU B 680 -14.32 32.92 -11.30
CA LEU B 680 -14.87 31.58 -11.42
C LEU B 680 -14.14 30.65 -10.46
N SER B 681 -14.90 29.95 -9.63
CA SER B 681 -14.35 29.03 -8.64
C SER B 681 -14.97 27.65 -8.84
N LEU B 682 -14.11 26.63 -8.88
CA LEU B 682 -14.53 25.24 -9.06
C LEU B 682 -13.88 24.36 -8.00
N ALA B 683 -13.97 24.78 -6.75
CA ALA B 683 -13.28 24.12 -5.66
C ALA B 683 -14.07 22.94 -5.12
N LYS B 684 -13.35 21.89 -4.73
CA LYS B 684 -13.94 20.71 -4.07
C LYS B 684 -15.04 20.07 -4.91
N ASN B 685 -14.82 20.00 -6.23
CA ASN B 685 -15.78 19.41 -7.14
C ASN B 685 -15.47 17.94 -7.42
N GLY B 686 -14.37 17.68 -8.11
CA GLY B 686 -14.01 16.33 -8.50
C GLY B 686 -13.74 16.23 -9.99
N LEU B 687 -13.23 17.31 -10.58
CA LEU B 687 -12.92 17.33 -12.01
C LEU B 687 -11.83 16.33 -12.34
N LYS B 688 -12.16 15.33 -13.14
CA LYS B 688 -11.18 14.35 -13.59
C LYS B 688 -10.37 14.85 -14.77
N SER B 689 -10.94 15.70 -15.62
CA SER B 689 -10.22 16.26 -16.77
C SER B 689 -10.87 17.60 -17.11
N PHE B 690 -10.19 18.69 -16.75
CA PHE B 690 -10.68 20.04 -17.00
C PHE B 690 -10.08 20.54 -18.30
N SER B 691 -10.95 20.89 -19.25
CA SER B 691 -10.48 21.43 -20.52
C SER B 691 -9.90 22.82 -20.33
N TRP B 692 -8.83 23.11 -21.07
CA TRP B 692 -8.15 24.40 -20.97
C TRP B 692 -8.25 25.23 -22.24
N LYS B 693 -8.38 24.60 -23.41
CA LYS B 693 -8.52 25.34 -24.65
C LYS B 693 -9.85 26.07 -24.75
N LYS B 694 -10.84 25.68 -23.94
CA LYS B 694 -12.13 26.36 -23.91
C LYS B 694 -12.11 27.64 -23.10
N LEU B 695 -10.98 27.97 -22.48
CA LEU B 695 -10.88 29.19 -21.69
C LEU B 695 -10.79 30.45 -22.55
N GLN B 696 -10.58 30.31 -23.86
CA GLN B 696 -10.52 31.48 -24.73
C GLN B 696 -11.88 32.16 -24.83
N CYS B 697 -12.96 31.41 -24.59
CA CYS B 697 -14.30 32.00 -24.64
C CYS B 697 -14.56 32.96 -23.50
N LEU B 698 -13.77 32.88 -22.42
CA LEU B 698 -13.90 33.78 -21.27
C LEU B 698 -12.77 34.80 -21.38
N LYS B 699 -13.04 35.89 -22.08
CA LYS B 699 -12.06 36.94 -22.30
C LYS B 699 -11.99 37.95 -21.15
N ASN B 700 -12.55 37.61 -19.98
CA ASN B 700 -12.49 38.50 -18.83
C ASN B 700 -12.19 37.77 -17.54
N LEU B 701 -11.89 36.47 -17.59
CA LEU B 701 -11.61 35.71 -16.38
C LEU B 701 -10.22 36.06 -15.84
N GLU B 702 -10.13 36.30 -14.54
CA GLU B 702 -8.88 36.68 -13.91
C GLU B 702 -8.54 35.90 -12.65
N THR B 703 -9.50 35.24 -12.01
CA THR B 703 -9.31 34.58 -10.73
C THR B 703 -9.88 33.17 -10.75
N LEU B 704 -9.53 32.40 -11.78
CA LEU B 704 -9.98 31.02 -11.88
C LEU B 704 -9.45 30.21 -10.70
N ASP B 705 -10.38 29.62 -9.94
CA ASP B 705 -10.06 28.87 -8.73
C ASP B 705 -10.38 27.40 -8.97
N LEU B 706 -9.35 26.56 -8.94
CA LEU B 706 -9.48 25.12 -9.11
C LEU B 706 -8.82 24.38 -7.96
N SER B 707 -9.21 24.72 -6.73
CA SER B 707 -8.59 24.14 -5.54
C SER B 707 -9.32 22.86 -5.13
N HIS B 708 -8.56 21.92 -4.54
CA HIS B 708 -9.11 20.67 -4.02
C HIS B 708 -9.87 19.89 -5.09
N ASN B 709 -9.21 19.71 -6.24
CA ASN B 709 -9.77 18.99 -7.37
C ASN B 709 -8.97 17.70 -7.61
N GLN B 710 -9.33 16.98 -8.67
CA GLN B 710 -8.69 15.72 -9.00
C GLN B 710 -8.16 15.71 -10.43
N LEU B 711 -7.99 16.88 -11.03
CA LEU B 711 -7.44 16.95 -12.37
C LEU B 711 -5.96 16.59 -12.36
N THR B 712 -5.47 16.12 -13.51
CA THR B 712 -4.13 15.56 -13.61
C THR B 712 -3.18 16.41 -14.42
N THR B 713 -3.53 16.74 -15.67
CA THR B 713 -2.61 17.37 -16.60
C THR B 713 -2.83 18.88 -16.63
N VAL B 714 -1.73 19.62 -16.67
CA VAL B 714 -1.75 21.08 -16.80
C VAL B 714 -1.89 21.43 -18.27
N PRO B 715 -2.34 22.64 -18.62
CA PRO B 715 -2.46 22.99 -20.04
C PRO B 715 -1.10 23.03 -20.73
N GLU B 716 -1.13 22.88 -22.05
CA GLU B 716 0.10 22.90 -22.84
C GLU B 716 0.73 24.28 -22.83
N ARG B 717 -0.05 25.30 -23.20
CA ARG B 717 0.44 26.68 -23.24
C ARG B 717 -0.63 27.58 -22.62
N LEU B 718 -0.30 28.21 -21.49
CA LEU B 718 -1.25 29.10 -20.84
C LEU B 718 -1.49 30.38 -21.64
N SER B 719 -0.60 30.71 -22.57
CA SER B 719 -0.81 31.89 -23.41
C SER B 719 -1.94 31.66 -24.40
N ASN B 720 -1.99 30.48 -25.01
CA ASN B 720 -3.04 30.17 -25.97
C ASN B 720 -4.38 29.89 -25.28
N CYS B 721 -4.37 29.66 -23.97
CA CYS B 721 -5.60 29.39 -23.24
C CYS B 721 -6.30 30.67 -22.78
N SER B 722 -5.53 31.61 -22.24
CA SER B 722 -6.10 32.87 -21.76
C SER B 722 -5.01 33.94 -21.74
N ARG B 723 -5.43 35.18 -21.97
CA ARG B 723 -4.53 36.33 -21.90
C ARG B 723 -4.97 37.35 -20.85
N SER B 724 -5.91 36.98 -19.98
CA SER B 724 -6.35 37.85 -18.89
C SER B 724 -6.39 37.14 -17.55
N LEU B 725 -6.06 35.84 -17.51
CA LEU B 725 -6.07 35.09 -16.26
C LEU B 725 -4.82 35.42 -15.46
N LYS B 726 -5.00 35.74 -14.17
CA LYS B 726 -3.88 36.16 -13.34
C LYS B 726 -3.84 35.51 -11.96
N ASN B 727 -4.90 34.83 -11.54
CA ASN B 727 -4.98 34.26 -10.19
C ASN B 727 -5.31 32.78 -10.26
N LEU B 728 -4.57 32.05 -11.08
CA LEU B 728 -4.76 30.60 -11.17
C LEU B 728 -4.44 29.95 -9.83
N ILE B 729 -5.37 29.16 -9.32
CA ILE B 729 -5.25 28.50 -8.02
C ILE B 729 -5.44 27.01 -8.26
N LEU B 730 -4.39 26.22 -8.06
CA LEU B 730 -4.42 24.76 -8.23
C LEU B 730 -4.01 24.06 -6.94
N LYS B 731 -4.73 24.31 -5.85
CA LYS B 731 -4.38 23.74 -4.56
C LYS B 731 -5.04 22.39 -4.36
N ASN B 732 -4.29 21.45 -3.78
CA ASN B 732 -4.80 20.14 -3.38
C ASN B 732 -5.34 19.34 -4.56
N ASN B 733 -4.65 19.35 -5.69
CA ASN B 733 -4.97 18.48 -6.81
C ASN B 733 -3.80 17.55 -7.09
N GLN B 734 -3.98 16.64 -8.05
CA GLN B 734 -3.01 15.59 -8.34
C GLN B 734 -2.32 15.90 -9.67
N ILE B 735 -1.24 16.68 -9.60
CA ILE B 735 -0.43 17.02 -10.76
C ILE B 735 0.95 16.41 -10.58
N ARG B 736 1.44 15.71 -11.60
CA ARG B 736 2.72 15.03 -11.53
C ARG B 736 3.87 15.83 -12.13
N SER B 737 3.65 16.53 -13.24
CA SER B 737 4.70 17.30 -13.87
C SER B 737 4.06 18.33 -14.79
N LEU B 738 4.73 19.48 -14.92
CA LEU B 738 4.23 20.56 -15.76
C LEU B 738 4.64 20.35 -17.21
N THR B 739 4.14 21.22 -18.09
CA THR B 739 4.49 21.18 -19.50
C THR B 739 5.85 21.87 -19.71
N LYS B 740 6.50 21.55 -20.83
CA LYS B 740 7.79 22.16 -21.13
C LYS B 740 7.68 23.65 -21.40
N TYR B 741 6.50 24.14 -21.77
CA TYR B 741 6.26 25.56 -22.08
C TYR B 741 5.01 26.04 -21.38
N PHE B 742 4.92 25.77 -20.07
CA PHE B 742 3.74 26.12 -19.30
C PHE B 742 3.49 27.62 -19.30
N LEU B 743 4.44 28.40 -18.78
CA LEU B 743 4.31 29.85 -18.69
C LEU B 743 4.98 30.57 -19.86
N GLN B 744 5.03 29.95 -21.04
CA GLN B 744 5.66 30.57 -22.19
C GLN B 744 4.81 31.75 -22.68
N ASP B 745 5.42 32.93 -22.71
CA ASP B 745 4.79 34.15 -23.19
C ASP B 745 3.56 34.54 -22.37
N ALA B 746 3.42 33.96 -21.18
CA ALA B 746 2.31 34.26 -20.29
C ALA B 746 2.76 35.39 -19.34
N PHE B 747 2.45 36.63 -19.74
CA PHE B 747 2.89 37.80 -19.00
C PHE B 747 1.82 38.34 -18.05
N GLN B 748 0.55 38.15 -18.37
CA GLN B 748 -0.52 38.81 -17.63
C GLN B 748 -0.76 38.21 -16.25
N LEU B 749 -0.27 37.01 -15.99
CA LEU B 749 -0.55 36.35 -14.71
C LEU B 749 0.35 36.88 -13.61
N ARG B 750 -0.24 37.09 -12.43
CA ARG B 750 0.49 37.64 -11.29
C ARG B 750 0.30 36.81 -10.02
N TYR B 751 -0.36 35.66 -10.10
CA TYR B 751 -0.66 34.87 -8.91
C TYR B 751 -0.88 33.43 -9.33
N LEU B 752 -0.24 32.50 -8.61
CA LEU B 752 -0.30 31.09 -8.95
C LEU B 752 -0.06 30.27 -7.70
N ASP B 753 -0.74 29.13 -7.60
CA ASP B 753 -0.63 28.24 -6.46
C ASP B 753 -0.53 26.80 -6.95
N LEU B 754 0.50 26.09 -6.50
CA LEU B 754 0.70 24.69 -6.82
C LEU B 754 1.15 23.91 -5.59
N SER B 755 0.51 24.17 -4.46
CA SER B 755 0.86 23.51 -3.21
C SER B 755 0.06 22.23 -3.02
N SER B 756 0.57 21.36 -2.15
CA SER B 756 -0.07 20.09 -1.79
C SER B 756 -0.36 19.25 -3.04
N ASN B 757 0.62 19.20 -3.94
CA ASN B 757 0.53 18.42 -5.16
C ASN B 757 1.56 17.29 -5.13
N LYS B 758 1.68 16.57 -6.24
CA LYS B 758 2.70 15.53 -6.40
C LYS B 758 3.68 15.90 -7.51
N ILE B 759 3.83 17.21 -7.78
CA ILE B 759 4.76 17.67 -8.79
C ILE B 759 6.18 17.33 -8.36
N GLN B 760 7.01 16.93 -9.32
CA GLN B 760 8.35 16.43 -9.02
C GLN B 760 9.47 17.29 -9.59
N MET B 761 9.27 17.92 -10.74
CA MET B 761 10.31 18.74 -11.35
C MET B 761 9.69 19.97 -12.02
N ILE B 762 10.43 21.07 -11.99
CA ILE B 762 10.05 22.30 -12.66
C ILE B 762 11.26 22.80 -13.44
N GLN B 763 11.08 23.07 -14.73
CA GLN B 763 12.16 23.44 -15.63
C GLN B 763 12.14 24.94 -15.89
N LYS B 764 13.23 25.42 -16.50
CA LYS B 764 13.36 26.83 -16.81
C LYS B 764 12.56 27.24 -18.04
N THR B 765 12.47 26.36 -19.04
CA THR B 765 11.71 26.66 -20.24
C THR B 765 10.24 26.89 -19.94
N SER B 766 9.73 26.27 -18.87
CA SER B 766 8.35 26.48 -18.45
C SER B 766 8.21 27.59 -17.42
N PHE B 767 9.29 27.96 -16.73
CA PHE B 767 9.28 29.02 -15.74
C PHE B 767 10.40 30.01 -16.04
N PRO B 768 10.30 30.75 -17.14
CA PRO B 768 11.34 31.72 -17.46
C PRO B 768 11.27 32.96 -16.57
N GLU B 769 12.44 33.56 -16.32
CA GLU B 769 12.50 34.68 -15.39
C GLU B 769 11.79 35.91 -15.93
N ASN B 770 11.69 36.04 -17.27
CA ASN B 770 11.06 37.21 -17.85
C ASN B 770 9.59 37.33 -17.45
N VAL B 771 8.94 36.19 -17.14
CA VAL B 771 7.56 36.21 -16.71
C VAL B 771 7.51 36.07 -15.19
N LEU B 772 8.51 35.40 -14.60
CA LEU B 772 8.54 35.23 -13.16
C LEU B 772 8.90 36.51 -12.42
N ASN B 773 9.38 37.53 -13.13
CA ASN B 773 9.78 38.77 -12.45
C ASN B 773 8.60 39.55 -11.90
N ASN B 774 7.36 39.26 -12.34
CA ASN B 774 6.20 40.04 -11.93
C ASN B 774 5.23 39.28 -11.04
N LEU B 775 5.46 38.00 -10.77
CA LEU B 775 4.53 37.23 -9.96
C LEU B 775 4.50 37.75 -8.53
N LYS B 776 3.31 38.12 -8.06
CA LYS B 776 3.17 38.64 -6.71
C LYS B 776 3.26 37.54 -5.66
N MET B 777 2.80 36.34 -5.97
CA MET B 777 2.78 35.24 -5.01
C MET B 777 2.82 33.92 -5.75
N LEU B 778 3.56 32.97 -5.17
CA LEU B 778 3.69 31.64 -5.75
C LEU B 778 3.92 30.64 -4.63
N LEU B 779 3.19 29.53 -4.65
CA LEU B 779 3.24 28.52 -3.60
C LEU B 779 3.57 27.16 -4.20
N LEU B 780 4.57 26.50 -3.63
CA LEU B 780 5.00 25.17 -4.09
C LEU B 780 5.32 24.27 -2.92
N HIS B 781 4.59 24.40 -1.82
CA HIS B 781 4.87 23.66 -0.61
C HIS B 781 4.00 22.41 -0.51
N HIS B 782 4.40 21.51 0.40
CA HIS B 782 3.66 20.28 0.69
C HIS B 782 3.56 19.37 -0.53
N ASN B 783 4.56 19.39 -1.40
CA ASN B 783 4.59 18.55 -2.59
C ASN B 783 5.71 17.51 -2.47
N ARG B 784 5.78 16.62 -3.45
CA ARG B 784 6.73 15.51 -3.45
C ARG B 784 7.91 15.78 -4.38
N PHE B 785 8.63 16.86 -4.13
CA PHE B 785 9.84 17.15 -4.89
C PHE B 785 10.95 16.17 -4.53
N LEU B 786 11.42 15.42 -5.53
CA LEU B 786 12.64 14.64 -5.38
C LEU B 786 13.80 15.51 -5.85
N CYS B 787 14.59 16.00 -4.90
CA CYS B 787 15.62 17.00 -5.20
C CYS B 787 16.91 16.31 -5.63
N THR B 788 16.83 15.62 -6.75
CA THR B 788 18.00 15.02 -7.37
C THR B 788 18.70 16.04 -8.26
N CYS B 789 19.85 15.64 -8.79
CA CYS B 789 20.65 16.51 -9.65
C CYS B 789 20.13 16.59 -11.08
N ASP B 790 19.14 15.75 -11.43
CA ASP B 790 18.65 15.69 -12.81
C ASP B 790 18.22 17.06 -13.34
N ALA B 791 17.75 17.93 -12.46
CA ALA B 791 17.44 19.32 -12.80
C ALA B 791 18.26 20.21 -11.86
N VAL B 792 19.58 20.17 -12.04
CA VAL B 792 20.49 20.85 -11.12
C VAL B 792 20.18 22.35 -11.06
N TRP B 793 19.92 22.97 -12.21
CA TRP B 793 19.61 24.40 -12.22
C TRP B 793 18.36 24.72 -11.41
N PHE B 794 17.40 23.79 -11.34
CA PHE B 794 16.27 23.97 -10.45
C PHE B 794 16.76 24.16 -9.01
N VAL B 795 17.65 23.29 -8.54
CA VAL B 795 18.26 23.46 -7.23
C VAL B 795 18.95 24.80 -7.13
N TRP B 796 19.50 25.29 -8.24
CA TRP B 796 20.12 26.62 -8.25
C TRP B 796 19.07 27.71 -8.33
N TRP B 797 17.95 27.46 -9.01
CA TRP B 797 16.96 28.51 -9.24
C TRP B 797 16.35 28.98 -7.93
N VAL B 798 16.19 28.09 -6.95
CA VAL B 798 15.63 28.51 -5.67
C VAL B 798 16.66 29.29 -4.86
N ASN B 799 17.95 29.13 -5.17
CA ASN B 799 18.99 29.78 -4.38
C ASN B 799 19.13 31.26 -4.73
N HIS B 800 19.24 31.58 -6.01
CA HIS B 800 19.44 32.96 -6.46
C HIS B 800 18.29 33.36 -7.38
N THR B 801 17.20 33.82 -6.78
CA THR B 801 16.02 34.31 -7.49
C THR B 801 15.08 34.94 -6.46
N GLU B 802 14.56 36.12 -6.79
CA GLU B 802 13.67 36.87 -5.90
C GLU B 802 12.24 36.67 -6.37
N VAL B 803 11.63 35.58 -5.93
CA VAL B 803 10.22 35.30 -6.18
C VAL B 803 9.58 34.87 -4.87
N THR B 804 8.48 35.52 -4.51
CA THR B 804 7.82 35.28 -3.24
C THR B 804 7.30 33.86 -3.14
N ILE B 805 8.05 32.98 -2.47
CA ILE B 805 7.64 31.60 -2.24
C ILE B 805 7.61 31.36 -0.74
N PRO B 806 6.45 31.45 -0.09
CA PRO B 806 6.38 31.24 1.35
C PRO B 806 6.61 29.78 1.72
N TYR B 807 6.95 29.57 3.00
CA TYR B 807 7.21 28.23 3.54
C TYR B 807 8.31 27.51 2.77
N LEU B 808 9.39 28.23 2.46
CA LEU B 808 10.44 27.70 1.61
C LEU B 808 11.44 26.81 2.35
N ALA B 809 11.37 26.75 3.67
CA ALA B 809 12.38 26.02 4.44
C ALA B 809 11.82 24.98 5.40
N THR B 810 10.49 24.89 5.57
CA THR B 810 9.95 23.94 6.54
C THR B 810 8.84 23.08 5.94
N ASP B 811 8.17 23.57 4.91
CA ASP B 811 7.05 22.86 4.32
C ASP B 811 7.38 22.20 2.99
N VAL B 812 7.96 22.92 2.03
CA VAL B 812 8.35 22.32 0.76
C VAL B 812 9.65 21.54 1.02
N THR B 813 9.53 20.22 1.14
CA THR B 813 10.64 19.36 1.50
C THR B 813 10.97 18.42 0.35
N CYS B 814 11.91 17.50 0.59
CA CYS B 814 12.34 16.53 -0.38
C CYS B 814 11.78 15.16 -0.03
N VAL B 815 11.32 14.43 -1.06
CA VAL B 815 10.87 13.06 -0.87
C VAL B 815 12.02 12.07 -0.96
N GLY B 816 13.15 12.46 -1.56
CA GLY B 816 14.30 11.61 -1.69
C GLY B 816 15.43 12.29 -2.41
N PRO B 817 16.42 11.51 -2.87
CA PRO B 817 16.49 10.06 -2.65
C PRO B 817 17.42 9.67 -1.50
N GLY B 818 16.93 8.80 -0.62
CA GLY B 818 17.76 8.25 0.45
C GLY B 818 18.17 9.26 1.50
N ALA B 819 19.45 9.61 1.52
CA ALA B 819 19.97 10.50 2.57
C ALA B 819 19.47 11.92 2.43
N HIS B 820 18.92 12.29 1.26
CA HIS B 820 18.42 13.64 1.02
C HIS B 820 16.93 13.77 1.27
N LYS B 821 16.38 12.94 2.17
CA LYS B 821 14.97 13.03 2.54
C LYS B 821 14.79 14.03 3.67
N GLY B 822 13.70 14.78 3.61
CA GLY B 822 13.44 15.80 4.61
C GLY B 822 14.24 17.07 4.43
N GLN B 823 14.97 17.22 3.33
CA GLN B 823 15.81 18.38 3.12
C GLN B 823 14.98 19.56 2.60
N SER B 824 15.35 20.76 3.00
CA SER B 824 14.69 21.97 2.51
C SER B 824 15.30 22.37 1.18
N VAL B 825 14.47 22.97 0.31
CA VAL B 825 14.93 23.29 -1.04
C VAL B 825 15.89 24.47 -1.04
N ILE B 826 15.73 25.39 -0.08
CA ILE B 826 16.60 26.57 -0.06
C ILE B 826 18.01 26.20 0.43
N SER B 827 18.12 25.18 1.29
CA SER B 827 19.41 24.72 1.80
C SER B 827 20.00 23.59 0.97
N LEU B 828 19.81 23.62 -0.34
CA LEU B 828 20.29 22.57 -1.23
C LEU B 828 21.37 23.12 -2.16
N ASP B 829 22.40 22.31 -2.39
CA ASP B 829 23.48 22.68 -3.30
C ASP B 829 24.11 21.39 -3.81
N LEU B 830 23.84 21.05 -5.06
CA LEU B 830 24.23 19.77 -5.64
C LEU B 830 25.28 20.00 -6.72
N TYR B 831 26.54 19.73 -6.39
CA TYR B 831 27.62 19.71 -7.37
C TYR B 831 27.84 18.33 -7.97
N THR B 832 26.84 17.46 -7.93
CA THR B 832 27.03 16.08 -8.37
C THR B 832 27.24 16.01 -9.88
N CYS B 833 26.29 16.53 -10.65
CA CYS B 833 26.42 16.51 -12.10
C CYS B 833 27.64 17.30 -12.53
N GLU B 834 28.41 16.73 -13.46
CA GLU B 834 29.50 17.47 -14.06
C GLU B 834 28.96 18.75 -14.70
N LEU B 835 29.79 19.80 -14.70
CA LEU B 835 29.34 21.10 -15.20
C LEU B 835 29.50 21.13 -16.70
N ASP B 836 29.95 22.27 -17.24
CA ASP B 836 30.34 22.32 -18.65
C ASP B 836 31.29 21.19 -18.98
N LEU B 837 31.08 20.55 -20.13
CA LEU B 837 31.70 19.27 -20.41
C LEU B 837 33.22 19.39 -20.55
N THR B 838 33.90 19.51 -19.41
CA THR B 838 35.35 19.46 -19.38
C THR B 838 35.87 18.09 -18.96
N ASN B 839 35.03 17.29 -18.30
CA ASN B 839 35.42 15.93 -17.95
C ASN B 839 35.66 15.09 -19.19
N LEU B 840 34.79 15.21 -20.19
CA LEU B 840 34.99 14.49 -21.45
C LEU B 840 36.25 14.96 -22.16
N ILE B 841 36.53 16.27 -22.11
CA ILE B 841 37.75 16.79 -22.73
C ILE B 841 38.98 16.20 -22.04
N LEU B 842 38.96 16.18 -20.71
CA LEU B 842 40.10 15.66 -19.96
C LEU B 842 40.30 14.16 -20.21
N PHE B 843 39.20 13.42 -20.23
CA PHE B 843 39.29 11.98 -20.49
C PHE B 843 39.82 11.71 -21.91
N SER B 844 39.29 12.44 -22.89
CA SER B 844 39.76 12.29 -24.26
C SER B 844 41.23 12.63 -24.38
N LEU B 845 41.67 13.70 -23.71
CA LEU B 845 43.08 14.09 -23.74
C LEU B 845 43.95 13.02 -23.08
N SER B 846 43.50 12.46 -21.96
CA SER B 846 44.30 11.46 -21.27
C SER B 846 44.45 10.20 -22.12
N ILE B 847 43.36 9.71 -22.70
CA ILE B 847 43.46 8.50 -23.51
C ILE B 847 44.28 8.77 -24.76
N SER B 848 44.19 9.97 -25.32
CA SER B 848 44.99 10.30 -26.49
C SER B 848 46.48 10.35 -26.15
N VAL B 849 46.83 10.95 -25.01
CA VAL B 849 48.22 11.00 -24.58
C VAL B 849 48.75 9.59 -24.33
N SER B 850 47.94 8.73 -23.70
CA SER B 850 48.38 7.37 -23.42
C SER B 850 48.62 6.58 -24.70
N LEU B 851 47.65 6.61 -25.63
CA LEU B 851 47.82 5.90 -26.89
C LEU B 851 48.95 6.47 -27.72
N PHE B 852 49.15 7.79 -27.67
CA PHE B 852 50.23 8.41 -28.42
C PHE B 852 51.59 7.98 -27.88
N LEU B 853 51.73 7.96 -26.55
CA LEU B 853 52.98 7.48 -25.96
C LEU B 853 53.23 6.02 -26.31
N MET B 854 52.17 5.20 -26.27
CA MET B 854 52.30 3.79 -26.62
C MET B 854 52.78 3.63 -28.06
N VAL B 855 52.12 4.32 -28.99
CA VAL B 855 52.47 4.22 -30.41
C VAL B 855 53.89 4.71 -30.64
N MET B 856 54.25 5.84 -30.01
CA MET B 856 55.58 6.40 -30.19
C MET B 856 56.66 5.45 -29.68
N MET B 857 56.44 4.85 -28.51
CA MET B 857 57.45 3.95 -27.97
C MET B 857 57.55 2.67 -28.78
N THR B 858 56.42 2.15 -29.26
CA THR B 858 56.47 0.96 -30.12
C THR B 858 57.18 1.27 -31.43
N ALA B 859 56.95 2.44 -32.01
CA ALA B 859 57.64 2.80 -33.25
C ALA B 859 59.13 3.02 -33.00
N SER B 860 59.49 3.57 -31.84
CA SER B 860 60.90 3.75 -31.51
C SER B 860 61.59 2.40 -31.31
N HIS B 861 60.89 1.44 -30.71
CA HIS B 861 61.46 0.10 -30.55
C HIS B 861 61.58 -0.60 -31.89
N LEU B 862 60.61 -0.39 -32.79
CA LEU B 862 60.68 -1.02 -34.11
C LEU B 862 61.79 -0.42 -34.95
N TYR B 863 62.00 0.90 -34.84
CA TYR B 863 63.02 1.59 -35.62
C TYR B 863 64.39 1.57 -34.97
N PHE B 864 64.49 1.10 -33.72
CA PHE B 864 65.76 1.04 -32.99
C PHE B 864 66.42 2.41 -32.90
N GLU C 45 34.75 -76.26 -50.82
CA GLU C 45 33.60 -75.66 -50.16
C GLU C 45 33.71 -74.15 -50.09
N GLU C 46 32.79 -73.45 -50.76
CA GLU C 46 32.79 -71.99 -50.80
C GLU C 46 31.50 -71.37 -50.29
N GLU C 47 30.40 -72.12 -50.21
CA GLU C 47 29.15 -71.55 -49.73
C GLU C 47 29.19 -71.32 -48.22
N GLU C 48 29.99 -72.09 -47.49
CA GLU C 48 30.08 -71.92 -46.04
C GLU C 48 30.66 -70.55 -45.69
N GLU C 49 31.79 -70.19 -46.30
CA GLU C 49 32.37 -68.88 -46.06
C GLU C 49 31.46 -67.76 -46.57
N ARG C 50 30.74 -68.00 -47.67
CA ARG C 50 29.80 -67.01 -48.16
C ARG C 50 28.72 -66.73 -47.13
N ARG C 51 28.10 -67.79 -46.59
CA ARG C 51 27.06 -67.61 -45.58
C ARG C 51 27.63 -67.01 -44.30
N TYR C 52 28.86 -67.37 -43.94
CA TYR C 52 29.49 -66.78 -42.76
C TYR C 52 29.66 -65.28 -42.92
N TYR C 53 30.17 -64.84 -44.09
CA TYR C 53 30.35 -63.42 -44.32
C TYR C 53 29.01 -62.68 -44.42
N ARG C 54 27.99 -63.32 -45.01
CA ARG C 54 26.68 -62.69 -45.05
C ARG C 54 26.09 -62.53 -43.66
N ARG C 55 26.26 -63.54 -42.80
CA ARG C 55 25.78 -63.44 -41.43
C ARG C 55 26.54 -62.38 -40.65
N LYS C 56 27.85 -62.27 -40.88
CA LYS C 56 28.63 -61.21 -40.22
C LYS C 56 28.19 -59.83 -40.69
N ARG C 57 27.88 -59.68 -41.98
CA ARG C 57 27.39 -58.42 -42.50
C ARG C 57 26.03 -58.07 -41.90
N LEU C 58 25.13 -59.06 -41.79
CA LEU C 58 23.84 -58.83 -41.16
C LEU C 58 24.00 -58.46 -39.70
N GLY C 59 24.95 -59.08 -39.01
CA GLY C 59 25.21 -58.72 -37.63
C GLY C 59 25.72 -57.30 -37.48
N VAL C 60 26.63 -56.89 -38.37
CA VAL C 60 27.11 -55.51 -38.34
C VAL C 60 25.98 -54.53 -38.59
N LEU C 61 25.12 -54.85 -39.57
CA LEU C 61 24.02 -53.95 -39.90
C LEU C 61 23.04 -53.83 -38.72
N LYS C 62 22.68 -54.96 -38.11
CA LYS C 62 21.74 -54.91 -36.99
C LYS C 62 22.39 -54.26 -35.77
N ASN C 63 23.71 -54.39 -35.60
CA ASN C 63 24.38 -53.70 -34.52
C ASN C 63 24.33 -52.19 -34.71
N VAL C 64 24.59 -51.72 -35.94
CA VAL C 64 24.49 -50.30 -36.23
C VAL C 64 23.07 -49.80 -36.00
N LEU C 65 22.08 -50.57 -36.46
CA LEU C 65 20.69 -50.19 -36.29
C LEU C 65 20.31 -50.09 -34.82
N ALA C 66 20.72 -51.08 -34.02
CA ALA C 66 20.39 -51.08 -32.60
C ALA C 66 21.09 -49.95 -31.86
N ALA C 67 22.34 -49.66 -32.23
CA ALA C 67 23.05 -48.54 -31.61
C ALA C 67 22.35 -47.22 -31.92
N SER C 68 21.97 -47.01 -33.19
CA SER C 68 21.28 -45.79 -33.55
C SER C 68 19.93 -45.70 -32.85
N ALA C 69 19.21 -46.81 -32.75
CA ALA C 69 17.90 -46.80 -32.10
C ALA C 69 18.03 -46.47 -30.61
N GLY C 70 19.00 -47.08 -29.92
CA GLY C 70 19.20 -46.77 -28.52
C GLY C 70 19.63 -45.33 -28.30
N GLY C 71 20.52 -44.83 -29.16
CA GLY C 71 20.94 -43.44 -29.04
C GLY C 71 19.78 -42.47 -29.23
N MET C 72 18.98 -42.69 -30.27
CA MET C 72 17.85 -41.79 -30.50
C MET C 72 16.81 -41.93 -29.38
N LEU C 73 16.62 -43.13 -28.84
CA LEU C 73 15.64 -43.30 -27.78
C LEU C 73 16.07 -42.59 -26.49
N THR C 74 17.35 -42.72 -26.12
CA THR C 74 17.81 -42.04 -24.91
C THR C 74 17.84 -40.53 -25.11
N TYR C 75 18.20 -40.07 -26.30
CA TYR C 75 18.17 -38.63 -26.57
C TYR C 75 16.74 -38.10 -26.51
N GLY C 76 15.79 -38.87 -27.05
CA GLY C 76 14.40 -38.43 -27.01
C GLY C 76 13.83 -38.40 -25.61
N VAL C 77 14.12 -39.42 -24.80
CA VAL C 77 13.61 -39.41 -23.43
C VAL C 77 14.26 -38.28 -22.63
N TYR C 78 15.55 -38.02 -22.87
CA TYR C 78 16.21 -36.92 -22.17
C TYR C 78 15.61 -35.57 -22.56
N LEU C 79 15.41 -35.35 -23.87
CA LEU C 79 14.83 -34.09 -24.32
C LEU C 79 13.40 -33.91 -23.81
N GLY C 80 12.60 -34.99 -23.83
CA GLY C 80 11.25 -34.90 -23.34
C GLY C 80 11.19 -34.59 -21.85
N LEU C 81 12.03 -35.25 -21.05
CA LEU C 81 12.07 -34.96 -19.63
C LEU C 81 12.53 -33.54 -19.36
N LEU C 82 13.56 -33.07 -20.09
CA LEU C 82 14.04 -31.71 -19.90
C LEU C 82 12.96 -30.69 -20.25
N GLN C 83 12.24 -30.91 -21.35
CA GLN C 83 11.17 -29.98 -21.75
C GLN C 83 10.04 -30.00 -20.74
N MET C 84 9.64 -31.19 -20.27
CA MET C 84 8.57 -31.27 -19.29
C MET C 84 8.96 -30.58 -17.99
N GLN C 85 10.21 -30.73 -17.55
CA GLN C 85 10.65 -30.07 -16.34
C GLN C 85 10.73 -28.55 -16.53
N LEU C 86 11.19 -28.11 -17.71
CA LEU C 86 11.29 -26.67 -17.96
C LEU C 86 9.92 -26.02 -18.03
N ILE C 87 8.92 -26.73 -18.55
CA ILE C 87 7.58 -26.17 -18.62
C ILE C 87 6.88 -26.24 -17.28
N LEU C 88 7.13 -27.31 -16.51
CA LEU C 88 6.42 -27.49 -15.24
C LEU C 88 7.03 -26.67 -14.11
N HIS C 89 8.31 -26.29 -14.21
CA HIS C 89 8.98 -25.54 -13.17
C HIS C 89 9.02 -24.05 -13.44
N TYR C 90 8.13 -23.54 -14.31
CA TYR C 90 8.06 -22.12 -14.62
C TYR C 90 6.62 -21.66 -14.38
N ASP C 91 6.21 -21.66 -13.11
CA ASP C 91 4.89 -21.18 -12.72
C ASP C 91 4.84 -21.02 -11.21
N GLU C 92 4.13 -19.99 -10.73
CA GLU C 92 4.04 -19.75 -9.30
C GLU C 92 3.20 -20.82 -8.60
N THR C 93 2.13 -21.28 -9.26
CA THR C 93 1.23 -22.24 -8.63
C THR C 93 1.97 -23.53 -8.25
N TYR C 94 2.52 -24.21 -9.25
CA TYR C 94 3.19 -25.49 -9.01
C TYR C 94 4.38 -25.32 -8.07
N ARG C 95 5.21 -24.31 -8.33
CA ARG C 95 6.41 -24.11 -7.52
C ARG C 95 6.07 -23.82 -6.07
N GLU C 96 4.95 -23.13 -5.83
CA GLU C 96 4.59 -22.75 -4.47
C GLU C 96 3.78 -23.82 -3.74
N VAL C 97 3.07 -24.69 -4.45
CA VAL C 97 2.28 -25.71 -3.77
C VAL C 97 3.05 -27.01 -3.61
N LYS C 98 3.95 -27.33 -4.55
CA LYS C 98 4.68 -28.59 -4.43
C LYS C 98 5.98 -28.41 -3.64
N TYR C 99 6.68 -27.31 -3.86
CA TYR C 99 7.95 -27.06 -3.19
C TYR C 99 7.90 -25.82 -2.30
N GLY C 100 7.47 -24.69 -2.83
CA GLY C 100 7.40 -23.47 -2.05
C GLY C 100 8.75 -22.92 -1.66
N ASN C 101 9.09 -23.02 -0.37
CA ASN C 101 10.37 -22.52 0.13
C ASN C 101 11.45 -23.60 -0.06
N MET C 102 11.78 -23.82 -1.33
CA MET C 102 12.78 -24.82 -1.71
C MET C 102 13.83 -24.31 -2.68
N GLY C 103 13.66 -23.12 -3.25
CA GLY C 103 14.62 -22.61 -4.21
C GLY C 103 14.58 -23.35 -5.53
N LEU C 104 13.39 -23.45 -6.13
CA LEU C 104 13.28 -24.19 -7.39
C LEU C 104 13.97 -23.50 -8.55
N PRO C 105 13.83 -22.18 -8.76
CA PRO C 105 14.62 -21.55 -9.83
C PRO C 105 16.11 -21.67 -9.63
N ASP C 106 16.59 -21.61 -8.38
CA ASP C 106 18.01 -21.81 -8.10
C ASP C 106 18.43 -23.22 -8.49
N ILE C 107 17.61 -24.21 -8.18
CA ILE C 107 17.93 -25.59 -8.56
C ILE C 107 17.98 -25.74 -10.07
N ASP C 108 17.02 -25.12 -10.77
CA ASP C 108 17.02 -25.19 -12.23
C ASP C 108 18.25 -24.53 -12.82
N SER C 109 18.64 -23.37 -12.29
CA SER C 109 19.83 -22.68 -12.79
C SER C 109 21.09 -23.50 -12.52
N LYS C 110 21.18 -24.10 -11.33
CA LYS C 110 22.35 -24.93 -11.02
C LYS C 110 22.40 -26.16 -11.92
N MET C 111 21.25 -26.76 -12.22
CA MET C 111 21.23 -27.90 -13.13
C MET C 111 21.67 -27.50 -14.54
N LEU C 112 21.16 -26.36 -15.03
CA LEU C 112 21.58 -25.88 -16.35
C LEU C 112 23.07 -25.60 -16.38
N MET C 113 23.60 -25.03 -15.29
CA MET C 113 25.04 -24.76 -15.22
C MET C 113 25.84 -26.06 -15.24
N GLY C 114 25.49 -27.01 -14.38
CA GLY C 114 26.17 -28.29 -14.36
C GLY C 114 26.05 -29.09 -15.64
N ILE C 115 25.02 -28.83 -16.44
CA ILE C 115 24.88 -29.52 -17.72
C ILE C 115 25.69 -28.82 -18.81
N ASN C 116 25.73 -27.49 -18.80
CA ASN C 116 26.31 -26.74 -19.91
C ASN C 116 27.78 -26.36 -19.70
N VAL C 117 28.34 -26.58 -18.51
CA VAL C 117 29.71 -26.17 -18.21
C VAL C 117 30.64 -27.36 -18.09
N THR C 118 30.18 -28.45 -17.48
CA THR C 118 31.00 -29.62 -17.19
C THR C 118 31.62 -30.32 -18.41
N PRO C 119 31.03 -30.24 -19.61
CA PRO C 119 31.74 -30.79 -20.78
C PRO C 119 33.17 -30.29 -20.96
N ILE C 120 33.46 -29.06 -20.53
CA ILE C 120 34.82 -28.55 -20.62
C ILE C 120 35.78 -29.44 -19.85
N ALA C 121 35.42 -29.79 -18.62
CA ALA C 121 36.24 -30.73 -17.85
C ALA C 121 36.10 -32.15 -18.39
N ALA C 122 35.00 -32.45 -19.08
CA ALA C 122 34.82 -33.77 -19.67
C ALA C 122 35.81 -34.03 -20.79
N LEU C 123 36.22 -32.98 -21.49
CA LEU C 123 37.26 -33.14 -22.52
C LEU C 123 38.57 -33.65 -21.91
N LEU C 124 38.91 -33.16 -20.71
CA LEU C 124 40.19 -33.50 -20.12
C LEU C 124 40.30 -34.96 -19.73
N TYR C 125 39.18 -35.66 -19.60
CA TYR C 125 39.17 -37.05 -19.15
C TYR C 125 38.49 -38.00 -20.14
N THR C 126 38.13 -37.53 -21.33
CA THR C 126 37.41 -38.40 -22.27
C THR C 126 38.30 -39.36 -23.06
N PRO C 127 39.57 -39.02 -23.42
CA PRO C 127 40.33 -39.97 -24.26
C PRO C 127 40.69 -41.24 -23.50
N VAL C 128 41.25 -41.09 -22.30
CA VAL C 128 41.63 -42.25 -21.51
C VAL C 128 40.41 -43.07 -21.12
N LEU C 129 39.27 -42.41 -20.91
CA LEU C 129 38.06 -43.14 -20.52
C LEU C 129 37.47 -43.89 -21.70
N ILE C 130 37.50 -43.30 -22.90
CA ILE C 130 36.96 -43.97 -24.07
C ILE C 130 37.90 -45.04 -24.58
N ARG C 131 39.19 -44.97 -24.24
CA ARG C 131 40.12 -46.02 -24.64
C ARG C 131 40.38 -47.04 -23.54
N PHE C 132 39.86 -46.82 -22.33
CA PHE C 132 39.97 -47.80 -21.25
C PHE C 132 38.76 -48.71 -21.21
N PHE C 133 37.56 -48.16 -21.33
CA PHE C 133 36.35 -48.97 -21.34
C PHE C 133 36.18 -49.67 -22.69
N GLY C 134 36.18 -48.90 -23.77
CA GLY C 134 36.03 -49.43 -25.11
C GLY C 134 35.16 -48.51 -25.93
N THR C 135 34.87 -48.95 -27.16
CA THR C 135 34.04 -48.15 -28.05
C THR C 135 32.55 -48.35 -27.77
N LYS C 136 32.14 -49.57 -27.42
CA LYS C 136 30.75 -49.85 -27.10
C LYS C 136 30.42 -49.63 -25.64
N TRP C 137 31.35 -49.97 -24.74
CA TRP C 137 31.09 -49.82 -23.31
C TRP C 137 30.92 -48.36 -22.92
N MET C 138 31.55 -47.44 -23.66
CA MET C 138 31.35 -46.03 -23.39
C MET C 138 29.90 -45.62 -23.65
N MET C 139 29.30 -46.16 -24.72
CA MET C 139 27.88 -45.89 -24.98
C MET C 139 27.00 -46.41 -23.86
N PHE C 140 27.34 -47.58 -23.31
CA PHE C 140 26.56 -48.12 -22.19
C PHE C 140 26.72 -47.26 -20.95
N LEU C 141 27.95 -46.82 -20.65
CA LEU C 141 28.15 -45.91 -19.52
C LEU C 141 27.36 -44.62 -19.71
N ALA C 142 27.33 -44.10 -20.94
CA ALA C 142 26.63 -42.86 -21.19
C ALA C 142 25.12 -43.02 -21.04
N VAL C 143 24.55 -44.10 -21.58
CA VAL C 143 23.11 -44.30 -21.44
C VAL C 143 22.76 -44.63 -20.00
N GLY C 144 23.68 -45.23 -19.24
CA GLY C 144 23.43 -45.43 -17.83
C GLY C 144 23.42 -44.14 -17.05
N ILE C 145 24.34 -43.22 -17.37
CA ILE C 145 24.32 -41.91 -16.74
C ILE C 145 23.06 -41.15 -17.13
N TYR C 146 22.61 -41.31 -18.37
CA TYR C 146 21.36 -40.68 -18.80
C TYR C 146 20.16 -41.23 -18.02
N ALA C 147 20.12 -42.55 -17.84
CA ALA C 147 19.06 -43.15 -17.03
C ALA C 147 19.13 -42.68 -15.58
N LEU C 148 20.33 -42.51 -15.05
CA LEU C 148 20.49 -41.97 -13.71
C LEU C 148 19.93 -40.55 -13.61
N PHE C 149 20.22 -39.73 -14.62
CA PHE C 149 19.69 -38.37 -14.64
C PHE C 149 18.17 -38.37 -14.75
N VAL C 150 17.62 -39.30 -15.53
CA VAL C 150 16.17 -39.42 -15.64
C VAL C 150 15.56 -39.84 -14.31
N SER C 151 16.24 -40.73 -13.59
CA SER C 151 15.73 -41.18 -12.30
C SER C 151 15.81 -40.08 -11.25
N THR C 152 16.84 -39.24 -11.32
CA THR C 152 17.01 -38.18 -10.32
C THR C 152 15.94 -37.10 -10.40
N ASN C 153 15.05 -37.15 -11.39
CA ASN C 153 13.96 -36.19 -11.50
C ASN C 153 12.68 -36.66 -10.80
N TYR C 154 12.77 -37.68 -9.96
CA TYR C 154 11.60 -38.18 -9.22
C TYR C 154 11.39 -37.41 -7.92
N TRP C 155 12.41 -37.39 -7.06
CA TRP C 155 12.31 -36.63 -5.81
C TRP C 155 12.59 -35.15 -6.04
N GLU C 156 13.51 -34.82 -6.96
CA GLU C 156 13.81 -33.44 -7.35
C GLU C 156 14.26 -32.60 -6.15
N ARG C 157 15.48 -32.86 -5.72
CA ARG C 157 16.15 -32.09 -4.68
C ARG C 157 17.50 -31.61 -5.19
N TYR C 158 18.20 -30.83 -4.37
CA TYR C 158 19.46 -30.23 -4.80
C TYR C 158 20.57 -31.27 -4.87
N TYR C 159 20.80 -31.98 -3.77
CA TYR C 159 21.91 -32.93 -3.69
C TYR C 159 21.72 -34.15 -4.58
N THR C 160 20.55 -34.32 -5.20
CA THR C 160 20.33 -35.41 -6.14
C THR C 160 20.26 -34.94 -7.58
N LEU C 161 20.01 -33.65 -7.83
CA LEU C 161 19.95 -33.10 -9.17
C LEU C 161 21.26 -32.47 -9.62
N VAL C 162 22.02 -31.89 -8.70
CA VAL C 162 23.31 -31.27 -9.06
C VAL C 162 24.31 -32.33 -9.50
N PRO C 163 24.54 -33.41 -8.73
CA PRO C 163 25.48 -34.43 -9.21
C PRO C 163 25.02 -35.13 -10.48
N SER C 164 23.71 -35.33 -10.62
CA SER C 164 23.19 -35.93 -11.84
C SER C 164 23.43 -35.04 -13.04
N ALA C 165 23.23 -33.73 -12.88
CA ALA C 165 23.52 -32.81 -13.98
C ALA C 165 25.00 -32.77 -14.30
N VAL C 166 25.86 -32.83 -13.27
CA VAL C 166 27.30 -32.87 -13.50
C VAL C 166 27.68 -34.12 -14.28
N ALA C 167 27.11 -35.27 -13.92
CA ALA C 167 27.41 -36.51 -14.63
C ALA C 167 26.89 -36.47 -16.06
N LEU C 168 25.71 -35.88 -16.26
CA LEU C 168 25.15 -35.76 -17.61
C LEU C 168 26.03 -34.90 -18.49
N GLY C 169 26.50 -33.76 -17.96
CA GLY C 169 27.41 -32.92 -18.72
C GLY C 169 28.77 -33.56 -18.93
N MET C 170 29.18 -34.44 -18.00
CA MET C 170 30.44 -35.14 -18.17
C MET C 170 30.35 -36.24 -19.22
N ALA C 171 29.17 -36.83 -19.40
CA ALA C 171 29.00 -37.95 -20.31
C ALA C 171 28.38 -37.58 -21.65
N ILE C 172 27.90 -36.34 -21.81
CA ILE C 172 27.24 -35.97 -23.07
C ILE C 172 28.24 -35.97 -24.23
N VAL C 173 29.48 -35.59 -23.98
CA VAL C 173 30.50 -35.52 -25.02
C VAL C 173 31.06 -36.92 -25.31
N PRO C 174 31.46 -37.71 -24.31
CA PRO C 174 31.92 -39.07 -24.62
C PRO C 174 30.86 -39.93 -25.26
N LEU C 175 29.57 -39.68 -24.96
CA LEU C 175 28.50 -40.40 -25.64
C LEU C 175 28.59 -40.21 -27.15
N TRP C 176 28.58 -38.96 -27.60
CA TRP C 176 28.65 -38.68 -29.02
C TRP C 176 29.97 -39.15 -29.62
N ALA C 177 31.07 -39.02 -28.88
CA ALA C 177 32.36 -39.47 -29.38
C ALA C 177 32.35 -40.97 -29.65
N SER C 178 31.91 -41.76 -28.67
CA SER C 178 31.86 -43.21 -28.84
C SER C 178 30.86 -43.60 -29.92
N MET C 179 29.73 -42.88 -30.01
CA MET C 179 28.74 -43.19 -31.04
C MET C 179 29.32 -42.99 -32.43
N GLY C 180 29.94 -41.83 -32.67
CA GLY C 180 30.55 -41.60 -33.97
C GLY C 180 31.67 -42.56 -34.29
N ASN C 181 32.54 -42.83 -33.31
CA ASN C 181 33.64 -43.75 -33.54
C ASN C 181 33.13 -45.15 -33.85
N TYR C 182 32.10 -45.61 -33.13
CA TYR C 182 31.54 -46.93 -33.37
C TYR C 182 30.87 -47.00 -34.74
N ILE C 183 30.13 -45.96 -35.12
CA ILE C 183 29.50 -45.95 -36.43
C ILE C 183 30.54 -46.03 -37.53
N THR C 184 31.59 -45.21 -37.43
CA THR C 184 32.63 -45.21 -38.46
C THR C 184 33.36 -46.54 -38.50
N ARG C 185 33.68 -47.10 -37.34
CA ARG C 185 34.40 -48.37 -37.31
C ARG C 185 33.55 -49.51 -37.88
N MET C 186 32.25 -49.53 -37.57
CA MET C 186 31.40 -50.57 -38.10
C MET C 186 31.19 -50.41 -39.60
N ALA C 187 31.13 -49.15 -40.08
CA ALA C 187 31.05 -48.94 -41.52
C ALA C 187 32.32 -49.41 -42.22
N GLN C 188 33.49 -49.13 -41.64
CA GLN C 188 34.74 -49.60 -42.23
C GLN C 188 34.82 -51.12 -42.21
N LYS C 189 34.35 -51.75 -41.12
CA LYS C 189 34.34 -53.21 -41.06
C LYS C 189 33.40 -53.80 -42.09
N TYR C 190 32.23 -53.20 -42.27
CA TYR C 190 31.31 -53.62 -43.32
C TYR C 190 31.96 -53.53 -44.69
N HIS C 191 32.62 -52.41 -44.97
CA HIS C 191 33.26 -52.22 -46.27
C HIS C 191 34.36 -53.24 -46.50
N GLU C 192 35.22 -53.46 -45.51
CA GLU C 192 36.33 -54.40 -45.70
C GLU C 192 35.82 -55.84 -45.77
N TYR C 193 34.74 -56.18 -45.05
CA TYR C 193 34.15 -57.50 -45.18
C TYR C 193 33.62 -57.72 -46.58
N SER C 194 32.87 -56.74 -47.11
CA SER C 194 32.34 -56.87 -48.46
C SER C 194 33.45 -56.97 -49.49
N HIS C 195 34.50 -56.17 -49.35
CA HIS C 195 35.59 -56.17 -50.32
C HIS C 195 36.48 -57.39 -50.20
N TYR C 196 36.56 -58.02 -49.02
CA TYR C 196 37.30 -59.27 -48.89
C TYR C 196 36.47 -60.46 -49.38
N LYS C 197 35.14 -60.35 -49.31
CA LYS C 197 34.30 -61.41 -49.87
C LYS C 197 34.28 -61.35 -51.39
N GLU C 198 34.17 -60.14 -51.96
CA GLU C 198 34.17 -60.00 -53.41
C GLU C 198 35.57 -60.07 -54.01
N GLN C 199 36.61 -59.78 -53.23
CA GLN C 199 37.99 -59.84 -53.69
C GLN C 199 38.81 -60.56 -52.62
N ASP C 200 39.13 -61.83 -52.87
CA ASP C 200 39.89 -62.60 -51.89
C ASP C 200 41.36 -62.23 -51.91
N GLY C 201 42.05 -62.52 -53.01
CA GLY C 201 43.47 -62.22 -53.11
C GLY C 201 43.78 -60.84 -53.64
N GLN C 202 42.79 -60.16 -54.22
CA GLN C 202 43.03 -58.82 -54.74
C GLN C 202 43.12 -57.79 -53.62
N GLY C 203 42.41 -58.01 -52.52
CA GLY C 203 42.45 -57.09 -51.39
C GLY C 203 43.73 -57.27 -50.59
N MET C 204 44.41 -56.16 -50.31
CA MET C 204 45.66 -56.21 -49.56
C MET C 204 45.39 -56.61 -48.11
N LYS C 205 46.40 -57.22 -47.49
CA LYS C 205 46.27 -57.63 -46.09
C LYS C 205 46.17 -56.43 -45.17
N GLN C 206 46.78 -55.30 -45.54
CA GLN C 206 46.74 -54.09 -44.75
C GLN C 206 46.23 -52.94 -45.61
N ARG C 207 45.44 -52.06 -45.00
CA ARG C 207 44.82 -50.90 -45.65
C ARG C 207 44.02 -51.32 -46.88
N PRO C 208 42.88 -51.98 -46.71
CA PRO C 208 42.07 -52.38 -47.88
C PRO C 208 41.48 -51.19 -48.62
N PRO C 209 40.71 -50.28 -47.94
CA PRO C 209 39.78 -49.43 -48.72
C PRO C 209 40.45 -48.41 -49.62
N ARG C 210 41.50 -47.75 -49.14
CA ARG C 210 42.16 -46.66 -49.87
C ARG C 210 41.18 -45.56 -50.24
N GLY C 211 40.35 -45.18 -49.27
CA GLY C 211 39.37 -44.13 -49.49
C GLY C 211 38.21 -44.52 -50.38
N SER C 212 37.72 -45.75 -50.24
CA SER C 212 36.59 -46.23 -51.04
C SER C 212 35.43 -46.71 -50.19
N HIS C 213 35.36 -46.25 -48.94
CA HIS C 213 34.29 -46.64 -48.02
C HIS C 213 33.24 -45.55 -47.83
N ALA C 214 33.15 -44.61 -48.76
CA ALA C 214 32.19 -43.52 -48.66
C ALA C 214 30.76 -43.98 -48.96
N PRO C 215 30.51 -44.75 -50.03
CA PRO C 215 29.13 -45.23 -50.25
C PRO C 215 28.63 -46.18 -49.19
N TYR C 216 29.52 -46.79 -48.41
CA TYR C 216 29.11 -47.70 -47.34
C TYR C 216 28.99 -47.00 -46.00
N LEU C 217 29.65 -45.86 -45.81
CA LEU C 217 29.52 -45.08 -44.58
C LEU C 217 28.38 -44.08 -44.66
N LEU C 218 28.13 -43.50 -45.85
CA LEU C 218 27.07 -42.53 -46.01
C LEU C 218 25.70 -43.17 -45.82
N VAL C 219 25.53 -44.40 -46.29
CA VAL C 219 24.23 -45.06 -46.17
C VAL C 219 23.91 -45.34 -44.70
N PHE C 220 24.93 -45.64 -43.90
CA PHE C 220 24.70 -45.85 -42.47
C PHE C 220 24.48 -44.53 -41.75
N GLN C 221 25.27 -43.50 -42.07
CA GLN C 221 25.10 -42.21 -41.43
C GLN C 221 23.75 -41.60 -41.74
N ALA C 222 23.19 -41.87 -42.93
CA ALA C 222 21.89 -41.33 -43.28
C ALA C 222 20.81 -41.85 -42.34
N ILE C 223 20.75 -43.17 -42.14
CA ILE C 223 19.74 -43.72 -41.25
C ILE C 223 20.04 -43.37 -39.79
N PHE C 224 21.32 -43.25 -39.44
CA PHE C 224 21.67 -42.84 -38.09
C PHE C 224 21.12 -41.45 -37.78
N TYR C 225 21.35 -40.49 -38.68
CA TYR C 225 20.85 -39.14 -38.46
C TYR C 225 19.34 -39.08 -38.60
N SER C 226 18.75 -39.93 -39.44
CA SER C 226 17.29 -39.98 -39.52
C SER C 226 16.69 -40.41 -38.19
N PHE C 227 17.27 -41.44 -37.55
CA PHE C 227 16.81 -41.85 -36.23
C PHE C 227 17.06 -40.76 -35.20
N PHE C 228 18.25 -40.13 -35.25
CA PHE C 228 18.55 -39.07 -34.29
C PHE C 228 17.60 -37.89 -34.43
N HIS C 229 17.09 -37.63 -35.64
CA HIS C 229 16.17 -36.52 -35.83
C HIS C 229 14.73 -36.92 -35.48
N LEU C 230 14.37 -38.17 -35.74
CA LEU C 230 13.09 -38.68 -35.25
C LEU C 230 13.07 -38.75 -33.72
N SER C 231 14.24 -38.75 -33.09
CA SER C 231 14.31 -38.67 -31.64
C SER C 231 13.67 -37.38 -31.13
N PHE C 232 13.89 -36.27 -31.84
CA PHE C 232 13.26 -35.02 -31.44
C PHE C 232 11.74 -35.09 -31.54
N ALA C 233 11.22 -35.84 -32.51
CA ALA C 233 9.78 -36.03 -32.61
C ALA C 233 9.26 -36.92 -31.49
N CYS C 234 9.99 -38.00 -31.19
CA CYS C 234 9.58 -38.90 -30.12
C CYS C 234 9.63 -38.22 -28.76
N ALA C 235 10.49 -37.20 -28.61
CA ALA C 235 10.58 -36.47 -27.35
C ALA C 235 9.31 -35.69 -27.03
N GLN C 236 8.49 -35.39 -28.04
CA GLN C 236 7.29 -34.59 -27.84
C GLN C 236 6.05 -35.42 -27.56
N LEU C 237 6.19 -36.75 -27.46
CA LEU C 237 5.01 -37.59 -27.18
C LEU C 237 4.47 -37.36 -25.77
N PRO C 238 5.28 -37.35 -24.70
CA PRO C 238 4.70 -37.09 -23.37
C PRO C 238 4.06 -35.72 -23.24
N MET C 239 4.67 -34.69 -23.82
CA MET C 239 4.09 -33.34 -23.74
C MET C 239 2.75 -33.28 -24.46
N ILE C 240 2.61 -33.99 -25.57
CA ILE C 240 1.35 -33.99 -26.30
C ILE C 240 0.29 -34.80 -25.56
N TYR C 241 0.68 -35.97 -25.04
CA TYR C 241 -0.29 -36.87 -24.43
C TYR C 241 -0.63 -36.52 -22.99
N PHE C 242 0.12 -35.62 -22.37
CA PHE C 242 -0.11 -35.33 -20.96
C PHE C 242 -0.03 -33.85 -20.62
N LEU C 243 0.88 -33.11 -21.25
CA LEU C 243 1.08 -31.70 -20.92
C LEU C 243 0.30 -30.76 -21.81
N ASN C 244 -0.02 -31.16 -23.04
CA ASN C 244 -0.71 -30.28 -23.97
C ASN C 244 -2.18 -30.07 -23.60
N HIS C 245 -2.73 -30.92 -22.72
CA HIS C 245 -4.13 -30.84 -22.35
C HIS C 245 -4.36 -30.21 -20.98
N TYR C 246 -3.34 -29.58 -20.41
CA TYR C 246 -3.44 -28.99 -19.08
C TYR C 246 -3.18 -27.49 -19.05
N LEU C 247 -2.74 -26.90 -20.17
CA LEU C 247 -2.49 -25.47 -20.24
C LEU C 247 -3.64 -24.77 -20.96
N TYR C 248 -3.96 -23.57 -20.50
CA TYR C 248 -5.09 -22.83 -21.05
C TYR C 248 -4.69 -22.20 -22.39
N ASP C 249 -5.59 -21.40 -22.96
CA ASP C 249 -5.36 -20.81 -24.27
C ASP C 249 -4.27 -19.73 -24.19
N LEU C 250 -3.90 -19.22 -25.37
CA LEU C 250 -2.88 -18.19 -25.48
C LEU C 250 -3.40 -16.79 -25.21
N ASN C 251 -4.70 -16.64 -24.94
CA ASN C 251 -5.26 -15.31 -24.70
C ASN C 251 -4.87 -14.74 -23.34
N HIS C 252 -4.38 -15.58 -22.43
CA HIS C 252 -3.97 -15.14 -21.11
C HIS C 252 -2.49 -15.33 -20.83
N THR C 253 -1.86 -16.38 -21.37
CA THR C 253 -0.44 -16.63 -21.18
C THR C 253 0.45 -15.91 -22.18
N LEU C 254 -0.13 -15.32 -23.22
CA LEU C 254 0.61 -14.55 -24.22
C LEU C 254 0.09 -13.12 -24.27
N TYR C 255 -0.17 -12.53 -23.10
CA TYR C 255 -0.78 -11.22 -23.03
C TYR C 255 0.25 -10.08 -22.99
N ASN C 256 1.29 -10.21 -22.18
CA ASN C 256 2.29 -9.16 -22.03
C ASN C 256 3.37 -9.22 -23.10
N VAL C 257 3.06 -9.76 -24.28
CA VAL C 257 4.01 -9.85 -25.37
C VAL C 257 3.67 -8.73 -26.35
N GLN C 258 4.33 -7.58 -26.18
CA GLN C 258 4.07 -6.44 -27.05
C GLN C 258 4.81 -6.57 -28.37
N SER C 259 6.05 -7.06 -28.34
CA SER C 259 6.85 -7.22 -29.54
C SER C 259 7.71 -8.47 -29.42
N CYS C 260 7.82 -9.21 -30.52
CA CYS C 260 8.62 -10.42 -30.55
C CYS C 260 9.28 -10.53 -31.92
N GLY C 261 9.84 -11.70 -32.21
CA GLY C 261 10.51 -11.91 -33.48
C GLY C 261 11.88 -11.28 -33.54
N THR C 262 12.06 -10.30 -34.43
CA THR C 262 13.33 -9.61 -34.53
C THR C 262 13.59 -8.74 -33.30
N ASN C 263 12.53 -8.21 -32.68
CA ASN C 263 12.66 -7.42 -31.46
C ASN C 263 12.45 -8.30 -30.24
N SER C 264 13.29 -9.34 -30.14
CA SER C 264 13.19 -10.29 -29.04
C SER C 264 13.76 -9.71 -27.75
N HIS C 265 14.99 -9.18 -27.81
CA HIS C 265 15.68 -8.63 -26.64
C HIS C 265 15.77 -9.67 -25.52
N GLY C 266 16.02 -10.92 -25.89
CA GLY C 266 16.10 -12.00 -24.93
C GLY C 266 15.41 -13.26 -25.40
N ILE C 267 15.58 -14.36 -24.65
CA ILE C 267 14.93 -15.61 -25.02
C ILE C 267 13.42 -15.48 -24.84
N LEU C 268 12.99 -15.04 -23.66
CA LEU C 268 11.56 -14.82 -23.37
C LEU C 268 11.47 -13.53 -22.53
N SER C 269 11.27 -12.41 -23.20
CA SER C 269 11.18 -11.13 -22.51
C SER C 269 9.80 -10.94 -21.89
N GLY C 270 8.76 -10.89 -22.72
CA GLY C 270 7.40 -10.75 -22.25
C GLY C 270 6.71 -12.10 -22.20
N PHE C 271 6.16 -12.42 -21.03
CA PHE C 271 5.49 -13.69 -20.81
C PHE C 271 4.70 -13.60 -19.51
N ASN C 272 3.61 -14.38 -19.45
CA ASN C 272 2.79 -14.40 -18.25
C ASN C 272 3.49 -15.16 -17.13
N LYS C 273 2.99 -14.97 -15.91
CA LYS C 273 3.60 -15.61 -14.75
C LYS C 273 3.24 -17.07 -14.64
N THR C 274 2.02 -17.46 -15.04
CA THR C 274 1.57 -18.84 -14.96
C THR C 274 1.19 -19.35 -16.35
N VAL C 275 1.28 -20.67 -16.52
CA VAL C 275 0.97 -21.28 -17.80
C VAL C 275 0.03 -22.48 -17.68
N LEU C 276 -0.11 -23.10 -16.52
CA LEU C 276 -0.98 -24.27 -16.36
C LEU C 276 -2.36 -23.83 -15.89
N ARG C 277 -3.39 -24.29 -16.59
CA ARG C 277 -4.77 -24.00 -16.18
C ARG C 277 -5.15 -24.81 -14.96
N THR C 278 -4.95 -26.12 -15.00
CA THR C 278 -5.20 -27.00 -13.88
C THR C 278 -3.92 -27.73 -13.51
N LEU C 279 -3.85 -28.19 -12.26
CA LEU C 279 -2.62 -28.85 -11.84
C LEU C 279 -2.70 -30.35 -12.11
N PRO C 280 -1.66 -30.93 -12.71
CA PRO C 280 -1.71 -32.36 -13.04
C PRO C 280 -1.62 -33.23 -11.80
N ARG C 281 -2.51 -34.22 -11.74
CA ARG C 281 -2.52 -35.15 -10.62
C ARG C 281 -1.19 -35.89 -10.53
N SER C 282 -0.73 -36.14 -9.31
CA SER C 282 0.55 -36.82 -9.11
C SER C 282 0.55 -38.21 -9.73
N GLY C 283 -0.63 -38.83 -9.88
CA GLY C 283 -0.69 -40.14 -10.51
C GLY C 283 -0.26 -40.09 -11.97
N ASN C 284 -0.79 -39.12 -12.71
CA ASN C 284 -0.43 -38.99 -14.12
C ASN C 284 1.05 -38.67 -14.28
N LEU C 285 1.57 -37.75 -13.45
CA LEU C 285 2.98 -37.40 -13.53
C LEU C 285 3.87 -38.59 -13.22
N ILE C 286 3.54 -39.34 -12.15
CA ILE C 286 4.38 -40.47 -11.78
C ILE C 286 4.27 -41.58 -12.82
N VAL C 287 3.11 -41.76 -13.45
CA VAL C 287 2.99 -42.84 -14.43
C VAL C 287 3.70 -42.47 -15.73
N VAL C 288 3.68 -41.19 -16.11
CA VAL C 288 4.40 -40.81 -17.32
C VAL C 288 5.90 -40.82 -17.07
N GLU C 289 6.34 -40.48 -15.86
CA GLU C 289 7.76 -40.59 -15.56
C GLU C 289 8.21 -42.04 -15.46
N SER C 290 7.34 -42.93 -14.97
CA SER C 290 7.66 -44.35 -14.97
C SER C 290 7.73 -44.90 -16.39
N VAL C 291 6.85 -44.43 -17.28
CA VAL C 291 6.93 -44.83 -18.68
C VAL C 291 8.23 -44.36 -19.31
N LEU C 292 8.63 -43.12 -19.01
CA LEU C 292 9.91 -42.61 -19.51
C LEU C 292 11.08 -43.43 -18.98
N MET C 293 11.07 -43.75 -17.70
CA MET C 293 12.12 -44.57 -17.12
C MET C 293 12.15 -45.96 -17.77
N ALA C 294 10.97 -46.53 -18.03
CA ALA C 294 10.92 -47.86 -18.63
C ALA C 294 11.45 -47.84 -20.05
N VAL C 295 11.12 -46.79 -20.82
CA VAL C 295 11.60 -46.75 -22.20
C VAL C 295 13.10 -46.45 -22.25
N ALA C 296 13.61 -45.66 -21.30
CA ALA C 296 15.06 -45.48 -21.21
C ALA C 296 15.76 -46.77 -20.81
N PHE C 297 15.15 -47.53 -19.91
CA PHE C 297 15.69 -48.83 -19.52
C PHE C 297 15.72 -49.78 -20.72
N LEU C 298 14.65 -49.78 -21.53
CA LEU C 298 14.60 -50.63 -22.71
C LEU C 298 15.66 -50.19 -23.72
N ALA C 299 15.87 -48.88 -23.88
CA ALA C 299 16.91 -48.39 -24.78
C ALA C 299 18.29 -48.84 -24.32
N MET C 300 18.55 -48.71 -23.01
CA MET C 300 19.85 -49.12 -22.48
C MET C 300 20.06 -50.63 -22.65
N LEU C 301 19.02 -51.42 -22.40
CA LEU C 301 19.16 -52.86 -22.52
C LEU C 301 19.35 -53.29 -23.98
N LEU C 302 18.69 -52.62 -24.92
CA LEU C 302 18.90 -52.97 -26.32
C LEU C 302 20.27 -52.52 -26.80
N VAL C 303 20.80 -51.43 -26.25
CA VAL C 303 22.17 -51.03 -26.56
C VAL C 303 23.15 -52.06 -26.01
N LEU C 304 22.89 -52.56 -24.81
CA LEU C 304 23.82 -53.50 -24.18
C LEU C 304 23.78 -54.86 -24.86
N GLY C 305 22.59 -55.38 -25.16
CA GLY C 305 22.45 -56.73 -25.66
C GLY C 305 22.58 -56.88 -27.16
N LEU C 306 21.93 -55.99 -27.92
CA LEU C 306 21.89 -56.07 -29.38
C LEU C 306 23.09 -55.39 -30.03
N CYS C 307 24.26 -55.45 -29.40
CA CYS C 307 25.46 -54.86 -29.99
C CYS C 307 26.60 -55.87 -30.03
N GLY C 308 26.67 -56.74 -29.03
CA GLY C 308 27.72 -57.75 -29.01
C GLY C 308 29.05 -57.14 -28.64
N ALA C 309 30.10 -57.51 -29.39
CA ALA C 309 31.43 -56.99 -29.15
C ALA C 309 32.15 -56.85 -30.49
N ALA C 310 32.64 -55.66 -30.78
CA ALA C 310 33.36 -55.36 -32.01
C ALA C 310 34.63 -54.58 -31.70
N TYR C 311 35.38 -55.03 -30.70
CA TYR C 311 36.58 -54.35 -30.26
C TYR C 311 37.87 -55.09 -30.60
N ARG C 312 37.87 -56.43 -30.54
CA ARG C 312 39.03 -57.25 -30.88
C ARG C 312 40.20 -56.94 -29.96
N PRO C 313 40.33 -57.64 -28.83
CA PRO C 313 41.36 -57.30 -27.83
C PRO C 313 42.78 -57.19 -28.37
N THR C 314 43.02 -57.69 -29.58
CA THR C 314 44.28 -57.42 -30.25
C THR C 314 44.46 -55.92 -30.47
N GLU C 315 43.40 -55.24 -30.91
CA GLU C 315 43.44 -53.79 -31.00
C GLU C 315 43.65 -53.15 -29.64
N GLU C 316 43.11 -53.77 -28.58
CA GLU C 316 43.31 -53.24 -27.23
C GLU C 316 44.78 -53.28 -26.84
N ILE C 317 45.42 -54.45 -27.00
CA ILE C 317 46.82 -54.55 -26.63
C ILE C 317 47.72 -53.78 -27.59
N ASP C 318 47.24 -53.49 -28.80
CA ASP C 318 47.99 -52.60 -29.69
C ASP C 318 47.88 -51.15 -29.23
N LEU C 319 46.70 -50.74 -28.74
CA LEU C 319 46.54 -49.39 -28.22
C LEU C 319 47.30 -49.20 -26.91
N ARG C 320 47.43 -50.26 -26.12
CA ARG C 320 48.20 -50.15 -24.88
C ARG C 320 49.69 -49.98 -25.14
N SER C 321 50.16 -50.25 -26.35
CA SER C 321 51.56 -50.03 -26.70
C SER C 321 51.89 -48.54 -26.84
N VAL C 322 50.89 -47.67 -26.81
CA VAL C 322 51.14 -46.23 -26.90
C VAL C 322 51.46 -45.63 -25.54
N GLY C 323 50.71 -46.02 -24.52
CA GLY C 323 50.92 -45.54 -23.17
C GLY C 323 49.86 -44.55 -22.73
N TRP C 324 49.93 -44.20 -21.45
CA TRP C 324 49.00 -43.24 -20.86
C TRP C 324 49.57 -41.84 -20.75
N GLY C 325 50.90 -41.70 -20.73
CA GLY C 325 51.54 -40.41 -20.67
C GLY C 325 51.60 -39.64 -21.96
N ASN C 326 51.07 -40.20 -23.05
CA ASN C 326 51.02 -39.53 -24.33
C ASN C 326 49.62 -39.35 -24.88
N ILE C 327 48.66 -40.18 -24.45
CA ILE C 327 47.29 -40.05 -24.93
C ILE C 327 46.66 -38.77 -24.38
N PHE C 328 47.10 -38.30 -23.22
CA PHE C 328 46.59 -37.05 -22.67
C PHE C 328 47.02 -35.84 -23.49
N GLN C 329 48.13 -35.95 -24.22
CA GLN C 329 48.62 -34.85 -25.04
C GLN C 329 48.37 -35.02 -26.53
N LEU C 330 48.01 -36.23 -26.97
CA LEU C 330 47.71 -36.45 -28.39
C LEU C 330 46.65 -35.50 -28.95
N PRO C 331 45.47 -35.31 -28.31
CA PRO C 331 44.52 -34.34 -28.87
C PRO C 331 45.02 -32.92 -28.81
N PHE C 332 45.87 -32.60 -27.84
CA PHE C 332 46.49 -31.28 -27.78
C PHE C 332 47.63 -31.13 -28.78
N LYS C 333 48.21 -32.25 -29.24
CA LYS C 333 49.22 -32.20 -30.29
C LYS C 333 48.60 -32.16 -31.67
N HIS C 334 47.39 -32.69 -31.84
CA HIS C 334 46.71 -32.62 -33.13
C HIS C 334 46.21 -31.23 -33.47
N VAL C 335 46.48 -30.21 -32.63
CA VAL C 335 46.10 -28.85 -32.95
C VAL C 335 46.89 -28.34 -34.16
N ARG C 336 48.12 -28.82 -34.33
CA ARG C 336 48.95 -28.41 -35.46
C ARG C 336 48.44 -28.91 -36.80
N ASP C 337 47.36 -29.71 -36.82
CA ASP C 337 46.77 -30.15 -38.07
C ASP C 337 46.20 -28.96 -38.83
N TYR C 338 46.30 -29.03 -40.16
CA TYR C 338 45.87 -27.91 -40.99
C TYR C 338 44.37 -27.93 -41.24
N ARG C 339 43.76 -29.12 -41.29
CA ARG C 339 42.34 -29.21 -41.57
C ARG C 339 41.50 -28.79 -40.35
N LEU C 340 42.02 -28.98 -39.14
CA LEU C 340 41.27 -28.61 -37.95
C LEU C 340 41.10 -27.10 -37.84
N ARG C 341 42.13 -26.34 -38.21
CA ARG C 341 42.07 -24.88 -38.12
C ARG C 341 40.98 -24.29 -39.00
N HIS C 342 40.47 -25.05 -39.97
CA HIS C 342 39.37 -24.60 -40.80
C HIS C 342 38.07 -25.37 -40.56
N LEU C 343 38.14 -26.54 -39.92
CA LEU C 343 36.94 -27.30 -39.60
C LEU C 343 36.36 -26.97 -38.23
N VAL C 344 37.14 -26.31 -37.36
CA VAL C 344 36.62 -25.92 -36.05
C VAL C 344 35.46 -24.92 -36.16
N PRO C 345 35.55 -23.86 -36.96
CA PRO C 345 34.36 -22.99 -37.13
C PRO C 345 33.15 -23.74 -37.66
N PHE C 346 33.35 -24.75 -38.51
CA PHE C 346 32.25 -25.60 -38.95
C PHE C 346 31.55 -26.25 -37.76
N PHE C 347 32.33 -26.77 -36.80
CA PHE C 347 31.74 -27.44 -35.65
C PHE C 347 31.05 -26.44 -34.72
N ILE C 348 31.68 -25.27 -34.52
CA ILE C 348 31.06 -24.23 -33.71
C ILE C 348 29.73 -23.80 -34.31
N TYR C 349 29.68 -23.66 -35.64
CA TYR C 349 28.44 -23.30 -36.29
C TYR C 349 27.41 -24.41 -36.18
N SER C 350 27.84 -25.66 -36.26
CA SER C 350 26.90 -26.78 -36.06
C SER C 350 26.25 -26.71 -34.69
N GLY C 351 27.06 -26.49 -33.65
CA GLY C 351 26.51 -26.35 -32.31
C GLY C 351 25.58 -25.16 -32.19
N PHE C 352 26.00 -24.01 -32.72
CA PHE C 352 25.17 -22.82 -32.66
C PHE C 352 23.84 -23.02 -33.35
N GLU C 353 23.85 -23.65 -34.53
CA GLU C 353 22.62 -23.83 -35.28
C GLU C 353 21.71 -24.87 -34.65
N VAL C 354 22.28 -25.92 -34.04
CA VAL C 354 21.40 -26.90 -33.39
C VAL C 354 20.77 -26.30 -32.14
N LEU C 355 21.51 -25.46 -31.40
CA LEU C 355 20.90 -24.82 -30.24
C LEU C 355 19.97 -23.67 -30.61
N PHE C 356 20.15 -23.08 -31.80
CA PHE C 356 19.19 -22.08 -32.26
C PHE C 356 17.93 -22.71 -32.83
N ALA C 357 18.04 -23.92 -33.38
CA ALA C 357 16.87 -24.64 -33.83
C ALA C 357 16.11 -25.26 -32.67
N CYS C 358 16.81 -25.58 -31.58
CA CYS C 358 16.11 -26.13 -30.42
C CYS C 358 15.37 -25.07 -29.62
N THR C 359 15.89 -23.84 -29.58
CA THR C 359 15.31 -22.79 -28.75
C THR C 359 14.93 -21.53 -29.52
N GLY C 360 15.75 -21.11 -30.49
CA GLY C 360 15.50 -19.83 -31.14
C GLY C 360 14.27 -19.81 -32.00
N ILE C 361 13.93 -20.95 -32.61
CA ILE C 361 12.76 -21.01 -33.49
C ILE C 361 11.50 -21.37 -32.73
N ALA C 362 11.59 -22.24 -31.71
CA ALA C 362 10.42 -22.64 -30.95
C ALA C 362 10.04 -21.59 -29.91
N LEU C 363 11.02 -21.09 -29.16
CA LEU C 363 10.78 -20.12 -28.10
C LEU C 363 10.97 -18.67 -28.55
N GLY C 364 11.35 -18.45 -29.80
CA GLY C 364 11.57 -17.09 -30.28
C GLY C 364 10.57 -16.65 -31.32
N TYR C 365 10.18 -17.56 -32.21
CA TYR C 365 9.23 -17.26 -33.28
C TYR C 365 7.97 -18.09 -33.21
N GLY C 366 8.07 -19.37 -32.89
CA GLY C 366 6.89 -20.22 -32.77
C GLY C 366 6.02 -19.89 -31.57
N VAL C 367 6.51 -19.08 -30.64
CA VAL C 367 5.75 -18.71 -29.45
C VAL C 367 4.92 -17.45 -29.67
N CYS C 368 5.19 -16.71 -30.75
CA CYS C 368 4.48 -15.45 -30.99
C CYS C 368 3.00 -15.69 -31.28
N SER C 369 2.70 -16.23 -32.47
CA SER C 369 1.31 -16.40 -32.88
C SER C 369 0.59 -17.41 -31.98
N VAL C 370 1.16 -18.60 -31.84
CA VAL C 370 0.57 -19.66 -31.03
C VAL C 370 1.41 -19.84 -29.77
N GLY C 371 0.75 -20.21 -28.68
CA GLY C 371 1.43 -20.43 -27.42
C GLY C 371 2.09 -21.79 -27.34
N LEU C 372 1.96 -22.44 -26.19
CA LEU C 372 2.53 -23.77 -25.99
C LEU C 372 1.65 -24.89 -26.53
N GLU C 373 0.59 -24.56 -27.28
CA GLU C 373 -0.29 -25.59 -27.82
C GLU C 373 0.31 -26.24 -29.06
N ARG C 374 1.01 -25.46 -29.88
CA ARG C 374 1.56 -25.95 -31.15
C ARG C 374 3.09 -25.93 -31.15
N LEU C 375 3.71 -25.83 -29.97
CA LEU C 375 5.17 -25.88 -29.91
C LEU C 375 5.69 -27.28 -30.19
N ALA C 376 5.04 -28.29 -29.59
CA ALA C 376 5.42 -29.67 -29.88
C ALA C 376 5.13 -30.03 -31.33
N TYR C 377 4.09 -29.45 -31.92
CA TYR C 377 3.81 -29.69 -33.34
C TYR C 377 4.87 -29.05 -34.22
N LEU C 378 5.33 -27.85 -33.85
CA LEU C 378 6.45 -27.24 -34.58
C LEU C 378 7.70 -28.10 -34.46
N LEU C 379 7.95 -28.66 -33.28
CA LEU C 379 9.12 -29.51 -33.10
C LEU C 379 9.01 -30.79 -33.91
N VAL C 380 7.83 -31.40 -33.96
CA VAL C 380 7.67 -32.63 -34.74
C VAL C 380 7.75 -32.34 -36.24
N ALA C 381 7.32 -31.15 -36.67
CA ALA C 381 7.49 -30.77 -38.06
C ALA C 381 8.97 -30.57 -38.40
N TYR C 382 9.71 -29.91 -37.50
CA TYR C 382 11.16 -29.80 -37.66
C TYR C 382 11.81 -31.18 -37.75
N SER C 383 11.36 -32.10 -36.90
CA SER C 383 11.93 -33.46 -36.89
C SER C 383 11.63 -34.19 -38.19
N LEU C 384 10.40 -34.08 -38.70
CA LEU C 384 10.06 -34.72 -39.97
C LEU C 384 10.84 -34.11 -41.12
N GLY C 385 11.02 -32.80 -41.12
CA GLY C 385 11.84 -32.17 -42.14
C GLY C 385 13.28 -32.65 -42.11
N ALA C 386 13.85 -32.78 -40.91
CA ALA C 386 15.21 -33.29 -40.79
C ALA C 386 15.31 -34.75 -41.22
N SER C 387 14.29 -35.55 -40.89
CA SER C 387 14.29 -36.95 -41.31
C SER C 387 14.20 -37.07 -42.82
N ALA C 388 13.44 -36.18 -43.47
CA ALA C 388 13.38 -36.18 -44.93
C ALA C 388 14.71 -35.72 -45.52
N ALA C 389 15.35 -34.74 -44.89
CA ALA C 389 16.64 -34.27 -45.37
C ALA C 389 17.72 -35.34 -45.23
N SER C 390 17.58 -36.23 -44.25
CA SER C 390 18.50 -37.35 -44.14
C SER C 390 18.52 -38.18 -45.43
N LEU C 391 17.33 -38.59 -45.89
CA LEU C 391 17.25 -39.34 -47.14
C LEU C 391 17.60 -38.48 -48.34
N LEU C 392 17.31 -37.17 -48.28
CA LEU C 392 17.70 -36.27 -49.37
C LEU C 392 19.21 -36.25 -49.55
N GLY C 393 19.96 -36.12 -48.45
CA GLY C 393 21.41 -36.18 -48.53
C GLY C 393 21.92 -37.56 -48.86
N LEU C 394 21.18 -38.60 -48.44
CA LEU C 394 21.53 -39.95 -48.85
C LEU C 394 21.45 -40.12 -50.36
N LEU C 395 20.46 -39.47 -50.99
CA LEU C 395 20.33 -39.55 -52.45
C LEU C 395 21.48 -38.86 -53.16
N GLY C 396 22.07 -37.85 -52.54
CA GLY C 396 23.17 -37.12 -53.15
C GLY C 396 24.52 -37.79 -52.95
N LEU C 397 24.68 -39.00 -53.49
CA LEU C 397 25.92 -39.76 -53.36
C LEU C 397 26.77 -39.74 -54.63
N TRP C 398 26.15 -39.68 -55.80
CA TRP C 398 26.91 -39.67 -57.04
C TRP C 398 27.73 -38.39 -57.20
N LEU C 399 27.23 -37.28 -56.66
CA LEU C 399 27.97 -36.03 -56.72
C LEU C 399 29.20 -36.10 -55.82
N PRO C 400 30.21 -35.25 -56.07
CA PRO C 400 31.39 -35.24 -55.19
C PRO C 400 31.07 -34.85 -53.75
N ARG C 401 32.09 -34.82 -52.89
CA ARG C 401 31.85 -34.66 -51.45
C ARG C 401 31.34 -33.26 -51.11
N PRO C 402 32.06 -32.17 -51.42
CA PRO C 402 31.61 -30.85 -50.92
C PRO C 402 30.59 -30.19 -51.83
N VAL C 403 29.49 -30.89 -52.13
CA VAL C 403 28.43 -30.34 -52.97
C VAL C 403 27.24 -29.88 -52.12
N PRO C 404 26.63 -30.75 -51.26
CA PRO C 404 25.47 -30.28 -50.51
C PRO C 404 25.84 -29.35 -49.37
N LEU C 405 27.05 -29.55 -48.81
CA LEU C 405 27.48 -28.79 -47.64
C LEU C 405 27.33 -27.30 -47.87
N VAL C 406 28.11 -26.74 -48.80
CA VAL C 406 27.98 -25.32 -49.13
C VAL C 406 26.56 -25.01 -49.57
N ALA C 407 25.90 -25.94 -50.25
CA ALA C 407 24.51 -25.75 -50.62
C ALA C 407 23.66 -25.47 -49.38
N GLY C 408 23.82 -26.30 -48.34
CA GLY C 408 23.19 -26.00 -47.08
C GLY C 408 23.55 -24.61 -46.57
N ALA C 409 24.85 -24.28 -46.64
CA ALA C 409 25.34 -22.97 -46.23
C ALA C 409 24.60 -21.83 -46.91
N GLY C 410 23.83 -22.10 -47.96
CA GLY C 410 23.00 -21.08 -48.58
C GLY C 410 21.56 -21.13 -48.11
N VAL C 411 20.97 -22.33 -48.07
CA VAL C 411 19.52 -22.43 -47.94
C VAL C 411 19.04 -21.81 -46.62
N HIS C 412 19.54 -22.32 -45.50
CA HIS C 412 19.18 -21.74 -44.21
C HIS C 412 19.65 -20.28 -44.12
N LEU C 413 20.71 -19.93 -44.85
CA LEU C 413 21.12 -18.54 -44.94
C LEU C 413 19.98 -17.68 -45.44
N LEU C 414 19.31 -18.14 -46.50
CA LEU C 414 18.09 -17.46 -46.95
C LEU C 414 17.08 -17.35 -45.83
N LEU C 415 16.88 -18.44 -45.09
CA LEU C 415 15.99 -18.40 -43.93
C LEU C 415 16.44 -17.33 -42.94
N THR C 416 17.75 -17.19 -42.75
CA THR C 416 18.28 -16.14 -41.89
C THR C 416 17.78 -14.77 -42.34
N PHE C 417 17.79 -14.52 -43.65
CA PHE C 417 17.21 -13.29 -44.18
C PHE C 417 15.75 -13.16 -43.77
N ILE C 418 14.98 -14.24 -43.95
CA ILE C 418 13.59 -14.23 -43.50
C ILE C 418 13.52 -14.06 -41.99
N LEU C 419 14.52 -14.56 -41.27
CA LEU C 419 14.57 -14.39 -39.82
C LEU C 419 15.15 -13.03 -39.41
N PHE C 420 15.46 -12.17 -40.37
CA PHE C 420 16.01 -10.84 -40.08
C PHE C 420 15.05 -9.71 -40.40
N PHE C 421 14.29 -9.83 -41.49
CA PHE C 421 13.36 -8.78 -41.91
C PHE C 421 11.93 -9.06 -41.45
N TRP C 422 11.42 -10.26 -41.70
CA TRP C 422 10.04 -10.59 -41.33
C TRP C 422 9.93 -10.79 -39.83
N ALA C 423 8.91 -10.16 -39.24
CA ALA C 423 8.64 -10.27 -37.81
C ALA C 423 7.15 -10.53 -37.62
N PRO C 424 6.77 -11.72 -37.14
CA PRO C 424 5.34 -12.03 -37.01
C PRO C 424 4.71 -11.32 -35.82
N VAL C 425 3.49 -10.85 -36.01
CA VAL C 425 2.74 -10.23 -34.91
C VAL C 425 2.25 -11.33 -33.96
N PRO C 426 2.47 -11.20 -32.65
CA PRO C 426 2.12 -12.31 -31.75
C PRO C 426 0.63 -12.48 -31.52
N ARG C 427 -0.12 -11.39 -31.45
CA ARG C 427 -1.53 -11.44 -31.04
C ARG C 427 -2.47 -11.59 -32.24
N VAL C 428 -2.07 -12.36 -33.25
CA VAL C 428 -2.92 -12.63 -34.40
C VAL C 428 -2.75 -14.10 -34.78
N LEU C 429 -3.83 -14.69 -35.27
CA LEU C 429 -3.79 -16.06 -35.81
C LEU C 429 -4.11 -16.05 -37.30
N GLN C 430 -3.30 -15.30 -38.04
CA GLN C 430 -3.51 -15.10 -39.46
C GLN C 430 -2.82 -16.17 -40.31
N HIS C 431 -1.50 -16.29 -40.16
CA HIS C 431 -0.71 -17.24 -40.93
C HIS C 431 -0.02 -18.20 -39.98
N SER C 432 -0.27 -19.50 -40.16
CA SER C 432 0.35 -20.54 -39.36
C SER C 432 1.26 -21.47 -40.15
N TRP C 433 1.11 -21.54 -41.47
CA TRP C 433 1.95 -22.43 -42.28
C TRP C 433 3.34 -21.86 -42.53
N ILE C 434 3.53 -20.55 -42.35
CA ILE C 434 4.85 -19.96 -42.56
C ILE C 434 5.84 -20.47 -41.52
N LEU C 435 5.43 -20.53 -40.26
CA LEU C 435 6.29 -21.09 -39.22
C LEU C 435 6.59 -22.56 -39.49
N TYR C 436 5.59 -23.30 -39.97
CA TYR C 436 5.79 -24.72 -40.28
C TYR C 436 6.82 -24.90 -41.38
N VAL C 437 6.68 -24.16 -42.48
CA VAL C 437 7.62 -24.33 -43.59
C VAL C 437 9.01 -23.80 -43.21
N ALA C 438 9.08 -22.76 -42.37
CA ALA C 438 10.38 -22.27 -41.93
C ALA C 438 11.09 -23.30 -41.07
N ALA C 439 10.36 -23.91 -40.12
CA ALA C 439 10.96 -24.95 -39.29
C ALA C 439 11.35 -26.15 -40.14
N ALA C 440 10.55 -26.49 -41.15
CA ALA C 440 10.88 -27.62 -42.01
C ALA C 440 12.15 -27.37 -42.80
N LEU C 441 12.28 -26.18 -43.38
CA LEU C 441 13.47 -25.85 -44.14
C LEU C 441 14.70 -25.77 -43.25
N TRP C 442 14.55 -25.23 -42.03
CA TRP C 442 15.68 -25.17 -41.12
C TRP C 442 16.11 -26.57 -40.67
N GLY C 443 15.15 -27.45 -40.42
CA GLY C 443 15.50 -28.82 -40.10
C GLY C 443 16.17 -29.54 -41.25
N VAL C 444 15.71 -29.26 -42.48
CA VAL C 444 16.35 -29.83 -43.66
C VAL C 444 17.81 -29.39 -43.72
N GLY C 445 18.05 -28.08 -43.58
CA GLY C 445 19.41 -27.59 -43.60
C GLY C 445 20.27 -28.19 -42.50
N SER C 446 19.72 -28.27 -41.29
CA SER C 446 20.49 -28.80 -40.17
C SER C 446 20.84 -30.26 -40.38
N ALA C 447 19.88 -31.06 -40.85
CA ALA C 447 20.13 -32.49 -41.04
C ALA C 447 21.14 -32.72 -42.16
N LEU C 448 21.01 -32.00 -43.29
CA LEU C 448 21.98 -32.19 -44.36
C LEU C 448 23.37 -31.71 -43.93
N ASN C 449 23.43 -30.62 -43.15
CA ASN C 449 24.70 -30.16 -42.62
C ASN C 449 25.34 -31.22 -41.73
N LYS C 450 24.56 -31.81 -40.82
CA LYS C 450 25.10 -32.81 -39.91
C LYS C 450 25.60 -34.03 -40.67
N THR C 451 24.80 -34.54 -41.62
CA THR C 451 25.22 -35.73 -42.33
C THR C 451 26.42 -35.45 -43.22
N GLY C 452 26.50 -34.26 -43.83
CA GLY C 452 27.69 -33.93 -44.61
C GLY C 452 28.94 -33.81 -43.76
N LEU C 453 28.80 -33.17 -42.59
CA LEU C 453 29.92 -33.08 -41.66
C LEU C 453 30.40 -34.46 -41.24
N SER C 454 29.47 -35.36 -40.92
CA SER C 454 29.85 -36.69 -40.47
C SER C 454 30.51 -37.48 -41.61
N THR C 455 29.96 -37.39 -42.82
CA THR C 455 30.58 -38.09 -43.95
C THR C 455 31.97 -37.55 -44.25
N LEU C 456 32.15 -36.24 -44.17
CA LEU C 456 33.47 -35.65 -44.41
C LEU C 456 34.46 -36.10 -43.34
N LEU C 457 34.04 -36.11 -42.08
CA LEU C 457 34.93 -36.54 -41.01
C LEU C 457 35.24 -38.03 -41.08
N GLY C 458 34.31 -38.83 -41.64
CA GLY C 458 34.57 -40.24 -41.79
C GLY C 458 35.45 -40.59 -42.97
N ILE C 459 35.35 -39.82 -44.05
CA ILE C 459 36.16 -40.09 -45.24
C ILE C 459 37.53 -39.40 -45.16
N LEU C 460 37.67 -38.37 -44.33
CA LEU C 460 38.94 -37.66 -44.25
C LEU C 460 39.95 -38.40 -43.37
N TYR C 461 39.47 -39.11 -42.35
CA TYR C 461 40.33 -39.86 -41.44
C TYR C 461 39.86 -41.30 -41.37
N GLU C 462 40.80 -42.24 -41.49
CA GLU C 462 40.48 -43.65 -41.53
C GLU C 462 41.07 -44.45 -40.37
N ASP C 463 42.15 -43.99 -39.75
CA ASP C 463 42.72 -44.69 -38.62
C ASP C 463 41.78 -44.61 -37.42
N LYS C 464 41.77 -45.68 -36.61
CA LYS C 464 40.88 -45.74 -35.45
C LYS C 464 41.18 -44.62 -34.47
N GLU C 465 42.46 -44.46 -34.11
CA GLU C 465 42.84 -43.38 -33.20
C GLU C 465 42.56 -42.02 -33.84
N ARG C 466 42.82 -41.89 -35.14
CA ARG C 466 42.56 -40.63 -35.82
C ARG C 466 41.07 -40.29 -35.77
N GLN C 467 40.22 -41.25 -36.08
CA GLN C 467 38.76 -41.02 -36.03
C GLN C 467 38.32 -40.67 -34.61
N ASP C 468 38.85 -41.39 -33.62
CA ASP C 468 38.51 -41.10 -32.22
C ASP C 468 38.87 -39.68 -31.85
N PHE C 469 40.08 -39.25 -32.20
CA PHE C 469 40.52 -37.91 -31.85
C PHE C 469 39.72 -36.84 -32.59
N ILE C 470 39.42 -37.08 -33.87
CA ILE C 470 38.65 -36.10 -34.64
C ILE C 470 37.24 -35.96 -34.07
N PHE C 471 36.61 -37.07 -33.72
CA PHE C 471 35.26 -37.01 -33.16
C PHE C 471 35.28 -36.36 -31.78
N THR C 472 36.31 -36.64 -30.98
CA THR C 472 36.44 -35.99 -29.67
C THR C 472 36.57 -34.48 -29.83
N ILE C 473 37.42 -34.03 -30.76
CA ILE C 473 37.58 -32.60 -30.98
C ILE C 473 36.28 -31.97 -31.48
N TYR C 474 35.60 -32.64 -32.41
CA TYR C 474 34.33 -32.13 -32.93
C TYR C 474 33.31 -31.96 -31.81
N HIS C 475 33.17 -32.98 -30.96
CA HIS C 475 32.16 -32.91 -29.91
C HIS C 475 32.55 -31.94 -28.81
N TRP C 476 33.85 -31.79 -28.54
CA TRP C 476 34.28 -30.77 -27.60
C TRP C 476 33.96 -29.37 -28.11
N TRP C 477 34.21 -29.12 -29.40
CA TRP C 477 33.89 -27.80 -29.95
C TRP C 477 32.39 -27.59 -30.03
N GLN C 478 31.61 -28.66 -30.26
CA GLN C 478 30.16 -28.53 -30.23
C GLN C 478 29.68 -28.17 -28.84
N ALA C 479 30.25 -28.81 -27.81
CA ALA C 479 29.89 -28.47 -26.44
C ALA C 479 30.31 -27.03 -26.10
N VAL C 480 31.45 -26.59 -26.61
CA VAL C 480 31.88 -25.21 -26.40
C VAL C 480 30.90 -24.25 -27.05
N ALA C 481 30.43 -24.57 -28.24
CA ALA C 481 29.43 -23.74 -28.90
C ALA C 481 28.12 -23.71 -28.13
N ILE C 482 27.70 -24.86 -27.60
CA ILE C 482 26.50 -24.92 -26.78
C ILE C 482 26.65 -24.03 -25.54
N PHE C 483 27.81 -24.11 -24.89
CA PHE C 483 28.06 -23.29 -23.71
C PHE C 483 28.09 -21.81 -24.06
N THR C 484 28.62 -21.47 -25.24
CA THR C 484 28.65 -20.08 -25.66
C THR C 484 27.25 -19.55 -25.94
N VAL C 485 26.40 -20.37 -26.56
CA VAL C 485 25.01 -19.96 -26.78
C VAL C 485 24.29 -19.82 -25.45
N TYR C 486 24.60 -20.71 -24.49
CA TYR C 486 24.04 -20.58 -23.15
C TYR C 486 24.44 -19.25 -22.51
N LEU C 487 25.71 -18.87 -22.66
CA LEU C 487 26.15 -17.55 -22.21
C LEU C 487 25.64 -16.43 -23.09
N GLY C 488 25.31 -16.73 -24.35
CA GLY C 488 24.82 -15.73 -25.27
C GLY C 488 23.31 -15.54 -25.20
N SER C 489 22.70 -16.01 -24.12
CA SER C 489 21.27 -15.85 -23.94
C SER C 489 20.94 -14.46 -23.39
N SER C 490 19.65 -14.11 -23.47
CA SER C 490 19.14 -12.82 -23.02
C SER C 490 19.85 -11.65 -23.70
N LEU C 491 20.25 -11.83 -24.96
CA LEU C 491 20.91 -10.80 -25.73
C LEU C 491 19.89 -10.14 -26.66
N HIS C 492 20.39 -9.21 -27.50
CA HIS C 492 19.53 -8.51 -28.44
C HIS C 492 19.07 -9.45 -29.56
N MET C 493 20.00 -9.85 -30.42
CA MET C 493 19.69 -10.74 -31.53
C MET C 493 20.89 -11.64 -31.79
N LYS C 494 20.59 -12.84 -32.30
CA LYS C 494 21.63 -13.82 -32.62
C LYS C 494 21.62 -14.20 -34.09
N ALA C 495 20.92 -13.45 -34.95
CA ALA C 495 20.87 -13.77 -36.37
C ALA C 495 22.09 -13.21 -37.12
N LYS C 496 22.55 -12.02 -36.73
CA LYS C 496 23.74 -11.46 -37.36
C LYS C 496 24.96 -12.32 -37.06
N LEU C 497 25.11 -12.76 -35.81
CA LEU C 497 26.19 -13.69 -35.47
C LEU C 497 26.07 -14.98 -36.27
N ALA C 498 24.83 -15.46 -36.46
CA ALA C 498 24.64 -16.70 -37.20
C ALA C 498 25.06 -16.56 -38.66
N VAL C 499 24.68 -15.45 -39.30
CA VAL C 499 25.03 -15.27 -40.70
C VAL C 499 26.53 -15.01 -40.86
N LEU C 500 27.13 -14.30 -39.91
CA LEU C 500 28.59 -14.12 -39.95
C LEU C 500 29.30 -15.45 -39.81
N LEU C 501 28.86 -16.29 -38.87
CA LEU C 501 29.48 -17.59 -38.67
C LEU C 501 29.31 -18.49 -39.89
N VAL C 502 28.13 -18.46 -40.51
CA VAL C 502 27.91 -19.34 -41.67
C VAL C 502 28.70 -18.84 -42.87
N THR C 503 28.89 -17.53 -42.99
CA THR C 503 29.73 -17.00 -44.07
C THR C 503 31.19 -17.40 -43.86
N LEU C 504 31.68 -17.27 -42.62
CA LEU C 504 33.04 -17.69 -42.33
C LEU C 504 33.23 -19.18 -42.56
N VAL C 505 32.21 -19.98 -42.22
CA VAL C 505 32.29 -21.43 -42.44
C VAL C 505 32.33 -21.75 -43.92
N ALA C 506 31.48 -21.09 -44.72
CA ALA C 506 31.51 -21.32 -46.16
C ALA C 506 32.87 -20.95 -46.75
N ALA C 507 33.42 -19.81 -46.32
CA ALA C 507 34.73 -19.41 -46.80
C ALA C 507 35.80 -20.42 -46.41
N ALA C 508 35.77 -20.90 -45.16
CA ALA C 508 36.78 -21.85 -44.71
C ALA C 508 36.65 -23.18 -45.45
N VAL C 509 35.43 -23.62 -45.71
CA VAL C 509 35.23 -24.87 -46.44
C VAL C 509 35.72 -24.74 -47.88
N SER C 510 35.42 -23.62 -48.52
CA SER C 510 35.92 -23.41 -49.89
C SER C 510 37.44 -23.35 -49.90
N TYR C 511 38.04 -22.71 -48.90
CA TYR C 511 39.50 -22.64 -48.81
C TYR C 511 40.11 -24.03 -48.62
N LEU C 512 39.53 -24.83 -47.72
CA LEU C 512 40.03 -26.18 -47.51
C LEU C 512 39.90 -27.04 -48.76
N ARG C 513 38.79 -26.90 -49.48
CA ARG C 513 38.61 -27.67 -50.71
C ARG C 513 39.62 -27.25 -51.77
N MET C 514 39.77 -25.95 -51.99
CA MET C 514 40.68 -25.47 -53.02
C MET C 514 42.14 -25.75 -52.67
N GLU C 515 42.47 -25.91 -51.40
CA GLU C 515 43.84 -26.28 -51.04
C GLU C 515 44.07 -27.77 -51.02
N GLN C 516 43.02 -28.56 -50.77
CA GLN C 516 43.15 -30.02 -50.88
C GLN C 516 43.21 -30.46 -52.34
N LYS C 517 42.57 -29.71 -53.23
CA LYS C 517 42.66 -30.03 -54.65
C LYS C 517 44.04 -29.74 -55.20
N LEU C 518 44.70 -28.70 -54.71
CA LEU C 518 46.05 -28.33 -55.14
C LEU C 518 47.12 -29.20 -54.52
N ARG C 519 46.74 -30.20 -53.72
CA ARG C 519 47.65 -31.15 -53.10
C ARG C 519 48.68 -30.44 -52.21
N ARG C 520 48.22 -30.07 -51.02
CA ARG C 520 49.10 -29.44 -50.04
C ARG C 520 50.05 -30.47 -49.43
N GLY C 521 49.52 -31.65 -49.09
CA GLY C 521 50.34 -32.73 -48.56
C GLY C 521 50.86 -32.47 -47.16
N VAL C 522 49.98 -32.07 -46.25
CA VAL C 522 50.32 -31.82 -44.85
C VAL C 522 49.46 -32.72 -43.98
N ALA C 523 50.09 -33.38 -43.00
CA ALA C 523 49.39 -34.26 -42.08
C ALA C 523 50.28 -34.53 -40.88
N PRO C 524 49.75 -34.55 -39.67
CA PRO C 524 50.58 -34.85 -38.50
C PRO C 524 50.80 -36.35 -38.34
N ARG C 525 51.94 -36.67 -37.72
CA ARG C 525 52.34 -38.06 -37.49
C ARG C 525 52.71 -38.22 -36.03
N GLN C 526 51.78 -38.75 -35.24
CA GLN C 526 51.98 -39.01 -33.81
C GLN C 526 51.49 -40.42 -33.49
N PRO C 527 52.30 -41.44 -33.80
CA PRO C 527 51.92 -42.83 -33.54
C PRO C 527 51.93 -43.18 -32.05
N GLU D 45 96.46 -0.85 -17.52
CA GLU D 45 95.34 -0.09 -16.99
C GLU D 45 94.22 -1.02 -16.54
N GLU D 46 93.93 -1.00 -15.24
CA GLU D 46 92.89 -1.85 -14.66
C GLU D 46 91.81 -1.09 -13.92
N GLU D 47 92.04 0.18 -13.56
CA GLU D 47 91.02 0.95 -12.86
C GLU D 47 89.89 1.37 -13.79
N GLU D 48 90.16 1.49 -15.09
CA GLU D 48 89.13 1.88 -16.04
C GLU D 48 88.05 0.81 -16.13
N GLU D 49 88.46 -0.45 -16.31
CA GLU D 49 87.47 -1.54 -16.35
C GLU D 49 86.77 -1.70 -15.00
N ARG D 50 87.49 -1.47 -13.90
CA ARG D 50 86.86 -1.52 -12.58
C ARG D 50 85.74 -0.50 -12.47
N ARG D 51 86.02 0.75 -12.82
CA ARG D 51 85.00 1.79 -12.76
C ARG D 51 83.86 1.51 -13.74
N TYR D 52 84.18 0.96 -14.92
CA TYR D 52 83.14 0.62 -15.88
C TYR D 52 82.19 -0.44 -15.32
N TYR D 53 82.74 -1.48 -14.70
CA TYR D 53 81.90 -2.52 -14.13
C TYR D 53 81.12 -2.01 -12.92
N ARG D 54 81.72 -1.13 -12.12
CA ARG D 54 80.98 -0.55 -11.00
C ARG D 54 79.82 0.32 -11.49
N ARG D 55 80.05 1.09 -12.55
CA ARG D 55 78.97 1.91 -13.11
C ARG D 55 77.88 1.04 -13.72
N LYS D 56 78.26 -0.07 -14.36
CA LYS D 56 77.25 -0.98 -14.90
C LYS D 56 76.44 -1.62 -13.78
N ARG D 57 77.10 -1.97 -12.67
CA ARG D 57 76.39 -2.54 -11.53
C ARG D 57 75.43 -1.52 -10.91
N LEU D 58 75.88 -0.27 -10.78
CA LEU D 58 75.01 0.79 -10.28
C LEU D 58 73.82 1.01 -11.21
N GLY D 59 74.06 0.94 -12.53
CA GLY D 59 72.96 1.07 -13.47
C GLY D 59 71.96 -0.06 -13.35
N VAL D 60 72.45 -1.29 -13.19
CA VAL D 60 71.54 -2.43 -13.01
C VAL D 60 70.73 -2.25 -11.73
N LEU D 61 71.38 -1.82 -10.65
CA LEU D 61 70.68 -1.65 -9.39
C LEU D 61 69.61 -0.57 -9.49
N LYS D 62 69.95 0.58 -10.09
CA LYS D 62 68.96 1.64 -10.22
C LYS D 62 67.85 1.27 -11.19
N ASN D 63 68.16 0.45 -12.19
CA ASN D 63 67.11 -0.03 -13.09
C ASN D 63 66.13 -0.93 -12.35
N VAL D 64 66.64 -1.85 -11.54
CA VAL D 64 65.76 -2.70 -10.73
C VAL D 64 64.92 -1.86 -9.78
N LEU D 65 65.55 -0.87 -9.14
CA LEU D 65 64.83 -0.01 -8.20
C LEU D 65 63.73 0.77 -8.90
N ALA D 66 64.03 1.34 -10.07
CA ALA D 66 63.03 2.12 -10.80
C ALA D 66 61.89 1.23 -11.31
N ALA D 67 62.22 0.02 -11.76
CA ALA D 67 61.17 -0.90 -12.20
C ALA D 67 60.25 -1.26 -11.05
N SER D 68 60.82 -1.58 -9.89
CA SER D 68 60.01 -1.93 -8.73
C SER D 68 59.17 -0.73 -8.29
N ALA D 69 59.75 0.48 -8.31
CA ALA D 69 59.01 1.67 -7.91
C ALA D 69 57.84 1.95 -8.85
N GLY D 70 58.07 1.84 -10.15
CA GLY D 70 56.99 2.06 -11.10
C GLY D 70 55.90 1.00 -10.97
N GLY D 71 56.30 -0.26 -10.79
CA GLY D 71 55.31 -1.31 -10.62
C GLY D 71 54.45 -1.09 -9.38
N MET D 72 55.09 -0.78 -8.25
CA MET D 72 54.32 -0.55 -7.03
C MET D 72 53.46 0.70 -7.15
N LEU D 73 53.93 1.74 -7.84
CA LEU D 73 53.14 2.95 -7.98
C LEU D 73 51.91 2.71 -8.84
N THR D 74 52.06 2.00 -9.97
CA THR D 74 50.89 1.74 -10.80
C THR D 74 49.93 0.78 -10.12
N TYR D 75 50.45 -0.21 -9.38
CA TYR D 75 49.57 -1.10 -8.65
C TYR D 75 48.81 -0.35 -7.56
N GLY D 76 49.48 0.58 -6.87
CA GLY D 76 48.82 1.35 -5.85
C GLY D 76 47.75 2.28 -6.39
N VAL D 77 48.04 2.96 -7.51
CA VAL D 77 47.03 3.84 -8.09
C VAL D 77 45.85 3.04 -8.61
N TYR D 78 46.12 1.85 -9.18
CA TYR D 78 45.02 1.00 -9.65
C TYR D 78 44.16 0.53 -8.49
N LEU D 79 44.78 0.06 -7.41
CA LEU D 79 44.02 -0.42 -6.26
C LEU D 79 43.23 0.72 -5.61
N GLY D 80 43.85 1.90 -5.49
CA GLY D 80 43.14 3.03 -4.91
C GLY D 80 41.94 3.45 -5.74
N LEU D 81 42.12 3.52 -7.07
CA LEU D 81 40.99 3.87 -7.93
C LEU D 81 39.89 2.81 -7.86
N LEU D 82 40.27 1.53 -7.85
CA LEU D 82 39.27 0.47 -7.77
C LEU D 82 38.49 0.55 -6.46
N GLN D 83 39.19 0.78 -5.34
CA GLN D 83 38.52 0.87 -4.05
C GLN D 83 37.62 2.09 -3.99
N MET D 84 38.08 3.23 -4.51
CA MET D 84 37.26 4.44 -4.50
C MET D 84 36.00 4.25 -5.34
N GLN D 85 36.13 3.59 -6.49
CA GLN D 85 34.96 3.34 -7.33
C GLN D 85 34.01 2.34 -6.68
N LEU D 86 34.55 1.32 -6.03
CA LEU D 86 33.69 0.33 -5.39
C LEU D 86 32.95 0.92 -4.20
N ILE D 87 33.57 1.86 -3.49
CA ILE D 87 32.89 2.48 -2.35
C ILE D 87 31.90 3.55 -2.83
N LEU D 88 32.25 4.28 -3.90
CA LEU D 88 31.40 5.36 -4.36
C LEU D 88 30.22 4.88 -5.18
N HIS D 89 30.31 3.70 -5.80
CA HIS D 89 29.25 3.18 -6.64
C HIS D 89 28.34 2.19 -5.92
N TYR D 90 28.33 2.22 -4.58
CA TYR D 90 27.47 1.34 -3.78
C TYR D 90 26.65 2.21 -2.84
N ASP D 91 25.74 3.00 -3.42
CA ASP D 91 24.83 3.83 -2.65
C ASP D 91 23.71 4.35 -3.55
N GLU D 92 22.49 4.45 -3.02
CA GLU D 92 21.38 4.93 -3.83
C GLU D 92 21.51 6.42 -4.15
N THR D 93 22.01 7.21 -3.20
CA THR D 93 22.09 8.65 -3.40
C THR D 93 22.95 8.99 -4.62
N TYR D 94 24.24 8.61 -4.57
CA TYR D 94 25.16 8.93 -5.65
C TYR D 94 24.72 8.33 -6.98
N ARG D 95 24.34 7.05 -6.96
CA ARG D 95 23.96 6.37 -8.20
C ARG D 95 22.73 7.00 -8.82
N GLU D 96 21.81 7.52 -8.00
CA GLU D 96 20.57 8.07 -8.53
C GLU D 96 20.69 9.54 -8.90
N VAL D 97 21.61 10.29 -8.29
CA VAL D 97 21.73 11.71 -8.62
C VAL D 97 22.75 11.95 -9.73
N LYS D 98 23.80 11.14 -9.80
CA LYS D 98 24.81 11.36 -10.83
C LYS D 98 24.48 10.62 -12.12
N TYR D 99 23.99 9.38 -12.01
CA TYR D 99 23.67 8.58 -13.18
C TYR D 99 22.19 8.24 -13.27
N GLY D 100 21.60 7.70 -12.20
CA GLY D 100 20.19 7.37 -12.21
C GLY D 100 19.86 6.21 -13.14
N ASN D 101 19.19 6.50 -14.24
CA ASN D 101 18.80 5.48 -15.22
C ASN D 101 19.96 5.24 -16.19
N MET D 102 21.02 4.64 -15.65
CA MET D 102 22.22 4.34 -16.43
C MET D 102 22.73 2.92 -16.26
N GLY D 103 22.19 2.14 -15.32
CA GLY D 103 22.66 0.79 -15.10
C GLY D 103 24.04 0.74 -14.49
N LEU D 104 24.23 1.43 -13.36
CA LEU D 104 25.55 1.47 -12.73
C LEU D 104 25.96 0.13 -12.14
N PRO D 105 25.10 -0.61 -11.42
CA PRO D 105 25.51 -1.94 -10.97
C PRO D 105 25.82 -2.89 -12.12
N ASP D 106 25.08 -2.79 -13.23
CA ASP D 106 25.39 -3.60 -14.40
C ASP D 106 26.76 -3.26 -14.96
N ILE D 107 27.10 -1.96 -15.00
CA ILE D 107 28.41 -1.55 -15.49
C ILE D 107 29.51 -2.08 -14.57
N ASP D 108 29.29 -2.00 -13.25
CA ASP D 108 30.28 -2.51 -12.30
C ASP D 108 30.46 -4.02 -12.46
N SER D 109 29.37 -4.76 -12.62
CA SER D 109 29.47 -6.21 -12.80
C SER D 109 30.19 -6.55 -14.10
N LYS D 110 29.88 -5.83 -15.18
CA LYS D 110 30.56 -6.08 -16.45
C LYS D 110 32.04 -5.76 -16.36
N MET D 111 32.40 -4.70 -15.63
CA MET D 111 33.81 -4.37 -15.44
C MET D 111 34.53 -5.45 -14.66
N LEU D 112 33.91 -5.92 -13.56
CA LEU D 112 34.51 -7.00 -12.79
C LEU D 112 34.67 -8.26 -13.61
N MET D 113 33.68 -8.57 -14.46
CA MET D 113 33.78 -9.73 -15.33
C MET D 113 34.93 -9.58 -16.32
N GLY D 114 34.98 -8.46 -17.03
CA GLY D 114 36.05 -8.22 -17.97
C GLY D 114 37.44 -8.16 -17.35
N ILE D 115 37.52 -7.85 -16.06
CA ILE D 115 38.82 -7.85 -15.38
C ILE D 115 39.20 -9.24 -14.90
N ASN D 116 38.24 -10.04 -14.44
CA ASN D 116 38.55 -11.31 -13.78
C ASN D 116 38.48 -12.51 -14.73
N VAL D 117 38.00 -12.35 -15.96
CA VAL D 117 37.83 -13.46 -16.88
C VAL D 117 38.84 -13.41 -18.02
N THR D 118 39.12 -12.22 -18.55
CA THR D 118 39.99 -12.03 -19.71
C THR D 118 41.42 -12.55 -19.56
N PRO D 119 42.01 -12.62 -18.35
CA PRO D 119 43.33 -13.26 -18.25
C PRO D 119 43.42 -14.66 -18.86
N ILE D 120 42.31 -15.40 -18.87
CA ILE D 120 42.32 -16.74 -19.48
C ILE D 120 42.70 -16.64 -20.96
N ALA D 121 42.07 -15.70 -21.68
CA ALA D 121 42.45 -15.47 -23.06
C ALA D 121 43.81 -14.76 -23.16
N ALA D 122 44.20 -14.05 -22.10
CA ALA D 122 45.50 -13.37 -22.10
C ALA D 122 46.64 -14.38 -22.09
N LEU D 123 46.43 -15.55 -21.49
CA LEU D 123 47.45 -16.60 -21.55
C LEU D 123 47.73 -17.03 -22.98
N LEU D 124 46.70 -17.10 -23.81
CA LEU D 124 46.86 -17.63 -25.16
C LEU D 124 47.70 -16.71 -26.05
N TYR D 125 47.86 -15.44 -25.67
CA TYR D 125 48.57 -14.47 -26.49
C TYR D 125 49.74 -13.82 -25.76
N THR D 126 50.09 -14.27 -24.56
CA THR D 126 51.15 -13.61 -23.81
C THR D 126 52.57 -14.00 -24.22
N PRO D 127 52.86 -15.26 -24.67
CA PRO D 127 54.27 -15.59 -24.97
C PRO D 127 54.79 -14.84 -26.18
N VAL D 128 54.04 -14.87 -27.28
CA VAL D 128 54.45 -14.19 -28.49
C VAL D 128 54.51 -12.69 -28.27
N LEU D 129 53.63 -12.15 -27.43
CA LEU D 129 53.62 -10.72 -27.18
C LEU D 129 54.80 -10.29 -26.31
N ILE D 130 55.14 -11.11 -25.30
CA ILE D 130 56.26 -10.78 -24.44
C ILE D 130 57.60 -11.04 -25.12
N ARG D 131 57.63 -11.89 -26.14
CA ARG D 131 58.86 -12.13 -26.88
C ARG D 131 58.96 -11.30 -28.15
N PHE D 132 57.89 -10.60 -28.54
CA PHE D 132 57.93 -9.72 -29.70
C PHE D 132 58.29 -8.29 -29.30
N PHE D 133 57.68 -7.78 -28.23
CA PHE D 133 57.99 -6.44 -27.75
C PHE D 133 59.33 -6.43 -27.01
N GLY D 134 59.48 -7.27 -26.01
CA GLY D 134 60.69 -7.37 -25.22
C GLY D 134 60.34 -7.59 -23.76
N THR D 135 61.38 -7.59 -22.92
CA THR D 135 61.18 -7.77 -21.49
C THR D 135 60.80 -6.47 -20.80
N LYS D 136 61.36 -5.34 -21.24
CA LYS D 136 61.03 -4.05 -20.66
C LYS D 136 59.85 -3.38 -21.34
N TRP D 137 59.74 -3.52 -22.66
CA TRP D 137 58.65 -2.87 -23.38
C TRP D 137 57.30 -3.44 -22.98
N MET D 138 57.25 -4.70 -22.53
CA MET D 138 55.99 -5.25 -22.04
C MET D 138 55.53 -4.54 -20.79
N MET D 139 56.47 -4.19 -19.90
CA MET D 139 56.11 -3.42 -18.71
C MET D 139 55.56 -2.05 -19.09
N PHE D 140 56.13 -1.42 -20.12
CA PHE D 140 55.63 -0.13 -20.56
C PHE D 140 54.23 -0.27 -21.15
N LEU D 141 54.00 -1.29 -21.98
CA LEU D 141 52.67 -1.53 -22.51
C LEU D 141 51.67 -1.77 -21.39
N ALA D 142 52.06 -2.51 -20.36
CA ALA D 142 51.15 -2.80 -19.26
C ALA D 142 50.83 -1.55 -18.45
N VAL D 143 51.84 -0.73 -18.14
CA VAL D 143 51.55 0.48 -17.38
C VAL D 143 50.77 1.47 -18.23
N GLY D 144 50.94 1.44 -19.56
CA GLY D 144 50.12 2.27 -20.42
C GLY D 144 48.67 1.83 -20.43
N ILE D 145 48.43 0.52 -20.46
CA ILE D 145 47.06 0.02 -20.37
C ILE D 145 46.46 0.36 -19.01
N TYR D 146 47.28 0.31 -17.96
CA TYR D 146 46.80 0.69 -16.63
C TYR D 146 46.41 2.17 -16.59
N ALA D 147 47.24 3.03 -17.18
CA ALA D 147 46.91 4.44 -17.26
C ALA D 147 45.66 4.69 -18.09
N LEU D 148 45.47 3.91 -19.15
CA LEU D 148 44.24 4.00 -19.94
C LEU D 148 43.03 3.62 -19.10
N PHE D 149 43.14 2.55 -18.31
CA PHE D 149 42.04 2.16 -17.44
C PHE D 149 41.76 3.23 -16.40
N VAL D 150 42.80 3.87 -15.86
CA VAL D 150 42.62 4.94 -14.90
C VAL D 150 41.94 6.13 -15.55
N SER D 151 42.27 6.42 -16.82
CA SER D 151 41.64 7.53 -17.51
C SER D 151 40.18 7.24 -17.83
N THR D 152 39.86 5.98 -18.14
CA THR D 152 38.49 5.63 -18.50
C THR D 152 37.50 5.77 -17.35
N ASN D 153 37.96 6.07 -16.14
CA ASN D 153 37.07 6.28 -15.00
C ASN D 153 36.68 7.74 -14.82
N TYR D 154 36.89 8.58 -15.82
CA TYR D 154 36.50 9.99 -15.75
C TYR D 154 35.06 10.19 -16.18
N TRP D 155 34.73 9.77 -17.40
CA TRP D 155 33.35 9.88 -17.88
C TRP D 155 32.48 8.75 -17.35
N GLU D 156 33.05 7.55 -17.20
CA GLU D 156 32.37 6.39 -16.61
C GLU D 156 31.10 6.03 -17.38
N ARG D 157 31.30 5.45 -18.55
CA ARG D 157 30.21 4.93 -19.38
C ARG D 157 30.52 3.46 -19.72
N TYR D 158 29.58 2.83 -20.43
CA TYR D 158 29.72 1.41 -20.73
C TYR D 158 30.79 1.17 -21.80
N TYR D 159 30.65 1.82 -22.95
CA TYR D 159 31.55 1.59 -24.08
C TYR D 159 32.97 2.08 -23.82
N THR D 160 33.20 2.80 -22.72
CA THR D 160 34.55 3.22 -22.37
C THR D 160 35.13 2.46 -21.18
N LEU D 161 34.29 1.81 -20.37
CA LEU D 161 34.75 1.03 -19.24
C LEU D 161 34.89 -0.45 -19.54
N VAL D 162 34.05 -1.00 -20.43
CA VAL D 162 34.14 -2.41 -20.77
C VAL D 162 35.42 -2.70 -21.54
N PRO D 163 35.76 -1.97 -22.61
CA PRO D 163 37.04 -2.26 -23.28
C PRO D 163 38.25 -1.99 -22.40
N SER D 164 38.18 -0.98 -21.54
CA SER D 164 39.29 -0.71 -20.63
C SER D 164 39.47 -1.86 -19.64
N ALA D 165 38.37 -2.40 -19.12
CA ALA D 165 38.46 -3.55 -18.23
C ALA D 165 39.00 -4.78 -18.96
N VAL D 166 38.59 -4.96 -20.22
CA VAL D 166 39.11 -6.09 -21.01
C VAL D 166 40.61 -5.96 -21.21
N ALA D 167 41.07 -4.74 -21.52
CA ALA D 167 42.51 -4.53 -21.71
C ALA D 167 43.27 -4.70 -20.41
N LEU D 168 42.69 -4.26 -19.29
CA LEU D 168 43.34 -4.43 -18.00
C LEU D 168 43.50 -5.90 -17.66
N GLY D 169 42.44 -6.68 -17.87
CA GLY D 169 42.53 -8.11 -17.64
C GLY D 169 43.46 -8.81 -18.62
N MET D 170 43.58 -8.27 -19.83
CA MET D 170 44.51 -8.84 -20.81
C MET D 170 45.96 -8.55 -20.45
N ALA D 171 46.23 -7.42 -19.80
CA ALA D 171 47.58 -7.00 -19.51
C ALA D 171 48.03 -7.27 -18.08
N ILE D 172 47.12 -7.70 -17.20
CA ILE D 172 47.51 -7.91 -15.80
C ILE D 172 48.49 -9.06 -15.67
N VAL D 173 48.34 -10.10 -16.50
CA VAL D 173 49.21 -11.27 -16.43
C VAL D 173 50.54 -10.99 -17.13
N PRO D 174 50.57 -10.45 -18.36
CA PRO D 174 51.86 -10.12 -18.96
C PRO D 174 52.65 -9.09 -18.17
N LEU D 175 51.98 -8.19 -17.46
CA LEU D 175 52.69 -7.26 -16.59
C LEU D 175 53.54 -8.00 -15.57
N TRP D 176 52.92 -8.89 -14.79
CA TRP D 176 53.65 -9.64 -13.78
C TRP D 176 54.69 -10.55 -14.42
N ALA D 177 54.37 -11.14 -15.57
CA ALA D 177 55.33 -12.01 -16.25
C ALA D 177 56.59 -11.25 -16.62
N SER D 178 56.42 -10.11 -17.30
CA SER D 178 57.57 -9.30 -17.69
C SER D 178 58.32 -8.77 -16.48
N MET D 179 57.59 -8.39 -15.42
CA MET D 179 58.25 -7.88 -14.22
C MET D 179 59.14 -8.95 -13.60
N GLY D 180 58.61 -10.15 -13.40
CA GLY D 180 59.41 -11.22 -12.83
C GLY D 180 60.58 -11.61 -13.71
N ASN D 181 60.34 -11.72 -15.02
CA ASN D 181 61.43 -12.08 -15.93
C ASN D 181 62.53 -11.03 -15.92
N TYR D 182 62.14 -9.74 -15.91
CA TYR D 182 63.14 -8.67 -15.90
C TYR D 182 63.91 -8.66 -14.59
N ILE D 183 63.23 -8.86 -13.46
CA ILE D 183 63.92 -8.90 -12.17
C ILE D 183 64.93 -10.03 -12.15
N THR D 184 64.51 -11.22 -12.58
CA THR D 184 65.41 -12.37 -12.56
C THR D 184 66.59 -12.17 -13.51
N ARG D 185 66.33 -11.62 -14.71
CA ARG D 185 67.40 -11.41 -15.67
C ARG D 185 68.39 -10.37 -15.18
N MET D 186 67.90 -9.29 -14.57
CA MET D 186 68.80 -8.26 -14.04
C MET D 186 69.59 -8.79 -12.86
N ALA D 187 68.98 -9.65 -12.02
CA ALA D 187 69.73 -10.26 -10.93
C ALA D 187 70.83 -11.17 -11.47
N GLN D 188 70.52 -11.96 -12.49
CA GLN D 188 71.54 -12.82 -13.09
C GLN D 188 72.65 -12.01 -13.73
N LYS D 189 72.30 -10.90 -14.39
CA LYS D 189 73.31 -10.03 -14.99
C LYS D 189 74.19 -9.40 -13.92
N TYR D 190 73.59 -8.96 -12.82
CA TYR D 190 74.36 -8.44 -11.69
C TYR D 190 75.33 -9.49 -11.16
N HIS D 191 74.86 -10.72 -10.98
CA HIS D 191 75.71 -11.78 -10.45
C HIS D 191 76.86 -12.09 -11.40
N GLU D 192 76.58 -12.22 -12.70
CA GLU D 192 77.65 -12.55 -13.64
C GLU D 192 78.62 -11.39 -13.81
N TYR D 193 78.14 -10.14 -13.72
CA TYR D 193 79.04 -8.99 -13.75
C TYR D 193 79.99 -9.02 -12.56
N SER D 194 79.44 -9.23 -11.36
CA SER D 194 80.28 -9.28 -10.17
C SER D 194 81.29 -10.43 -10.24
N HIS D 195 80.85 -11.59 -10.71
CA HIS D 195 81.73 -12.75 -10.77
C HIS D 195 82.76 -12.67 -11.89
N TYR D 196 82.47 -11.90 -12.96
CA TYR D 196 83.48 -11.68 -13.99
C TYR D 196 84.45 -10.58 -13.58
N LYS D 197 84.02 -9.65 -12.73
CA LYS D 197 84.95 -8.65 -12.22
C LYS D 197 85.88 -9.25 -11.18
N GLU D 198 85.35 -10.07 -10.28
CA GLU D 198 86.18 -10.70 -9.26
C GLU D 198 86.95 -11.91 -9.78
N GLN D 199 86.47 -12.54 -10.86
CA GLN D 199 87.15 -13.68 -11.46
C GLN D 199 87.17 -13.46 -12.98
N ASP D 200 88.33 -13.06 -13.51
CA ASP D 200 88.45 -12.79 -14.94
C ASP D 200 88.53 -14.09 -15.73
N GLY D 201 89.61 -14.85 -15.56
CA GLY D 201 89.80 -16.09 -16.28
C GLY D 201 89.20 -17.31 -15.62
N GLN D 202 88.85 -17.19 -14.33
CA GLN D 202 88.26 -18.33 -13.64
C GLN D 202 86.82 -18.56 -14.04
N GLY D 203 86.10 -17.49 -14.40
CA GLY D 203 84.71 -17.63 -14.82
C GLY D 203 84.64 -18.16 -16.25
N MET D 204 83.81 -19.17 -16.45
CA MET D 204 83.64 -19.76 -17.77
C MET D 204 82.94 -18.80 -18.71
N LYS D 205 83.22 -18.94 -20.01
CA LYS D 205 82.59 -18.09 -21.00
C LYS D 205 81.09 -18.36 -21.11
N GLN D 206 80.66 -19.58 -20.82
CA GLN D 206 79.25 -19.95 -20.86
C GLN D 206 78.85 -20.57 -19.52
N ARG D 207 77.64 -20.25 -19.09
CA ARG D 207 77.07 -20.71 -17.82
C ARG D 207 77.97 -20.36 -16.64
N PRO D 208 78.08 -19.09 -16.27
CA PRO D 208 78.93 -18.71 -15.12
C PRO D 208 78.40 -19.25 -13.80
N PRO D 209 77.13 -18.95 -13.40
CA PRO D 209 76.79 -19.05 -11.98
C PRO D 209 76.80 -20.46 -11.41
N ARG D 210 76.24 -21.42 -12.15
CA ARG D 210 76.09 -22.80 -11.69
C ARG D 210 75.29 -22.85 -10.39
N GLY D 211 74.19 -22.10 -10.35
CA GLY D 211 73.33 -22.08 -9.18
C GLY D 211 73.92 -21.34 -7.99
N SER D 212 74.61 -20.23 -8.23
CA SER D 212 75.22 -19.45 -7.16
C SER D 212 74.74 -18.00 -7.16
N HIS D 213 73.57 -17.73 -7.76
CA HIS D 213 73.02 -16.38 -7.84
C HIS D 213 71.86 -16.18 -6.87
N ALA D 214 71.75 -16.99 -5.84
CA ALA D 214 70.67 -16.89 -4.87
C ALA D 214 70.86 -15.69 -3.93
N PRO D 215 72.05 -15.47 -3.34
CA PRO D 215 72.22 -14.29 -2.48
C PRO D 215 72.10 -12.97 -3.23
N TYR D 216 72.26 -12.98 -4.56
CA TYR D 216 72.13 -11.76 -5.35
C TYR D 216 70.73 -11.56 -5.91
N LEU D 217 69.94 -12.62 -6.01
CA LEU D 217 68.54 -12.50 -6.44
C LEU D 217 67.60 -12.28 -5.27
N LEU D 218 67.89 -12.89 -4.12
CA LEU D 218 67.03 -12.73 -2.96
C LEU D 218 67.05 -11.29 -2.44
N VAL D 219 68.22 -10.64 -2.48
CA VAL D 219 68.31 -9.27 -1.99
C VAL D 219 67.49 -8.32 -2.85
N PHE D 220 67.42 -8.59 -4.16
CA PHE D 220 66.61 -7.77 -5.04
C PHE D 220 65.13 -8.08 -4.87
N GLN D 221 64.78 -9.36 -4.78
CA GLN D 221 63.38 -9.74 -4.60
C GLN D 221 62.82 -9.22 -3.30
N ALA D 222 63.65 -9.12 -2.26
CA ALA D 222 63.19 -8.60 -0.97
C ALA D 222 62.69 -7.17 -1.10
N ILE D 223 63.51 -6.29 -1.69
CA ILE D 223 63.10 -4.90 -1.84
C ILE D 223 61.98 -4.77 -2.87
N PHE D 224 61.96 -5.65 -3.88
CA PHE D 224 60.88 -5.61 -4.85
C PHE D 224 59.54 -5.89 -4.18
N TYR D 225 59.48 -6.95 -3.36
CA TYR D 225 58.24 -7.27 -2.67
C TYR D 225 57.92 -6.26 -1.57
N SER D 226 58.95 -5.67 -0.96
CA SER D 226 58.70 -4.60 0.01
C SER D 226 58.01 -3.42 -0.65
N PHE D 227 58.48 -3.02 -1.84
CA PHE D 227 57.82 -1.94 -2.57
C PHE D 227 56.42 -2.36 -3.01
N PHE D 228 56.27 -3.60 -3.49
CA PHE D 228 54.95 -4.06 -3.93
C PHE D 228 53.96 -4.09 -2.78
N HIS D 229 54.43 -4.34 -1.56
CA HIS D 229 53.53 -4.36 -0.41
C HIS D 229 53.26 -2.97 0.14
N LEU D 230 54.25 -2.08 0.07
CA LEU D 230 54.01 -0.67 0.37
C LEU D 230 53.07 -0.03 -0.65
N SER D 231 52.94 -0.65 -1.83
CA SER D 231 51.95 -0.20 -2.80
C SER D 231 50.54 -0.27 -2.25
N PHE D 232 50.24 -1.34 -1.48
CA PHE D 232 48.92 -1.46 -0.86
C PHE D 232 48.68 -0.33 0.14
N ALA D 233 49.73 0.10 0.85
CA ALA D 233 49.60 1.22 1.76
C ALA D 233 49.39 2.53 1.01
N CYS D 234 50.16 2.74 -0.06
CA CYS D 234 50.03 3.96 -0.86
C CYS D 234 48.67 4.03 -1.53
N ALA D 235 48.04 2.89 -1.80
CA ALA D 235 46.72 2.88 -2.41
C ALA D 235 45.65 3.48 -1.51
N GLN D 236 45.88 3.52 -0.20
CA GLN D 236 44.88 4.02 0.75
C GLN D 236 45.02 5.51 1.04
N LEU D 237 45.95 6.20 0.39
CA LEU D 237 46.10 7.63 0.64
C LEU D 237 44.90 8.45 0.14
N PRO D 238 44.40 8.24 -1.09
CA PRO D 238 43.21 9.03 -1.50
C PRO D 238 41.98 8.76 -0.66
N MET D 239 41.76 7.50 -0.26
CA MET D 239 40.59 7.18 0.56
C MET D 239 40.68 7.86 1.92
N ILE D 240 41.89 7.94 2.48
CA ILE D 240 42.06 8.58 3.79
C ILE D 240 41.93 10.09 3.67
N TYR D 241 42.52 10.68 2.63
CA TYR D 241 42.56 12.13 2.52
C TYR D 241 41.30 12.72 1.90
N PHE D 242 40.43 11.90 1.34
CA PHE D 242 39.25 12.43 0.66
C PHE D 242 37.97 11.66 0.96
N LEU D 243 38.04 10.34 1.06
CA LEU D 243 36.86 9.51 1.25
C LEU D 243 36.57 9.20 2.71
N ASN D 244 37.57 9.20 3.58
CA ASN D 244 37.36 8.84 4.97
C ASN D 244 36.63 9.93 5.75
N HIS D 245 36.56 11.14 5.21
CA HIS D 245 35.92 12.27 5.89
C HIS D 245 34.54 12.59 5.37
N TYR D 246 33.95 11.70 4.56
CA TYR D 246 32.64 11.94 3.98
C TYR D 246 31.59 10.91 4.37
N LEU D 247 31.98 9.83 5.04
CA LEU D 247 31.06 8.80 5.47
C LEU D 247 30.74 8.97 6.95
N TYR D 248 29.50 8.70 7.32
CA TYR D 248 29.04 8.88 8.70
C TYR D 248 29.53 7.71 9.56
N ASP D 249 29.11 7.70 10.82
CA ASP D 249 29.59 6.69 11.76
C ASP D 249 29.00 5.32 11.43
N LEU D 250 29.48 4.32 12.16
CA LEU D 250 29.05 2.94 11.96
C LEU D 250 27.72 2.62 12.66
N ASN D 251 27.13 3.58 13.37
CA ASN D 251 25.88 3.32 14.08
C ASN D 251 24.70 3.22 13.14
N HIS D 252 24.83 3.69 11.90
CA HIS D 252 23.75 3.65 10.92
C HIS D 252 24.05 2.78 9.71
N THR D 253 25.32 2.72 9.28
CA THR D 253 25.70 1.90 8.13
C THR D 253 26.04 0.47 8.49
N LEU D 254 26.15 0.15 9.79
CA LEU D 254 26.40 -1.20 10.26
C LEU D 254 25.28 -1.67 11.17
N TYR D 255 24.03 -1.37 10.79
CA TYR D 255 22.89 -1.65 11.64
C TYR D 255 22.29 -3.03 11.38
N ASN D 256 22.10 -3.41 10.12
CA ASN D 256 21.48 -4.67 9.77
C ASN D 256 22.45 -5.84 9.77
N VAL D 257 23.53 -5.75 10.53
CA VAL D 257 24.54 -6.81 10.62
C VAL D 257 24.26 -7.56 11.92
N GLN D 258 23.47 -8.64 11.82
CA GLN D 258 23.15 -9.43 12.99
C GLN D 258 24.27 -10.41 13.35
N SER D 259 24.90 -11.00 12.34
CA SER D 259 25.98 -11.96 12.55
C SER D 259 27.01 -11.82 11.45
N CYS D 260 28.28 -11.90 11.83
CA CYS D 260 29.38 -11.78 10.88
C CYS D 260 30.49 -12.74 11.31
N GLY D 261 31.66 -12.58 10.71
CA GLY D 261 32.79 -13.42 11.04
C GLY D 261 32.69 -14.81 10.43
N THR D 262 32.60 -15.84 11.29
CA THR D 262 32.45 -17.19 10.79
C THR D 262 31.09 -17.41 10.13
N ASN D 263 30.07 -16.72 10.61
CA ASN D 263 28.72 -16.80 10.01
C ASN D 263 28.53 -15.68 8.99
N SER D 264 29.42 -15.66 8.00
CA SER D 264 29.38 -14.63 6.98
C SER D 264 28.26 -14.87 5.97
N HIS D 265 28.21 -16.09 5.42
CA HIS D 265 27.22 -16.47 4.41
C HIS D 265 27.26 -15.52 3.21
N GLY D 266 28.47 -15.13 2.82
CA GLY D 266 28.65 -14.20 1.72
C GLY D 266 29.71 -13.16 2.00
N ILE D 267 30.07 -12.38 0.97
CA ILE D 267 31.06 -11.33 1.16
C ILE D 267 30.50 -10.23 2.06
N LEU D 268 29.32 -9.72 1.73
CA LEU D 268 28.64 -8.70 2.54
C LEU D 268 27.14 -9.04 2.53
N SER D 269 26.71 -9.81 3.53
CA SER D 269 25.30 -10.20 3.61
C SER D 269 24.44 -9.08 4.17
N GLY D 270 24.70 -8.67 5.41
CA GLY D 270 23.97 -7.57 6.03
C GLY D 270 24.76 -6.28 5.92
N PHE D 271 24.11 -5.25 5.39
CA PHE D 271 24.73 -3.95 5.19
C PHE D 271 23.65 -2.93 4.86
N ASN D 272 23.91 -1.68 5.22
CA ASN D 272 22.96 -0.62 4.95
C ASN D 272 22.96 -0.26 3.47
N LYS D 273 21.92 0.45 3.06
CA LYS D 273 21.77 0.81 1.65
C LYS D 273 22.69 1.97 1.25
N THR D 274 22.93 2.91 2.16
CA THR D 274 23.78 4.06 1.88
C THR D 274 24.96 4.10 2.84
N VAL D 275 26.04 4.72 2.40
CA VAL D 275 27.25 4.82 3.21
C VAL D 275 27.82 6.23 3.28
N LEU D 276 27.49 7.14 2.36
CA LEU D 276 28.03 8.49 2.38
C LEU D 276 27.09 9.42 3.13
N ARG D 277 27.63 10.17 4.08
CA ARG D 277 26.84 11.16 4.80
C ARG D 277 26.54 12.36 3.93
N THR D 278 27.57 12.95 3.33
CA THR D 278 27.42 14.07 2.41
C THR D 278 28.02 13.69 1.06
N LEU D 279 27.56 14.38 0.01
CA LEU D 279 28.06 14.01 -1.30
C LEU D 279 29.31 14.82 -1.64
N PRO D 280 30.36 14.18 -2.14
CA PRO D 280 31.60 14.90 -2.43
C PRO D 280 31.45 15.81 -3.64
N ARG D 281 31.93 17.04 -3.49
CA ARG D 281 31.88 18.01 -4.58
C ARG D 281 32.68 17.50 -5.77
N SER D 282 32.17 17.77 -6.98
CA SER D 282 32.85 17.29 -8.18
C SER D 282 34.25 17.86 -8.31
N GLY D 283 34.52 19.01 -7.69
CA GLY D 283 35.87 19.56 -7.72
C GLY D 283 36.87 18.68 -7.01
N ASN D 284 36.52 18.21 -5.81
CA ASN D 284 37.43 17.35 -5.05
C ASN D 284 37.64 16.02 -5.78
N LEU D 285 36.56 15.44 -6.31
CA LEU D 285 36.68 14.18 -7.04
C LEU D 285 37.56 14.34 -8.28
N ILE D 286 37.34 15.41 -9.05
CA ILE D 286 38.12 15.59 -10.26
C ILE D 286 39.57 15.91 -9.94
N VAL D 287 39.84 16.62 -8.84
CA VAL D 287 41.22 16.95 -8.52
C VAL D 287 41.96 15.73 -7.97
N VAL D 288 41.27 14.86 -7.22
CA VAL D 288 41.95 13.67 -6.73
C VAL D 288 42.15 12.68 -7.87
N GLU D 289 41.22 12.63 -8.83
CA GLU D 289 41.44 11.76 -9.99
C GLU D 289 42.54 12.30 -10.89
N SER D 290 42.66 13.63 -11.01
CA SER D 290 43.77 14.21 -11.74
C SER D 290 45.10 13.94 -11.05
N VAL D 291 45.13 13.96 -9.71
CA VAL D 291 46.35 13.61 -8.98
C VAL D 291 46.71 12.15 -9.23
N LEU D 292 45.71 11.26 -9.22
CA LEU D 292 45.97 9.85 -9.51
C LEU D 292 46.50 9.67 -10.93
N MET D 293 45.90 10.36 -11.89
CA MET D 293 46.37 10.27 -13.27
C MET D 293 47.80 10.79 -13.40
N ALA D 294 48.11 11.88 -12.68
CA ALA D 294 49.46 12.45 -12.75
C ALA D 294 50.48 11.52 -12.13
N VAL D 295 50.14 10.86 -11.02
CA VAL D 295 51.11 9.97 -10.39
C VAL D 295 51.27 8.69 -11.22
N ALA D 296 50.21 8.23 -11.87
CA ALA D 296 50.35 7.10 -12.78
C ALA D 296 51.20 7.49 -14.00
N PHE D 297 51.03 8.70 -14.51
CA PHE D 297 51.86 9.20 -15.59
C PHE D 297 53.33 9.27 -15.18
N LEU D 298 53.59 9.74 -13.96
CA LEU D 298 54.96 9.81 -13.45
C LEU D 298 55.55 8.41 -13.31
N ALA D 299 54.75 7.46 -12.83
CA ALA D 299 55.22 6.08 -12.73
C ALA D 299 55.57 5.51 -14.09
N MET D 300 54.69 5.72 -15.08
CA MET D 300 54.95 5.22 -16.42
C MET D 300 56.20 5.86 -17.02
N LEU D 301 56.37 7.16 -16.82
CA LEU D 301 57.54 7.85 -17.37
C LEU D 301 58.83 7.40 -16.69
N LEU D 302 58.80 7.14 -15.38
CA LEU D 302 60.00 6.66 -14.72
C LEU D 302 60.31 5.22 -15.12
N VAL D 303 59.28 4.42 -15.41
CA VAL D 303 59.52 3.07 -15.93
C VAL D 303 60.14 3.16 -17.32
N LEU D 304 59.67 4.09 -18.15
CA LEU D 304 60.17 4.19 -19.52
C LEU D 304 61.59 4.74 -19.56
N GLY D 305 61.87 5.78 -18.79
CA GLY D 305 63.15 6.47 -18.88
C GLY D 305 64.26 5.89 -18.01
N LEU D 306 63.95 5.56 -16.76
CA LEU D 306 64.94 5.10 -15.80
C LEU D 306 65.14 3.59 -15.87
N CYS D 307 65.06 3.01 -17.07
CA CYS D 307 65.28 1.58 -17.24
C CYS D 307 66.32 1.30 -18.32
N GLY D 308 66.32 2.13 -19.36
CA GLY D 308 67.29 1.96 -20.44
C GLY D 308 66.92 0.77 -21.31
N ALA D 309 67.92 -0.05 -21.62
CA ALA D 309 67.70 -1.24 -22.45
C ALA D 309 68.64 -2.34 -21.98
N ALA D 310 68.07 -3.50 -21.64
CA ALA D 310 68.82 -4.66 -21.18
C ALA D 310 68.34 -5.91 -21.90
N TYR D 311 68.21 -5.81 -23.22
CA TYR D 311 67.71 -6.92 -24.03
C TYR D 311 68.78 -7.56 -24.91
N ARG D 312 69.71 -6.77 -25.46
CA ARG D 312 70.81 -7.27 -26.29
C ARG D 312 70.25 -7.96 -27.54
N PRO D 313 70.05 -7.21 -28.64
CA PRO D 313 69.41 -7.78 -29.84
C PRO D 313 70.02 -9.08 -30.35
N THR D 314 71.22 -9.43 -29.89
CA THR D 314 71.75 -10.76 -30.16
C THR D 314 70.85 -11.83 -29.56
N GLU D 315 70.38 -11.61 -28.33
CA GLU D 315 69.40 -12.51 -27.75
C GLU D 315 68.10 -12.50 -28.53
N GLU D 316 67.74 -11.36 -29.13
CA GLU D 316 66.53 -11.29 -29.94
C GLU D 316 66.65 -12.19 -31.18
N ILE D 317 67.76 -12.05 -31.92
CA ILE D 317 67.94 -12.88 -33.11
C ILE D 317 68.20 -14.33 -32.75
N ASP D 318 68.66 -14.62 -31.53
CA ASP D 318 68.75 -16.00 -31.09
C ASP D 318 67.37 -16.58 -30.78
N LEU D 319 66.49 -15.77 -30.18
CA LEU D 319 65.13 -16.22 -29.91
C LEU D 319 64.33 -16.39 -31.20
N ARG D 320 64.62 -15.58 -32.21
CA ARG D 320 63.93 -15.72 -33.49
C ARG D 320 64.32 -17.01 -34.22
N SER D 321 65.40 -17.66 -33.80
CA SER D 321 65.79 -18.93 -34.40
C SER D 321 64.89 -20.08 -33.96
N VAL D 322 64.00 -19.85 -33.01
CA VAL D 322 63.07 -20.88 -32.55
C VAL D 322 61.83 -20.93 -33.44
N GLY D 323 61.27 -19.78 -33.78
CA GLY D 323 60.11 -19.70 -34.64
C GLY D 323 58.86 -19.32 -33.85
N TRP D 324 57.79 -19.09 -34.62
CA TRP D 324 56.49 -18.74 -34.04
C TRP D 324 55.55 -19.92 -33.95
N GLY D 325 55.74 -20.96 -34.77
CA GLY D 325 54.91 -22.13 -34.74
C GLY D 325 55.20 -23.10 -33.62
N ASN D 326 56.18 -22.80 -32.77
CA ASN D 326 56.52 -23.64 -31.63
C ASN D 326 56.40 -22.94 -30.29
N ILE D 327 56.51 -21.60 -30.28
CA ILE D 327 56.39 -20.86 -29.03
C ILE D 327 54.97 -20.92 -28.49
N PHE D 328 53.98 -21.07 -29.39
CA PHE D 328 52.59 -21.20 -28.94
C PHE D 328 52.35 -22.53 -28.21
N GLN D 329 53.16 -23.55 -28.48
CA GLN D 329 52.99 -24.85 -27.84
C GLN D 329 54.02 -25.12 -26.75
N LEU D 330 55.10 -24.34 -26.68
CA LEU D 330 56.11 -24.54 -25.64
C LEU D 330 55.53 -24.51 -24.22
N PRO D 331 54.71 -23.53 -23.82
CA PRO D 331 54.14 -23.60 -22.46
C PRO D 331 53.18 -24.76 -22.28
N PHE D 332 52.52 -25.19 -23.35
CA PHE D 332 51.67 -26.37 -23.29
C PHE D 332 52.48 -27.67 -23.31
N LYS D 333 53.71 -27.62 -23.81
CA LYS D 333 54.59 -28.78 -23.73
C LYS D 333 55.31 -28.88 -22.39
N HIS D 334 55.53 -27.76 -21.72
CA HIS D 334 56.15 -27.79 -20.39
C HIS D 334 55.23 -28.36 -19.32
N VAL D 335 54.03 -28.81 -19.67
CA VAL D 335 53.15 -29.44 -18.68
C VAL D 335 53.73 -30.75 -18.20
N ARG D 336 54.49 -31.44 -19.06
CA ARG D 336 55.11 -32.71 -18.69
C ARG D 336 56.23 -32.56 -17.66
N ASP D 337 56.56 -31.33 -17.26
CA ASP D 337 57.55 -31.13 -16.22
C ASP D 337 57.05 -31.68 -14.88
N TYR D 338 57.97 -32.22 -14.09
CA TYR D 338 57.59 -32.86 -12.84
C TYR D 338 57.41 -31.84 -11.72
N ARG D 339 58.17 -30.74 -11.75
CA ARG D 339 58.07 -29.76 -10.68
C ARG D 339 56.80 -28.93 -10.78
N LEU D 340 56.28 -28.74 -12.00
CA LEU D 340 55.06 -27.96 -12.17
C LEU D 340 53.85 -28.65 -11.55
N ARG D 341 53.78 -29.99 -11.69
CA ARG D 341 52.65 -30.72 -11.15
C ARG D 341 52.52 -30.61 -9.64
N HIS D 342 53.58 -30.17 -8.96
CA HIS D 342 53.54 -29.94 -7.52
C HIS D 342 53.63 -28.47 -7.14
N LEU D 343 54.08 -27.61 -8.05
CA LEU D 343 54.14 -26.18 -7.78
C LEU D 343 52.88 -25.44 -8.19
N VAL D 344 52.03 -26.04 -9.02
CA VAL D 344 50.78 -25.38 -9.41
C VAL D 344 49.85 -25.16 -8.22
N PRO D 345 49.62 -26.13 -7.32
CA PRO D 345 48.82 -25.82 -6.12
C PRO D 345 49.42 -24.72 -5.28
N PHE D 346 50.74 -24.61 -5.23
CA PHE D 346 51.39 -23.50 -4.55
C PHE D 346 50.93 -22.16 -5.13
N PHE D 347 50.87 -22.07 -6.46
CA PHE D 347 50.48 -20.82 -7.10
C PHE D 347 49.00 -20.54 -6.90
N ILE D 348 48.16 -21.58 -7.00
CA ILE D 348 46.73 -21.42 -6.75
C ILE D 348 46.49 -20.93 -5.32
N TYR D 349 47.24 -21.48 -4.36
CA TYR D 349 47.10 -21.03 -2.97
C TYR D 349 47.59 -19.60 -2.81
N SER D 350 48.66 -19.22 -3.51
CA SER D 350 49.13 -17.84 -3.46
C SER D 350 48.03 -16.88 -3.93
N GLY D 351 47.40 -17.20 -5.05
CA GLY D 351 46.30 -16.36 -5.54
C GLY D 351 45.14 -16.32 -4.57
N PHE D 352 44.75 -17.49 -4.05
CA PHE D 352 43.64 -17.56 -3.10
C PHE D 352 43.93 -16.73 -1.85
N GLU D 353 45.14 -16.82 -1.33
CA GLU D 353 45.47 -16.11 -0.09
C GLU D 353 45.60 -14.61 -0.33
N VAL D 354 46.10 -14.19 -1.50
CA VAL D 354 46.19 -12.75 -1.74
C VAL D 354 44.80 -12.16 -1.93
N LEU D 355 43.89 -12.89 -2.57
CA LEU D 355 42.53 -12.38 -2.71
C LEU D 355 41.72 -12.50 -1.43
N PHE D 356 42.09 -13.42 -0.53
CA PHE D 356 41.44 -13.48 0.77
C PHE D 356 41.98 -12.41 1.72
N ALA D 357 43.24 -12.01 1.56
CA ALA D 357 43.77 -10.91 2.34
C ALA D 357 43.29 -9.56 1.82
N CYS D 358 42.99 -9.47 0.52
CA CYS D 358 42.48 -8.22 -0.02
C CYS D 358 41.01 -7.99 0.35
N THR D 359 40.21 -9.04 0.44
CA THR D 359 38.78 -8.91 0.67
C THR D 359 38.28 -9.64 1.90
N GLY D 360 38.78 -10.85 2.18
CA GLY D 360 38.21 -11.65 3.25
C GLY D 360 38.47 -11.08 4.64
N ILE D 361 39.60 -10.42 4.82
CA ILE D 361 39.93 -9.87 6.13
C ILE D 361 39.41 -8.45 6.31
N ALA D 362 39.41 -7.64 5.24
CA ALA D 362 38.94 -6.27 5.34
C ALA D 362 37.41 -6.20 5.29
N LEU D 363 36.80 -6.92 4.34
CA LEU D 363 35.36 -6.89 4.17
C LEU D 363 34.64 -8.02 4.90
N GLY D 364 35.36 -8.90 5.57
CA GLY D 364 34.75 -10.02 6.26
C GLY D 364 34.86 -9.94 7.77
N TYR D 365 36.00 -9.48 8.27
CA TYR D 365 36.25 -9.36 9.69
C TYR D 365 36.50 -7.94 10.15
N GLY D 366 37.26 -7.16 9.38
CA GLY D 366 37.52 -5.78 9.74
C GLY D 366 36.31 -4.87 9.63
N VAL D 367 35.23 -5.34 8.99
CA VAL D 367 34.02 -4.54 8.85
C VAL D 367 33.05 -4.75 10.00
N CYS D 368 33.26 -5.78 10.83
CA CYS D 368 32.34 -6.07 11.92
C CYS D 368 32.36 -4.97 12.98
N SER D 369 33.44 -4.90 13.76
CA SER D 369 33.51 -3.94 14.85
C SER D 369 33.48 -2.50 14.34
N VAL D 370 34.39 -2.18 13.43
CA VAL D 370 34.49 -0.83 12.87
C VAL D 370 34.03 -0.87 11.42
N GLY D 371 33.43 0.24 10.99
CA GLY D 371 32.93 0.35 9.63
C GLY D 371 34.03 0.67 8.64
N LEU D 372 33.74 1.58 7.70
CA LEU D 372 34.71 2.00 6.69
C LEU D 372 35.66 3.08 7.21
N GLU D 373 35.65 3.37 8.50
CA GLU D 373 36.55 4.40 9.04
C GLU D 373 37.95 3.86 9.22
N ARG D 374 38.09 2.59 9.62
CA ARG D 374 39.38 1.99 9.92
C ARG D 374 39.73 0.87 8.94
N LEU D 375 39.04 0.80 7.80
CA LEU D 375 39.39 -0.21 6.80
C LEU D 375 40.70 0.12 6.13
N ALA D 376 40.91 1.39 5.75
CA ALA D 376 42.19 1.79 5.18
C ALA D 376 43.31 1.66 6.19
N TYR D 377 43.03 1.86 7.48
CA TYR D 377 44.04 1.67 8.49
C TYR D 377 44.40 0.19 8.64
N LEU D 378 43.40 -0.69 8.56
CA LEU D 378 43.69 -2.13 8.56
C LEU D 378 44.54 -2.50 7.34
N LEU D 379 44.24 -1.91 6.19
CA LEU D 379 45.01 -2.22 4.99
C LEU D 379 46.46 -1.71 5.11
N VAL D 380 46.64 -0.51 5.68
CA VAL D 380 48.00 0.00 5.82
C VAL D 380 48.77 -0.79 6.88
N ALA D 381 48.08 -1.31 7.89
CA ALA D 381 48.75 -2.20 8.86
C ALA D 381 49.16 -3.50 8.20
N TYR D 382 48.28 -4.08 7.39
CA TYR D 382 48.65 -5.26 6.59
C TYR D 382 49.86 -4.97 5.71
N SER D 383 49.88 -3.80 5.08
CA SER D 383 50.99 -3.44 4.21
C SER D 383 52.29 -3.29 4.98
N LEU D 384 52.25 -2.66 6.14
CA LEU D 384 53.45 -2.52 6.96
C LEU D 384 53.94 -3.87 7.45
N GLY D 385 53.02 -4.76 7.84
CA GLY D 385 53.42 -6.09 8.23
C GLY D 385 54.09 -6.86 7.09
N ALA D 386 53.54 -6.74 5.88
CA ALA D 386 54.16 -7.40 4.74
C ALA D 386 55.52 -6.80 4.40
N SER D 387 55.64 -5.47 4.53
CA SER D 387 56.93 -4.83 4.28
C SER D 387 57.98 -5.26 5.30
N ALA D 388 57.57 -5.46 6.55
CA ALA D 388 58.50 -5.98 7.56
C ALA D 388 58.86 -7.43 7.28
N ALA D 389 57.88 -8.23 6.82
CA ALA D 389 58.15 -9.62 6.47
C ALA D 389 59.10 -9.73 5.29
N SER D 390 59.09 -8.75 4.38
CA SER D 390 60.05 -8.74 3.29
C SER D 390 61.47 -8.76 3.82
N LEU D 391 61.79 -7.84 4.74
CA LEU D 391 63.13 -7.83 5.33
C LEU D 391 63.35 -9.04 6.24
N LEU D 392 62.30 -9.55 6.87
CA LEU D 392 62.44 -10.76 7.69
C LEU D 392 62.89 -11.93 6.85
N GLY D 393 62.26 -12.14 5.69
CA GLY D 393 62.70 -13.18 4.78
C GLY D 393 64.05 -12.89 4.15
N LEU D 394 64.36 -11.61 3.95
CA LEU D 394 65.69 -11.25 3.47
C LEU D 394 66.76 -11.66 4.47
N LEU D 395 66.47 -11.55 5.77
CA LEU D 395 67.42 -11.96 6.79
C LEU D 395 67.66 -13.46 6.79
N GLY D 396 66.66 -14.24 6.38
CA GLY D 396 66.79 -15.69 6.35
C GLY D 396 67.47 -16.20 5.09
N LEU D 397 68.73 -15.83 4.89
CA LEU D 397 69.48 -16.26 3.72
C LEU D 397 70.49 -17.36 4.01
N TRP D 398 71.05 -17.40 5.22
CA TRP D 398 72.03 -18.43 5.56
C TRP D 398 71.39 -19.81 5.62
N LEU D 399 70.12 -19.88 6.00
CA LEU D 399 69.42 -21.16 6.04
C LEU D 399 69.19 -21.67 4.62
N PRO D 400 68.97 -22.98 4.46
CA PRO D 400 68.67 -23.52 3.12
C PRO D 400 67.38 -22.96 2.53
N ARG D 401 67.05 -23.39 1.30
CA ARG D 401 65.95 -22.76 0.57
C ARG D 401 64.59 -23.05 1.20
N PRO D 402 64.15 -24.32 1.35
CA PRO D 402 62.78 -24.56 1.82
C PRO D 402 62.64 -24.54 3.33
N VAL D 403 63.09 -23.45 3.96
CA VAL D 403 62.97 -23.32 5.42
C VAL D 403 61.82 -22.40 5.79
N PRO D 404 61.75 -21.14 5.29
CA PRO D 404 60.65 -20.27 5.72
C PRO D 404 59.33 -20.64 5.07
N LEU D 405 59.40 -21.19 3.85
CA LEU D 405 58.20 -21.49 3.07
C LEU D 405 57.21 -22.32 3.90
N VAL D 406 57.59 -23.56 4.22
CA VAL D 406 56.75 -24.41 5.06
C VAL D 406 56.46 -23.73 6.40
N ALA D 407 57.43 -22.96 6.91
CA ALA D 407 57.19 -22.19 8.13
C ALA D 407 56.01 -21.27 7.96
N GLY D 408 55.97 -20.52 6.86
CA GLY D 408 54.77 -19.75 6.53
C GLY D 408 53.54 -20.62 6.49
N ALA D 409 53.64 -21.78 5.83
CA ALA D 409 52.54 -22.73 5.74
C ALA D 409 51.98 -23.10 7.11
N GLY D 410 52.67 -22.78 8.19
CA GLY D 410 52.13 -23.00 9.52
C GLY D 410 51.52 -21.75 10.11
N VAL D 411 52.24 -20.61 10.02
CA VAL D 411 51.87 -19.44 10.83
C VAL D 411 50.47 -18.95 10.50
N HIS D 412 50.23 -18.60 9.23
CA HIS D 412 48.89 -18.19 8.84
C HIS D 412 47.89 -19.32 9.03
N LEU D 413 48.35 -20.57 8.95
CA LEU D 413 47.50 -21.70 9.28
C LEU D 413 46.92 -21.56 10.68
N LEU D 414 47.78 -21.20 11.64
CA LEU D 414 47.30 -20.89 12.98
C LEU D 414 46.25 -19.78 12.93
N LEU D 415 46.52 -18.73 12.15
CA LEU D 415 45.53 -17.67 11.98
C LEU D 415 44.23 -18.23 11.43
N THR D 416 44.32 -19.19 10.51
CA THR D 416 43.11 -19.85 10.01
C THR D 416 42.29 -20.44 11.15
N PHE D 417 42.96 -21.08 12.10
CA PHE D 417 42.27 -21.58 13.29
C PHE D 417 41.58 -20.43 14.02
N ILE D 418 42.28 -19.31 14.21
CA ILE D 418 41.66 -18.14 14.82
C ILE D 418 40.55 -17.62 13.93
N LEU D 419 40.68 -17.78 12.61
CA LEU D 419 39.64 -17.38 11.69
C LEU D 419 38.52 -18.41 11.56
N PHE D 420 38.58 -19.51 12.32
CA PHE D 420 37.56 -20.54 12.27
C PHE D 420 36.73 -20.62 13.54
N PHE D 421 37.33 -20.40 14.71
CA PHE D 421 36.62 -20.48 15.98
C PHE D 421 36.19 -19.11 16.49
N TRP D 422 37.11 -18.15 16.53
CA TRP D 422 36.78 -16.83 17.05
C TRP D 422 35.93 -16.05 16.06
N ALA D 423 34.86 -15.45 16.55
CA ALA D 423 33.95 -14.64 15.73
C ALA D 423 33.66 -13.34 16.47
N PRO D 424 34.13 -12.20 15.95
CA PRO D 424 33.93 -10.93 16.67
C PRO D 424 32.50 -10.43 16.54
N VAL D 425 32.00 -9.89 17.64
CA VAL D 425 30.66 -9.27 17.63
C VAL D 425 30.74 -7.94 16.89
N PRO D 426 29.85 -7.67 15.93
CA PRO D 426 29.99 -6.44 15.14
C PRO D 426 29.62 -5.17 15.89
N ARG D 427 28.59 -5.22 16.74
CA ARG D 427 28.05 -4.01 17.35
C ARG D 427 28.70 -3.69 18.69
N VAL D 428 30.00 -3.93 18.81
CA VAL D 428 30.75 -3.60 20.02
C VAL D 428 32.09 -3.02 19.61
N LEU D 429 32.60 -2.08 20.41
CA LEU D 429 33.94 -1.53 20.22
C LEU D 429 34.82 -1.87 21.42
N GLN D 430 34.95 -3.17 21.67
CA GLN D 430 35.67 -3.68 22.83
C GLN D 430 37.15 -3.89 22.54
N HIS D 431 37.46 -4.72 21.54
CA HIS D 431 38.84 -5.04 21.18
C HIS D 431 39.08 -4.63 19.75
N SER D 432 40.08 -3.78 19.54
CA SER D 432 40.47 -3.34 18.20
C SER D 432 41.86 -3.77 17.78
N TRP D 433 42.73 -4.11 18.73
CA TRP D 433 44.10 -4.53 18.39
C TRP D 433 44.17 -5.96 17.88
N ILE D 434 43.14 -6.78 18.13
CA ILE D 434 43.16 -8.15 17.65
C ILE D 434 43.10 -8.18 16.13
N LEU D 435 42.24 -7.36 15.53
CA LEU D 435 42.18 -7.28 14.07
C LEU D 435 43.49 -6.76 13.51
N TYR D 436 44.11 -5.80 14.18
CA TYR D 436 45.37 -5.25 13.71
C TYR D 436 46.46 -6.31 13.71
N VAL D 437 46.60 -7.06 14.82
CA VAL D 437 47.65 -8.06 14.89
C VAL D 437 47.35 -9.22 13.95
N ALA D 438 46.08 -9.56 13.74
CA ALA D 438 45.73 -10.61 12.79
C ALA D 438 46.10 -10.21 11.37
N ALA D 439 45.75 -8.99 10.98
CA ALA D 439 46.13 -8.49 9.65
C ALA D 439 47.64 -8.42 9.49
N ALA D 440 48.35 -8.02 10.55
CA ALA D 440 49.80 -7.94 10.49
C ALA D 440 50.42 -9.32 10.29
N LEU D 441 49.96 -10.32 11.05
CA LEU D 441 50.51 -11.66 10.90
C LEU D 441 50.16 -12.26 9.54
N TRP D 442 48.94 -11.99 9.05
CA TRP D 442 48.57 -12.50 7.73
C TRP D 442 49.41 -11.85 6.63
N GLY D 443 49.66 -10.55 6.75
CA GLY D 443 50.53 -9.90 5.78
C GLY D 443 51.95 -10.41 5.85
N VAL D 444 52.43 -10.70 7.06
CA VAL D 444 53.76 -11.30 7.22
C VAL D 444 53.82 -12.63 6.48
N GLY D 445 52.84 -13.49 6.74
CA GLY D 445 52.81 -14.78 6.06
C GLY D 445 52.74 -14.65 4.56
N SER D 446 51.89 -13.74 4.07
CA SER D 446 51.72 -13.57 2.63
C SER D 446 53.02 -13.06 1.98
N ALA D 447 53.67 -12.09 2.61
CA ALA D 447 54.89 -11.54 2.04
C ALA D 447 56.02 -12.56 2.04
N LEU D 448 56.20 -13.30 3.14
CA LEU D 448 57.25 -14.31 3.17
C LEU D 448 56.95 -15.42 2.17
N ASN D 449 55.68 -15.80 2.02
CA ASN D 449 55.29 -16.78 1.02
C ASN D 449 55.64 -16.30 -0.38
N LYS D 450 55.30 -15.06 -0.70
CA LYS D 450 55.56 -14.53 -2.04
C LYS D 450 57.06 -14.48 -2.32
N THR D 451 57.85 -13.98 -1.37
CA THR D 451 59.29 -13.87 -1.62
C THR D 451 59.94 -15.24 -1.70
N GLY D 452 59.48 -16.21 -0.90
CA GLY D 452 60.02 -17.55 -1.01
C GLY D 452 59.67 -18.21 -2.33
N LEU D 453 58.43 -18.03 -2.78
CA LEU D 453 58.02 -18.55 -4.09
C LEU D 453 58.88 -17.96 -5.20
N SER D 454 59.10 -16.64 -5.15
CA SER D 454 59.88 -15.98 -6.20
C SER D 454 61.33 -16.44 -6.18
N THR D 455 61.92 -16.56 -4.98
CA THR D 455 63.31 -17.03 -4.90
C THR D 455 63.44 -18.46 -5.40
N LEU D 456 62.46 -19.32 -5.06
CA LEU D 456 62.51 -20.71 -5.53
C LEU D 456 62.37 -20.77 -7.04
N LEU D 457 61.48 -19.97 -7.62
CA LEU D 457 61.30 -19.97 -9.06
C LEU D 457 62.52 -19.37 -9.78
N GLY D 458 63.22 -18.45 -9.12
CA GLY D 458 64.42 -17.88 -9.72
C GLY D 458 65.63 -18.78 -9.63
N ILE D 459 65.75 -19.55 -8.56
CA ILE D 459 66.89 -20.44 -8.39
C ILE D 459 66.67 -21.80 -9.07
N LEU D 460 65.42 -22.17 -9.31
CA LEU D 460 65.14 -23.47 -9.92
C LEU D 460 65.36 -23.44 -11.43
N TYR D 461 65.11 -22.31 -12.08
CA TYR D 461 65.26 -22.17 -13.52
C TYR D 461 66.16 -20.98 -13.80
N GLU D 462 67.14 -21.17 -14.69
CA GLU D 462 68.11 -20.14 -15.00
C GLU D 462 68.09 -19.67 -16.45
N ASP D 463 67.60 -20.48 -17.38
CA ASP D 463 67.52 -20.06 -18.77
C ASP D 463 66.47 -18.97 -18.93
N LYS D 464 66.73 -18.05 -19.86
CA LYS D 464 65.81 -16.93 -20.08
C LYS D 464 64.44 -17.42 -20.50
N GLU D 465 64.38 -18.30 -21.50
CA GLU D 465 63.10 -18.86 -21.94
C GLU D 465 62.46 -19.66 -20.83
N ARG D 466 63.26 -20.44 -20.08
CA ARG D 466 62.72 -21.22 -18.97
C ARG D 466 62.10 -20.32 -17.91
N GLN D 467 62.80 -19.25 -17.53
CA GLN D 467 62.25 -18.31 -16.54
C GLN D 467 60.98 -17.65 -17.07
N ASP D 468 60.98 -17.25 -18.34
CA ASP D 468 59.80 -16.63 -18.93
C ASP D 468 58.61 -17.57 -18.87
N PHE D 469 58.81 -18.83 -19.25
CA PHE D 469 57.70 -19.78 -19.26
C PHE D 469 57.22 -20.09 -17.85
N ILE D 470 58.15 -20.22 -16.90
CA ILE D 470 57.75 -20.51 -15.52
C ILE D 470 56.95 -19.35 -14.94
N PHE D 471 57.39 -18.12 -15.18
CA PHE D 471 56.65 -16.97 -14.67
C PHE D 471 55.30 -16.82 -15.35
N THR D 472 55.23 -17.12 -16.65
CA THR D 472 53.95 -17.09 -17.35
C THR D 472 52.98 -18.10 -16.76
N ILE D 473 53.46 -19.33 -16.51
CA ILE D 473 52.60 -20.36 -15.92
C ILE D 473 52.16 -19.95 -14.52
N TYR D 474 53.09 -19.43 -13.71
CA TYR D 474 52.75 -18.99 -12.37
C TYR D 474 51.66 -17.92 -12.38
N HIS D 475 51.82 -16.91 -13.24
CA HIS D 475 50.86 -15.82 -13.26
C HIS D 475 49.53 -16.25 -13.87
N TRP D 476 49.55 -17.17 -14.84
CA TRP D 476 48.30 -17.71 -15.35
C TRP D 476 47.54 -18.47 -14.27
N TRP D 477 48.25 -19.29 -13.49
CA TRP D 477 47.58 -20.02 -12.41
C TRP D 477 47.12 -19.08 -11.32
N GLN D 478 47.87 -18.00 -11.06
CA GLN D 478 47.41 -17.00 -10.09
C GLN D 478 46.13 -16.31 -10.57
N ALA D 479 46.07 -15.98 -11.87
CA ALA D 479 44.85 -15.40 -12.42
C ALA D 479 43.68 -16.38 -12.37
N VAL D 480 43.97 -17.67 -12.60
CA VAL D 480 42.93 -18.69 -12.49
C VAL D 480 42.41 -18.78 -11.06
N ALA D 481 43.31 -18.70 -10.09
CA ALA D 481 42.90 -18.70 -8.69
C ALA D 481 42.06 -17.46 -8.35
N ILE D 482 42.46 -16.30 -8.87
CA ILE D 482 41.68 -15.09 -8.65
C ILE D 482 40.29 -15.23 -9.24
N PHE D 483 40.19 -15.78 -10.45
CA PHE D 483 38.90 -15.99 -11.09
C PHE D 483 38.05 -16.99 -10.31
N THR D 484 38.68 -18.02 -9.74
CA THR D 484 37.95 -19.00 -8.94
C THR D 484 37.42 -18.38 -7.66
N VAL D 485 38.21 -17.53 -7.01
CA VAL D 485 37.74 -16.83 -5.82
C VAL D 485 36.61 -15.88 -6.18
N TYR D 486 36.71 -15.24 -7.36
CA TYR D 486 35.61 -14.40 -7.83
C TYR D 486 34.34 -15.21 -8.02
N LEU D 487 34.45 -16.42 -8.59
CA LEU D 487 33.31 -17.30 -8.67
C LEU D 487 32.95 -17.91 -7.32
N GLY D 488 33.90 -17.98 -6.39
CA GLY D 488 33.64 -18.54 -5.08
C GLY D 488 33.11 -17.54 -4.09
N SER D 489 32.60 -16.41 -4.59
CA SER D 489 32.04 -15.39 -3.73
C SER D 489 30.59 -15.73 -3.35
N SER D 490 30.09 -15.04 -2.33
CA SER D 490 28.74 -15.23 -1.82
C SER D 490 28.49 -16.67 -1.38
N LEU D 491 29.53 -17.33 -0.87
CA LEU D 491 29.43 -18.69 -0.38
C LEU D 491 29.31 -18.69 1.14
N HIS D 492 29.29 -19.89 1.72
CA HIS D 492 29.19 -20.03 3.16
C HIS D 492 30.49 -19.58 3.85
N MET D 493 31.55 -20.36 3.66
CA MET D 493 32.84 -20.04 4.26
C MET D 493 33.95 -20.49 3.33
N LYS D 494 35.07 -19.78 3.40
CA LYS D 494 36.24 -20.09 2.57
C LYS D 494 37.47 -20.44 3.41
N ALA D 495 37.31 -20.68 4.71
CA ALA D 495 38.44 -21.00 5.56
C ALA D 495 38.81 -22.48 5.49
N LYS D 496 37.80 -23.35 5.40
CA LYS D 496 38.08 -24.78 5.25
C LYS D 496 38.80 -25.08 3.94
N LEU D 497 38.35 -24.44 2.86
CA LEU D 497 39.06 -24.58 1.59
C LEU D 497 40.48 -24.05 1.69
N ALA D 498 40.67 -22.96 2.43
CA ALA D 498 42.00 -22.38 2.58
C ALA D 498 42.93 -23.32 3.32
N VAL D 499 42.45 -23.92 4.42
CA VAL D 499 43.31 -24.81 5.20
C VAL D 499 43.58 -26.11 4.44
N LEU D 500 42.59 -26.60 3.68
CA LEU D 500 42.82 -27.77 2.84
C LEU D 500 43.87 -27.48 1.78
N LEU D 501 43.77 -26.31 1.13
CA LEU D 501 44.73 -25.96 0.09
C LEU D 501 46.13 -25.79 0.68
N VAL D 502 46.24 -25.16 1.86
CA VAL D 502 47.57 -24.94 2.43
C VAL D 502 48.17 -26.26 2.91
N THR D 503 47.34 -27.20 3.37
CA THR D 503 47.84 -28.51 3.75
C THR D 503 48.34 -29.27 2.52
N LEU D 504 47.56 -29.23 1.42
CA LEU D 504 48.00 -29.87 0.19
C LEU D 504 49.28 -29.24 -0.34
N VAL D 505 49.40 -27.92 -0.21
CA VAL D 505 50.60 -27.23 -0.66
C VAL D 505 51.81 -27.63 0.17
N ALA D 506 51.65 -27.70 1.49
CA ALA D 506 52.76 -28.13 2.34
C ALA D 506 53.18 -29.55 2.00
N ALA D 507 52.21 -30.45 1.79
CA ALA D 507 52.53 -31.82 1.42
C ALA D 507 53.27 -31.87 0.08
N ALA D 508 52.81 -31.10 -0.90
CA ALA D 508 53.45 -31.12 -2.21
C ALA D 508 54.86 -30.55 -2.15
N VAL D 509 55.06 -29.49 -1.35
CA VAL D 509 56.39 -28.91 -1.22
C VAL D 509 57.34 -29.89 -0.54
N SER D 510 56.88 -30.57 0.52
CA SER D 510 57.71 -31.57 1.18
C SER D 510 58.04 -32.72 0.23
N TYR D 511 57.06 -33.14 -0.58
CA TYR D 511 57.30 -34.20 -1.55
C TYR D 511 58.33 -33.78 -2.59
N LEU D 512 58.20 -32.56 -3.12
CA LEU D 512 59.16 -32.07 -4.10
C LEU D 512 60.56 -31.96 -3.51
N ARG D 513 60.66 -31.50 -2.26
CA ARG D 513 61.97 -31.39 -1.63
C ARG D 513 62.59 -32.77 -1.41
N MET D 514 61.82 -33.72 -0.87
CA MET D 514 62.35 -35.05 -0.59
C MET D 514 62.68 -35.81 -1.86
N GLU D 515 62.04 -35.48 -2.99
CA GLU D 515 62.40 -36.12 -4.25
C GLU D 515 63.54 -35.43 -4.97
N GLN D 516 63.70 -34.12 -4.77
CA GLN D 516 64.86 -33.42 -5.33
C GLN D 516 66.13 -33.76 -4.57
N LYS D 517 66.01 -34.07 -3.28
CA LYS D 517 67.18 -34.48 -2.51
C LYS D 517 67.65 -35.88 -2.93
N LEU D 518 66.73 -36.76 -3.29
CA LEU D 518 67.06 -38.10 -3.72
C LEU D 518 67.55 -38.15 -5.17
N ARG D 519 67.66 -37.00 -5.83
CA ARG D 519 68.18 -36.89 -7.19
C ARG D 519 67.33 -37.71 -8.17
N ARG D 520 66.17 -37.13 -8.52
CA ARG D 520 65.31 -37.76 -9.51
C ARG D 520 65.89 -37.63 -10.91
N GLY D 521 66.40 -36.44 -11.24
CA GLY D 521 67.02 -36.23 -12.53
C GLY D 521 66.06 -36.22 -13.70
N VAL D 522 64.97 -35.47 -13.57
CA VAL D 522 63.98 -35.33 -14.63
C VAL D 522 63.87 -33.85 -15.00
N ALA D 523 63.86 -33.57 -16.30
CA ALA D 523 63.75 -32.21 -16.81
C ALA D 523 63.37 -32.24 -18.28
N PRO D 524 62.48 -31.38 -18.74
CA PRO D 524 62.14 -31.37 -20.16
C PRO D 524 63.17 -30.63 -20.98
N ARG D 525 63.28 -31.02 -22.25
CA ARG D 525 64.24 -30.44 -23.19
C ARG D 525 63.50 -30.05 -24.46
N GLN D 526 63.15 -28.77 -24.59
CA GLN D 526 62.47 -28.24 -25.77
C GLN D 526 63.17 -26.96 -26.19
N PRO D 527 64.30 -27.07 -26.91
CA PRO D 527 65.06 -25.89 -27.35
C PRO D 527 64.36 -25.15 -28.48
C1 NAG E . -0.87 -12.85 -16.46
C2 NAG E . -0.70 -11.34 -16.21
C3 NAG E . -1.75 -10.85 -15.22
C4 NAG E . -3.14 -11.22 -15.69
C5 NAG E . -3.22 -12.73 -15.96
C6 NAG E . -4.54 -13.16 -16.55
C7 NAG E . 1.69 -10.84 -16.54
C8 NAG E . 3.00 -10.55 -15.86
N2 NAG E . 0.64 -11.06 -15.73
O3 NAG E . -1.63 -9.44 -15.08
O4 NAG E . -4.10 -10.88 -14.70
O5 NAG E . -2.21 -13.10 -16.92
O6 NAG E . -4.50 -14.50 -17.01
O7 NAG E . 1.58 -10.87 -17.75
C1 NAG E . -4.89 -9.78 -15.18
C2 NAG E . -6.28 -9.86 -14.57
C3 NAG E . -7.13 -8.68 -15.01
C4 NAG E . -6.42 -7.37 -14.71
C5 NAG E . -5.02 -7.38 -15.31
C6 NAG E . -4.21 -6.16 -14.94
C7 NAG E . -7.36 -12.01 -14.02
C8 NAG E . -7.15 -11.65 -12.58
N2 NAG E . -6.93 -11.12 -14.92
O3 NAG E . -8.39 -8.72 -14.34
O4 NAG E . -7.15 -6.28 -15.25
O5 NAG E . -4.29 -8.52 -14.83
O6 NAG E . -4.71 -5.53 -13.77
O7 NAG E . -7.90 -13.06 -14.34
C1 NAG F . 19.83 1.84 6.72
C2 NAG F . 18.61 0.95 7.00
C3 NAG F . 17.36 1.80 7.21
C4 NAG F . 17.62 2.86 8.28
C5 NAG F . 18.86 3.67 7.94
C6 NAG F . 19.23 4.66 9.02
C7 NAG F . 19.00 -1.19 5.88
C8 NAG F . 18.67 -2.06 4.69
N2 NAG F . 18.40 -0.01 5.92
O3 NAG F . 16.27 0.98 7.58
O4 NAG F . 16.49 3.74 8.37
O5 NAG F . 19.99 2.79 7.78
O6 NAG F . 20.52 5.22 8.78
O7 NAG F . 19.80 -1.56 6.74
C1 NAG F . 15.81 3.49 9.62
C2 NAG F . 15.15 4.79 10.08
C3 NAG F . 14.38 4.57 11.37
C4 NAG F . 13.39 3.41 11.21
C5 NAG F . 14.12 2.17 10.70
C6 NAG F . 13.19 1.02 10.40
C7 NAG F . 16.10 7.01 9.59
C8 NAG F . 14.96 7.19 8.64
N2 NAG F . 16.14 5.85 10.25
O3 NAG F . 13.68 5.76 11.73
O4 NAG F . 12.78 3.12 12.46
O5 NAG F . 14.81 2.47 9.48
O6 NAG F . 11.86 1.48 10.18
O7 NAG F . 16.96 7.88 9.76
C1 NAG G . -9.03 -15.62 -27.87
C2 NAG G . -9.62 -14.23 -28.11
C3 NAG G . -10.26 -14.18 -29.51
C4 NAG G . -9.26 -14.61 -30.57
C5 NAG G . -8.67 -15.98 -30.21
C6 NAG G . -7.58 -16.41 -31.17
C7 NAG G . -10.46 -12.84 -26.28
C8 NAG G . -9.23 -12.00 -26.48
N2 NAG G . -10.59 -13.89 -27.09
O3 NAG G . -10.70 -12.86 -29.77
O4 NAG G . -9.90 -14.69 -31.84
O5 NAG G . -8.09 -15.94 -28.90
O6 NAG G . -7.96 -16.22 -32.52
O7 NAG G . -11.31 -12.57 -25.43
C1 NAG H . 27.27 5.03 18.48
C2 NAG H . 26.28 4.58 19.56
C3 NAG H . 26.99 4.48 20.92
C4 NAG H . 28.22 3.60 20.81
C5 NAG H . 29.13 4.09 19.68
C6 NAG H . 30.32 3.19 19.44
C7 NAG H . 23.88 5.09 19.41
C8 NAG H . 23.69 3.65 19.07
N2 NAG H . 25.15 5.48 19.64
O3 NAG H . 26.09 3.95 21.88
O4 NAG H . 28.94 3.63 22.03
O5 NAG H . 28.40 4.14 18.45
O6 NAG H . 30.95 2.84 20.66
O7 NAG H . 22.94 5.87 19.49
#